data_5Z2L
#
_entry.id   5Z2L
#
_cell.length_a   65.833
_cell.length_b   72.280
_cell.length_c   172.324
_cell.angle_alpha   99.22
_cell.angle_beta   86.78
_cell.angle_gamma   107.70
#
_symmetry.space_group_name_H-M   'P 1'
#
loop_
_entity.id
_entity.type
_entity.pdbx_description
1 polymer 'Cyclic-di-GMP-binding biofilm dispersal mediator protein'
2 non-polymer 2-(2-METHOXYETHOXY)ETHANOL
3 non-polymer 'NADPH DIHYDRO-NICOTINAMIDE-ADENINE-DINUCLEOTIDE PHOSPHATE'
4 non-polymer 1,2-ETHANEDIOL
5 non-polymer GLYCEROL
6 non-polymer DI(HYDROXYETHYL)ETHER
7 non-polymer 'TETRAETHYLENE GLYCOL'
8 water water
#
_entity_poly.entity_id   1
_entity_poly.type   'polypeptide(L)'
_entity_poly.pdbx_seq_one_letter_code
;MGAFTGKTVLILGGSRGIGAAIVRRFVTDGANVRFTYAGSKDAAKRLAQETGATAVFTDSADRDAVIDVVRKSGALDILV
VNAGIGVFGEALELNADDIDRLFKINIHAPYHASVEAARQMPEGGRILIIGSVNGDRMPVAGMAAYAASKSALQGMARGL
ARDFGPRGITINVVQPGPIDTDANPANGPMRDMLHSLMAIKRHGQPEEVAGMVAWLAGPEASFVTGAMHTIDGAFGALEH
HHHHH
;
_entity_poly.pdbx_strand_id   A,D,B,C,E,J,H,K,I,F,G,L
#
# COMPACT_ATOMS: atom_id res chain seq x y z
N GLY A 2 -9.35 -9.09 48.40
CA GLY A 2 -9.55 -8.68 47.01
C GLY A 2 -8.75 -7.48 46.55
N ALA A 3 -7.63 -7.75 45.87
CA ALA A 3 -6.82 -6.67 45.31
C ALA A 3 -7.61 -5.80 44.34
N PHE A 4 -8.66 -6.34 43.72
CA PHE A 4 -9.47 -5.62 42.74
C PHE A 4 -10.94 -5.61 43.12
N THR A 5 -11.24 -5.81 44.40
CA THR A 5 -12.63 -5.76 44.84
C THR A 5 -13.26 -4.42 44.47
N GLY A 6 -14.46 -4.49 43.90
CA GLY A 6 -15.17 -3.30 43.52
C GLY A 6 -14.76 -2.69 42.20
N LYS A 7 -13.88 -3.34 41.45
CA LYS A 7 -13.42 -2.85 40.16
C LYS A 7 -14.18 -3.54 39.03
N THR A 8 -14.41 -2.79 37.95
CA THR A 8 -15.07 -3.32 36.77
C THR A 8 -14.01 -3.70 35.73
N VAL A 9 -13.97 -4.98 35.35
CA VAL A 9 -12.97 -5.52 34.44
C VAL A 9 -13.69 -6.07 33.21
N LEU A 10 -13.21 -5.70 32.03
CA LEU A 10 -13.68 -6.28 30.78
C LEU A 10 -12.51 -6.92 30.06
N ILE A 11 -12.65 -8.19 29.71
CA ILE A 11 -11.60 -8.95 29.02
C ILE A 11 -12.14 -9.36 27.66
N LEU A 12 -11.53 -8.86 26.59
CA LEU A 12 -11.91 -9.26 25.24
C LEU A 12 -11.19 -10.56 24.87
N GLY A 13 -11.96 -11.60 24.57
CA GLY A 13 -11.37 -12.90 24.29
C GLY A 13 -11.00 -13.64 25.57
N GLY A 14 -11.99 -13.96 26.40
CA GLY A 14 -11.73 -14.58 27.67
C GLY A 14 -12.14 -16.02 27.84
N SER A 15 -12.55 -16.71 26.78
CA SER A 15 -13.18 -18.02 26.94
C SER A 15 -12.20 -19.17 27.16
N ARG A 16 -10.93 -19.01 26.74
CA ARG A 16 -9.95 -20.08 26.78
C ARG A 16 -8.56 -19.51 27.04
N GLY A 17 -7.65 -20.40 27.43
CA GLY A 17 -6.23 -20.07 27.41
C GLY A 17 -5.86 -18.89 28.29
N ILE A 18 -4.98 -18.04 27.77
CA ILE A 18 -4.53 -16.89 28.55
C ILE A 18 -5.70 -16.05 29.03
N GLY A 19 -6.65 -15.76 28.13
CA GLY A 19 -7.78 -14.94 28.52
C GLY A 19 -8.56 -15.54 29.67
N ALA A 20 -8.80 -16.86 29.62
CA ALA A 20 -9.55 -17.51 30.69
C ALA A 20 -8.77 -17.46 32.01
N ALA A 21 -7.44 -17.58 31.94
CA ALA A 21 -6.64 -17.43 33.16
C ALA A 21 -6.75 -16.03 33.73
N ILE A 22 -6.86 -15.03 32.86
CA ILE A 22 -7.00 -13.65 33.32
C ILE A 22 -8.36 -13.43 33.97
N VAL A 23 -9.41 -13.98 33.35
CA VAL A 23 -10.73 -13.95 33.98
C VAL A 23 -10.68 -14.54 35.38
N ARG A 24 -10.10 -15.75 35.49
CA ARG A 24 -10.06 -16.40 36.79
C ARG A 24 -9.30 -15.56 37.81
N ARG A 25 -8.17 -14.98 37.41
CA ARG A 25 -7.37 -14.19 38.35
C ARG A 25 -8.15 -12.97 38.84
N PHE A 26 -8.76 -12.21 37.91
CA PHE A 26 -9.48 -11.04 38.38
C PHE A 26 -10.69 -11.42 39.23
N VAL A 27 -11.35 -12.54 38.92
CA VAL A 27 -12.46 -13.00 39.78
C VAL A 27 -11.93 -13.32 41.17
N THR A 28 -10.83 -14.07 41.24
CA THR A 28 -10.26 -14.41 42.54
C THR A 28 -9.90 -13.16 43.33
N ASP A 29 -9.43 -12.11 42.65
CA ASP A 29 -9.06 -10.87 43.32
C ASP A 29 -10.27 -9.96 43.62
N GLY A 30 -11.48 -10.42 43.35
CA GLY A 30 -12.68 -9.72 43.78
C GLY A 30 -13.31 -8.79 42.77
N ALA A 31 -12.83 -8.75 41.53
CA ALA A 31 -13.37 -7.82 40.56
C ALA A 31 -14.70 -8.31 39.99
N ASN A 32 -15.48 -7.37 39.47
CA ASN A 32 -16.66 -7.70 38.68
C ASN A 32 -16.19 -7.87 37.24
N VAL A 33 -16.22 -9.10 36.74
CA VAL A 33 -15.55 -9.47 35.50
C VAL A 33 -16.60 -9.78 34.44
N ARG A 34 -16.43 -9.19 33.26
CA ARG A 34 -17.11 -9.59 32.04
C ARG A 34 -16.06 -9.96 31.01
N PHE A 35 -16.37 -10.92 30.13
CA PHE A 35 -15.40 -11.29 29.09
C PHE A 35 -16.17 -11.67 27.85
N THR A 36 -15.51 -11.54 26.69
CA THR A 36 -16.18 -11.86 25.43
C THR A 36 -15.70 -13.22 24.91
N TYR A 37 -16.54 -13.80 24.04
CA TYR A 37 -16.20 -15.01 23.32
C TYR A 37 -16.79 -14.88 21.92
N ALA A 38 -16.34 -15.75 21.02
CA ALA A 38 -16.91 -15.77 19.68
C ALA A 38 -17.23 -17.21 19.26
N GLY A 39 -16.19 -18.03 19.13
CA GLY A 39 -16.39 -19.39 18.67
C GLY A 39 -16.55 -20.47 19.72
N SER A 40 -16.31 -20.17 21.00
CA SER A 40 -16.27 -21.19 22.05
C SER A 40 -17.37 -20.93 23.08
N LYS A 41 -18.63 -21.14 22.67
CA LYS A 41 -19.74 -20.81 23.56
C LYS A 41 -19.75 -21.73 24.77
N ASP A 42 -19.57 -23.04 24.57
CA ASP A 42 -19.62 -23.97 25.69
C ASP A 42 -18.52 -23.69 26.70
N ALA A 43 -17.29 -23.43 26.22
CA ALA A 43 -16.21 -23.05 27.12
C ALA A 43 -16.53 -21.78 27.88
N ALA A 44 -17.10 -20.78 27.19
CA ALA A 44 -17.47 -19.54 27.85
C ALA A 44 -18.50 -19.77 28.96
N LYS A 45 -19.55 -20.56 28.66
CA LYS A 45 -20.57 -20.82 29.66
C LYS A 45 -20.00 -21.60 30.84
N ARG A 46 -19.10 -22.53 30.57
CA ARG A 46 -18.48 -23.31 31.62
C ARG A 46 -17.60 -22.44 32.51
N LEU A 47 -16.87 -21.48 31.90
CA LEU A 47 -16.06 -20.56 32.67
C LEU A 47 -16.92 -19.63 33.51
N ALA A 48 -18.00 -19.11 32.93
CA ALA A 48 -18.93 -18.28 33.68
C ALA A 48 -19.50 -19.04 34.87
N GLN A 49 -19.86 -20.31 34.68
CA GLN A 49 -20.38 -21.09 35.80
C GLN A 49 -19.32 -21.35 36.87
N GLU A 50 -18.09 -21.62 36.45
CA GLU A 50 -17.05 -21.91 37.45
C GLU A 50 -16.64 -20.66 38.23
N THR A 51 -16.69 -19.49 37.60
CA THR A 51 -16.16 -18.28 38.23
C THR A 51 -17.20 -17.27 38.68
N GLY A 52 -18.38 -17.26 38.06
CA GLY A 52 -19.32 -16.18 38.26
C GLY A 52 -19.12 -15.00 37.34
N ALA A 53 -18.08 -15.02 36.49
CA ALA A 53 -17.91 -13.98 35.50
C ALA A 53 -19.04 -14.03 34.47
N THR A 54 -19.20 -12.93 33.76
CA THR A 54 -20.27 -12.81 32.78
C THR A 54 -19.69 -12.98 31.38
N ALA A 55 -20.23 -13.94 30.64
CA ALA A 55 -19.81 -14.17 29.27
C ALA A 55 -20.70 -13.39 28.31
N VAL A 56 -20.07 -12.78 27.31
CA VAL A 56 -20.73 -11.94 26.32
C VAL A 56 -20.20 -12.32 24.93
N PHE A 57 -21.11 -12.57 23.99
CA PHE A 57 -20.67 -12.80 22.61
C PHE A 57 -20.26 -11.49 21.97
N THR A 58 -19.07 -11.46 21.38
CA THR A 58 -18.66 -10.36 20.51
C THR A 58 -17.52 -10.83 19.63
N ASP A 59 -17.69 -10.69 18.32
CA ASP A 59 -16.67 -11.07 17.34
C ASP A 59 -15.67 -9.91 17.19
N SER A 60 -14.44 -10.12 17.66
CA SER A 60 -13.43 -9.06 17.60
C SER A 60 -13.08 -8.64 16.18
N ALA A 61 -13.45 -9.42 15.17
CA ALA A 61 -13.23 -9.02 13.79
C ALA A 61 -14.21 -7.97 13.31
N ASP A 62 -15.25 -7.68 14.11
CA ASP A 62 -16.30 -6.73 13.77
C ASP A 62 -16.04 -5.47 14.57
N ARG A 63 -15.54 -4.42 13.91
CA ARG A 63 -15.09 -3.24 14.62
C ARG A 63 -16.22 -2.66 15.46
N ASP A 64 -17.38 -2.45 14.85
CA ASP A 64 -18.46 -1.80 15.56
C ASP A 64 -18.96 -2.66 16.72
N ALA A 65 -18.87 -3.98 16.61
CA ALA A 65 -19.24 -4.84 17.74
C ALA A 65 -18.28 -4.68 18.91
N VAL A 66 -16.98 -4.58 18.63
CA VAL A 66 -16.00 -4.36 19.69
C VAL A 66 -16.26 -3.02 20.38
N ILE A 67 -16.42 -1.97 19.57
CA ILE A 67 -16.69 -0.65 20.13
C ILE A 67 -17.97 -0.68 20.95
N ASP A 68 -18.98 -1.39 20.46
CA ASP A 68 -20.27 -1.39 21.16
C ASP A 68 -20.17 -2.11 22.50
N VAL A 69 -19.46 -3.24 22.55
CA VAL A 69 -19.35 -3.97 23.82
C VAL A 69 -18.57 -3.17 24.84
N VAL A 70 -17.48 -2.52 24.39
CA VAL A 70 -16.72 -1.68 25.31
C VAL A 70 -17.58 -0.51 25.80
N ARG A 71 -18.22 0.19 24.87
CA ARG A 71 -19.01 1.36 25.23
C ARG A 71 -20.16 1.00 26.15
N LYS A 72 -20.82 -0.13 25.90
CA LYS A 72 -21.97 -0.54 26.69
C LYS A 72 -21.57 -1.14 28.01
N SER A 73 -20.27 -1.31 28.26
CA SER A 73 -19.79 -1.66 29.59
C SER A 73 -19.80 -0.49 30.58
N GLY A 74 -20.05 0.75 30.14
CA GLY A 74 -20.01 1.86 31.07
C GLY A 74 -18.59 2.22 31.46
N ALA A 75 -18.42 2.80 32.64
CA ALA A 75 -17.07 3.17 33.07
C ALA A 75 -16.31 1.91 33.49
N LEU A 76 -15.30 1.54 32.70
CA LEU A 76 -14.44 0.41 33.01
C LEU A 76 -13.27 0.87 33.87
N ASP A 77 -12.87 0.02 34.82
CA ASP A 77 -11.62 0.26 35.52
C ASP A 77 -10.43 -0.35 34.78
N ILE A 78 -10.62 -1.53 34.19
CA ILE A 78 -9.55 -2.28 33.54
C ILE A 78 -10.12 -2.89 32.26
N LEU A 79 -9.43 -2.67 31.15
CA LEU A 79 -9.70 -3.36 29.88
C LEU A 79 -8.49 -4.22 29.57
N VAL A 80 -8.72 -5.51 29.32
CA VAL A 80 -7.66 -6.41 28.84
C VAL A 80 -8.07 -6.89 27.46
N VAL A 81 -7.25 -6.60 26.46
CA VAL A 81 -7.48 -7.08 25.11
C VAL A 81 -6.57 -8.29 24.90
N ASN A 82 -7.16 -9.48 24.97
CA ASN A 82 -6.43 -10.72 24.84
C ASN A 82 -6.63 -11.38 23.49
N ALA A 83 -7.84 -11.30 22.94
CA ALA A 83 -8.19 -11.95 21.70
C ALA A 83 -7.14 -11.72 20.62
N GLY A 84 -6.72 -12.79 19.98
CA GLY A 84 -5.78 -12.73 18.88
C GLY A 84 -5.79 -14.07 18.18
N ILE A 85 -5.44 -14.06 16.89
CA ILE A 85 -5.39 -15.28 16.12
C ILE A 85 -4.04 -15.42 15.43
N GLY A 86 -3.71 -16.66 15.08
CA GLY A 86 -2.55 -16.98 14.27
C GLY A 86 -2.99 -17.56 12.94
N VAL A 87 -2.40 -17.05 11.87
CA VAL A 87 -2.53 -17.60 10.53
C VAL A 87 -1.11 -17.87 10.08
N PHE A 88 -0.75 -19.14 9.98
CA PHE A 88 0.65 -19.54 9.79
C PHE A 88 0.80 -20.36 8.53
N GLY A 89 1.93 -20.19 7.88
CA GLY A 89 2.23 -20.93 6.67
C GLY A 89 3.07 -20.09 5.74
N GLU A 90 3.49 -20.72 4.65
CA GLU A 90 4.23 -20.00 3.61
C GLU A 90 3.42 -18.78 3.16
N ALA A 91 4.07 -17.62 3.18
CA ALA A 91 3.37 -16.37 2.86
C ALA A 91 2.72 -16.43 1.48
N LEU A 92 3.40 -17.05 0.50
CA LEU A 92 2.84 -17.12 -0.85
C LEU A 92 1.73 -18.13 -1.00
N GLU A 93 1.34 -18.81 0.07
CA GLU A 93 0.25 -19.78 0.01
C GLU A 93 -0.89 -19.48 0.98
N LEU A 94 -0.80 -18.40 1.75
CA LEU A 94 -1.85 -18.01 2.67
C LEU A 94 -2.91 -17.18 1.96
N ASN A 95 -4.18 -17.38 2.36
CA ASN A 95 -5.30 -16.67 1.75
C ASN A 95 -5.33 -15.23 2.24
N ALA A 96 -5.47 -14.29 1.30
CA ALA A 96 -5.39 -12.87 1.66
C ALA A 96 -6.52 -12.46 2.62
N ASP A 97 -7.72 -13.06 2.46
CA ASP A 97 -8.80 -12.71 3.36
C ASP A 97 -8.53 -13.20 4.78
N ASP A 98 -7.89 -14.36 4.93
CA ASP A 98 -7.51 -14.81 6.27
C ASP A 98 -6.50 -13.86 6.90
N ILE A 99 -5.52 -13.42 6.11
CA ILE A 99 -4.52 -12.48 6.61
C ILE A 99 -5.20 -11.20 7.08
N ASP A 100 -6.12 -10.67 6.26
CA ASP A 100 -6.77 -9.43 6.64
C ASP A 100 -7.65 -9.61 7.88
N ARG A 101 -8.29 -10.77 8.04
CA ARG A 101 -9.00 -11.05 9.29
C ARG A 101 -8.04 -11.03 10.49
N LEU A 102 -6.84 -11.59 10.31
CA LEU A 102 -5.83 -11.51 11.35
C LEU A 102 -5.49 -10.04 11.67
N PHE A 103 -5.29 -9.21 10.65
CA PHE A 103 -5.01 -7.80 10.91
C PHE A 103 -6.16 -7.13 11.66
N LYS A 104 -7.40 -7.48 11.29
CA LYS A 104 -8.56 -6.86 11.93
C LYS A 104 -8.64 -7.23 13.41
N ILE A 105 -8.39 -8.50 13.73
CA ILE A 105 -8.50 -8.95 15.12
C ILE A 105 -7.30 -8.47 15.93
N ASN A 106 -6.09 -8.63 15.38
CA ASN A 106 -4.87 -8.45 16.14
C ASN A 106 -4.39 -7.00 16.19
N ILE A 107 -4.75 -6.17 15.21
CA ILE A 107 -4.33 -4.77 15.14
C ILE A 107 -5.51 -3.83 15.36
N HIS A 108 -6.56 -3.94 14.54
CA HIS A 108 -7.64 -2.95 14.57
C HIS A 108 -8.40 -3.00 15.90
N ALA A 109 -8.76 -4.20 16.34
CA ALA A 109 -9.58 -4.32 17.55
C ALA A 109 -8.88 -3.78 18.80
N PRO A 110 -7.60 -4.07 19.08
CA PRO A 110 -6.97 -3.43 20.24
C PRO A 110 -6.96 -1.91 20.16
N TYR A 111 -6.74 -1.35 18.97
CA TYR A 111 -6.74 0.10 18.83
C TYR A 111 -8.11 0.67 19.19
N HIS A 112 -9.15 0.19 18.51
CA HIS A 112 -10.47 0.79 18.69
C HIS A 112 -11.04 0.50 20.07
N ALA A 113 -10.77 -0.70 20.59
CA ALA A 113 -11.24 -1.03 21.94
C ALA A 113 -10.58 -0.13 22.97
N SER A 114 -9.27 0.10 22.84
CA SER A 114 -8.55 0.93 23.79
C SER A 114 -9.06 2.37 23.78
N VAL A 115 -9.18 2.96 22.58
CA VAL A 115 -9.67 4.34 22.51
C VAL A 115 -11.08 4.43 23.11
N GLU A 116 -11.96 3.49 22.71
CA GLU A 116 -13.34 3.55 23.22
C GLU A 116 -13.36 3.43 24.73
N ALA A 117 -12.56 2.51 25.27
CA ALA A 117 -12.54 2.33 26.71
C ALA A 117 -12.11 3.62 27.38
N ALA A 118 -11.13 4.32 26.79
CA ALA A 118 -10.68 5.57 27.37
C ALA A 118 -11.78 6.63 27.38
N ARG A 119 -12.83 6.49 26.57
CA ARG A 119 -13.89 7.51 26.64
C ARG A 119 -14.53 7.63 28.02
N GLN A 120 -14.73 6.51 28.73
CA GLN A 120 -15.40 6.55 30.03
C GLN A 120 -14.53 6.11 31.19
N MET A 121 -13.29 5.72 30.94
CA MET A 121 -12.46 5.19 32.00
C MET A 121 -11.98 6.30 32.93
N PRO A 122 -12.04 6.11 34.24
CA PRO A 122 -11.65 7.17 35.18
C PRO A 122 -10.13 7.26 35.33
N GLU A 123 -9.71 8.27 36.08
CA GLU A 123 -8.31 8.35 36.50
C GLU A 123 -7.95 7.13 37.31
N GLY A 124 -6.78 6.58 37.03
CA GLY A 124 -6.40 5.30 37.59
C GLY A 124 -6.75 4.10 36.74
N GLY A 125 -7.36 4.32 35.57
CA GLY A 125 -7.73 3.21 34.71
C GLY A 125 -6.52 2.50 34.13
N ARG A 126 -6.76 1.28 33.65
CA ARG A 126 -5.69 0.43 33.13
C ARG A 126 -6.16 -0.25 31.86
N ILE A 127 -5.33 -0.19 30.82
CA ILE A 127 -5.58 -0.91 29.58
C ILE A 127 -4.36 -1.80 29.33
N LEU A 128 -4.60 -3.10 29.20
CA LEU A 128 -3.55 -4.07 28.95
C LEU A 128 -3.85 -4.80 27.65
N ILE A 129 -2.85 -4.94 26.79
CA ILE A 129 -3.00 -5.69 25.54
C ILE A 129 -2.05 -6.86 25.60
N ILE A 130 -2.53 -8.03 25.18
CA ILE A 130 -1.67 -9.21 25.08
C ILE A 130 -1.06 -9.22 23.68
N GLY A 131 0.22 -8.89 23.61
CA GLY A 131 0.98 -8.90 22.37
C GLY A 131 1.68 -10.23 22.24
N SER A 132 2.97 -10.22 21.89
CA SER A 132 3.75 -11.45 21.72
C SER A 132 5.22 -11.08 21.70
N VAL A 133 6.07 -11.99 22.18
CA VAL A 133 7.51 -11.76 22.02
C VAL A 133 7.88 -11.75 20.54
N ASN A 134 7.04 -12.33 19.67
CA ASN A 134 7.31 -12.26 18.24
C ASN A 134 7.13 -10.86 17.66
N GLY A 135 6.65 -9.90 18.45
CA GLY A 135 6.73 -8.51 18.06
C GLY A 135 8.13 -7.95 18.08
N ASP A 136 9.06 -8.60 18.80
CA ASP A 136 10.46 -8.18 18.91
C ASP A 136 11.42 -9.09 18.18
N ARG A 137 11.19 -10.41 18.23
CA ARG A 137 12.20 -11.39 17.84
C ARG A 137 12.21 -11.58 16.32
N MET A 138 13.25 -12.24 15.82
CA MET A 138 13.28 -12.66 14.42
C MET A 138 12.29 -13.82 14.22
N PRO A 139 11.18 -13.61 13.52
CA PRO A 139 10.16 -14.66 13.42
C PRO A 139 10.60 -15.82 12.53
N VAL A 140 10.17 -17.02 12.92
CA VAL A 140 10.36 -18.18 12.07
C VAL A 140 9.65 -17.94 10.74
N ALA A 141 9.98 -18.77 9.75
CA ALA A 141 9.21 -18.75 8.52
C ALA A 141 7.76 -19.07 8.85
N GLY A 142 6.84 -18.43 8.13
CA GLY A 142 5.44 -18.77 8.20
C GLY A 142 4.59 -17.91 9.12
N MET A 143 5.17 -16.87 9.73
CA MET A 143 4.35 -16.08 10.65
C MET A 143 4.55 -14.57 10.44
N ALA A 144 4.78 -14.16 9.19
CA ALA A 144 5.15 -12.77 8.93
C ALA A 144 4.01 -11.82 9.29
N ALA A 145 2.79 -12.12 8.85
CA ALA A 145 1.66 -11.25 9.16
C ALA A 145 1.37 -11.23 10.66
N TYR A 146 1.43 -12.40 11.32
CA TYR A 146 1.25 -12.45 12.77
C TYR A 146 2.28 -11.56 13.47
N ALA A 147 3.54 -11.71 13.10
CA ALA A 147 4.59 -10.90 13.71
C ALA A 147 4.35 -9.42 13.49
N ALA A 148 3.98 -9.04 12.27
CA ALA A 148 3.63 -7.64 12.00
C ALA A 148 2.53 -7.17 12.92
N SER A 149 1.50 -8.00 13.13
CA SER A 149 0.39 -7.55 13.96
C SER A 149 0.83 -7.35 15.39
N LYS A 150 1.78 -8.15 15.87
CA LYS A 150 2.25 -7.97 17.24
C LYS A 150 3.27 -6.84 17.38
N SER A 151 4.05 -6.54 16.35
CA SER A 151 4.91 -5.37 16.42
C SER A 151 4.08 -4.07 16.33
N ALA A 152 2.93 -4.12 15.65
CA ALA A 152 2.05 -2.95 15.57
C ALA A 152 1.67 -2.44 16.95
N LEU A 153 1.54 -3.36 17.91
CA LEU A 153 1.08 -2.98 19.25
C LEU A 153 2.09 -2.13 19.97
N GLN A 154 3.36 -2.18 19.56
CA GLN A 154 4.39 -1.44 20.26
C GLN A 154 4.24 0.05 19.99
N GLY A 155 4.23 0.44 18.73
CA GLY A 155 3.99 1.83 18.40
C GLY A 155 2.62 2.28 18.88
N MET A 156 1.64 1.37 18.79
CA MET A 156 0.29 1.69 19.26
C MET A 156 0.29 2.08 20.73
N ALA A 157 0.93 1.27 21.58
CA ALA A 157 0.95 1.51 23.02
C ALA A 157 1.78 2.74 23.37
N ARG A 158 2.94 2.91 22.72
CA ARG A 158 3.71 4.14 22.98
C ARG A 158 2.87 5.38 22.69
N GLY A 159 2.17 5.38 21.55
CA GLY A 159 1.44 6.58 21.19
C GLY A 159 0.21 6.79 22.06
N LEU A 160 -0.56 5.72 22.27
CA LEU A 160 -1.76 5.87 23.09
C LEU A 160 -1.41 6.20 24.53
N ALA A 161 -0.24 5.79 25.00
CA ALA A 161 0.18 6.18 26.36
C ALA A 161 0.19 7.69 26.50
N ARG A 162 0.65 8.40 25.46
CA ARG A 162 0.67 9.85 25.52
C ARG A 162 -0.72 10.44 25.32
N ASP A 163 -1.54 9.83 24.46
CA ASP A 163 -2.92 10.32 24.35
C ASP A 163 -3.68 10.16 25.66
N PHE A 164 -3.42 9.09 26.41
CA PHE A 164 -4.19 8.76 27.60
C PHE A 164 -3.58 9.31 28.89
N GLY A 165 -2.32 9.74 28.85
CA GLY A 165 -1.65 10.24 30.04
C GLY A 165 -2.43 11.29 30.79
N PRO A 166 -2.90 12.33 30.09
CA PRO A 166 -3.68 13.38 30.77
C PRO A 166 -4.94 12.86 31.44
N ARG A 167 -5.45 11.71 31.03
CA ARG A 167 -6.65 11.16 31.64
C ARG A 167 -6.35 10.26 32.83
N GLY A 168 -5.08 10.09 33.16
CA GLY A 168 -4.72 9.23 34.27
C GLY A 168 -4.81 7.76 33.98
N ILE A 169 -4.74 7.37 32.71
CA ILE A 169 -4.87 5.99 32.27
C ILE A 169 -3.52 5.51 31.77
N THR A 170 -3.10 4.31 32.20
CA THR A 170 -1.90 3.68 31.65
C THR A 170 -2.29 2.62 30.63
N ILE A 171 -1.39 2.37 29.68
CA ILE A 171 -1.61 1.32 28.69
C ILE A 171 -0.30 0.61 28.47
N ASN A 172 -0.33 -0.72 28.51
CA ASN A 172 0.87 -1.52 28.42
C ASN A 172 0.59 -2.78 27.62
N VAL A 173 1.66 -3.32 27.01
CA VAL A 173 1.58 -4.55 26.23
C VAL A 173 2.36 -5.64 26.94
N VAL A 174 1.72 -6.80 27.15
CA VAL A 174 2.38 -7.99 27.68
C VAL A 174 2.77 -8.87 26.51
N GLN A 175 4.03 -9.31 26.46
CA GLN A 175 4.58 -10.05 25.33
C GLN A 175 5.00 -11.43 25.81
N PRO A 176 4.13 -12.44 25.74
CA PRO A 176 4.53 -13.78 26.17
C PRO A 176 5.40 -14.49 25.14
N GLY A 177 6.25 -15.39 25.66
CA GLY A 177 6.82 -16.46 24.86
C GLY A 177 5.85 -17.63 24.86
N PRO A 178 6.35 -18.85 24.65
CA PRO A 178 5.44 -20.01 24.56
C PRO A 178 4.68 -20.20 25.86
N ILE A 179 3.34 -20.20 25.75
CA ILE A 179 2.43 -20.42 26.85
C ILE A 179 1.56 -21.62 26.50
N ASP A 180 1.36 -22.50 27.47
CA ASP A 180 0.60 -23.73 27.29
C ASP A 180 -0.89 -23.41 27.12
N THR A 181 -1.36 -23.46 25.87
CA THR A 181 -2.76 -23.22 25.53
C THR A 181 -3.15 -24.13 24.40
N ASP A 182 -4.43 -24.08 24.02
CA ASP A 182 -4.90 -24.82 22.86
C ASP A 182 -4.08 -24.48 21.62
N ALA A 183 -3.71 -23.20 21.46
CA ALA A 183 -2.95 -22.76 20.29
C ALA A 183 -1.48 -23.12 20.37
N ASN A 184 -0.96 -23.44 21.56
CA ASN A 184 0.45 -23.73 21.75
C ASN A 184 0.59 -24.76 22.86
N PRO A 185 0.13 -25.99 22.62
CA PRO A 185 0.07 -26.98 23.70
C PRO A 185 1.46 -27.41 24.11
N ALA A 186 1.69 -27.46 25.43
CA ALA A 186 3.01 -27.81 25.93
C ALA A 186 3.44 -29.20 25.48
N ASN A 187 2.47 -30.07 25.18
CA ASN A 187 2.72 -31.44 24.75
CA ASN A 187 2.79 -31.42 24.75
C ASN A 187 2.74 -31.60 23.23
N GLY A 188 2.55 -30.52 22.49
CA GLY A 188 2.48 -30.62 21.04
C GLY A 188 3.82 -30.99 20.43
N PRO A 189 3.84 -31.27 19.13
CA PRO A 189 5.08 -31.73 18.48
C PRO A 189 6.18 -30.68 18.42
N MET A 190 5.88 -29.40 18.60
CA MET A 190 6.91 -28.37 18.58
C MET A 190 7.59 -28.20 19.94
N ARG A 191 7.17 -28.95 20.96
CA ARG A 191 7.67 -28.77 22.31
C ARG A 191 9.21 -28.68 22.36
N ASP A 192 9.89 -29.70 21.82
CA ASP A 192 11.33 -29.81 22.01
C ASP A 192 12.08 -28.68 21.31
N MET A 193 11.67 -28.33 20.09
CA MET A 193 12.31 -27.21 19.38
C MET A 193 12.16 -25.91 20.17
N LEU A 194 10.92 -25.56 20.55
CA LEU A 194 10.70 -24.35 21.32
C LEU A 194 11.59 -24.32 22.56
N HIS A 195 11.64 -25.45 23.30
CA HIS A 195 12.46 -25.46 24.51
C HIS A 195 13.95 -25.38 24.19
N SER A 196 14.37 -25.87 23.02
CA SER A 196 15.77 -25.75 22.66
C SER A 196 16.14 -24.28 22.45
N LEU A 197 15.16 -23.41 22.24
CA LEU A 197 15.45 -22.00 22.06
C LEU A 197 15.36 -21.16 23.35
N MET A 198 15.21 -21.78 24.53
CA MET A 198 14.81 -21.05 25.73
C MET A 198 15.78 -21.27 26.88
N ALA A 199 15.89 -20.25 27.74
CA ALA A 199 16.66 -20.40 28.97
C ALA A 199 15.89 -21.17 30.04
N ILE A 200 14.59 -20.91 30.14
CA ILE A 200 13.70 -21.63 31.05
C ILE A 200 12.93 -22.62 30.18
N LYS A 201 13.31 -23.90 30.26
CA LYS A 201 12.91 -24.89 29.26
C LYS A 201 11.56 -25.51 29.64
N ARG A 202 10.53 -24.68 29.48
CA ARG A 202 9.16 -25.09 29.70
C ARG A 202 8.26 -24.08 29.00
N HIS A 203 7.03 -24.50 28.72
CA HIS A 203 6.03 -23.49 28.38
C HIS A 203 5.64 -22.72 29.64
N GLY A 204 5.36 -21.44 29.47
CA GLY A 204 4.76 -20.71 30.55
C GLY A 204 3.33 -21.16 30.79
N GLN A 205 2.82 -20.88 31.99
CA GLN A 205 1.41 -21.21 32.21
C GLN A 205 0.55 -19.96 32.03
N PRO A 206 -0.68 -20.13 31.54
CA PRO A 206 -1.58 -18.97 31.43
C PRO A 206 -1.67 -18.16 32.72
N GLU A 207 -1.64 -18.82 33.88
CA GLU A 207 -1.70 -18.11 35.16
C GLU A 207 -0.53 -17.16 35.35
N GLU A 208 0.63 -17.47 34.76
CA GLU A 208 1.78 -16.56 34.90
C GLU A 208 1.59 -15.28 34.11
N VAL A 209 1.02 -15.39 32.90
CA VAL A 209 0.66 -14.18 32.16
C VAL A 209 -0.36 -13.39 32.94
N ALA A 210 -1.36 -14.07 33.51
CA ALA A 210 -2.35 -13.38 34.30
C ALA A 210 -1.72 -12.68 35.50
N GLY A 211 -0.67 -13.27 36.08
CA GLY A 211 0.00 -12.62 37.20
C GLY A 211 0.72 -11.34 36.81
N MET A 212 1.36 -11.33 35.64
CA MET A 212 1.97 -10.09 35.17
C MET A 212 0.90 -9.04 34.87
N VAL A 213 -0.20 -9.46 34.24
CA VAL A 213 -1.31 -8.55 33.99
C VAL A 213 -1.82 -7.95 35.29
N ALA A 214 -2.00 -8.80 36.33
CA ALA A 214 -2.53 -8.33 37.60
C ALA A 214 -1.60 -7.32 38.25
N TRP A 215 -0.29 -7.52 38.14
CA TRP A 215 0.59 -6.50 38.71
C TRP A 215 0.47 -5.18 37.96
N LEU A 216 0.49 -5.23 36.62
CA LEU A 216 0.39 -4.00 35.84
C LEU A 216 -0.92 -3.27 36.06
N ALA A 217 -2.00 -4.01 36.33
CA ALA A 217 -3.30 -3.40 36.54
C ALA A 217 -3.45 -2.81 37.93
N GLY A 218 -2.49 -3.02 38.82
CA GLY A 218 -2.64 -2.63 40.20
C GLY A 218 -2.05 -1.26 40.49
N PRO A 219 -2.11 -0.86 41.76
CA PRO A 219 -1.74 0.52 42.14
C PRO A 219 -0.24 0.78 42.15
N GLU A 220 0.58 -0.26 42.14
CA GLU A 220 2.03 -0.06 42.11
C GLU A 220 2.57 0.26 40.72
N ALA A 221 1.74 0.20 39.68
CA ALA A 221 2.21 0.37 38.30
C ALA A 221 1.71 1.65 37.66
N SER A 222 1.41 2.68 38.47
CA SER A 222 0.84 3.91 37.91
C SER A 222 1.88 4.72 37.14
N PHE A 223 3.17 4.45 37.32
CA PHE A 223 4.20 5.11 36.53
C PHE A 223 4.60 4.29 35.32
N VAL A 224 3.98 3.12 35.12
CA VAL A 224 4.35 2.19 34.07
C VAL A 224 3.35 2.37 32.94
N THR A 225 3.80 2.92 31.82
CA THR A 225 2.89 3.10 30.70
C THR A 225 3.69 3.20 29.41
N GLY A 226 3.05 2.80 28.31
CA GLY A 226 3.68 2.80 27.01
C GLY A 226 4.76 1.76 26.83
N ALA A 227 4.79 0.75 27.70
CA ALA A 227 5.90 -0.18 27.75
C ALA A 227 5.47 -1.60 27.37
N MET A 228 6.46 -2.35 26.91
CA MET A 228 6.29 -3.75 26.51
C MET A 228 6.96 -4.61 27.55
N HIS A 229 6.25 -5.59 28.08
CA HIS A 229 6.69 -6.40 29.22
C HIS A 229 6.75 -7.84 28.77
N THR A 230 7.97 -8.38 28.70
CA THR A 230 8.20 -9.67 28.08
C THR A 230 8.27 -10.76 29.15
N ILE A 231 7.49 -11.84 28.95
CA ILE A 231 7.43 -12.95 29.88
C ILE A 231 7.57 -14.21 29.02
N ASP A 232 8.83 -14.63 28.78
CA ASP A 232 9.09 -15.55 27.69
C ASP A 232 10.16 -16.60 27.98
N GLY A 233 10.67 -16.69 29.21
CA GLY A 233 11.71 -17.66 29.49
C GLY A 233 13.02 -17.44 28.74
N ALA A 234 13.27 -16.20 28.28
CA ALA A 234 14.40 -15.83 27.43
C ALA A 234 14.44 -16.69 26.16
N PHE A 235 13.49 -16.42 25.29
CA PHE A 235 13.29 -17.20 24.07
C PHE A 235 14.08 -16.59 22.92
N GLY A 236 14.83 -17.43 22.21
CA GLY A 236 15.42 -16.98 20.97
C GLY A 236 16.87 -17.30 20.75
N ALA A 237 17.47 -18.12 21.62
CA ALA A 237 18.87 -18.51 21.47
C ALA A 237 18.97 -20.01 21.37
N LEU A 238 19.75 -20.49 20.40
CA LEU A 238 19.78 -21.92 20.14
C LEU A 238 20.73 -22.60 21.12
N GLU A 239 20.26 -23.72 21.66
CA GLU A 239 21.06 -24.52 22.59
C GLU A 239 22.33 -24.99 21.88
N HIS A 240 23.46 -24.80 22.53
CA HIS A 240 24.76 -25.25 22.02
C HIS A 240 25.41 -26.25 22.97
N GLY B 2 5.59 -10.42 54.84
CA GLY B 2 6.19 -11.73 54.82
C GLY B 2 6.45 -12.29 53.42
N ALA B 3 6.29 -11.47 52.38
CA ALA B 3 6.52 -11.97 51.02
C ALA B 3 7.93 -12.49 50.84
N PHE B 4 8.90 -11.98 51.60
CA PHE B 4 10.28 -12.43 51.48
C PHE B 4 10.85 -12.90 52.81
N THR B 5 9.99 -13.31 53.75
CA THR B 5 10.47 -13.83 55.02
C THR B 5 11.43 -14.99 54.79
N GLY B 6 12.56 -14.97 55.49
CA GLY B 6 13.54 -16.02 55.38
C GLY B 6 14.50 -15.89 54.21
N LYS B 7 14.27 -14.97 53.29
CA LYS B 7 15.15 -14.82 52.13
C LYS B 7 16.33 -13.92 52.42
N THR B 8 17.48 -14.29 51.86
CA THR B 8 18.73 -13.54 51.99
C THR B 8 18.93 -12.61 50.78
N VAL B 9 19.05 -11.32 51.05
CA VAL B 9 19.09 -10.29 50.01
C VAL B 9 20.34 -9.44 50.19
N LEU B 10 21.08 -9.24 49.10
CA LEU B 10 22.20 -8.30 49.04
C LEU B 10 21.91 -7.24 48.00
N ILE B 11 22.01 -5.97 48.41
CA ILE B 11 21.76 -4.83 47.53
C ILE B 11 23.07 -4.06 47.39
N LEU B 12 23.62 -4.02 46.18
CA LEU B 12 24.83 -3.23 45.95
C LEU B 12 24.45 -1.78 45.71
N GLY B 13 24.95 -0.88 46.56
CA GLY B 13 24.59 0.52 46.45
C GLY B 13 23.25 0.81 47.08
N GLY B 14 23.12 0.60 48.38
CA GLY B 14 21.83 0.71 49.04
C GLY B 14 21.65 1.89 49.98
N SER B 15 22.61 2.82 50.03
CA SER B 15 22.58 3.83 51.10
C SER B 15 21.61 4.98 50.86
N ARG B 16 21.25 5.27 49.60
CA ARG B 16 20.45 6.44 49.27
C ARG B 16 19.54 6.12 48.09
N GLY B 17 18.56 7.00 47.87
CA GLY B 17 17.80 6.98 46.63
C GLY B 17 17.06 5.67 46.38
N ILE B 18 17.11 5.24 45.11
CA ILE B 18 16.43 4.01 44.70
C ILE B 18 16.94 2.83 45.53
N GLY B 19 18.26 2.70 45.67
CA GLY B 19 18.79 1.60 46.45
C GLY B 19 18.24 1.56 47.86
N ALA B 20 18.15 2.72 48.53
CA ALA B 20 17.61 2.77 49.88
C ALA B 20 16.14 2.35 49.90
N ALA B 21 15.38 2.75 48.87
CA ALA B 21 13.98 2.30 48.81
C ALA B 21 13.88 0.79 48.66
N ILE B 22 14.81 0.19 47.91
CA ILE B 22 14.80 -1.26 47.74
C ILE B 22 15.14 -1.96 49.05
N VAL B 23 16.13 -1.41 49.78
CA VAL B 23 16.44 -1.92 51.12
C VAL B 23 15.19 -1.89 51.98
N ARG B 24 14.51 -0.74 52.02
CA ARG B 24 13.35 -0.62 52.89
C ARG B 24 12.27 -1.61 52.51
N ARG B 25 12.05 -1.81 51.21
CA ARG B 25 10.97 -2.69 50.77
C ARG B 25 11.26 -4.14 51.18
N PHE B 26 12.48 -4.62 50.93
CA PHE B 26 12.79 -5.99 51.32
C PHE B 26 12.80 -6.17 52.83
N VAL B 27 13.22 -5.16 53.60
CA VAL B 27 13.10 -5.28 55.06
C VAL B 27 11.64 -5.41 55.46
N THR B 28 10.79 -4.53 54.92
CA THR B 28 9.37 -4.57 55.26
C THR B 28 8.74 -5.90 54.90
N ASP B 29 9.20 -6.52 53.80
CA ASP B 29 8.69 -7.79 53.34
C ASP B 29 9.31 -8.98 54.05
N GLY B 30 10.14 -8.73 55.06
CA GLY B 30 10.61 -9.78 55.95
C GLY B 30 11.94 -10.40 55.62
N ALA B 31 12.66 -9.87 54.63
CA ALA B 31 13.93 -10.44 54.22
C ALA B 31 15.05 -10.09 55.21
N ASN B 32 16.09 -10.91 55.19
CA ASN B 32 17.37 -10.60 55.82
C ASN B 32 18.20 -9.84 54.79
N VAL B 33 18.45 -8.55 55.05
CA VAL B 33 18.97 -7.65 54.01
C VAL B 33 20.33 -7.12 54.40
N ARG B 34 21.27 -7.17 53.45
CA ARG B 34 22.55 -6.53 53.54
C ARG B 34 22.68 -5.59 52.34
N PHE B 35 23.34 -4.44 52.53
CA PHE B 35 23.54 -3.53 51.41
C PHE B 35 24.91 -2.87 51.55
N THR B 36 25.46 -2.45 50.40
CA THR B 36 26.77 -1.79 50.38
C THR B 36 26.61 -0.29 50.20
N TYR B 37 27.65 0.41 50.63
CA TYR B 37 27.78 1.84 50.46
C TYR B 37 29.24 2.13 50.18
N ALA B 38 29.50 3.34 49.71
CA ALA B 38 30.88 3.74 49.49
C ALA B 38 31.13 5.13 50.08
N GLY B 39 30.50 6.15 49.50
CA GLY B 39 30.75 7.52 49.91
C GLY B 39 29.82 8.06 50.98
N SER B 40 28.76 7.34 51.31
CA SER B 40 27.76 7.88 52.22
C SER B 40 27.64 7.07 53.50
N LYS B 41 28.73 6.99 54.27
CA LYS B 41 28.73 6.15 55.45
C LYS B 41 27.66 6.58 56.46
N ASP B 42 27.55 7.88 56.72
CA ASP B 42 26.58 8.34 57.71
C ASP B 42 25.15 7.98 57.31
N ALA B 43 24.79 8.20 56.03
CA ALA B 43 23.48 7.81 55.53
C ALA B 43 23.28 6.31 55.63
N ALA B 44 24.31 5.53 55.28
CA ALA B 44 24.20 4.08 55.37
C ALA B 44 23.91 3.64 56.79
N LYS B 45 24.62 4.22 57.77
CA LYS B 45 24.41 3.88 59.17
C LYS B 45 22.99 4.27 59.61
N ARG B 46 22.54 5.46 59.23
CA ARG B 46 21.18 5.86 59.58
C ARG B 46 20.16 4.86 59.06
N LEU B 47 20.33 4.44 57.80
CA LEU B 47 19.38 3.52 57.18
C LEU B 47 19.43 2.15 57.84
N ALA B 48 20.63 1.64 58.10
CA ALA B 48 20.76 0.36 58.78
C ALA B 48 20.14 0.42 60.17
N GLN B 49 20.40 1.51 60.91
CA GLN B 49 19.85 1.61 62.26
C GLN B 49 18.33 1.73 62.23
N GLU B 50 17.79 2.42 61.23
CA GLU B 50 16.34 2.60 61.14
C GLU B 50 15.63 1.32 60.75
N THR B 51 16.21 0.53 59.85
CA THR B 51 15.51 -0.61 59.27
C THR B 51 15.94 -1.93 59.85
N GLY B 52 17.16 -2.01 60.40
CA GLY B 52 17.75 -3.26 60.81
C GLY B 52 18.52 -3.98 59.74
N ALA B 53 18.54 -3.46 58.52
CA ALA B 53 19.41 -4.03 57.50
C ALA B 53 20.86 -3.80 57.91
N THR B 54 21.75 -4.60 57.31
CA THR B 54 23.17 -4.54 57.61
C THR B 54 23.88 -3.76 56.51
N ALA B 55 24.61 -2.70 56.89
CA ALA B 55 25.41 -1.91 55.96
C ALA B 55 26.85 -2.43 55.94
N VAL B 56 27.43 -2.48 54.73
CA VAL B 56 28.81 -2.94 54.53
C VAL B 56 29.47 -2.00 53.52
N PHE B 57 30.68 -1.53 53.83
CA PHE B 57 31.41 -0.73 52.86
C PHE B 57 31.87 -1.62 51.71
N THR B 58 31.60 -1.20 50.47
CA THR B 58 32.28 -1.81 49.32
C THR B 58 32.20 -0.86 48.13
N ASP B 59 33.36 -0.52 47.59
CA ASP B 59 33.43 0.38 46.44
C ASP B 59 33.19 -0.44 45.18
N SER B 60 32.08 -0.18 44.49
CA SER B 60 31.73 -0.95 43.29
C SER B 60 32.73 -0.73 42.16
N ALA B 61 33.59 0.27 42.22
CA ALA B 61 34.60 0.44 41.19
C ALA B 61 35.75 -0.54 41.33
N ASP B 62 35.80 -1.29 42.43
CA ASP B 62 36.89 -2.23 42.75
C ASP B 62 36.37 -3.66 42.51
N ARG B 63 36.78 -4.26 41.41
CA ARG B 63 36.20 -5.55 41.01
C ARG B 63 36.36 -6.60 42.09
N ASP B 64 37.57 -6.76 42.61
CA ASP B 64 37.77 -7.82 43.58
C ASP B 64 36.99 -7.57 44.86
N ALA B 65 36.77 -6.30 45.22
CA ALA B 65 35.95 -6.00 46.39
C ALA B 65 34.49 -6.38 46.15
N VAL B 66 33.98 -6.12 44.95
CA VAL B 66 32.61 -6.53 44.61
C VAL B 66 32.48 -8.05 44.68
N ILE B 67 33.41 -8.74 44.02
CA ILE B 67 33.37 -10.19 44.04
C ILE B 67 33.43 -10.70 45.48
N ASP B 68 34.25 -10.06 46.31
CA ASP B 68 34.40 -10.53 47.68
C ASP B 68 33.13 -10.33 48.50
N VAL B 69 32.47 -9.18 48.39
CA VAL B 69 31.28 -8.98 49.22
C VAL B 69 30.18 -9.95 48.80
N VAL B 70 30.05 -10.19 47.49
CA VAL B 70 29.05 -11.15 47.03
C VAL B 70 29.39 -12.54 47.54
N ARG B 71 30.64 -12.99 47.33
CA ARG B 71 31.06 -14.32 47.76
C ARG B 71 30.85 -14.52 49.27
N LYS B 72 31.23 -13.53 50.08
CA LYS B 72 31.10 -13.68 51.52
C LYS B 72 29.67 -13.62 52.00
N SER B 73 28.72 -13.22 51.15
CA SER B 73 27.32 -13.31 51.53
C SER B 73 26.80 -14.75 51.61
N GLY B 74 27.55 -15.74 51.14
CA GLY B 74 27.01 -17.09 51.15
C GLY B 74 25.96 -17.29 50.08
N ALA B 75 25.05 -18.23 50.31
CA ALA B 75 24.00 -18.52 49.35
C ALA B 75 22.96 -17.39 49.40
N LEU B 76 22.95 -16.53 48.38
CA LEU B 76 21.99 -15.45 48.29
C LEU B 76 20.72 -15.93 47.59
N ASP B 77 19.57 -15.47 48.08
CA ASP B 77 18.34 -15.70 47.33
C ASP B 77 18.12 -14.61 46.29
N ILE B 78 18.48 -13.37 46.60
CA ILE B 78 18.23 -12.23 45.73
C ILE B 78 19.45 -11.32 45.73
N LEU B 79 19.92 -10.96 44.53
CA LEU B 79 20.94 -9.92 44.37
C LEU B 79 20.33 -8.76 43.59
N VAL B 80 20.45 -7.55 44.14
CA VAL B 80 20.06 -6.36 43.41
C VAL B 80 21.30 -5.50 43.23
N VAL B 81 21.66 -5.23 41.98
CA VAL B 81 22.76 -4.32 41.70
C VAL B 81 22.16 -2.96 41.34
N ASN B 82 22.23 -2.00 42.27
CA ASN B 82 21.67 -0.68 42.07
C ASN B 82 22.72 0.37 41.79
N ALA B 83 23.88 0.25 42.43
CA ALA B 83 24.93 1.26 42.32
C ALA B 83 25.16 1.64 40.87
N GLY B 84 25.25 2.95 40.65
CA GLY B 84 25.53 3.48 39.33
C GLY B 84 25.88 4.94 39.50
N ILE B 85 26.68 5.48 38.59
CA ILE B 85 27.01 6.90 38.66
C ILE B 85 26.72 7.54 37.31
N GLY B 86 26.52 8.85 37.36
CA GLY B 86 26.43 9.66 36.16
C GLY B 86 27.64 10.58 36.09
N VAL B 87 28.23 10.64 34.90
CA VAL B 87 29.26 11.62 34.57
C VAL B 87 28.71 12.35 33.36
N PHE B 88 28.33 13.62 33.52
CA PHE B 88 27.58 14.32 32.49
C PHE B 88 28.34 15.55 32.03
N GLY B 89 28.25 15.81 30.74
CA GLY B 89 28.92 16.95 30.15
C GLY B 89 29.30 16.62 28.72
N GLU B 90 29.76 17.67 28.02
CA GLU B 90 30.24 17.51 26.66
C GLU B 90 31.31 16.44 26.61
N ALA B 91 31.17 15.48 25.68
CA ALA B 91 32.11 14.35 25.66
C ALA B 91 33.55 14.84 25.53
N LEU B 92 33.77 15.92 24.79
CA LEU B 92 35.15 16.41 24.61
C LEU B 92 35.70 17.12 25.85
N GLU B 93 34.90 17.29 26.91
CA GLU B 93 35.30 18.09 28.07
C GLU B 93 35.17 17.27 29.34
N LEU B 94 35.29 15.95 29.24
CA LEU B 94 35.21 15.03 30.37
C LEU B 94 36.51 14.26 30.47
N ASN B 95 36.96 14.05 31.72
CA ASN B 95 38.23 13.37 31.95
C ASN B 95 38.07 11.88 31.74
N ALA B 96 39.05 11.31 31.03
CA ALA B 96 38.97 9.89 30.65
C ALA B 96 38.89 9.00 31.88
N ASP B 97 39.58 9.38 32.97
CA ASP B 97 39.49 8.54 34.17
C ASP B 97 38.10 8.53 34.76
N ASP B 98 37.39 9.66 34.71
CA ASP B 98 36.01 9.66 35.21
C ASP B 98 35.11 8.75 34.37
N ILE B 99 35.27 8.79 33.06
CA ILE B 99 34.50 7.93 32.18
C ILE B 99 34.80 6.48 32.51
N ASP B 100 36.07 6.14 32.66
CA ASP B 100 36.41 4.74 32.93
C ASP B 100 35.87 4.28 34.27
N ARG B 101 35.86 5.17 35.28
CA ARG B 101 35.21 4.80 36.54
C ARG B 101 33.73 4.53 36.34
N LEU B 102 33.07 5.37 35.53
CA LEU B 102 31.68 5.08 35.20
C LEU B 102 31.53 3.69 34.56
N PHE B 103 32.39 3.36 33.59
CA PHE B 103 32.28 2.03 32.99
C PHE B 103 32.49 0.92 34.03
N LYS B 104 33.44 1.11 34.94
CA LYS B 104 33.72 0.07 35.93
C LYS B 104 32.54 -0.13 36.87
N ILE B 105 31.91 0.96 37.30
CA ILE B 105 30.80 0.85 38.25
C ILE B 105 29.53 0.37 37.55
N ASN B 106 29.24 0.95 36.39
CA ASN B 106 27.94 0.75 35.77
C ASN B 106 27.89 -0.50 34.89
N ILE B 107 29.03 -0.97 34.37
CA ILE B 107 29.09 -2.13 33.47
C ILE B 107 29.83 -3.30 34.12
N HIS B 108 31.08 -3.08 34.53
CA HIS B 108 31.88 -4.22 35.01
C HIS B 108 31.27 -4.81 36.29
N ALA B 109 30.90 -3.95 37.24
CA ALA B 109 30.43 -4.44 38.53
C ALA B 109 29.16 -5.27 38.40
N PRO B 110 28.13 -4.84 37.65
CA PRO B 110 26.95 -5.71 37.50
C PRO B 110 27.30 -7.07 36.93
N TYR B 111 28.23 -7.11 35.96
CA TYR B 111 28.63 -8.37 35.36
C TYR B 111 29.27 -9.30 36.39
N HIS B 112 30.33 -8.82 37.06
CA HIS B 112 31.08 -9.69 37.96
C HIS B 112 30.28 -10.05 39.21
N ALA B 113 29.46 -9.12 39.71
CA ALA B 113 28.61 -9.44 40.85
C ALA B 113 27.57 -10.49 40.50
N SER B 114 26.95 -10.38 39.31
CA SER B 114 25.93 -11.35 38.92
C SER B 114 26.53 -12.75 38.79
N VAL B 115 27.64 -12.86 38.06
CA VAL B 115 28.28 -14.17 37.91
C VAL B 115 28.67 -14.74 39.29
N GLU B 116 29.24 -13.89 40.14
CA GLU B 116 29.65 -14.39 41.45
C GLU B 116 28.46 -14.87 42.25
N ALA B 117 27.36 -14.11 42.21
CA ALA B 117 26.18 -14.50 42.98
C ALA B 117 25.64 -15.84 42.51
N ALA B 118 25.65 -16.05 41.19
CA ALA B 118 25.15 -17.31 40.64
C ALA B 118 25.98 -18.50 41.10
N ARG B 119 27.22 -18.29 41.56
CA ARG B 119 27.97 -19.46 42.03
C ARG B 119 27.28 -20.20 43.20
N GLN B 120 26.67 -19.48 44.14
CA GLN B 120 26.07 -20.13 45.31
C GLN B 120 24.55 -19.99 45.38
N MET B 121 23.94 -19.30 44.44
CA MET B 121 22.50 -19.02 44.50
C MET B 121 21.71 -20.28 44.15
N PRO B 122 20.68 -20.63 44.90
CA PRO B 122 19.93 -21.86 44.61
C PRO B 122 18.93 -21.67 43.48
N GLU B 123 18.34 -22.78 43.06
CA GLU B 123 17.18 -22.73 42.17
C GLU B 123 16.12 -21.83 42.79
N GLY B 124 15.53 -20.97 41.96
CA GLY B 124 14.61 -19.96 42.47
C GLY B 124 15.24 -18.61 42.75
N GLY B 125 16.55 -18.47 42.55
CA GLY B 125 17.22 -17.21 42.79
C GLY B 125 16.83 -16.12 41.81
N ARG B 126 17.14 -14.88 42.20
CA ARG B 126 16.77 -13.70 41.43
C ARG B 126 17.93 -12.74 41.41
N ILE B 127 18.26 -12.24 40.22
CA ILE B 127 19.24 -11.16 40.05
C ILE B 127 18.55 -10.02 39.34
N LEU B 128 18.63 -8.82 39.91
CA LEU B 128 17.99 -7.65 39.34
C LEU B 128 19.03 -6.55 39.23
N ILE B 129 19.12 -5.93 38.05
CA ILE B 129 20.06 -4.84 37.84
C ILE B 129 19.25 -3.59 37.55
N ILE B 130 19.63 -2.46 38.15
CA ILE B 130 18.95 -1.19 37.89
C ILE B 130 19.66 -0.52 36.72
N GLY B 131 18.99 -0.51 35.56
CA GLY B 131 19.53 0.10 34.35
C GLY B 131 18.97 1.49 34.19
N SER B 132 18.52 1.84 32.99
CA SER B 132 17.95 3.16 32.78
C SER B 132 17.17 3.14 31.48
N VAL B 133 16.12 3.96 31.38
CA VAL B 133 15.46 4.10 30.08
C VAL B 133 16.40 4.70 29.05
N ASN B 134 17.47 5.37 29.50
CA ASN B 134 18.46 5.88 28.56
C ASN B 134 19.30 4.78 27.93
N GLY B 135 19.12 3.51 28.32
CA GLY B 135 19.66 2.40 27.56
C GLY B 135 18.95 2.16 26.25
N ASP B 136 17.71 2.66 26.11
CA ASP B 136 16.91 2.50 24.91
C ASP B 136 16.74 3.80 24.13
N ARG B 137 16.54 4.93 24.81
CA ARG B 137 16.07 6.16 24.18
C ARG B 137 17.21 6.87 23.46
N MET B 138 16.85 7.85 22.64
CA MET B 138 17.86 8.75 22.07
C MET B 138 18.35 9.68 23.19
N PRO B 139 19.59 9.52 23.69
CA PRO B 139 20.01 10.32 24.85
C PRO B 139 20.25 11.79 24.49
N VAL B 140 19.96 12.66 25.46
CA VAL B 140 20.28 14.07 25.34
C VAL B 140 21.79 14.21 25.23
N ALA B 141 22.25 15.38 24.82
CA ALA B 141 23.67 15.66 24.82
C ALA B 141 24.23 15.54 26.23
N GLY B 142 25.50 15.13 26.31
CA GLY B 142 26.22 15.12 27.55
C GLY B 142 26.06 13.88 28.40
N MET B 143 25.54 12.78 27.85
CA MET B 143 25.48 11.57 28.66
C MET B 143 25.84 10.34 27.84
N ALA B 144 26.81 10.48 26.93
CA ALA B 144 27.04 9.39 25.97
C ALA B 144 27.57 8.13 26.66
N ALA B 145 28.59 8.29 27.52
CA ALA B 145 29.16 7.14 28.21
C ALA B 145 28.13 6.52 29.15
N TYR B 146 27.36 7.35 29.85
CA TYR B 146 26.30 6.85 30.72
C TYR B 146 25.31 6.00 29.94
N ALA B 147 24.81 6.53 28.81
CA ALA B 147 23.86 5.77 28.01
C ALA B 147 24.48 4.46 27.53
N ALA B 148 25.74 4.51 27.09
CA ALA B 148 26.41 3.27 26.70
C ALA B 148 26.40 2.26 27.84
N SER B 149 26.68 2.73 29.07
CA SER B 149 26.76 1.79 30.18
C SER B 149 25.41 1.16 30.45
N LYS B 150 24.32 1.92 30.22
CA LYS B 150 22.99 1.38 30.47
C LYS B 150 22.48 0.51 29.32
N SER B 151 22.89 0.77 28.06
CA SER B 151 22.57 -0.19 27.00
C SER B 151 23.38 -1.47 27.15
N ALA B 152 24.59 -1.40 27.73
CA ALA B 152 25.41 -2.60 27.93
C ALA B 152 24.68 -3.67 28.74
N LEU B 153 23.85 -3.22 29.68
CA LEU B 153 23.13 -4.13 30.57
C LEU B 153 22.12 -4.98 29.83
N GLN B 154 21.68 -4.53 28.65
CA GLN B 154 20.67 -5.27 27.90
C GLN B 154 21.24 -6.57 27.33
N GLY B 155 22.34 -6.46 26.57
CA GLY B 155 23.00 -7.66 26.11
C GLY B 155 23.48 -8.51 27.27
N MET B 156 23.92 -7.85 28.34
CA MET B 156 24.39 -8.58 29.51
C MET B 156 23.28 -9.48 30.07
N ALA B 157 22.11 -8.90 30.29
CA ALA B 157 21.00 -9.64 30.88
C ALA B 157 20.48 -10.72 29.94
N ARG B 158 20.38 -10.42 28.65
CA ARG B 158 19.96 -11.45 27.71
C ARG B 158 20.92 -12.64 27.73
N GLY B 159 22.22 -12.37 27.77
CA GLY B 159 23.18 -13.47 27.72
C GLY B 159 23.29 -14.23 29.04
N LEU B 160 23.36 -13.50 30.16
CA LEU B 160 23.43 -14.16 31.45
C LEU B 160 22.13 -14.92 31.74
N ALA B 161 21.01 -14.49 31.18
CA ALA B 161 19.78 -15.26 31.38
C ALA B 161 19.97 -16.69 30.87
N ARG B 162 20.64 -16.85 29.73
CA ARG B 162 20.84 -18.20 29.20
C ARG B 162 21.91 -18.93 30.01
N ASP B 163 22.95 -18.22 30.44
CA ASP B 163 23.92 -18.86 31.32
C ASP B 163 23.27 -19.36 32.62
N PHE B 164 22.30 -18.61 33.15
CA PHE B 164 21.76 -18.86 34.49
C PHE B 164 20.47 -19.69 34.48
N GLY B 165 19.82 -19.83 33.33
CA GLY B 165 18.58 -20.58 33.19
C GLY B 165 18.67 -22.01 33.71
N PRO B 166 19.70 -22.74 33.29
CA PRO B 166 19.86 -24.11 33.79
C PRO B 166 19.99 -24.17 35.31
N ARG B 167 20.40 -23.09 35.95
CA ARG B 167 20.55 -23.05 37.40
C ARG B 167 19.27 -22.62 38.11
N GLY B 168 18.21 -22.34 37.35
CA GLY B 168 16.98 -21.88 37.95
C GLY B 168 16.99 -20.45 38.46
N ILE B 169 17.87 -19.62 37.93
CA ILE B 169 18.02 -18.23 38.35
C ILE B 169 17.52 -17.34 37.22
N THR B 170 16.70 -16.33 37.55
CA THR B 170 16.32 -15.34 36.56
C THR B 170 17.15 -14.07 36.74
N ILE B 171 17.31 -13.31 35.65
CA ILE B 171 18.02 -12.04 35.72
C ILE B 171 17.29 -11.04 34.83
N ASN B 172 17.00 -9.86 35.38
CA ASN B 172 16.20 -8.87 34.67
C ASN B 172 16.78 -7.49 34.94
N VAL B 173 16.54 -6.57 34.01
CA VAL B 173 17.00 -5.19 34.15
C VAL B 173 15.76 -4.32 34.31
N VAL B 174 15.75 -3.49 35.35
CA VAL B 174 14.70 -2.50 35.55
C VAL B 174 15.21 -1.18 34.99
N GLN B 175 14.41 -0.53 34.13
CA GLN B 175 14.83 0.68 33.42
C GLN B 175 13.96 1.86 33.82
N PRO B 176 14.36 2.65 34.82
CA PRO B 176 13.54 3.79 35.23
C PRO B 176 13.70 4.97 34.30
N GLY B 177 12.62 5.77 34.22
CA GLY B 177 12.69 7.13 33.75
C GLY B 177 13.05 8.03 34.93
N PRO B 178 12.67 9.31 34.88
CA PRO B 178 13.06 10.24 35.96
C PRO B 178 12.49 9.80 37.30
N ILE B 179 13.37 9.60 38.28
CA ILE B 179 13.00 9.21 39.65
C ILE B 179 13.51 10.28 40.61
N ASP B 180 12.67 10.64 41.59
CA ASP B 180 13.00 11.69 42.56
C ASP B 180 14.08 11.19 43.52
N THR B 181 15.34 11.58 43.29
CA THR B 181 16.46 11.18 44.12
C THR B 181 17.45 12.36 44.23
N ASP B 182 18.51 12.17 45.02
CA ASP B 182 19.57 13.17 45.09
C ASP B 182 20.15 13.46 43.71
N ALA B 183 20.28 12.43 42.88
CA ALA B 183 20.86 12.58 41.56
C ALA B 183 19.89 13.21 40.57
N ASN B 184 18.59 13.21 40.88
CA ASN B 184 17.56 13.69 39.95
C ASN B 184 16.40 14.25 40.77
N PRO B 185 16.62 15.37 41.45
CA PRO B 185 15.59 15.88 42.37
C PRO B 185 14.37 16.39 41.60
N ALA B 186 13.19 16.03 42.11
CA ALA B 186 11.94 16.36 41.41
C ALA B 186 11.77 17.87 41.25
N ASN B 187 12.30 18.68 42.16
CA ASN B 187 12.16 20.13 42.10
C ASN B 187 13.47 20.81 41.68
N GLY B 188 14.31 20.09 40.94
CA GLY B 188 15.54 20.62 40.40
C GLY B 188 15.31 21.41 39.13
N PRO B 189 16.40 21.96 38.59
CA PRO B 189 16.28 22.84 37.41
C PRO B 189 15.75 22.14 36.16
N MET B 190 15.87 20.83 36.05
CA MET B 190 15.40 20.12 34.88
C MET B 190 13.93 19.73 34.93
N ARG B 191 13.22 20.07 36.01
CA ARG B 191 11.86 19.54 36.23
C ARG B 191 10.96 19.76 35.03
N ASP B 192 10.77 21.01 34.61
CA ASP B 192 9.75 21.30 33.60
C ASP B 192 10.11 20.66 32.25
N MET B 193 11.38 20.66 31.89
CA MET B 193 11.80 20.04 30.64
C MET B 193 11.50 18.53 30.66
N LEU B 194 11.92 17.86 31.75
CA LEU B 194 11.65 16.44 31.88
C LEU B 194 10.16 16.13 31.78
N HIS B 195 9.33 16.88 32.52
CA HIS B 195 7.91 16.57 32.46
C HIS B 195 7.33 16.89 31.10
N SER B 196 7.90 17.86 30.37
CA SER B 196 7.42 18.13 29.02
C SER B 196 7.65 16.96 28.10
N LEU B 197 8.54 16.05 28.46
CA LEU B 197 8.79 14.87 27.64
C LEU B 197 7.98 13.64 28.04
N MET B 198 6.99 13.77 28.94
CA MET B 198 6.40 12.60 29.58
C MET B 198 4.89 12.58 29.48
N ALA B 199 4.35 11.35 29.45
CA ALA B 199 2.90 11.15 29.54
C ALA B 199 2.41 11.30 30.97
N ILE B 200 3.16 10.76 31.94
CA ILE B 200 2.82 10.91 33.35
C ILE B 200 3.72 12.02 33.91
N LYS B 201 3.14 13.19 34.15
CA LYS B 201 3.95 14.40 34.34
C LYS B 201 4.32 14.58 35.81
N ARG B 202 5.24 13.71 36.23
CA ARG B 202 5.81 13.71 37.57
C ARG B 202 7.08 12.86 37.53
N HIS B 203 7.95 13.08 38.51
CA HIS B 203 9.00 12.11 38.74
C HIS B 203 8.41 10.86 39.39
N GLY B 204 8.95 9.70 39.05
CA GLY B 204 8.62 8.51 39.79
C GLY B 204 9.19 8.57 41.20
N GLN B 205 8.62 7.77 42.08
CA GLN B 205 9.23 7.72 43.41
C GLN B 205 10.15 6.50 43.52
N PRO B 206 11.22 6.60 44.31
CA PRO B 206 12.07 5.41 44.50
C PRO B 206 11.28 4.18 44.90
N GLU B 207 10.24 4.37 45.72
CA GLU B 207 9.40 3.26 46.15
C GLU B 207 8.74 2.55 44.98
N GLU B 208 8.47 3.25 43.88
CA GLU B 208 7.84 2.59 42.73
C GLU B 208 8.79 1.65 42.03
N VAL B 209 10.05 2.08 41.90
CA VAL B 209 11.07 1.18 41.37
C VAL B 209 11.20 -0.04 42.28
N ALA B 210 11.23 0.20 43.59
CA ALA B 210 11.31 -0.92 44.52
C ALA B 210 10.13 -1.87 44.37
N GLY B 211 8.95 -1.34 44.04
CA GLY B 211 7.78 -2.22 43.87
C GLY B 211 7.91 -3.11 42.64
N MET B 212 8.47 -2.57 41.54
CA MET B 212 8.71 -3.40 40.37
C MET B 212 9.77 -4.45 40.66
N VAL B 213 10.85 -4.05 41.33
CA VAL B 213 11.89 -4.99 41.73
C VAL B 213 11.27 -6.12 42.55
N ALA B 214 10.39 -5.76 43.50
CA ALA B 214 9.79 -6.74 44.40
C ALA B 214 8.92 -7.74 43.63
N TRP B 215 8.21 -7.28 42.59
CA TRP B 215 7.42 -8.25 41.83
C TRP B 215 8.34 -9.18 41.06
N LEU B 216 9.35 -8.61 40.39
CA LEU B 216 10.26 -9.43 39.62
C LEU B 216 11.01 -10.42 40.50
N ALA B 217 11.26 -10.05 41.76
CA ALA B 217 11.99 -10.91 42.68
C ALA B 217 11.13 -12.01 43.27
N GLY B 218 9.81 -11.98 43.03
CA GLY B 218 8.90 -12.89 43.68
C GLY B 218 8.63 -14.14 42.87
N PRO B 219 7.76 -15.01 43.41
CA PRO B 219 7.54 -16.33 42.79
C PRO B 219 6.69 -16.30 41.53
N GLU B 220 6.00 -15.19 41.24
CA GLU B 220 5.17 -15.08 40.04
C GLU B 220 5.99 -14.77 38.80
N ALA B 221 7.29 -14.51 38.95
CA ALA B 221 8.14 -14.07 37.86
C ALA B 221 9.20 -15.10 37.46
N SER B 222 8.96 -16.39 37.70
CA SER B 222 9.97 -17.40 37.37
C SER B 222 10.12 -17.63 35.88
N PHE B 223 9.15 -17.20 35.06
CA PHE B 223 9.27 -17.28 33.61
C PHE B 223 9.79 -16.00 33.01
N VAL B 224 10.08 -15.00 33.84
CA VAL B 224 10.49 -13.68 33.38
C VAL B 224 12.00 -13.60 33.54
N THR B 225 12.72 -13.58 32.43
CA THR B 225 14.18 -13.50 32.53
C THR B 225 14.74 -12.98 31.22
N GLY B 226 15.92 -12.35 31.31
CA GLY B 226 16.58 -11.77 30.16
C GLY B 226 15.87 -10.55 29.61
N ALA B 227 14.99 -9.93 30.38
CA ALA B 227 14.11 -8.89 29.89
C ALA B 227 14.38 -7.54 30.55
N MET B 228 13.97 -6.49 29.83
CA MET B 228 14.13 -5.10 30.24
C MET B 228 12.74 -4.58 30.58
N HIS B 229 12.58 -4.06 31.79
CA HIS B 229 11.27 -3.65 32.31
C HIS B 229 11.31 -2.16 32.56
N THR B 230 10.55 -1.41 31.76
CA THR B 230 10.65 0.04 31.73
C THR B 230 9.56 0.66 32.61
N ILE B 231 9.97 1.55 33.50
CA ILE B 231 9.06 2.23 34.44
C ILE B 231 9.41 3.71 34.38
N ASP B 232 8.82 4.43 33.42
CA ASP B 232 9.33 5.74 33.03
C ASP B 232 8.26 6.78 32.72
N GLY B 233 7.00 6.51 32.96
CA GLY B 233 5.97 7.49 32.64
C GLY B 233 5.85 7.80 31.16
N ALA B 234 6.30 6.90 30.29
CA ALA B 234 6.38 7.09 28.84
C ALA B 234 7.18 8.36 28.50
N PHE B 235 8.48 8.23 28.72
CA PHE B 235 9.39 9.34 28.56
C PHE B 235 9.94 9.37 27.14
N GLY B 236 9.87 10.53 26.51
CA GLY B 236 10.58 10.72 25.25
C GLY B 236 9.86 11.37 24.11
N ALA B 237 8.67 11.93 24.33
CA ALA B 237 7.92 12.61 23.27
C ALA B 237 7.64 14.04 23.71
N LEU B 238 7.86 14.99 22.81
CA LEU B 238 7.77 16.38 23.20
C LEU B 238 6.33 16.83 23.20
N GLU B 239 5.98 17.55 24.27
CA GLU B 239 4.67 18.16 24.43
C GLU B 239 4.35 19.17 23.35
N HIS B 240 3.10 19.14 22.87
CA HIS B 240 2.49 20.16 22.00
C HIS B 240 1.86 19.51 20.78
N HIS B 241 2.63 18.67 20.09
CA HIS B 241 2.12 17.97 18.92
C HIS B 241 1.91 16.50 19.24
N GLY C 2 24.81 3.37 -15.66
CA GLY C 2 23.55 2.95 -15.09
C GLY C 2 23.69 1.81 -14.10
N ALA C 3 23.70 2.13 -12.80
CA ALA C 3 23.75 1.09 -11.77
C ALA C 3 22.56 0.13 -11.88
N PHE C 4 21.43 0.58 -12.41
CA PHE C 4 20.25 -0.27 -12.49
C PHE C 4 19.76 -0.45 -13.91
N THR C 5 20.66 -0.27 -14.89
CA THR C 5 20.34 -0.55 -16.28
C THR C 5 19.86 -1.98 -16.41
N GLY C 6 18.76 -2.17 -17.14
CA GLY C 6 18.23 -3.49 -17.36
C GLY C 6 17.37 -4.01 -16.23
N LYS C 7 17.17 -3.25 -15.17
CA LYS C 7 16.31 -3.64 -14.06
C LYS C 7 14.93 -3.01 -14.22
N THR C 8 13.92 -3.75 -13.80
CA THR C 8 12.54 -3.26 -13.81
C THR C 8 12.15 -2.90 -12.39
N VAL C 9 11.62 -1.68 -12.20
CA VAL C 9 11.34 -1.15 -10.88
C VAL C 9 9.89 -0.71 -10.83
N LEU C 10 9.20 -1.08 -9.75
CA LEU C 10 7.85 -0.59 -9.46
C LEU C 10 7.86 0.14 -8.12
N ILE C 11 7.36 1.39 -8.11
CA ILE C 11 7.30 2.21 -6.91
C ILE C 11 5.83 2.52 -6.63
N LEU C 12 5.29 1.99 -5.53
CA LEU C 12 3.92 2.28 -5.13
C LEU C 12 3.88 3.62 -4.41
N GLY C 13 3.14 4.58 -4.96
CA GLY C 13 3.13 5.92 -4.40
C GLY C 13 4.34 6.74 -4.80
N GLY C 14 4.51 7.00 -6.10
CA GLY C 14 5.68 7.72 -6.58
C GLY C 14 5.46 9.12 -7.10
N SER C 15 4.26 9.69 -6.93
CA SER C 15 3.93 10.95 -7.59
C SER C 15 4.53 12.17 -6.92
N ARG C 16 4.86 12.10 -5.63
CA ARG C 16 5.33 13.27 -4.90
C ARG C 16 6.34 12.85 -3.83
N GLY C 17 7.09 13.84 -3.34
CA GLY C 17 7.88 13.68 -2.13
C GLY C 17 8.94 12.60 -2.25
N ILE C 18 9.07 11.82 -1.17
CA ILE C 18 10.05 10.74 -1.12
C ILE C 18 9.88 9.80 -2.32
N GLY C 19 8.63 9.41 -2.60
CA GLY C 19 8.38 8.52 -3.73
C GLY C 19 8.86 9.08 -5.05
N ALA C 20 8.60 10.37 -5.29
CA ALA C 20 9.04 11.00 -6.53
C ALA C 20 10.55 11.04 -6.63
N ALA C 21 11.23 11.31 -5.51
CA ALA C 21 12.69 11.28 -5.53
C ALA C 21 13.21 9.89 -5.85
N ILE C 22 12.50 8.85 -5.38
CA ILE C 22 12.92 7.48 -5.67
C ILE C 22 12.74 7.17 -7.15
N VAL C 23 11.62 7.61 -7.74
CA VAL C 23 11.45 7.49 -9.18
C VAL C 23 12.61 8.14 -9.92
N ARG C 24 12.91 9.40 -9.57
CA ARG C 24 13.97 10.12 -10.28
C ARG C 24 15.31 9.42 -10.14
N ARG C 25 15.62 8.89 -8.95
CA ARG C 25 16.91 8.23 -8.74
C ARG C 25 17.02 6.97 -9.58
N PHE C 26 15.99 6.13 -9.56
CA PHE C 26 16.08 4.90 -10.36
C PHE C 26 16.10 5.19 -11.85
N VAL C 27 15.39 6.22 -12.30
CA VAL C 27 15.46 6.59 -13.71
C VAL C 27 16.87 7.04 -14.07
N THR C 28 17.45 7.90 -13.24
CA THR C 28 18.81 8.38 -13.50
C THR C 28 19.80 7.21 -13.54
N ASP C 29 19.58 6.20 -12.72
CA ASP C 29 20.45 5.03 -12.65
C ASP C 29 20.15 4.00 -13.73
N GLY C 30 19.23 4.30 -14.65
CA GLY C 30 19.03 3.50 -15.85
C GLY C 30 17.92 2.47 -15.81
N ALA C 31 17.14 2.40 -14.74
CA ALA C 31 16.12 1.39 -14.64
C ALA C 31 14.90 1.72 -15.50
N ASN C 32 14.12 0.69 -15.79
CA ASN C 32 12.78 0.88 -16.35
C ASN C 32 11.84 1.01 -15.17
N VAL C 33 11.24 2.19 -15.01
CA VAL C 33 10.57 2.56 -13.78
C VAL C 33 9.08 2.74 -14.06
N ARG C 34 8.24 2.13 -13.23
CA ARG C 34 6.80 2.37 -13.18
C ARG C 34 6.44 2.80 -11.78
N PHE C 35 5.48 3.72 -11.65
CA PHE C 35 5.09 4.16 -10.31
C PHE C 35 3.59 4.41 -10.29
N THR C 36 2.99 4.29 -9.11
CA THR C 36 1.57 4.51 -8.97
C THR C 36 1.29 5.86 -8.34
N TYR C 37 0.05 6.32 -8.56
CA TYR C 37 -0.47 7.51 -7.93
C TYR C 37 -1.94 7.26 -7.66
N ALA C 38 -2.54 8.12 -6.84
CA ALA C 38 -3.96 8.04 -6.58
C ALA C 38 -4.59 9.42 -6.70
N GLY C 39 -4.21 10.34 -5.81
CA GLY C 39 -4.83 11.65 -5.80
C GLY C 39 -4.16 12.77 -6.57
N SER C 40 -2.93 12.59 -7.02
CA SER C 40 -2.13 13.68 -7.59
C SER C 40 -1.82 13.37 -9.06
N LYS C 41 -2.86 13.36 -9.90
CA LYS C 41 -2.70 12.97 -11.30
C LYS C 41 -1.81 13.95 -12.06
N ASP C 42 -1.99 15.25 -11.85
CA ASP C 42 -1.17 16.20 -12.58
C ASP C 42 0.30 16.08 -12.18
N ALA C 43 0.57 15.91 -10.88
CA ALA C 43 1.95 15.69 -10.43
C ALA C 43 2.53 14.44 -11.06
N ALA C 44 1.73 13.37 -11.13
CA ALA C 44 2.19 12.12 -11.73
C ALA C 44 2.53 12.30 -13.20
N LYS C 45 1.64 12.96 -13.95
CA LYS C 45 1.88 13.18 -15.37
C LYS C 45 3.08 14.10 -15.61
N ARG C 46 3.28 15.12 -14.76
CA ARG C 46 4.48 15.93 -14.90
C ARG C 46 5.75 15.12 -14.63
N LEU C 47 5.70 14.25 -13.62
CA LEU C 47 6.87 13.44 -13.29
C LEU C 47 7.17 12.44 -14.40
N ALA C 48 6.14 11.79 -14.94
CA ALA C 48 6.33 10.88 -16.07
C ALA C 48 6.92 11.61 -17.27
N GLN C 49 6.39 12.79 -17.59
CA GLN C 49 6.92 13.55 -18.71
C GLN C 49 8.38 13.92 -18.49
N GLU C 50 8.73 14.34 -17.28
CA GLU C 50 10.08 14.81 -17.02
C GLU C 50 11.09 13.66 -17.05
N THR C 51 10.69 12.49 -16.55
CA THR C 51 11.62 11.38 -16.36
C THR C 51 11.48 10.27 -17.39
N GLY C 52 10.32 10.15 -18.02
CA GLY C 52 10.07 9.01 -18.86
C GLY C 52 9.57 7.79 -18.13
N ALA C 53 9.48 7.84 -16.80
CA ALA C 53 8.85 6.77 -16.04
C ALA C 53 7.37 6.70 -16.40
N THR C 54 6.77 5.55 -16.12
CA THR C 54 5.38 5.29 -16.47
C THR C 54 4.52 5.49 -15.22
N ALA C 55 3.52 6.37 -15.32
CA ALA C 55 2.61 6.63 -14.23
C ALA C 55 1.37 5.76 -14.38
N VAL C 56 0.97 5.09 -13.30
CA VAL C 56 -0.17 4.18 -13.27
C VAL C 56 -1.05 4.55 -12.09
N PHE C 57 -2.35 4.73 -12.33
CA PHE C 57 -3.27 4.94 -11.22
C PHE C 57 -3.46 3.63 -10.47
N THR C 58 -3.29 3.67 -9.15
CA THR C 58 -3.71 2.57 -8.29
C THR C 58 -3.84 3.12 -6.87
N ASP C 59 -5.03 2.94 -6.27
CA ASP C 59 -5.30 3.36 -4.90
C ASP C 59 -4.81 2.28 -3.93
N SER C 60 -3.80 2.61 -3.13
CA SER C 60 -3.23 1.64 -2.21
C SER C 60 -4.20 1.20 -1.11
N ALA C 61 -5.31 1.90 -0.91
CA ALA C 61 -6.31 1.44 0.06
C ALA C 61 -7.12 0.25 -0.45
N ASP C 62 -6.98 -0.10 -1.72
CA ASP C 62 -7.75 -1.14 -2.39
C ASP C 62 -6.83 -2.35 -2.56
N ARG C 63 -7.00 -3.36 -1.70
CA ARG C 63 -6.06 -4.49 -1.70
C ARG C 63 -5.98 -5.15 -3.07
N ASP C 64 -7.13 -5.46 -3.66
CA ASP C 64 -7.11 -6.18 -4.93
C ASP C 64 -6.48 -5.36 -6.05
N ALA C 65 -6.62 -4.03 -6.00
CA ALA C 65 -5.95 -3.19 -7.00
C ALA C 65 -4.43 -3.18 -6.80
N VAL C 66 -3.98 -3.17 -5.55
CA VAL C 66 -2.55 -3.25 -5.29
C VAL C 66 -1.99 -4.57 -5.82
N ILE C 67 -2.65 -5.67 -5.46
CA ILE C 67 -2.22 -6.97 -5.92
C ILE C 67 -2.20 -7.01 -7.44
N ASP C 68 -3.22 -6.39 -8.07
CA ASP C 68 -3.31 -6.43 -9.52
C ASP C 68 -2.19 -5.64 -10.20
N VAL C 69 -1.88 -4.45 -9.70
CA VAL C 69 -0.82 -3.66 -10.36
C VAL C 69 0.54 -4.35 -10.20
N VAL C 70 0.79 -4.92 -9.01
CA VAL C 70 2.05 -5.65 -8.84
C VAL C 70 2.08 -6.85 -9.78
N ARG C 71 0.98 -7.63 -9.81
CA ARG C 71 0.96 -8.83 -10.63
C ARG C 71 1.16 -8.50 -12.11
N LYS C 72 0.48 -7.48 -12.60
CA LYS C 72 0.56 -7.13 -14.01
C LYS C 72 1.88 -6.44 -14.36
N SER C 73 2.69 -6.11 -13.37
CA SER C 73 4.06 -5.65 -13.64
C SER C 73 4.98 -6.76 -14.14
N GLY C 74 4.56 -8.03 -14.11
CA GLY C 74 5.47 -9.08 -14.52
C GLY C 74 6.57 -9.32 -13.47
N ALA C 75 7.70 -9.85 -13.94
CA ALA C 75 8.82 -10.15 -13.05
C ALA C 75 9.52 -8.85 -12.68
N LEU C 76 9.33 -8.41 -11.44
CA LEU C 76 9.99 -7.21 -10.95
C LEU C 76 11.38 -7.53 -10.43
N ASP C 77 12.34 -6.64 -10.71
CA ASP C 77 13.62 -6.72 -10.01
C ASP C 77 13.56 -6.03 -8.66
N ILE C 78 12.86 -4.91 -8.58
CA ILE C 78 12.80 -4.09 -7.38
C ILE C 78 11.38 -3.59 -7.17
N LEU C 79 10.85 -3.79 -5.96
CA LEU C 79 9.60 -3.17 -5.51
C LEU C 79 9.90 -2.22 -4.37
N VAL C 80 9.45 -0.97 -4.47
CA VAL C 80 9.53 0.00 -3.39
C VAL C 80 8.11 0.37 -2.98
N VAL C 81 7.76 0.11 -1.72
CA VAL C 81 6.45 0.50 -1.23
C VAL C 81 6.65 1.80 -0.46
N ASN C 82 6.26 2.92 -1.06
CA ASN C 82 6.44 4.23 -0.43
C ASN C 82 5.15 4.80 0.12
N ALA C 83 4.04 4.56 -0.58
CA ALA C 83 2.75 5.15 -0.21
C ALA C 83 2.48 4.96 1.28
N GLY C 84 2.03 6.05 1.90
CA GLY C 84 1.69 6.05 3.31
C GLY C 84 0.90 7.30 3.61
N ILE C 85 0.01 7.26 4.61
CA ILE C 85 -0.74 8.44 4.99
C ILE C 85 -0.60 8.68 6.48
N GLY C 86 -0.81 9.93 6.88
CA GLY C 86 -0.89 10.29 8.26
C GLY C 86 -2.27 10.78 8.63
N VAL C 87 -2.79 10.29 9.76
CA VAL C 87 -4.00 10.79 10.37
C VAL C 87 -3.63 11.18 11.79
N PHE C 88 -3.63 12.47 12.08
CA PHE C 88 -3.06 12.97 13.33
C PHE C 88 -4.09 13.75 14.12
N GLY C 89 -4.03 13.61 15.43
CA GLY C 89 -4.95 14.28 16.33
C GLY C 89 -5.18 13.45 17.57
N GLU C 90 -5.90 14.04 18.51
CA GLU C 90 -6.25 13.31 19.72
C GLU C 90 -7.01 12.05 19.34
N ALA C 91 -6.55 10.90 19.87
CA ALA C 91 -7.14 9.62 19.50
C ALA C 91 -8.65 9.59 19.70
N LEU C 92 -9.15 10.23 20.76
CA LEU C 92 -10.59 10.21 21.05
C LEU C 92 -11.41 11.11 20.12
N GLU C 93 -10.76 11.82 19.19
CA GLU C 93 -11.48 12.68 18.25
C GLU C 93 -11.35 12.28 16.80
N LEU C 94 -10.50 11.31 16.48
CA LEU C 94 -10.27 10.87 15.11
C LEU C 94 -11.37 9.91 14.65
N ASN C 95 -11.71 10.00 13.37
CA ASN C 95 -12.75 9.16 12.80
C ASN C 95 -12.25 7.74 12.57
N ALA C 96 -13.05 6.75 12.98
CA ALA C 96 -12.62 5.36 12.93
C ALA C 96 -12.37 4.88 11.50
N ASP C 97 -13.18 5.35 10.55
CA ASP C 97 -12.98 4.96 9.15
C ASP C 97 -11.68 5.54 8.61
N ASP C 98 -11.32 6.75 9.04
CA ASP C 98 -10.03 7.32 8.64
C ASP C 98 -8.88 6.50 9.20
N ILE C 99 -8.98 6.08 10.47
CA ILE C 99 -7.95 5.25 11.06
C ILE C 99 -7.81 3.94 10.29
N ASP C 100 -8.95 3.29 9.99
CA ASP C 100 -8.87 2.03 9.28
C ASP C 100 -8.30 2.19 7.88
N ARG C 101 -8.57 3.33 7.23
CA ARG C 101 -7.94 3.60 5.94
C ARG C 101 -6.42 3.73 6.10
N LEU C 102 -5.99 4.40 7.17
CA LEU C 102 -4.55 4.45 7.46
C LEU C 102 -3.98 3.05 7.61
N PHE C 103 -4.65 2.19 8.36
CA PHE C 103 -4.16 0.81 8.51
C PHE C 103 -4.10 0.10 7.16
N LYS C 104 -5.12 0.31 6.32
CA LYS C 104 -5.16 -0.39 5.04
C LYS C 104 -4.04 0.06 4.13
N ILE C 105 -3.74 1.35 4.10
CA ILE C 105 -2.65 1.84 3.24
C ILE C 105 -1.27 1.52 3.83
N ASN C 106 -1.09 1.76 5.13
CA ASN C 106 0.24 1.73 5.76
C ASN C 106 0.64 0.32 6.19
N ILE C 107 -0.31 -0.58 6.44
CA ILE C 107 -0.02 -1.93 6.92
C ILE C 107 -0.39 -2.97 5.87
N HIS C 108 -1.66 -3.02 5.46
CA HIS C 108 -2.13 -4.10 4.60
C HIS C 108 -1.44 -4.06 3.25
N ALA C 109 -1.36 -2.86 2.66
CA ALA C 109 -0.81 -2.75 1.31
C ALA C 109 0.64 -3.19 1.22
N PRO C 110 1.56 -2.76 2.09
CA PRO C 110 2.94 -3.26 1.99
C PRO C 110 3.01 -4.78 2.08
N TYR C 111 2.20 -5.37 2.95
CA TYR C 111 2.21 -6.83 3.08
C TYR C 111 1.79 -7.51 1.77
N HIS C 112 0.60 -7.15 1.27
CA HIS C 112 0.09 -7.86 0.11
C HIS C 112 0.92 -7.56 -1.14
N ALA C 113 1.41 -6.31 -1.26
CA ALA C 113 2.26 -5.98 -2.39
C ALA C 113 3.57 -6.75 -2.35
N SER C 114 4.17 -6.86 -1.16
CA SER C 114 5.44 -7.58 -1.04
C SER C 114 5.24 -9.06 -1.38
N VAL C 115 4.22 -9.68 -0.79
CA VAL C 115 3.95 -11.09 -1.07
C VAL C 115 3.69 -11.28 -2.57
N GLU C 116 2.87 -10.41 -3.17
CA GLU C 116 2.60 -10.58 -4.59
C GLU C 116 3.87 -10.44 -5.42
N ALA C 117 4.71 -9.45 -5.09
CA ALA C 117 5.92 -9.25 -5.87
C ALA C 117 6.84 -10.46 -5.82
N ALA C 118 6.91 -11.12 -4.65
CA ALA C 118 7.78 -12.28 -4.54
C ALA C 118 7.37 -13.44 -5.46
N ARG C 119 6.13 -13.44 -5.97
CA ARG C 119 5.68 -14.54 -6.82
C ARG C 119 6.50 -14.64 -8.11
N GLN C 120 6.85 -13.51 -8.73
CA GLN C 120 7.54 -13.53 -10.00
C GLN C 120 8.95 -12.95 -9.93
N MET C 121 9.35 -12.46 -8.77
CA MET C 121 10.63 -11.78 -8.63
C MET C 121 11.77 -12.81 -8.64
N PRO C 122 12.82 -12.58 -9.41
CA PRO C 122 13.91 -13.55 -9.48
C PRO C 122 14.85 -13.45 -8.28
N GLU C 123 15.77 -14.41 -8.19
CA GLU C 123 16.86 -14.31 -7.23
C GLU C 123 17.66 -13.05 -7.51
N GLY C 124 18.09 -12.39 -6.45
CA GLY C 124 18.65 -11.06 -6.57
C GLY C 124 17.63 -9.94 -6.45
N GLY C 125 16.35 -10.28 -6.28
CA GLY C 125 15.33 -9.26 -6.15
C GLY C 125 15.44 -8.48 -4.85
N ARG C 126 14.77 -7.33 -4.83
CA ARG C 126 14.83 -6.38 -3.72
C ARG C 126 13.43 -5.83 -3.46
N ILE C 127 13.01 -5.86 -2.20
CA ILE C 127 11.78 -5.23 -1.76
C ILE C 127 12.13 -4.24 -0.67
N LEU C 128 11.70 -3.00 -0.83
CA LEU C 128 11.99 -1.92 0.12
C LEU C 128 10.67 -1.27 0.52
N ILE C 129 10.48 -1.07 1.82
CA ILE C 129 9.28 -0.41 2.36
C ILE C 129 9.73 0.85 3.06
N ILE C 130 9.03 1.96 2.81
CA ILE C 130 9.33 3.21 3.50
C ILE C 130 8.50 3.23 4.77
N GLY C 131 9.19 3.01 5.90
CA GLY C 131 8.59 3.02 7.22
C GLY C 131 8.75 4.40 7.80
N SER C 132 9.16 4.46 9.08
CA SER C 132 9.35 5.74 9.74
C SER C 132 10.14 5.48 11.02
N VAL C 133 10.92 6.47 11.43
CA VAL C 133 11.54 6.39 12.74
C VAL C 133 10.48 6.31 13.84
N ASN C 134 9.25 6.75 13.54
CA ASN C 134 8.17 6.62 14.51
C ASN C 134 7.74 5.18 14.75
N GLY C 135 8.25 4.22 13.96
CA GLY C 135 8.09 2.84 14.34
C GLY C 135 8.90 2.44 15.56
N ASP C 136 9.95 3.20 15.89
CA ASP C 136 10.82 2.93 17.03
C ASP C 136 10.65 3.91 18.18
N ARG C 137 10.42 5.19 17.90
CA ARG C 137 10.54 6.23 18.91
C ARG C 137 9.26 6.39 19.72
N MET C 138 9.34 7.14 20.81
CA MET C 138 8.16 7.47 21.57
C MET C 138 7.34 8.51 20.79
N PRO C 139 6.17 8.16 20.26
CA PRO C 139 5.42 9.11 19.42
C PRO C 139 4.83 10.25 20.24
N VAL C 140 4.80 11.45 19.64
CA VAL C 140 4.11 12.58 20.24
C VAL C 140 2.63 12.23 20.30
N ALA C 141 1.87 12.98 21.08
CA ALA C 141 0.43 12.79 21.06
C ALA C 141 -0.09 12.97 19.64
N GLY C 142 -1.16 12.25 19.34
CA GLY C 142 -1.86 12.48 18.09
C GLY C 142 -1.42 11.65 16.91
N MET C 143 -0.52 10.67 17.09
CA MET C 143 -0.12 9.83 15.97
C MET C 143 -0.01 8.37 16.39
N ALA C 144 -0.88 7.93 17.30
CA ALA C 144 -0.77 6.57 17.83
C ALA C 144 -1.01 5.54 16.73
N ALA C 145 -2.07 5.70 15.95
CA ALA C 145 -2.34 4.74 14.87
C ALA C 145 -1.24 4.78 13.80
N TYR C 146 -0.76 5.97 13.45
CA TYR C 146 0.35 6.06 12.49
C TYR C 146 1.58 5.31 13.00
N ALA C 147 1.94 5.56 14.27
CA ALA C 147 3.11 4.89 14.84
C ALA C 147 2.91 3.39 14.86
N ALA C 148 1.71 2.93 15.21
CA ALA C 148 1.41 1.51 15.15
C ALA C 148 1.64 0.96 13.74
N SER C 149 1.21 1.70 12.72
CA SER C 149 1.35 1.20 11.36
C SER C 149 2.81 1.10 10.97
N LYS C 150 3.66 1.99 11.50
CA LYS C 150 5.07 1.94 11.14
C LYS C 150 5.84 0.89 11.93
N SER C 151 5.44 0.63 13.19
CA SER C 151 6.03 -0.47 13.93
C SER C 151 5.61 -1.82 13.36
N ALA C 152 4.41 -1.90 12.78
CA ALA C 152 3.94 -3.13 12.16
C ALA C 152 4.92 -3.63 11.10
N LEU C 153 5.55 -2.69 10.39
CA LEU C 153 6.45 -3.03 9.30
C LEU C 153 7.70 -3.74 9.79
N GLN C 154 8.05 -3.59 11.07
CA GLN C 154 9.27 -4.19 11.58
C GLN C 154 9.12 -5.71 11.66
N GLY C 155 8.08 -6.19 12.37
CA GLY C 155 7.80 -7.61 12.38
C GLY C 155 7.51 -8.13 10.99
N MET C 156 6.84 -7.32 10.18
CA MET C 156 6.54 -7.72 8.81
C MET C 156 7.82 -8.04 8.04
N ALA C 157 8.78 -7.13 8.06
CA ALA C 157 10.02 -7.30 7.29
C ALA C 157 10.88 -8.41 7.86
N ARG C 158 10.97 -8.53 9.19
CA ARG C 158 11.73 -9.63 9.74
C ARG C 158 11.14 -10.97 9.31
N GLY C 159 9.80 -11.10 9.36
CA GLY C 159 9.18 -12.38 9.01
C GLY C 159 9.26 -12.66 7.51
N LEU C 160 8.94 -11.67 6.69
CA LEU C 160 9.01 -11.88 5.26
C LEU C 160 10.43 -12.12 4.80
N ALA C 161 11.42 -11.58 5.51
CA ALA C 161 12.81 -11.88 5.10
C ALA C 161 13.05 -13.38 5.11
N ARG C 162 12.49 -14.07 6.11
CA ARG C 162 12.72 -15.50 6.20
C ARG C 162 11.85 -16.25 5.20
N ASP C 163 10.63 -15.78 4.98
CA ASP C 163 9.81 -16.38 3.91
C ASP C 163 10.47 -16.25 2.53
N PHE C 164 11.15 -15.13 2.29
CA PHE C 164 11.70 -14.82 0.97
C PHE C 164 13.15 -15.24 0.81
N GLY C 165 13.83 -15.59 1.90
CA GLY C 165 15.22 -15.99 1.83
C GLY C 165 15.49 -17.07 0.80
N PRO C 166 14.72 -18.16 0.83
CA PRO C 166 14.94 -19.23 -0.15
C PRO C 166 14.82 -18.78 -1.60
N ARG C 167 14.15 -17.66 -1.85
CA ARG C 167 13.93 -17.17 -3.21
C ARG C 167 14.99 -16.16 -3.63
N GLY C 168 15.99 -15.92 -2.79
CA GLY C 168 17.03 -14.99 -3.14
C GLY C 168 16.61 -13.54 -3.14
N ILE C 169 15.55 -13.20 -2.41
CA ILE C 169 15.01 -11.85 -2.34
C ILE C 169 15.29 -11.28 -0.96
N THR C 170 15.76 -10.03 -0.90
CA THR C 170 15.90 -9.33 0.39
C THR C 170 14.73 -8.38 0.56
N ILE C 171 14.39 -8.10 1.82
CA ILE C 171 13.35 -7.12 2.14
C ILE C 171 13.84 -6.29 3.33
N ASN C 172 13.75 -4.97 3.21
CA ASN C 172 14.28 -4.05 4.21
C ASN C 172 13.32 -2.89 4.36
N VAL C 173 13.34 -2.26 5.53
CA VAL C 173 12.52 -1.09 5.83
C VAL C 173 13.47 0.08 6.03
N VAL C 174 13.23 1.18 5.32
CA VAL C 174 13.95 2.43 5.52
C VAL C 174 13.09 3.30 6.42
N GLN C 175 13.69 3.84 7.49
CA GLN C 175 12.96 4.59 8.52
C GLN C 175 13.45 6.03 8.56
N PRO C 176 12.81 6.94 7.81
CA PRO C 176 13.26 8.34 7.83
C PRO C 176 12.81 9.09 9.08
N GLY C 177 13.61 10.08 9.44
CA GLY C 177 13.19 11.15 10.33
C GLY C 177 12.52 12.25 9.50
N PRO C 178 12.52 13.49 9.99
CA PRO C 178 11.85 14.57 9.25
C PRO C 178 12.51 14.77 7.88
N ILE C 179 11.71 14.63 6.84
CA ILE C 179 12.12 14.83 5.46
C ILE C 179 11.26 15.95 4.86
N ASP C 180 11.88 16.85 4.11
CA ASP C 180 11.20 17.99 3.51
C ASP C 180 10.28 17.53 2.38
N THR C 181 8.96 17.46 2.66
CA THR C 181 7.97 17.03 1.68
C THR C 181 6.72 17.86 1.89
N ASP C 182 5.73 17.63 1.04
CA ASP C 182 4.43 18.26 1.22
C ASP C 182 3.84 17.96 2.59
N ALA C 183 4.05 16.73 3.08
CA ALA C 183 3.52 16.28 4.36
C ALA C 183 4.34 16.79 5.55
N ASN C 184 5.58 17.24 5.33
CA ASN C 184 6.45 17.68 6.41
C ASN C 184 7.37 18.77 5.87
N PRO C 185 6.82 19.96 5.58
CA PRO C 185 7.60 21.00 4.92
C PRO C 185 8.69 21.57 5.83
N ALA C 186 9.89 21.72 5.26
CA ALA C 186 11.01 22.21 6.06
C ALA C 186 10.76 23.63 6.57
N ASN C 187 9.92 24.40 5.89
CA ASN C 187 9.58 25.76 6.29
C ASN C 187 8.27 25.84 7.08
N GLY C 188 7.69 24.70 7.45
CA GLY C 188 6.44 24.68 8.18
C GLY C 188 6.58 25.12 9.63
N PRO C 189 5.45 25.28 10.31
CA PRO C 189 5.49 25.81 11.69
C PRO C 189 6.15 24.88 12.70
N MET C 190 6.29 23.59 12.40
CA MET C 190 6.93 22.64 13.30
C MET C 190 8.44 22.59 13.14
N ARG C 191 9.02 23.40 12.26
CA ARG C 191 10.45 23.34 11.94
C ARG C 191 11.30 23.40 13.19
N ASP C 192 11.15 24.47 13.99
CA ASP C 192 12.08 24.69 15.09
C ASP C 192 11.98 23.61 16.15
N MET C 193 10.76 23.19 16.48
CA MET C 193 10.60 22.12 17.47
C MET C 193 11.29 20.84 17.00
N LEU C 194 11.05 20.46 15.75
CA LEU C 194 11.66 19.26 15.19
C LEU C 194 13.18 19.34 15.27
N HIS C 195 13.74 20.47 14.84
CA HIS C 195 15.20 20.59 14.88
C HIS C 195 15.72 20.64 16.31
N SER C 196 14.93 21.13 17.26
CA SER C 196 15.33 21.08 18.66
C SER C 196 15.45 19.65 19.14
N LEU C 197 14.85 18.68 18.42
CA LEU C 197 14.97 17.28 18.83
C LEU C 197 16.07 16.48 18.11
N MET C 198 16.97 17.15 17.36
CA MET C 198 17.84 16.45 16.43
C MET C 198 19.30 16.83 16.62
N ALA C 199 20.18 15.87 16.29
CA ALA C 199 21.61 16.15 16.24
C ALA C 199 21.98 16.87 14.95
N ILE C 200 21.35 16.52 13.83
CA ILE C 200 21.57 17.19 12.55
C ILE C 200 20.38 18.11 12.32
N LYS C 201 20.58 19.42 12.48
CA LYS C 201 19.45 20.33 12.67
C LYS C 201 18.96 20.87 11.32
N ARG C 202 18.37 19.94 10.58
CA ARG C 202 17.77 20.22 9.27
C ARG C 202 16.81 19.10 8.94
N HIS C 203 15.87 19.39 8.05
CA HIS C 203 15.12 18.30 7.45
C HIS C 203 16.03 17.55 6.49
N GLY C 204 15.83 16.24 6.39
CA GLY C 204 16.44 15.49 5.32
C GLY C 204 15.82 15.85 3.99
N GLN C 205 16.55 15.56 2.90
CA GLN C 205 16.00 15.76 1.58
C GLN C 205 15.45 14.44 1.04
N PRO C 206 14.35 14.48 0.27
CA PRO C 206 13.85 13.25 -0.36
C PRO C 206 14.93 12.49 -1.11
N GLU C 207 15.86 13.21 -1.73
CA GLU C 207 16.95 12.56 -2.47
C GLU C 207 17.82 11.72 -1.55
N GLU C 208 17.94 12.07 -0.25
CA GLU C 208 18.77 11.30 0.66
C GLU C 208 18.12 9.96 1.01
N VAL C 209 16.79 9.96 1.20
CA VAL C 209 16.09 8.70 1.36
C VAL C 209 16.28 7.85 0.11
N ALA C 210 16.16 8.47 -1.06
CA ALA C 210 16.35 7.72 -2.30
C ALA C 210 17.75 7.14 -2.39
N GLY C 211 18.76 7.85 -1.88
CA GLY C 211 20.13 7.34 -1.92
C GLY C 211 20.31 6.11 -1.05
N MET C 212 19.68 6.11 0.13
CA MET C 212 19.72 4.90 0.98
C MET C 212 18.97 3.74 0.31
N VAL C 213 17.79 4.01 -0.25
CA VAL C 213 17.07 2.98 -1.00
C VAL C 213 17.94 2.40 -2.11
N ALA C 214 18.64 3.28 -2.84
CA ALA C 214 19.44 2.83 -3.97
C ALA C 214 20.58 1.93 -3.52
N TRP C 215 21.20 2.23 -2.35
CA TRP C 215 22.25 1.33 -1.89
C TRP C 215 21.67 -0.03 -1.52
N LEU C 216 20.55 -0.01 -0.78
CA LEU C 216 19.93 -1.28 -0.38
C LEU C 216 19.43 -2.08 -1.57
N ALA C 217 19.03 -1.42 -2.65
CA ALA C 217 18.55 -2.13 -3.83
C ALA C 217 19.67 -2.68 -4.67
N GLY C 218 20.92 -2.35 -4.36
CA GLY C 218 22.01 -2.72 -5.22
C GLY C 218 22.69 -4.02 -4.83
N PRO C 219 23.73 -4.39 -5.58
CA PRO C 219 24.36 -5.70 -5.41
C PRO C 219 25.25 -5.81 -4.18
N GLU C 220 25.60 -4.69 -3.52
CA GLU C 220 26.40 -4.76 -2.32
C GLU C 220 25.57 -5.13 -1.09
N ALA C 221 24.25 -5.22 -1.21
CA ALA C 221 23.38 -5.42 -0.05
C ALA C 221 22.70 -6.79 -0.06
N SER C 222 23.30 -7.79 -0.70
CA SER C 222 22.63 -9.08 -0.79
C SER C 222 22.60 -9.83 0.54
N PHE C 223 23.44 -9.44 1.51
CA PHE C 223 23.41 -10.02 2.85
C PHE C 223 22.56 -9.19 3.81
N VAL C 224 21.95 -8.12 3.33
CA VAL C 224 21.19 -7.20 4.18
C VAL C 224 19.70 -7.51 3.98
N THR C 225 19.04 -8.05 5.00
CA THR C 225 17.62 -8.36 4.85
C THR C 225 16.98 -8.46 6.23
N GLY C 226 15.68 -8.20 6.27
CA GLY C 226 14.96 -8.22 7.52
C GLY C 226 15.31 -7.10 8.47
N ALA C 227 15.95 -6.04 7.99
CA ALA C 227 16.52 -5.02 8.85
C ALA C 227 15.86 -3.66 8.64
N MET C 228 15.96 -2.83 9.68
CA MET C 228 15.39 -1.49 9.70
C MET C 228 16.55 -0.49 9.64
N HIS C 229 16.50 0.44 8.69
CA HIS C 229 17.61 1.34 8.38
C HIS C 229 17.14 2.77 8.59
N THR C 230 17.70 3.41 9.61
CA THR C 230 17.19 4.69 10.09
C THR C 230 18.03 5.83 9.53
N ILE C 231 17.34 6.81 8.94
CA ILE C 231 17.99 7.97 8.33
C ILE C 231 17.23 9.19 8.85
N ASP C 232 17.63 9.69 10.03
CA ASP C 232 16.79 10.59 10.82
C ASP C 232 17.55 11.73 11.48
N GLY C 233 18.84 11.89 11.21
CA GLY C 233 19.57 12.97 11.87
C GLY C 233 19.64 12.82 13.37
N ALA C 234 19.48 11.60 13.89
CA ALA C 234 19.41 11.27 15.32
C ALA C 234 18.29 12.08 16.01
N PHE C 235 17.07 11.68 15.69
CA PHE C 235 15.88 12.38 16.14
C PHE C 235 15.39 11.79 17.45
N GLY C 236 15.10 12.67 18.42
CA GLY C 236 14.44 12.19 19.62
C GLY C 236 14.99 12.64 20.95
N ALA C 237 15.96 13.54 20.97
CA ALA C 237 16.54 14.03 22.22
C ALA C 237 16.39 15.53 22.27
N LEU C 238 15.94 16.05 23.40
CA LEU C 238 15.65 17.47 23.49
C LEU C 238 16.91 18.28 23.74
N GLU C 239 17.02 19.38 22.99
CA GLU C 239 18.10 20.35 23.16
C GLU C 239 18.11 20.91 24.58
N HIS C 240 19.29 20.99 25.19
CA HIS C 240 19.45 21.58 26.52
C HIS C 240 20.90 22.02 26.69
N HIS C 241 21.19 22.62 27.87
CA HIS C 241 22.56 23.04 28.21
C HIS C 241 22.88 22.76 29.67
N HIS C 242 22.21 21.78 30.28
CA HIS C 242 22.43 21.50 31.69
C HIS C 242 23.79 20.85 31.96
N HIS C 243 24.49 20.41 30.92
CA HIS C 243 25.79 19.78 31.07
C HIS C 243 26.94 20.77 30.91
N HIS C 244 26.66 22.07 30.93
CA HIS C 244 27.71 23.09 30.91
C HIS C 244 27.73 23.86 32.21
N GLY D 2 38.29 7.68 -7.61
CA GLY D 2 38.43 7.58 -6.19
C GLY D 2 37.32 8.21 -5.37
N ALA D 3 36.37 7.37 -4.91
CA ALA D 3 35.29 7.85 -4.05
C ALA D 3 35.82 8.51 -2.79
N PHE D 4 37.03 8.16 -2.35
CA PHE D 4 37.57 8.77 -1.15
C PHE D 4 38.93 9.41 -1.39
N THR D 5 39.22 9.76 -2.64
CA THR D 5 40.45 10.48 -2.94
C THR D 5 40.52 11.75 -2.09
N GLY D 6 41.70 12.00 -1.51
CA GLY D 6 41.88 13.15 -0.68
C GLY D 6 41.43 13.00 0.77
N LYS D 7 40.85 11.86 1.15
CA LYS D 7 40.43 11.69 2.54
C LYS D 7 41.44 10.87 3.32
N THR D 8 41.60 11.22 4.60
CA THR D 8 42.46 10.48 5.52
C THR D 8 41.63 9.54 6.37
N VAL D 9 42.05 8.28 6.45
CA VAL D 9 41.31 7.21 7.11
C VAL D 9 42.23 6.53 8.12
N LEU D 10 41.72 6.32 9.34
CA LEU D 10 42.41 5.52 10.34
C LEU D 10 41.50 4.36 10.74
N ILE D 11 42.01 3.15 10.64
CA ILE D 11 41.23 1.95 10.96
C ILE D 11 41.91 1.30 12.15
N LEU D 12 41.22 1.27 13.28
CA LEU D 12 41.76 0.60 14.46
C LEU D 12 41.46 -0.89 14.36
N GLY D 13 42.52 -1.71 14.32
CA GLY D 13 42.37 -3.14 14.10
C GLY D 13 42.18 -3.52 12.64
N GLY D 14 43.16 -3.25 11.79
CA GLY D 14 43.00 -3.50 10.37
C GLY D 14 43.80 -4.65 9.79
N SER D 15 44.45 -5.45 10.61
CA SER D 15 45.42 -6.39 10.06
C SER D 15 44.80 -7.64 9.44
N ARG D 16 43.59 -8.04 9.85
CA ARG D 16 42.98 -9.29 9.41
C ARG D 16 41.47 -9.08 9.29
N GLY D 17 40.82 -10.02 8.59
CA GLY D 17 39.37 -10.14 8.63
C GLY D 17 38.63 -8.92 8.11
N ILE D 18 37.55 -8.56 8.84
CA ILE D 18 36.74 -7.42 8.45
C ILE D 18 37.60 -6.17 8.34
N GLY D 19 38.46 -5.92 9.34
CA GLY D 19 39.28 -4.72 9.33
C GLY D 19 40.16 -4.63 8.09
N ALA D 20 40.77 -5.77 7.71
CA ALA D 20 41.62 -5.78 6.52
C ALA D 20 40.81 -5.51 5.26
N ALA D 21 39.58 -6.04 5.19
CA ALA D 21 38.72 -5.74 4.06
C ALA D 21 38.39 -4.26 3.99
N ILE D 22 38.21 -3.61 5.16
CA ILE D 22 37.95 -2.19 5.20
C ILE D 22 39.19 -1.40 4.74
N VAL D 23 40.38 -1.82 5.16
CA VAL D 23 41.61 -1.21 4.65
C VAL D 23 41.63 -1.28 3.12
N ARG D 24 41.43 -2.48 2.56
CA ARG D 24 41.55 -2.65 1.12
C ARG D 24 40.53 -1.80 0.39
N ARG D 25 39.31 -1.72 0.93
CA ARG D 25 38.27 -0.94 0.25
C ARG D 25 38.65 0.54 0.21
N PHE D 26 39.06 1.10 1.35
CA PHE D 26 39.41 2.52 1.34
C PHE D 26 40.64 2.79 0.48
N VAL D 27 41.61 1.87 0.46
CA VAL D 27 42.76 2.07 -0.43
C VAL D 27 42.31 2.09 -1.89
N THR D 28 41.51 1.09 -2.27
CA THR D 28 41.01 1.05 -3.64
C THR D 28 40.24 2.30 -4.01
N ASP D 29 39.50 2.86 -3.05
CA ASP D 29 38.73 4.07 -3.29
C ASP D 29 39.56 5.33 -3.21
N GLY D 30 40.88 5.21 -3.03
CA GLY D 30 41.77 6.33 -3.17
C GLY D 30 42.13 7.07 -1.90
N ALA D 31 41.75 6.57 -0.72
CA ALA D 31 42.01 7.26 0.53
C ALA D 31 43.46 7.07 0.97
N ASN D 32 43.89 7.99 1.83
CA ASN D 32 45.15 7.90 2.58
C ASN D 32 44.85 7.12 3.86
N VAL D 33 45.36 5.88 3.95
CA VAL D 33 44.88 4.90 4.92
C VAL D 33 46.00 4.50 5.87
N ARG D 34 45.71 4.57 7.16
CA ARG D 34 46.55 4.08 8.23
C ARG D 34 45.73 3.07 9.01
N PHE D 35 46.36 2.03 9.52
CA PHE D 35 45.59 1.08 10.32
C PHE D 35 46.47 0.52 11.42
N THR D 36 45.83 0.07 12.50
CA THR D 36 46.59 -0.47 13.63
C THR D 36 46.52 -1.98 13.67
N TYR D 37 47.52 -2.55 14.35
CA TYR D 37 47.58 -3.97 14.65
C TYR D 37 48.17 -4.15 16.02
N ALA D 38 48.03 -5.34 16.56
CA ALA D 38 48.67 -5.65 17.82
C ALA D 38 49.35 -7.01 17.74
N GLY D 39 48.56 -8.06 17.57
CA GLY D 39 49.15 -9.39 17.61
C GLY D 39 49.58 -9.96 16.27
N SER D 40 49.21 -9.33 15.17
CA SER D 40 49.44 -9.91 13.85
C SER D 40 50.37 -9.05 13.00
N LYS D 41 51.61 -8.88 13.47
CA LYS D 41 52.54 -7.97 12.81
C LYS D 41 52.87 -8.43 11.38
N ASP D 42 53.10 -9.73 11.18
CA ASP D 42 53.41 -10.23 9.84
C ASP D 42 52.25 -9.98 8.88
N ALA D 43 51.02 -10.27 9.31
CA ALA D 43 49.87 -10.02 8.44
C ALA D 43 49.74 -8.54 8.14
N ALA D 44 49.94 -7.70 9.15
CA ALA D 44 49.83 -6.26 8.96
C ALA D 44 50.84 -5.75 7.95
N LYS D 45 52.08 -6.21 8.07
CA LYS D 45 53.11 -5.77 7.15
C LYS D 45 52.83 -6.24 5.74
N ARG D 46 52.33 -7.47 5.59
CA ARG D 46 51.99 -7.93 4.24
C ARG D 46 50.87 -7.08 3.65
N LEU D 47 49.84 -6.79 4.46
CA LEU D 47 48.74 -5.98 3.97
C LEU D 47 49.20 -4.59 3.53
N ALA D 48 50.04 -3.97 4.36
CA ALA D 48 50.60 -2.67 4.01
C ALA D 48 51.41 -2.75 2.73
N GLN D 49 52.27 -3.78 2.60
CA GLN D 49 53.11 -3.85 1.40
C GLN D 49 52.31 -4.13 0.14
N GLU D 50 51.17 -4.81 0.28
CA GLU D 50 50.30 -5.08 -0.86
C GLU D 50 49.55 -3.83 -1.31
N THR D 51 49.16 -2.97 -0.35
CA THR D 51 48.24 -1.86 -0.63
C THR D 51 48.87 -0.48 -0.64
N GLY D 52 50.00 -0.29 0.02
CA GLY D 52 50.55 1.04 0.21
C GLY D 52 49.99 1.77 1.41
N ALA D 53 49.07 1.16 2.14
CA ALA D 53 48.62 1.71 3.42
C ALA D 53 49.72 1.53 4.47
N THR D 54 49.60 2.29 5.56
CA THR D 54 50.57 2.29 6.64
C THR D 54 50.05 1.54 7.86
N ALA D 55 50.82 0.57 8.32
CA ALA D 55 50.52 -0.23 9.50
C ALA D 55 51.21 0.34 10.73
N VAL D 56 50.47 0.42 11.83
CA VAL D 56 50.97 1.01 13.06
C VAL D 56 50.62 0.10 14.21
N PHE D 57 51.61 -0.21 15.05
CA PHE D 57 51.30 -1.00 16.22
C PHE D 57 50.55 -0.14 17.24
N THR D 58 49.42 -0.67 17.72
CA THR D 58 48.75 -0.09 18.89
C THR D 58 47.82 -1.14 19.47
N ASP D 59 47.99 -1.42 20.76
CA ASP D 59 47.12 -2.35 21.50
C ASP D 59 45.87 -1.61 21.96
N SER D 60 44.72 -1.99 21.41
CA SER D 60 43.45 -1.35 21.77
C SER D 60 43.05 -1.56 23.22
N ALA D 61 43.68 -2.48 23.95
CA ALA D 61 43.40 -2.64 25.36
C ALA D 61 44.05 -1.54 26.21
N ASP D 62 44.90 -0.70 25.62
CA ASP D 62 45.65 0.34 26.31
C ASP D 62 45.03 1.68 25.95
N ARG D 63 44.26 2.27 26.88
CA ARG D 63 43.51 3.49 26.56
C ARG D 63 44.41 4.61 26.07
N ASP D 64 45.47 4.87 26.79
CA ASP D 64 46.32 6.00 26.42
C ASP D 64 47.00 5.77 25.09
N ALA D 65 47.29 4.49 24.74
CA ALA D 65 47.87 4.20 23.42
C ALA D 65 46.87 4.44 22.30
N VAL D 66 45.60 4.06 22.52
CA VAL D 66 44.53 4.33 21.56
C VAL D 66 44.37 5.83 21.36
N ILE D 67 44.29 6.56 22.46
CA ILE D 67 44.15 8.01 22.36
C ILE D 67 45.34 8.58 21.62
N ASP D 68 46.53 8.08 21.91
CA ASP D 68 47.71 8.66 21.28
C ASP D 68 47.74 8.39 19.78
N VAL D 69 47.37 7.19 19.33
CA VAL D 69 47.47 6.93 17.89
C VAL D 69 46.44 7.77 17.13
N VAL D 70 45.23 7.92 17.70
CA VAL D 70 44.25 8.79 17.04
C VAL D 70 44.76 10.24 17.00
N ARG D 71 45.28 10.72 18.13
CA ARG D 71 45.78 12.09 18.16
C ARG D 71 46.89 12.28 17.14
N LYS D 72 47.78 11.30 17.02
CA LYS D 72 48.92 11.48 16.11
C LYS D 72 48.49 11.50 14.66
N SER D 73 47.29 11.00 14.34
CA SER D 73 46.79 11.18 12.98
C SER D 73 46.42 12.63 12.62
N GLY D 74 46.35 13.55 13.58
CA GLY D 74 45.98 14.88 13.14
C GLY D 74 44.50 14.94 12.78
N ALA D 75 44.17 15.83 11.84
CA ALA D 75 42.78 15.96 11.40
C ALA D 75 42.43 14.75 10.54
N LEU D 76 41.54 13.91 11.04
CA LEU D 76 41.08 12.73 10.33
C LEU D 76 39.74 13.01 9.66
N ASP D 77 39.57 12.50 8.44
CA ASP D 77 38.25 12.56 7.81
C ASP D 77 37.37 11.42 8.26
N ILE D 78 37.94 10.22 8.46
CA ILE D 78 37.18 9.00 8.77
C ILE D 78 37.92 8.18 9.80
N LEU D 79 37.22 7.79 10.87
CA LEU D 79 37.73 6.83 11.84
C LEU D 79 36.85 5.60 11.78
N VAL D 80 37.46 4.43 11.63
CA VAL D 80 36.74 3.16 11.74
C VAL D 80 37.33 2.41 12.92
N VAL D 81 36.49 2.07 13.90
CA VAL D 81 36.91 1.28 15.05
C VAL D 81 36.42 -0.14 14.79
N ASN D 82 37.33 -1.02 14.39
CA ASN D 82 36.99 -2.41 14.05
C ASN D 82 37.39 -3.40 15.12
N ALA D 83 38.55 -3.19 15.74
CA ALA D 83 39.12 -4.12 16.71
C ALA D 83 38.07 -4.56 17.73
N GLY D 84 38.01 -5.85 17.96
CA GLY D 84 37.09 -6.40 18.94
C GLY D 84 37.50 -7.83 19.19
N ILE D 85 37.26 -8.34 20.39
CA ILE D 85 37.57 -9.73 20.70
C ILE D 85 36.33 -10.42 21.25
N GLY D 86 36.34 -11.74 21.13
CA GLY D 86 35.35 -12.59 21.76
C GLY D 86 36.02 -13.45 22.83
N VAL D 87 35.38 -13.53 23.99
CA VAL D 87 35.74 -14.44 25.05
C VAL D 87 34.48 -15.24 25.33
N PHE D 88 34.48 -16.52 24.99
CA PHE D 88 33.27 -17.33 24.98
C PHE D 88 33.41 -18.53 25.91
N GLY D 89 32.30 -18.90 26.54
CA GLY D 89 32.24 -20.02 27.45
C GLY D 89 31.19 -19.75 28.51
N GLU D 90 30.99 -20.75 29.37
CA GLU D 90 30.06 -20.58 30.49
C GLU D 90 30.57 -19.45 31.38
N ALA D 91 29.68 -18.53 31.74
CA ALA D 91 30.15 -17.35 32.46
C ALA D 91 30.85 -17.74 33.77
N LEU D 92 30.40 -18.79 34.45
CA LEU D 92 31.02 -19.14 35.73
C LEU D 92 32.39 -19.79 35.56
N GLU D 93 32.83 -20.04 34.34
CA GLU D 93 34.15 -20.60 34.10
C GLU D 93 35.14 -19.61 33.52
N LEU D 94 34.68 -18.45 33.05
CA LEU D 94 35.54 -17.52 32.35
C LEU D 94 36.39 -16.72 33.34
N ASN D 95 37.63 -16.41 32.92
CA ASN D 95 38.55 -15.67 33.76
C ASN D 95 38.19 -14.17 33.79
N ALA D 96 38.12 -13.59 34.98
CA ALA D 96 37.67 -12.20 35.11
C ALA D 96 38.59 -11.21 34.40
N ASP D 97 39.90 -11.49 34.38
CA ASP D 97 40.82 -10.59 33.69
C ASP D 97 40.61 -10.62 32.18
N ASP D 98 40.30 -11.80 31.61
CA ASP D 98 40.00 -11.90 30.20
C ASP D 98 38.74 -11.12 29.87
N ILE D 99 37.72 -11.23 30.73
CA ILE D 99 36.50 -10.49 30.53
C ILE D 99 36.77 -9.00 30.56
N ASP D 100 37.54 -8.53 31.55
CA ASP D 100 37.81 -7.10 31.62
C ASP D 100 38.62 -6.61 30.43
N ARG D 101 39.53 -7.46 29.89
CA ARG D 101 40.22 -7.06 28.65
C ARG D 101 39.23 -6.93 27.50
N LEU D 102 38.26 -7.85 27.43
CA LEU D 102 37.20 -7.72 26.43
C LEU D 102 36.46 -6.40 26.59
N PHE D 103 36.09 -6.03 27.82
CA PHE D 103 35.40 -4.76 28.01
C PHE D 103 36.30 -3.59 27.58
N LYS D 104 37.60 -3.68 27.88
CA LYS D 104 38.49 -2.56 27.53
C LYS D 104 38.60 -2.39 26.02
N ILE D 105 38.71 -3.49 25.29
CA ILE D 105 38.85 -3.41 23.84
C ILE D 105 37.51 -3.07 23.16
N ASN D 106 36.42 -3.73 23.59
CA ASN D 106 35.17 -3.66 22.86
C ASN D 106 34.31 -2.46 23.23
N ILE D 107 34.47 -1.93 24.46
CA ILE D 107 33.69 -0.79 24.97
C ILE D 107 34.55 0.45 25.13
N HIS D 108 35.61 0.35 25.94
CA HIS D 108 36.36 1.56 26.29
C HIS D 108 37.07 2.15 25.06
N ALA D 109 37.73 1.29 24.28
CA ALA D 109 38.51 1.78 23.14
C ALA D 109 37.64 2.51 22.12
N PRO D 110 36.48 1.98 21.69
CA PRO D 110 35.65 2.76 20.74
C PRO D 110 35.24 4.13 21.27
N TYR D 111 34.91 4.20 22.56
CA TYR D 111 34.51 5.47 23.16
C TYR D 111 35.67 6.46 23.11
N HIS D 112 36.83 6.07 23.64
CA HIS D 112 37.93 7.03 23.73
C HIS D 112 38.51 7.38 22.36
N ALA D 113 38.51 6.43 21.43
CA ALA D 113 38.98 6.71 20.08
C ALA D 113 38.06 7.71 19.40
N SER D 114 36.74 7.54 19.56
CA SER D 114 35.76 8.42 18.93
C SER D 114 35.88 9.85 19.46
N VAL D 115 35.92 10.00 20.79
CA VAL D 115 36.05 11.33 21.37
C VAL D 115 37.35 11.99 20.90
N GLU D 116 38.46 11.23 20.95
CA GLU D 116 39.72 11.85 20.55
C GLU D 116 39.68 12.28 19.09
N ALA D 117 39.15 11.42 18.22
CA ALA D 117 39.09 11.78 16.81
C ALA D 117 38.28 13.05 16.61
N ALA D 118 37.17 13.19 17.37
CA ALA D 118 36.33 14.37 17.18
C ALA D 118 37.03 15.66 17.57
N ARG D 119 38.11 15.60 18.36
CA ARG D 119 38.78 16.85 18.68
C ARG D 119 39.29 17.59 17.43
N GLN D 120 39.79 16.87 16.43
CA GLN D 120 40.37 17.51 15.25
C GLN D 120 39.63 17.23 13.95
N MET D 121 38.59 16.42 13.99
CA MET D 121 37.91 16.01 12.78
C MET D 121 37.06 17.16 12.22
N PRO D 122 37.11 17.42 10.93
CA PRO D 122 36.36 18.54 10.35
C PRO D 122 34.88 18.23 10.17
N GLU D 123 34.11 19.28 9.90
CA GLU D 123 32.74 19.08 9.45
C GLU D 123 32.75 18.20 8.21
N GLY D 124 31.84 17.22 8.19
CA GLY D 124 31.88 16.18 7.18
C GLY D 124 32.58 14.92 7.63
N GLY D 125 33.09 14.89 8.85
CA GLY D 125 33.77 13.71 9.35
C GLY D 125 32.81 12.55 9.56
N ARG D 126 33.41 11.36 9.66
CA ARG D 126 32.68 10.11 9.81
C ARG D 126 33.38 9.25 10.84
N ILE D 127 32.61 8.75 11.81
CA ILE D 127 33.10 7.75 12.77
C ILE D 127 32.21 6.52 12.60
N LEU D 128 32.83 5.37 12.34
CA LEU D 128 32.12 4.11 12.19
C LEU D 128 32.68 3.10 13.18
N ILE D 129 31.81 2.39 13.87
CA ILE D 129 32.21 1.39 14.85
C ILE D 129 31.64 0.05 14.40
N ILE D 130 32.46 -0.99 14.43
CA ILE D 130 31.97 -2.32 14.07
C ILE D 130 31.44 -2.98 15.35
N GLY D 131 30.11 -3.08 15.48
CA GLY D 131 29.46 -3.70 16.62
C GLY D 131 29.14 -5.15 16.29
N SER D 132 27.92 -5.59 16.57
CA SER D 132 27.52 -6.96 16.28
C SER D 132 26.01 -7.06 16.35
N VAL D 133 25.46 -7.97 15.55
CA VAL D 133 24.02 -8.23 15.70
C VAL D 133 23.72 -8.79 17.09
N ASN D 134 24.73 -9.35 17.76
CA ASN D 134 24.54 -9.82 19.12
C ASN D 134 24.36 -8.69 20.13
N GLY D 135 24.50 -7.43 19.71
CA GLY D 135 24.07 -6.32 20.52
C GLY D 135 22.55 -6.20 20.62
N ASP D 136 21.82 -6.82 19.69
CA ASP D 136 20.35 -6.79 19.69
C ASP D 136 19.70 -8.13 20.00
N ARG D 137 20.27 -9.23 19.54
N ARG D 137 20.36 -9.23 19.68
CA ARG D 137 19.59 -10.53 19.52
CA ARG D 137 19.85 -10.55 20.01
C ARG D 137 19.69 -11.21 20.88
C ARG D 137 21.03 -11.51 20.05
N MET D 138 18.93 -12.30 21.04
N MET D 138 20.93 -12.52 20.91
CA MET D 138 19.09 -13.12 22.23
CA MET D 138 22.00 -13.48 21.09
C MET D 138 20.34 -13.99 22.08
C MET D 138 21.43 -14.86 20.78
N PRO D 139 21.40 -13.74 22.85
N PRO D 139 21.34 -15.23 19.50
CA PRO D 139 22.66 -14.46 22.63
CA PRO D 139 20.72 -16.51 19.15
C PRO D 139 22.60 -15.90 23.12
C PRO D 139 21.63 -17.71 19.27
N VAL D 140 23.34 -16.77 22.43
N VAL D 140 22.82 -17.54 19.87
CA VAL D 140 23.52 -18.13 22.91
CA VAL D 140 23.74 -18.63 20.19
C VAL D 140 24.29 -18.12 24.24
C VAL D 140 24.39 -18.33 21.53
N ALA D 141 24.17 -19.22 24.97
N ALA D 141 24.14 -19.18 22.52
CA ALA D 141 24.99 -19.43 26.15
CA ALA D 141 24.49 -18.86 23.90
C ALA D 141 26.45 -19.16 25.79
C ALA D 141 26.01 -18.96 24.13
N GLY D 142 27.16 -18.55 26.71
N GLY D 142 26.44 -18.46 25.29
CA GLY D 142 28.59 -18.42 26.61
CA GLY D 142 27.82 -18.54 25.71
C GLY D 142 29.10 -17.14 25.98
C GLY D 142 28.65 -17.36 25.28
N MET D 143 28.23 -16.17 25.68
CA MET D 143 28.77 -14.91 25.13
C MET D 143 28.17 -13.70 25.81
N ALA D 144 27.87 -13.81 27.11
CA ALA D 144 27.16 -12.73 27.76
C ALA D 144 27.99 -11.45 27.80
N ALA D 145 29.26 -11.53 28.20
CA ALA D 145 30.07 -10.32 28.26
C ALA D 145 30.25 -9.72 26.88
N TYR D 146 30.47 -10.57 25.88
CA TYR D 146 30.60 -10.10 24.51
C TYR D 146 29.34 -9.35 24.07
N ALA D 147 28.17 -9.94 24.31
CA ALA D 147 26.91 -9.30 23.93
C ALA D 147 26.75 -7.96 24.65
N ALA D 148 27.07 -7.92 25.96
CA ALA D 148 27.02 -6.66 26.69
C ALA D 148 27.91 -5.62 26.02
N SER D 149 29.11 -6.03 25.61
CA SER D 149 30.02 -5.05 25.02
C SER D 149 29.46 -4.51 23.71
N LYS D 150 28.74 -5.34 22.96
CA LYS D 150 28.22 -4.84 21.69
C LYS D 150 26.92 -4.05 21.86
N SER D 151 26.08 -4.39 22.87
CA SER D 151 24.93 -3.52 23.12
C SER D 151 25.38 -2.16 23.67
N ALA D 152 26.52 -2.10 24.39
CA ALA D 152 27.03 -0.83 24.90
C ALA D 152 27.19 0.20 23.79
N LEU D 153 27.57 -0.27 22.59
CA LEU D 153 27.86 0.61 21.47
C LEU D 153 26.61 1.33 20.99
N GLN D 154 25.44 0.80 21.30
CA GLN D 154 24.19 1.41 20.83
C GLN D 154 23.92 2.72 21.55
N GLY D 155 23.87 2.67 22.89
CA GLY D 155 23.70 3.90 23.65
C GLY D 155 24.86 4.84 23.37
N MET D 156 26.06 4.27 23.20
CA MET D 156 27.24 5.08 22.89
C MET D 156 27.05 5.89 21.62
N ALA D 157 26.65 5.23 20.53
CA ALA D 157 26.51 5.93 19.25
C ALA D 157 25.37 6.92 19.30
N ARG D 158 24.26 6.56 19.96
CA ARG D 158 23.15 7.49 20.05
C ARG D 158 23.57 8.76 20.79
N GLY D 159 24.29 8.60 21.89
CA GLY D 159 24.68 9.77 22.68
C GLY D 159 25.77 10.59 22.01
N LEU D 160 26.77 9.90 21.46
CA LEU D 160 27.84 10.66 20.82
C LEU D 160 27.34 11.35 19.57
N ALA D 161 26.35 10.78 18.88
CA ALA D 161 25.79 11.48 17.74
C ALA D 161 25.32 12.88 18.12
N ARG D 162 24.72 13.01 19.29
CA ARG D 162 24.25 14.33 19.68
C ARG D 162 25.40 15.21 20.12
N ASP D 163 26.41 14.63 20.79
CA ASP D 163 27.58 15.44 21.16
C ASP D 163 28.34 15.93 19.93
N PHE D 164 28.41 15.12 18.88
CA PHE D 164 29.20 15.41 17.68
C PHE D 164 28.39 16.12 16.59
N GLY D 165 27.06 16.14 16.70
CA GLY D 165 26.23 16.80 15.72
C GLY D 165 26.62 18.24 15.41
N PRO D 166 26.80 19.06 16.44
CA PRO D 166 27.21 20.46 16.20
C PRO D 166 28.50 20.58 15.43
N ARG D 167 29.34 19.57 15.47
CA ARG D 167 30.62 19.56 14.77
C ARG D 167 30.50 19.01 13.34
N GLY D 168 29.29 18.67 12.89
CA GLY D 168 29.18 18.16 11.53
C GLY D 168 29.74 16.75 11.34
N ILE D 169 29.84 15.96 12.40
CA ILE D 169 30.37 14.61 12.33
C ILE D 169 29.23 13.63 12.57
N THR D 170 29.16 12.58 11.75
CA THR D 170 28.20 11.49 12.02
C THR D 170 28.92 10.31 12.66
N ILE D 171 28.17 9.53 13.43
CA ILE D 171 28.73 8.33 14.04
C ILE D 171 27.68 7.23 13.94
N ASN D 172 28.08 6.06 13.47
CA ASN D 172 27.17 4.95 13.21
C ASN D 172 27.84 3.64 13.61
N VAL D 173 27.02 2.64 13.94
CA VAL D 173 27.51 1.32 14.31
C VAL D 173 27.02 0.35 13.24
N VAL D 174 27.93 -0.44 12.70
CA VAL D 174 27.61 -1.52 11.77
C VAL D 174 27.53 -2.81 12.57
N GLN D 175 26.45 -3.56 12.41
CA GLN D 175 26.20 -4.77 13.20
C GLN D 175 26.15 -5.99 12.30
N PRO D 176 27.28 -6.69 12.10
CA PRO D 176 27.26 -7.88 11.24
C PRO D 176 26.63 -9.08 11.92
N GLY D 177 26.05 -9.94 11.10
CA GLY D 177 25.81 -11.31 11.50
C GLY D 177 27.07 -12.12 11.26
N PRO D 178 26.94 -13.44 11.06
CA PRO D 178 28.15 -14.27 10.84
C PRO D 178 28.89 -13.85 9.58
N ILE D 179 30.17 -13.52 9.75
CA ILE D 179 31.08 -13.13 8.68
C ILE D 179 32.26 -14.10 8.68
N ASP D 180 32.65 -14.58 7.49
CA ASP D 180 33.72 -15.58 7.37
C ASP D 180 35.07 -14.94 7.71
N THR D 181 35.60 -15.17 8.92
CA THR D 181 36.89 -14.64 9.36
C THR D 181 37.57 -15.68 10.24
N ASP D 182 38.80 -15.37 10.67
CA ASP D 182 39.50 -16.23 11.62
C ASP D 182 38.67 -16.46 12.87
N ALA D 183 37.94 -15.43 13.30
CA ALA D 183 37.15 -15.52 14.52
C ALA D 183 35.84 -16.29 14.34
N ASN D 184 35.36 -16.43 13.10
CA ASN D 184 34.07 -17.07 12.84
C ASN D 184 34.17 -17.73 11.47
N PRO D 185 34.96 -18.78 11.36
CA PRO D 185 35.25 -19.36 10.03
C PRO D 185 34.03 -20.05 9.43
N ALA D 186 33.77 -19.77 8.15
CA ALA D 186 32.65 -20.38 7.48
C ALA D 186 32.76 -21.90 7.43
N ASN D 187 33.96 -22.45 7.55
CA ASN D 187 34.18 -23.89 7.56
C ASN D 187 34.34 -24.44 8.97
N GLY D 188 34.00 -23.66 9.98
CA GLY D 188 34.13 -24.09 11.36
C GLY D 188 32.97 -24.96 11.79
N PRO D 189 33.08 -25.50 13.01
CA PRO D 189 32.08 -26.48 13.49
C PRO D 189 30.70 -25.88 13.71
N MET D 190 30.58 -24.57 13.90
CA MET D 190 29.27 -23.97 14.11
C MET D 190 28.53 -23.67 12.81
N ARG D 191 29.14 -23.98 11.66
CA ARG D 191 28.58 -23.56 10.38
C ARG D 191 27.12 -23.97 10.20
N ASP D 192 26.82 -25.26 10.36
CA ASP D 192 25.46 -25.73 10.11
C ASP D 192 24.46 -25.08 11.07
N MET D 193 24.80 -25.03 12.37
CA MET D 193 23.92 -24.41 13.34
C MET D 193 23.65 -22.94 13.00
N LEU D 194 24.69 -22.20 12.63
CA LEU D 194 24.48 -20.79 12.30
C LEU D 194 23.59 -20.64 11.08
N HIS D 195 23.85 -21.42 10.03
CA HIS D 195 23.03 -21.27 8.83
C HIS D 195 21.58 -21.68 9.06
N SER D 196 21.35 -22.62 9.98
CA SER D 196 19.97 -23.00 10.30
C SER D 196 19.17 -21.87 10.91
N LEU D 197 19.85 -20.82 11.40
CA LEU D 197 19.20 -19.69 12.04
C LEU D 197 19.05 -18.49 11.12
N MET D 198 19.34 -18.66 9.83
CA MET D 198 19.47 -17.52 8.92
C MET D 198 18.56 -17.65 7.72
N ALA D 199 18.13 -16.50 7.21
CA ALA D 199 17.40 -16.47 5.93
C ALA D 199 18.35 -16.63 4.75
N ILE D 200 19.49 -15.94 4.78
CA ILE D 200 20.53 -16.08 3.76
C ILE D 200 21.56 -17.04 4.32
N LYS D 201 21.63 -18.24 3.75
CA LYS D 201 22.31 -19.36 4.43
C LYS D 201 23.77 -19.44 4.00
N ARG D 202 24.53 -18.46 4.48
CA ARG D 202 25.98 -18.39 4.26
C ARG D 202 26.55 -17.41 5.27
N HIS D 203 27.84 -17.55 5.54
CA HIS D 203 28.53 -16.47 6.22
C HIS D 203 28.67 -15.31 5.25
N GLY D 204 28.51 -14.10 5.75
CA GLY D 204 28.83 -12.93 4.96
C GLY D 204 30.32 -12.83 4.73
N GLN D 205 30.69 -11.98 3.74
CA GLN D 205 32.09 -11.73 3.45
C GLN D 205 32.57 -10.44 4.12
N PRO D 206 33.82 -10.39 4.58
CA PRO D 206 34.34 -9.12 5.08
C PRO D 206 34.18 -7.97 4.09
N GLU D 207 34.31 -8.25 2.78
CA GLU D 207 34.11 -7.21 1.78
C GLU D 207 32.69 -6.63 1.81
N GLU D 208 31.69 -7.41 2.23
CA GLU D 208 30.33 -6.87 2.33
C GLU D 208 30.19 -5.91 3.50
N VAL D 209 30.79 -6.25 4.64
CA VAL D 209 30.83 -5.28 5.73
C VAL D 209 31.53 -4.01 5.27
N ALA D 210 32.66 -4.15 4.57
CA ALA D 210 33.37 -2.97 4.09
C ALA D 210 32.51 -2.14 3.15
N GLY D 211 31.64 -2.78 2.37
CA GLY D 211 30.77 -2.02 1.48
C GLY D 211 29.76 -1.18 2.24
N MET D 212 29.20 -1.74 3.31
CA MET D 212 28.29 -0.94 4.13
C MET D 212 29.03 0.21 4.81
N VAL D 213 30.21 -0.06 5.34
CA VAL D 213 31.04 1.00 5.92
C VAL D 213 31.29 2.11 4.90
N ALA D 214 31.63 1.73 3.66
CA ALA D 214 31.96 2.72 2.63
C ALA D 214 30.76 3.60 2.27
N TRP D 215 29.55 3.02 2.25
CA TRP D 215 28.40 3.86 1.98
C TRP D 215 28.18 4.85 3.12
N LEU D 216 28.21 4.37 4.36
CA LEU D 216 28.01 5.27 5.51
C LEU D 216 29.09 6.33 5.61
N ALA D 217 30.31 6.02 5.16
CA ALA D 217 31.39 6.98 5.23
C ALA D 217 31.32 8.03 4.14
N GLY D 218 30.42 7.88 3.17
CA GLY D 218 30.38 8.75 2.03
C GLY D 218 29.40 9.91 2.16
N PRO D 219 29.30 10.69 1.09
CA PRO D 219 28.53 11.94 1.16
C PRO D 219 27.03 11.75 1.13
N GLU D 220 26.56 10.56 0.74
CA GLU D 220 25.12 10.33 0.75
C GLU D 220 24.57 10.03 2.14
N ALA D 221 25.43 9.90 3.15
CA ALA D 221 24.98 9.47 4.47
C ALA D 221 25.11 10.57 5.51
N SER D 222 25.06 11.83 5.07
CA SER D 222 25.27 12.92 6.03
C SER D 222 24.08 13.12 6.97
N PHE D 223 22.91 12.56 6.67
CA PHE D 223 21.76 12.60 7.57
C PHE D 223 21.66 11.34 8.41
N VAL D 224 22.60 10.42 8.25
CA VAL D 224 22.55 9.12 8.93
C VAL D 224 23.49 9.21 10.12
N THR D 225 22.97 9.22 11.34
CA THR D 225 23.84 9.28 12.51
C THR D 225 23.11 8.74 13.73
N GLY D 226 23.89 8.20 14.68
CA GLY D 226 23.31 7.62 15.88
C GLY D 226 22.57 6.33 15.63
N ALA D 227 22.81 5.69 14.51
CA ALA D 227 22.00 4.56 14.05
C ALA D 227 22.80 3.27 13.99
N MET D 228 22.08 2.15 14.10
CA MET D 228 22.66 0.81 14.05
C MET D 228 22.22 0.17 12.74
N HIS D 229 23.19 -0.32 11.96
CA HIS D 229 22.96 -0.82 10.60
C HIS D 229 23.32 -2.30 10.60
N THR D 230 22.31 -3.15 10.43
CA THR D 230 22.48 -4.59 10.61
C THR D 230 22.70 -5.26 9.26
N ILE D 231 23.76 -6.07 9.16
CA ILE D 231 24.09 -6.78 7.94
C ILE D 231 24.33 -8.23 8.34
N ASP D 232 23.24 -9.02 8.41
CA ASP D 232 23.30 -10.28 9.14
C ASP D 232 22.56 -11.43 8.46
N GLY D 233 22.05 -11.26 7.25
CA GLY D 233 21.37 -12.36 6.60
C GLY D 233 20.09 -12.77 7.31
N ALA D 234 19.51 -11.87 8.09
CA ALA D 234 18.34 -12.10 8.94
C ALA D 234 18.58 -13.29 9.87
N PHE D 235 19.43 -13.04 10.85
CA PHE D 235 19.91 -14.08 11.77
C PHE D 235 19.02 -14.11 13.00
N GLY D 236 18.54 -15.30 13.36
CA GLY D 236 17.88 -15.45 14.64
C GLY D 236 16.58 -16.24 14.68
N ALA D 237 16.20 -16.91 13.60
CA ALA D 237 14.98 -17.72 13.56
C ALA D 237 15.34 -19.15 13.18
N LEU D 238 14.78 -20.12 13.91
CA LEU D 238 15.16 -21.51 13.72
C LEU D 238 14.43 -22.12 12.54
N GLU D 239 15.19 -22.83 11.71
CA GLU D 239 14.63 -23.54 10.57
C GLU D 239 13.64 -24.64 10.99
N HIS D 240 12.46 -24.63 10.38
CA HIS D 240 11.47 -25.70 10.56
C HIS D 240 10.95 -26.20 9.21
N HIS D 241 9.95 -27.06 9.23
CA HIS D 241 9.21 -27.38 8.01
C HIS D 241 7.80 -27.85 8.36
N HIS D 242 7.04 -27.01 9.05
CA HIS D 242 5.63 -27.31 9.30
C HIS D 242 4.80 -26.91 8.08
N GLY E 2 -10.23 -76.57 8.44
CA GLY E 2 -11.64 -76.68 8.19
C GLY E 2 -12.41 -75.42 8.57
N ALA E 3 -12.68 -74.57 7.58
CA ALA E 3 -13.42 -73.35 7.87
C ALA E 3 -14.78 -73.62 8.48
N PHE E 4 -15.39 -74.77 8.19
CA PHE E 4 -16.71 -75.08 8.68
C PHE E 4 -16.75 -76.41 9.44
N THR E 5 -15.61 -76.82 9.97
CA THR E 5 -15.56 -78.02 10.79
C THR E 5 -16.52 -77.89 11.97
N GLY E 6 -17.31 -78.94 12.20
CA GLY E 6 -18.23 -78.95 13.32
C GLY E 6 -19.53 -78.24 13.06
N LYS E 7 -19.74 -77.77 11.84
CA LYS E 7 -20.97 -77.09 11.46
C LYS E 7 -21.89 -78.04 10.71
N THR E 8 -23.19 -77.91 10.96
CA THR E 8 -24.21 -78.69 10.28
C THR E 8 -24.84 -77.83 9.19
N VAL E 9 -24.82 -78.32 7.96
CA VAL E 9 -25.27 -77.58 6.79
C VAL E 9 -26.36 -78.38 6.11
N LEU E 10 -27.44 -77.70 5.71
CA LEU E 10 -28.47 -78.31 4.88
C LEU E 10 -28.59 -77.48 3.60
N ILE E 11 -28.50 -78.15 2.46
CA ILE E 11 -28.59 -77.53 1.14
C ILE E 11 -29.82 -78.10 0.45
N LEU E 12 -30.82 -77.25 0.20
CA LEU E 12 -32.00 -77.69 -0.54
C LEU E 12 -31.72 -77.63 -2.03
N GLY E 13 -31.82 -78.76 -2.72
CA GLY E 13 -31.48 -78.83 -4.13
C GLY E 13 -29.99 -78.92 -4.36
N GLY E 14 -29.37 -79.99 -3.89
CA GLY E 14 -27.93 -80.13 -3.97
C GLY E 14 -27.39 -81.15 -4.92
N SER E 15 -28.22 -81.79 -5.74
CA SER E 15 -27.79 -82.93 -6.53
C SER E 15 -27.00 -82.55 -7.78
N ARG E 16 -27.18 -81.34 -8.29
CA ARG E 16 -26.55 -80.94 -9.55
C ARG E 16 -26.19 -79.46 -9.52
N GLY E 17 -25.33 -79.08 -10.47
CA GLY E 17 -25.10 -77.67 -10.75
C GLY E 17 -24.54 -76.87 -9.59
N ILE E 18 -25.09 -75.66 -9.45
CA ILE E 18 -24.66 -74.76 -8.38
C ILE E 18 -24.80 -75.45 -7.03
N GLY E 19 -25.94 -76.11 -6.80
CA GLY E 19 -26.16 -76.75 -5.52
C GLY E 19 -25.11 -77.79 -5.20
N ALA E 20 -24.75 -78.60 -6.20
CA ALA E 20 -23.74 -79.64 -6.00
C ALA E 20 -22.39 -79.02 -5.70
N ALA E 21 -22.06 -77.90 -6.37
CA ALA E 21 -20.81 -77.21 -6.05
C ALA E 21 -20.81 -76.69 -4.62
N ILE E 22 -21.97 -76.26 -4.12
CA ILE E 22 -22.06 -75.80 -2.74
C ILE E 22 -21.89 -76.97 -1.75
N VAL E 23 -22.51 -78.12 -2.05
CA VAL E 23 -22.25 -79.31 -1.25
C VAL E 23 -20.74 -79.60 -1.21
N ARG E 24 -20.10 -79.62 -2.37
CA ARG E 24 -18.69 -79.94 -2.44
C ARG E 24 -17.86 -78.97 -1.62
N ARG E 25 -18.20 -77.67 -1.70
CA ARG E 25 -17.40 -76.66 -1.00
C ARG E 25 -17.52 -76.84 0.51
N PHE E 26 -18.73 -77.05 1.01
CA PHE E 26 -18.85 -77.20 2.46
C PHE E 26 -18.22 -78.50 2.97
N VAL E 27 -18.28 -79.58 2.19
CA VAL E 27 -17.56 -80.79 2.60
C VAL E 27 -16.07 -80.52 2.63
N THR E 28 -15.55 -79.88 1.59
CA THR E 28 -14.13 -79.55 1.56
C THR E 28 -13.74 -78.74 2.79
N ASP E 29 -14.64 -77.88 3.26
CA ASP E 29 -14.40 -77.04 4.41
C ASP E 29 -14.71 -77.73 5.75
N GLY E 30 -15.07 -79.01 5.75
CA GLY E 30 -15.17 -79.80 6.96
C GLY E 30 -16.53 -79.90 7.60
N ALA E 31 -17.58 -79.37 6.96
CA ALA E 31 -18.90 -79.38 7.59
C ALA E 31 -19.57 -80.75 7.47
N ASN E 32 -20.54 -80.98 8.35
CA ASN E 32 -21.46 -82.10 8.23
C ASN E 32 -22.59 -81.64 7.30
N VAL E 33 -22.70 -82.26 6.14
CA VAL E 33 -23.56 -81.75 5.08
C VAL E 33 -24.65 -82.75 4.75
N ARG E 34 -25.87 -82.23 4.63
CA ARG E 34 -27.03 -82.95 4.11
C ARG E 34 -27.57 -82.13 2.94
N PHE E 35 -28.12 -82.80 1.93
CA PHE E 35 -28.69 -82.06 0.80
C PHE E 35 -29.89 -82.82 0.26
N THR E 36 -30.81 -82.08 -0.36
CA THR E 36 -32.00 -82.70 -0.93
C THR E 36 -31.87 -82.80 -2.45
N TYR E 37 -32.65 -83.73 -3.01
CA TYR E 37 -32.81 -83.90 -4.44
C TYR E 37 -34.25 -84.32 -4.70
N ALA E 38 -34.66 -84.24 -5.95
CA ALA E 38 -35.98 -84.71 -6.31
C ALA E 38 -35.93 -85.60 -7.55
N GLY E 39 -35.55 -85.02 -8.69
CA GLY E 39 -35.59 -85.76 -9.94
C GLY E 39 -34.32 -86.49 -10.33
N SER E 40 -33.20 -86.23 -9.66
CA SER E 40 -31.90 -86.76 -10.04
C SER E 40 -31.36 -87.68 -8.96
N LYS E 41 -32.03 -88.82 -8.77
CA LYS E 41 -31.63 -89.73 -7.70
C LYS E 41 -30.20 -90.25 -7.92
N ASP E 42 -29.89 -90.67 -9.14
CA ASP E 42 -28.58 -91.27 -9.39
C ASP E 42 -27.46 -90.26 -9.17
N ALA E 43 -27.63 -89.03 -9.68
CA ALA E 43 -26.65 -87.99 -9.42
C ALA E 43 -26.50 -87.75 -7.93
N ALA E 44 -27.61 -87.69 -7.19
CA ALA E 44 -27.53 -87.49 -5.76
C ALA E 44 -26.75 -88.60 -5.07
N LYS E 45 -27.00 -89.85 -5.44
CA LYS E 45 -26.28 -90.96 -4.81
C LYS E 45 -24.79 -90.91 -5.16
N ARG E 46 -24.46 -90.52 -6.41
CA ARG E 46 -23.06 -90.34 -6.76
C ARG E 46 -22.42 -89.26 -5.90
N LEU E 47 -23.08 -88.10 -5.81
CA LEU E 47 -22.51 -87.00 -5.04
C LEU E 47 -22.33 -87.39 -3.58
N ALA E 48 -23.30 -88.09 -3.01
CA ALA E 48 -23.16 -88.57 -1.63
C ALA E 48 -21.98 -89.53 -1.49
N GLN E 49 -21.81 -90.45 -2.45
CA GLN E 49 -20.67 -91.37 -2.37
C GLN E 49 -19.34 -90.62 -2.47
N GLU E 50 -19.30 -89.60 -3.31
CA GLU E 50 -18.04 -88.91 -3.55
C GLU E 50 -17.64 -88.02 -2.39
N THR E 51 -18.62 -87.39 -1.74
CA THR E 51 -18.37 -86.38 -0.73
C THR E 51 -18.62 -86.87 0.70
N GLY E 52 -19.42 -87.92 0.87
CA GLY E 52 -19.83 -88.30 2.21
C GLY E 52 -21.00 -87.50 2.73
N ALA E 53 -21.49 -86.52 1.98
CA ALA E 53 -22.69 -85.81 2.40
C ALA E 53 -23.89 -86.75 2.36
N THR E 54 -24.93 -86.40 3.10
CA THR E 54 -26.11 -87.25 3.21
C THR E 54 -27.15 -86.72 2.23
N ALA E 55 -27.62 -87.60 1.33
CA ALA E 55 -28.64 -87.23 0.36
C ALA E 55 -30.04 -87.58 0.89
N VAL E 56 -30.98 -86.65 0.74
CA VAL E 56 -32.34 -86.81 1.24
C VAL E 56 -33.30 -86.43 0.11
N PHE E 57 -34.24 -87.32 -0.21
CA PHE E 57 -35.26 -86.96 -1.17
C PHE E 57 -36.22 -85.96 -0.52
N THR E 58 -36.46 -84.85 -1.20
CA THR E 58 -37.55 -83.93 -0.83
C THR E 58 -37.88 -83.09 -2.05
N ASP E 59 -39.15 -83.10 -2.44
CA ASP E 59 -39.63 -82.29 -3.55
C ASP E 59 -39.92 -80.88 -3.02
N SER E 60 -39.12 -79.89 -3.45
CA SER E 60 -39.33 -78.53 -2.94
C SER E 60 -40.67 -77.95 -3.34
N ALA E 61 -41.39 -78.58 -4.27
CA ALA E 61 -42.71 -78.08 -4.58
C ALA E 61 -43.73 -78.42 -3.49
N ASP E 62 -43.36 -79.25 -2.52
CA ASP E 62 -44.27 -79.74 -1.48
C ASP E 62 -43.92 -79.01 -0.18
N ARG E 63 -44.74 -78.03 0.19
CA ARG E 63 -44.39 -77.16 1.31
C ARG E 63 -44.12 -77.97 2.58
N ASP E 64 -45.05 -78.86 2.94
CA ASP E 64 -44.90 -79.56 4.20
C ASP E 64 -43.69 -80.48 4.20
N ALA E 65 -43.32 -81.02 3.04
CA ALA E 65 -42.09 -81.83 2.95
C ALA E 65 -40.86 -80.97 3.20
N VAL E 66 -40.85 -79.76 2.65
CA VAL E 66 -39.74 -78.82 2.88
C VAL E 66 -39.62 -78.50 4.37
N ILE E 67 -40.75 -78.12 4.98
CA ILE E 67 -40.73 -77.82 6.40
C ILE E 67 -40.23 -79.02 7.20
N ASP E 68 -40.66 -80.23 6.80
CA ASP E 68 -40.30 -81.42 7.57
C ASP E 68 -38.80 -81.72 7.48
N VAL E 69 -38.21 -81.61 6.29
CA VAL E 69 -36.78 -81.95 6.20
C VAL E 69 -35.95 -80.93 6.97
N VAL E 70 -36.34 -79.65 6.89
CA VAL E 70 -35.61 -78.64 7.66
C VAL E 70 -35.76 -78.91 9.16
N ARG E 71 -36.99 -79.16 9.60
CA ARG E 71 -37.24 -79.45 11.02
C ARG E 71 -36.41 -80.65 11.50
N LYS E 72 -36.38 -81.71 10.70
CA LYS E 72 -35.67 -82.93 11.10
C LYS E 72 -34.17 -82.80 11.02
N SER E 73 -33.64 -81.74 10.39
CA SER E 73 -32.20 -81.53 10.46
C SER E 73 -31.71 -81.10 11.83
N GLY E 74 -32.61 -80.76 12.76
CA GLY E 74 -32.17 -80.31 14.07
C GLY E 74 -31.64 -78.88 14.03
N ALA E 75 -30.73 -78.57 14.94
CA ALA E 75 -30.16 -77.22 15.02
C ALA E 75 -29.19 -77.03 13.86
N LEU E 76 -29.64 -76.35 12.81
CA LEU E 76 -28.77 -76.10 11.67
C LEU E 76 -27.87 -74.90 11.94
N ASP E 77 -26.64 -74.98 11.49
CA ASP E 77 -25.78 -73.80 11.50
C ASP E 77 -25.95 -72.98 10.23
N ILE E 78 -26.14 -73.66 9.09
CA ILE E 78 -26.22 -73.00 7.78
C ILE E 78 -27.32 -73.67 6.97
N LEU E 79 -28.23 -72.87 6.42
CA LEU E 79 -29.19 -73.32 5.42
C LEU E 79 -28.90 -72.63 4.09
N VAL E 80 -28.78 -73.42 3.02
CA VAL E 80 -28.68 -72.89 1.66
C VAL E 80 -29.87 -73.39 0.87
N VAL E 81 -30.68 -72.46 0.36
CA VAL E 81 -31.81 -72.81 -0.49
C VAL E 81 -31.38 -72.56 -1.93
N ASN E 82 -31.06 -73.64 -2.65
CA ASN E 82 -30.59 -73.50 -4.01
C ASN E 82 -31.66 -73.87 -5.05
N ALA E 83 -32.49 -74.87 -4.75
CA ALA E 83 -33.43 -75.39 -5.73
C ALA E 83 -34.22 -74.25 -6.39
N GLY E 84 -34.34 -74.34 -7.71
CA GLY E 84 -35.10 -73.37 -8.48
C GLY E 84 -35.32 -73.95 -9.85
N ILE E 85 -36.41 -73.56 -10.49
CA ILE E 85 -36.66 -74.05 -11.84
C ILE E 85 -36.94 -72.86 -12.75
N GLY E 86 -36.74 -73.09 -14.04
CA GLY E 86 -37.13 -72.13 -15.05
C GLY E 86 -38.22 -72.71 -15.93
N VAL E 87 -39.24 -71.92 -16.18
CA VAL E 87 -40.28 -72.23 -17.15
C VAL E 87 -40.27 -71.03 -18.09
N PHE E 88 -39.82 -71.24 -19.33
CA PHE E 88 -39.52 -70.15 -20.25
C PHE E 88 -40.30 -70.29 -21.53
N GLY E 89 -40.68 -69.16 -22.10
CA GLY E 89 -41.40 -69.15 -23.35
C GLY E 89 -42.36 -67.96 -23.39
N GLU E 90 -43.08 -67.88 -24.51
CA GLU E 90 -44.14 -66.87 -24.63
C GLU E 90 -45.10 -67.03 -23.45
N ALA E 91 -45.31 -65.95 -22.70
CA ALA E 91 -46.17 -66.02 -21.52
C ALA E 91 -47.54 -66.59 -21.85
N LEU E 92 -48.08 -66.24 -23.03
CA LEU E 92 -49.41 -66.72 -23.37
C LEU E 92 -49.41 -68.19 -23.80
N GLU E 93 -48.25 -68.83 -23.93
CA GLU E 93 -48.23 -70.25 -24.24
C GLU E 93 -47.80 -71.11 -23.06
N LEU E 94 -47.53 -70.53 -21.90
CA LEU E 94 -47.06 -71.32 -20.78
C LEU E 94 -48.27 -71.84 -20.02
N ASN E 95 -48.17 -73.08 -19.55
CA ASN E 95 -49.25 -73.74 -18.83
C ASN E 95 -49.30 -73.23 -17.39
N ALA E 96 -50.51 -72.93 -16.92
CA ALA E 96 -50.66 -72.29 -15.62
C ALA E 96 -50.16 -73.16 -14.48
N ASP E 97 -50.37 -74.48 -14.57
CA ASP E 97 -49.86 -75.35 -13.51
C ASP E 97 -48.34 -75.38 -13.49
N ASP E 98 -47.70 -75.32 -14.67
CA ASP E 98 -46.24 -75.27 -14.69
C ASP E 98 -45.74 -74.00 -14.03
N ILE E 99 -46.40 -72.87 -14.31
CA ILE E 99 -46.06 -71.59 -13.69
C ILE E 99 -46.24 -71.66 -12.17
N ASP E 100 -47.36 -72.22 -11.73
CA ASP E 100 -47.58 -72.26 -10.29
C ASP E 100 -46.58 -73.17 -9.59
N ARG E 101 -46.11 -74.24 -10.26
CA ARG E 101 -45.04 -75.05 -9.68
C ARG E 101 -43.76 -74.24 -9.56
N LEU E 102 -43.46 -73.41 -10.57
CA LEU E 102 -42.32 -72.50 -10.45
C LEU E 102 -42.48 -71.55 -9.27
N PHE E 103 -43.66 -70.96 -9.06
CA PHE E 103 -43.82 -70.10 -7.90
C PHE E 103 -43.60 -70.90 -6.59
N LYS E 104 -44.16 -72.10 -6.51
CA LYS E 104 -44.05 -72.87 -5.27
C LYS E 104 -42.60 -73.20 -4.96
N ILE E 105 -41.83 -73.58 -5.97
CA ILE E 105 -40.42 -73.96 -5.72
C ILE E 105 -39.57 -72.72 -5.45
N ASN E 106 -39.75 -71.68 -6.27
CA ASN E 106 -38.83 -70.55 -6.29
C ASN E 106 -39.16 -69.51 -5.23
N ILE E 107 -40.42 -69.43 -4.81
CA ILE E 107 -40.88 -68.42 -3.85
C ILE E 107 -41.28 -69.06 -2.53
N HIS E 108 -42.24 -70.00 -2.58
CA HIS E 108 -42.79 -70.52 -1.34
C HIS E 108 -41.74 -71.30 -0.54
N ALA E 109 -41.01 -72.19 -1.22
CA ALA E 109 -40.07 -73.05 -0.50
C ALA E 109 -38.99 -72.25 0.20
N PRO E 110 -38.34 -71.26 -0.43
CA PRO E 110 -37.35 -70.46 0.32
C PRO E 110 -37.93 -69.79 1.56
N TYR E 111 -39.15 -69.26 1.46
CA TYR E 111 -39.76 -68.63 2.62
C TYR E 111 -39.97 -69.64 3.75
N HIS E 112 -40.68 -70.74 3.46
CA HIS E 112 -40.99 -71.66 4.54
C HIS E 112 -39.77 -72.36 5.09
N ALA E 113 -38.81 -72.68 4.22
CA ALA E 113 -37.58 -73.31 4.68
C ALA E 113 -36.80 -72.38 5.60
N SER E 114 -36.69 -71.10 5.22
CA SER E 114 -35.95 -70.14 6.03
C SER E 114 -36.60 -69.96 7.40
N VAL E 115 -37.92 -69.76 7.40
CA VAL E 115 -38.61 -69.59 8.67
C VAL E 115 -38.44 -70.82 9.55
N GLU E 116 -38.62 -72.01 8.97
CA GLU E 116 -38.49 -73.23 9.79
C GLU E 116 -37.07 -73.37 10.34
N ALA E 117 -36.07 -73.09 9.51
CA ALA E 117 -34.69 -73.22 9.96
C ALA E 117 -34.42 -72.31 11.14
N ALA E 118 -34.97 -71.10 11.12
CA ALA E 118 -34.71 -70.15 12.20
C ALA E 118 -35.23 -70.63 13.55
N ARG E 119 -36.14 -71.62 13.59
CA ARG E 119 -36.68 -72.08 14.87
C ARG E 119 -35.60 -72.66 15.78
N GLN E 120 -34.65 -73.40 15.22
CA GLN E 120 -33.63 -74.08 15.99
C GLN E 120 -32.23 -73.57 15.71
N MET E 121 -32.07 -72.63 14.80
CA MET E 121 -30.75 -72.17 14.42
C MET E 121 -30.20 -71.28 15.53
N PRO E 122 -28.96 -71.49 15.97
CA PRO E 122 -28.41 -70.69 17.06
C PRO E 122 -27.88 -69.34 16.57
N GLU E 123 -27.55 -68.48 17.54
CA GLU E 123 -26.82 -67.26 17.24
C GLU E 123 -25.60 -67.60 16.39
N GLY E 124 -25.35 -66.78 15.38
CA GLY E 124 -24.29 -67.07 14.44
C GLY E 124 -24.74 -67.83 13.21
N GLY E 125 -26.03 -68.16 13.11
CA GLY E 125 -26.52 -68.91 11.96
C GLY E 125 -26.52 -68.10 10.67
N ARG E 126 -26.64 -68.83 9.56
CA ARG E 126 -26.57 -68.26 8.22
C ARG E 126 -27.66 -68.90 7.37
N ILE E 127 -28.44 -68.07 6.66
CA ILE E 127 -29.37 -68.54 5.65
C ILE E 127 -28.99 -67.88 4.33
N LEU E 128 -28.88 -68.68 3.27
CA LEU E 128 -28.45 -68.18 1.98
C LEU E 128 -29.41 -68.69 0.94
N ILE E 129 -29.94 -67.79 0.12
CA ILE E 129 -30.86 -68.18 -0.95
C ILE E 129 -30.18 -67.87 -2.27
N ILE E 130 -30.24 -68.81 -3.21
CA ILE E 130 -29.73 -68.57 -4.56
C ILE E 130 -30.86 -67.95 -5.39
N GLY E 131 -30.74 -66.65 -5.65
CA GLY E 131 -31.68 -65.90 -6.46
C GLY E 131 -31.18 -65.82 -7.89
N SER E 132 -31.25 -64.64 -8.51
CA SER E 132 -30.79 -64.45 -9.89
C SER E 132 -30.63 -62.96 -10.15
N VAL E 133 -29.67 -62.61 -11.02
CA VAL E 133 -29.56 -61.22 -11.44
C VAL E 133 -30.84 -60.79 -12.18
N ASN E 134 -31.63 -61.75 -12.68
CA ASN E 134 -32.89 -61.41 -13.32
C ASN E 134 -33.92 -60.93 -12.31
N GLY E 135 -33.61 -61.01 -11.01
CA GLY E 135 -34.42 -60.33 -10.02
C GLY E 135 -34.27 -58.82 -10.08
N ASP E 136 -33.18 -58.34 -10.70
CA ASP E 136 -32.92 -56.91 -10.87
C ASP E 136 -33.06 -56.44 -12.31
N ARG E 137 -32.55 -57.19 -13.28
CA ARG E 137 -32.37 -56.65 -14.62
C ARG E 137 -33.68 -56.68 -15.40
N MET E 138 -33.72 -55.89 -16.47
CA MET E 138 -34.84 -56.00 -17.41
C MET E 138 -34.81 -57.38 -18.06
N PRO E 139 -35.72 -58.29 -17.70
CA PRO E 139 -35.63 -59.65 -18.26
C PRO E 139 -35.99 -59.68 -19.73
N VAL E 140 -35.42 -60.65 -20.44
CA VAL E 140 -35.77 -60.86 -21.84
C VAL E 140 -37.22 -61.32 -21.90
N ALA E 141 -37.79 -61.32 -23.10
CA ALA E 141 -39.07 -61.98 -23.27
C ALA E 141 -38.94 -63.46 -22.90
N GLY E 142 -39.98 -63.99 -22.29
CA GLY E 142 -40.07 -65.40 -22.04
C GLY E 142 -39.72 -65.86 -20.65
N MET E 143 -39.42 -64.96 -19.70
CA MET E 143 -39.06 -65.41 -18.36
C MET E 143 -39.71 -64.53 -17.28
N ALA E 144 -40.93 -64.04 -17.56
CA ALA E 144 -41.56 -63.09 -16.65
C ALA E 144 -41.84 -63.70 -15.28
N ALA E 145 -42.46 -64.89 -15.25
CA ALA E 145 -42.73 -65.52 -13.96
C ALA E 145 -41.44 -65.88 -13.23
N TYR E 146 -40.44 -66.37 -13.96
CA TYR E 146 -39.14 -66.65 -13.34
C TYR E 146 -38.57 -65.39 -12.71
N ALA E 147 -38.58 -64.29 -13.47
CA ALA E 147 -38.05 -63.02 -12.98
C ALA E 147 -38.81 -62.56 -11.74
N ALA E 148 -40.14 -62.68 -11.77
CA ALA E 148 -40.94 -62.35 -10.60
C ALA E 148 -40.51 -63.19 -9.40
N SER E 149 -40.26 -64.48 -9.64
CA SER E 149 -39.93 -65.35 -8.51
C SER E 149 -38.59 -64.97 -7.92
N LYS E 150 -37.67 -64.47 -8.74
CA LYS E 150 -36.37 -64.07 -8.21
C LYS E 150 -36.39 -62.67 -7.59
N SER E 151 -37.24 -61.74 -8.07
CA SER E 151 -37.38 -60.46 -7.38
C SER E 151 -38.10 -60.62 -6.04
N ALA E 152 -38.98 -61.61 -5.91
CA ALA E 152 -39.62 -61.88 -4.63
C ALA E 152 -38.60 -62.11 -3.52
N LEU E 153 -37.47 -62.72 -3.86
CA LEU E 153 -36.47 -63.04 -2.85
C LEU E 153 -35.87 -61.79 -2.22
N GLN E 154 -35.95 -60.64 -2.91
CA GLN E 154 -35.36 -59.40 -2.39
C GLN E 154 -36.13 -58.87 -1.19
N GLY E 155 -37.43 -58.61 -1.37
CA GLY E 155 -38.23 -58.24 -0.22
C GLY E 155 -38.23 -59.31 0.84
N MET E 156 -38.22 -60.59 0.42
CA MET E 156 -38.19 -61.67 1.40
C MET E 156 -36.97 -61.57 2.31
N ALA E 157 -35.78 -61.42 1.71
CA ALA E 157 -34.55 -61.37 2.49
C ALA E 157 -34.46 -60.09 3.32
N ARG E 158 -34.89 -58.96 2.77
CA ARG E 158 -34.91 -57.73 3.55
C ARG E 158 -35.78 -57.88 4.80
N GLY E 159 -36.97 -58.47 4.63
CA GLY E 159 -37.89 -58.59 5.77
C GLY E 159 -37.46 -59.65 6.77
N LEU E 160 -37.06 -60.83 6.27
CA LEU E 160 -36.59 -61.87 7.18
C LEU E 160 -35.32 -61.43 7.89
N ALA E 161 -34.52 -60.57 7.26
CA ALA E 161 -33.33 -60.08 7.97
C ALA E 161 -33.72 -59.39 9.27
N ARG E 162 -34.80 -58.62 9.25
CA ARG E 162 -35.22 -57.94 10.46
C ARG E 162 -35.89 -58.91 11.42
N ASP E 163 -36.66 -59.87 10.89
CA ASP E 163 -37.25 -60.89 11.75
C ASP E 163 -36.19 -61.74 12.47
N PHE E 164 -35.06 -62.01 11.82
CA PHE E 164 -34.05 -62.93 12.33
C PHE E 164 -32.91 -62.25 13.06
N GLY E 165 -32.76 -60.93 12.91
CA GLY E 165 -31.70 -60.18 13.56
C GLY E 165 -31.62 -60.44 15.05
N PRO E 166 -32.74 -60.33 15.78
CA PRO E 166 -32.70 -60.59 17.23
C PRO E 166 -32.19 -61.98 17.59
N ARG E 167 -32.27 -62.93 16.67
CA ARG E 167 -31.79 -64.30 16.92
C ARG E 167 -30.34 -64.52 16.48
N GLY E 168 -29.64 -63.48 16.01
CA GLY E 168 -28.25 -63.63 15.61
C GLY E 168 -28.03 -64.34 14.30
N ILE E 169 -29.04 -64.34 13.43
CA ILE E 169 -29.01 -65.04 12.15
C ILE E 169 -28.97 -64.00 11.03
N THR E 170 -28.10 -64.21 10.04
CA THR E 170 -28.13 -63.39 8.84
C THR E 170 -28.78 -64.17 7.69
N ILE E 171 -29.37 -63.42 6.76
CA ILE E 171 -29.97 -64.02 5.58
C ILE E 171 -29.61 -63.15 4.38
N ASN E 172 -29.14 -63.78 3.31
CA ASN E 172 -28.64 -63.07 2.14
C ASN E 172 -29.03 -63.82 0.88
N VAL E 173 -29.16 -63.08 -0.21
CA VAL E 173 -29.48 -63.64 -1.51
C VAL E 173 -28.29 -63.46 -2.43
N VAL E 174 -27.85 -64.55 -3.07
CA VAL E 174 -26.80 -64.50 -4.08
C VAL E 174 -27.49 -64.48 -5.44
N GLN E 175 -27.10 -63.54 -6.30
CA GLN E 175 -27.76 -63.31 -7.59
C GLN E 175 -26.75 -63.57 -8.71
N PRO E 176 -26.70 -64.80 -9.23
CA PRO E 176 -25.75 -65.08 -10.32
C PRO E 176 -26.25 -64.57 -11.67
N GLY E 177 -25.28 -64.24 -12.52
CA GLY E 177 -25.48 -64.15 -13.94
C GLY E 177 -25.34 -65.54 -14.53
N PRO E 178 -24.98 -65.63 -15.81
CA PRO E 178 -24.87 -66.97 -16.46
C PRO E 178 -23.81 -67.83 -15.80
N ILE E 179 -24.23 -69.01 -15.33
CA ILE E 179 -23.35 -69.99 -14.71
C ILE E 179 -23.44 -71.29 -15.52
N ASP E 180 -22.29 -71.92 -15.76
CA ASP E 180 -22.21 -73.14 -16.57
C ASP E 180 -22.83 -74.31 -15.82
N THR E 181 -24.07 -74.67 -16.16
CA THR E 181 -24.79 -75.76 -15.52
C THR E 181 -25.62 -76.49 -16.58
N ASP E 182 -26.30 -77.57 -16.15
CA ASP E 182 -27.22 -78.26 -17.05
C ASP E 182 -28.27 -77.30 -17.61
N ALA E 183 -28.74 -76.39 -16.78
CA ALA E 183 -29.78 -75.43 -17.16
C ALA E 183 -29.26 -74.30 -18.02
N ASN E 184 -27.94 -74.08 -18.04
CA ASN E 184 -27.35 -72.96 -18.78
C ASN E 184 -25.94 -73.36 -19.21
N PRO E 185 -25.83 -74.32 -20.13
CA PRO E 185 -24.51 -74.84 -20.50
C PRO E 185 -23.66 -73.80 -21.23
N ALA E 186 -22.38 -73.75 -20.86
CA ALA E 186 -21.48 -72.74 -21.38
C ALA E 186 -21.34 -72.77 -22.89
N ASN E 187 -21.60 -73.91 -23.53
CA ASN E 187 -21.48 -74.01 -24.98
C ASN E 187 -22.83 -74.32 -25.63
N GLY E 188 -23.92 -73.95 -24.97
CA GLY E 188 -25.23 -74.00 -25.57
C GLY E 188 -25.39 -72.94 -26.65
N PRO E 189 -26.52 -72.98 -27.36
CA PRO E 189 -26.71 -72.04 -28.48
C PRO E 189 -26.80 -70.57 -28.08
N MET E 190 -27.12 -70.27 -26.82
CA MET E 190 -27.23 -68.89 -26.35
C MET E 190 -25.90 -68.28 -25.94
N ARG E 191 -24.81 -69.05 -26.00
CA ARG E 191 -23.53 -68.61 -25.45
C ARG E 191 -23.13 -67.23 -25.96
N ASP E 192 -22.99 -67.11 -27.28
CA ASP E 192 -22.47 -65.86 -27.85
C ASP E 192 -23.38 -64.68 -27.52
N MET E 193 -24.69 -64.89 -27.57
CA MET E 193 -25.60 -63.81 -27.24
C MET E 193 -25.45 -63.38 -25.79
N LEU E 194 -25.37 -64.33 -24.86
CA LEU E 194 -25.15 -63.98 -23.46
C LEU E 194 -23.86 -63.19 -23.29
N HIS E 195 -22.78 -63.67 -23.91
CA HIS E 195 -21.50 -63.01 -23.77
C HIS E 195 -21.50 -61.62 -24.40
N SER E 196 -22.33 -61.38 -25.43
CA SER E 196 -22.40 -60.04 -25.99
C SER E 196 -22.97 -59.02 -25.00
N LEU E 197 -23.61 -59.49 -23.93
CA LEU E 197 -24.21 -58.60 -22.96
C LEU E 197 -23.35 -58.43 -21.70
N MET E 198 -22.09 -58.86 -21.72
CA MET E 198 -21.33 -58.98 -20.49
C MET E 198 -19.98 -58.29 -20.58
N ALA E 199 -19.50 -57.82 -19.41
CA ALA E 199 -18.15 -57.29 -19.30
C ALA E 199 -17.11 -58.40 -19.24
N ILE E 200 -17.40 -59.47 -18.50
CA ILE E 200 -16.52 -60.63 -18.41
C ILE E 200 -17.14 -61.70 -19.30
N LYS E 201 -16.50 -61.98 -20.44
CA LYS E 201 -17.18 -62.72 -21.50
C LYS E 201 -16.94 -64.23 -21.34
N ARG E 202 -17.61 -64.77 -20.32
CA ARG E 202 -17.59 -66.20 -20.03
C ARG E 202 -18.74 -66.50 -19.10
N HIS E 203 -19.16 -67.77 -19.09
CA HIS E 203 -20.04 -68.19 -18.00
C HIS E 203 -19.24 -68.28 -16.71
N GLY E 204 -19.87 -67.94 -15.60
CA GLY E 204 -19.28 -68.26 -14.32
C GLY E 204 -19.28 -69.76 -14.06
N GLN E 205 -18.44 -70.17 -13.13
CA GLN E 205 -18.45 -71.57 -12.75
C GLN E 205 -19.28 -71.77 -11.49
N PRO E 206 -19.97 -72.89 -11.36
CA PRO E 206 -20.71 -73.14 -10.10
C PRO E 206 -19.84 -72.98 -8.86
N GLU E 207 -18.56 -73.40 -8.91
CA GLU E 207 -17.68 -73.24 -7.76
C GLU E 207 -17.47 -71.77 -7.38
N GLU E 208 -17.66 -70.84 -8.33
CA GLU E 208 -17.53 -69.43 -7.99
C GLU E 208 -18.73 -68.95 -7.18
N VAL E 209 -19.94 -69.41 -7.53
CA VAL E 209 -21.09 -69.11 -6.70
C VAL E 209 -20.89 -69.72 -5.32
N ALA E 210 -20.40 -70.96 -5.27
CA ALA E 210 -20.14 -71.60 -3.98
C ALA E 210 -19.12 -70.79 -3.18
N GLY E 211 -18.17 -70.14 -3.85
CA GLY E 211 -17.19 -69.33 -3.14
C GLY E 211 -17.81 -68.10 -2.49
N MET E 212 -18.73 -67.44 -3.20
CA MET E 212 -19.40 -66.30 -2.58
C MET E 212 -20.26 -66.76 -1.40
N VAL E 213 -21.00 -67.86 -1.60
CA VAL E 213 -21.78 -68.45 -0.52
C VAL E 213 -20.90 -68.73 0.69
N ALA E 214 -19.74 -69.33 0.47
CA ALA E 214 -18.88 -69.67 1.60
C ALA E 214 -18.41 -68.42 2.33
N TRP E 215 -18.11 -67.34 1.60
CA TRP E 215 -17.71 -66.13 2.34
C TRP E 215 -18.88 -65.58 3.16
N LEU E 216 -20.07 -65.49 2.55
CA LEU E 216 -21.22 -64.97 3.27
C LEU E 216 -21.59 -65.86 4.45
N ALA E 217 -21.28 -67.17 4.38
CA ALA E 217 -21.59 -68.08 5.47
C ALA E 217 -20.58 -68.01 6.60
N GLY E 218 -19.49 -67.28 6.43
CA GLY E 218 -18.40 -67.29 7.39
C GLY E 218 -18.46 -66.16 8.39
N PRO E 219 -17.45 -66.11 9.28
CA PRO E 219 -17.50 -65.15 10.38
C PRO E 219 -17.17 -63.72 9.99
N GLU E 220 -16.61 -63.49 8.79
CA GLU E 220 -16.35 -62.11 8.38
C GLU E 220 -17.60 -61.39 7.90
N ALA E 221 -18.72 -62.10 7.76
CA ALA E 221 -19.94 -61.52 7.19
C ALA E 221 -21.07 -61.40 8.20
N SER E 222 -20.75 -61.30 9.49
CA SER E 222 -21.80 -61.25 10.51
C SER E 222 -22.54 -59.92 10.49
N PHE E 223 -21.99 -58.90 9.83
CA PHE E 223 -22.67 -57.62 9.65
C PHE E 223 -23.39 -57.54 8.32
N VAL E 224 -23.34 -58.59 7.50
CA VAL E 224 -23.92 -58.59 6.17
C VAL E 224 -25.24 -59.36 6.24
N THR E 225 -26.37 -58.65 6.07
CA THR E 225 -27.65 -59.34 6.12
C THR E 225 -28.70 -58.50 5.40
N GLY E 226 -29.72 -59.17 4.88
CA GLY E 226 -30.75 -58.50 4.12
C GLY E 226 -30.32 -57.99 2.77
N ALA E 227 -29.20 -58.48 2.24
CA ALA E 227 -28.59 -57.90 1.07
C ALA E 227 -28.57 -58.88 -0.10
N MET E 228 -28.50 -58.32 -1.30
CA MET E 228 -28.43 -59.06 -2.55
C MET E 228 -27.00 -58.92 -3.09
N HIS E 229 -26.35 -60.04 -3.37
CA HIS E 229 -24.94 -60.06 -3.74
C HIS E 229 -24.85 -60.61 -5.16
N THR E 230 -24.49 -59.74 -6.10
CA THR E 230 -24.58 -60.07 -7.52
C THR E 230 -23.23 -60.57 -8.03
N ILE E 231 -23.22 -61.71 -8.69
CA ILE E 231 -22.00 -62.31 -9.23
C ILE E 231 -22.35 -62.71 -10.68
N ASP E 232 -22.18 -61.74 -11.61
CA ASP E 232 -22.79 -61.86 -12.93
C ASP E 232 -21.90 -61.39 -14.08
N GLY E 233 -20.63 -61.05 -13.83
CA GLY E 233 -19.81 -60.56 -14.93
C GLY E 233 -20.29 -59.25 -15.53
N ALA E 234 -21.06 -58.46 -14.80
CA ALA E 234 -21.67 -57.22 -15.29
C ALA E 234 -22.49 -57.50 -16.55
N PHE E 235 -23.60 -58.18 -16.30
CA PHE E 235 -24.51 -58.64 -17.34
C PHE E 235 -25.58 -57.60 -17.61
N GLY E 236 -25.79 -57.27 -18.88
CA GLY E 236 -26.98 -56.50 -19.21
C GLY E 236 -26.77 -55.31 -20.11
N ALA E 237 -25.57 -55.15 -20.67
CA ALA E 237 -25.26 -54.04 -21.56
C ALA E 237 -24.83 -54.59 -22.91
N LEU E 238 -25.37 -54.02 -23.97
CA LEU E 238 -25.16 -54.57 -25.31
C LEU E 238 -23.82 -54.14 -25.87
N GLU E 239 -23.10 -55.10 -26.42
CA GLU E 239 -21.84 -54.85 -27.09
C GLU E 239 -22.07 -53.95 -28.30
N HIS E 240 -21.21 -52.95 -28.47
CA HIS E 240 -21.28 -52.06 -29.62
C HIS E 240 -21.12 -52.81 -30.94
N GLY F 2 23.98 23.32 -36.96
CA GLY F 2 23.39 23.96 -35.80
C GLY F 2 23.25 25.46 -35.94
N ALA F 3 22.66 26.08 -34.92
CA ALA F 3 22.41 27.53 -34.94
C ALA F 3 23.68 28.37 -35.15
N PHE F 4 24.85 27.86 -34.76
CA PHE F 4 26.07 28.67 -34.89
C PHE F 4 27.13 27.98 -35.73
N THR F 5 26.71 27.06 -36.57
CA THR F 5 27.63 26.40 -37.49
C THR F 5 28.33 27.46 -38.35
N GLY F 6 29.65 27.31 -38.51
CA GLY F 6 30.40 28.25 -39.30
C GLY F 6 30.78 29.53 -38.60
N LYS F 7 30.41 29.70 -37.33
CA LYS F 7 30.76 30.87 -36.54
C LYS F 7 31.98 30.56 -35.67
N THR F 8 32.79 31.58 -35.46
CA THR F 8 33.94 31.50 -34.56
C THR F 8 33.63 32.21 -33.26
N VAL F 9 33.87 31.53 -32.14
CA VAL F 9 33.50 32.00 -30.81
C VAL F 9 34.73 31.96 -29.91
N LEU F 10 34.96 33.03 -29.15
CA LEU F 10 35.99 33.07 -28.11
C LEU F 10 35.31 33.40 -26.77
N ILE F 11 35.57 32.59 -25.77
CA ILE F 11 34.96 32.74 -24.44
C ILE F 11 36.10 32.98 -23.46
N LEU F 12 36.16 34.18 -22.88
CA LEU F 12 37.20 34.44 -21.88
C LEU F 12 36.73 33.90 -20.54
N GLY F 13 37.48 32.97 -19.96
CA GLY F 13 37.11 32.32 -18.72
C GLY F 13 36.08 31.21 -18.95
N GLY F 14 36.44 30.17 -19.68
CA GLY F 14 35.51 29.11 -20.00
C GLY F 14 35.72 27.77 -19.33
N SER F 15 36.64 27.65 -18.38
CA SER F 15 37.04 26.33 -17.85
C SER F 15 36.05 25.72 -16.86
N ARG F 16 35.20 26.52 -16.22
CA ARG F 16 34.30 26.01 -15.17
C ARG F 16 33.02 26.82 -15.15
N GLY F 17 32.00 26.28 -14.48
CA GLY F 17 30.80 27.04 -14.15
C GLY F 17 30.05 27.57 -15.36
N ILE F 18 29.58 28.83 -15.23
CA ILE F 18 28.83 29.47 -16.31
C ILE F 18 29.62 29.46 -17.61
N GLY F 19 30.91 29.82 -17.54
CA GLY F 19 31.71 29.87 -18.76
C GLY F 19 31.76 28.53 -19.46
N ALA F 20 31.97 27.45 -18.70
CA ALA F 20 32.02 26.12 -19.29
C ALA F 20 30.68 25.73 -19.90
N ALA F 21 29.58 26.11 -19.26
CA ALA F 21 28.27 25.85 -19.87
C ALA F 21 28.11 26.60 -21.18
N ILE F 22 28.68 27.81 -21.28
CA ILE F 22 28.63 28.56 -22.53
C ILE F 22 29.49 27.88 -23.60
N VAL F 23 30.68 27.39 -23.22
CA VAL F 23 31.46 26.59 -24.16
C VAL F 23 30.65 25.41 -24.69
N ARG F 24 30.05 24.63 -23.79
CA ARG F 24 29.33 23.45 -24.27
C ARG F 24 28.16 23.84 -25.17
N ARG F 25 27.43 24.89 -24.81
CA ARG F 25 26.29 25.30 -25.63
C ARG F 25 26.74 25.68 -27.03
N PHE F 26 27.79 26.51 -27.14
CA PHE F 26 28.21 26.91 -28.48
C PHE F 26 28.77 25.72 -29.28
N VAL F 27 29.46 24.78 -28.63
CA VAL F 27 29.93 23.60 -29.37
C VAL F 27 28.74 22.79 -29.89
N THR F 28 27.76 22.54 -29.01
CA THR F 28 26.58 21.79 -29.41
C THR F 28 25.86 22.45 -30.58
N ASP F 29 25.84 23.78 -30.61
CA ASP F 29 25.19 24.54 -31.68
C ASP F 29 26.07 24.67 -32.92
N GLY F 30 27.23 24.01 -32.96
CA GLY F 30 28.02 23.92 -34.18
C GLY F 30 29.14 24.92 -34.33
N ALA F 31 29.41 25.74 -33.32
CA ALA F 31 30.43 26.77 -33.47
C ALA F 31 31.84 26.20 -33.35
N ASN F 32 32.80 26.94 -33.90
CA ASN F 32 34.21 26.72 -33.63
C ASN F 32 34.58 27.53 -32.40
N VAL F 33 34.93 26.86 -31.30
CA VAL F 33 34.96 27.50 -30.00
C VAL F 33 36.37 27.43 -29.42
N ARG F 34 36.80 28.56 -28.86
CA ARG F 34 38.10 28.69 -28.20
C ARG F 34 37.81 29.39 -26.87
N PHE F 35 38.38 28.91 -25.77
CA PHE F 35 38.09 29.52 -24.47
C PHE F 35 39.38 29.64 -23.68
N THR F 36 39.42 30.61 -22.78
CA THR F 36 40.62 30.79 -21.97
C THR F 36 40.42 30.23 -20.57
N TYR F 37 41.56 29.95 -19.92
CA TYR F 37 41.58 29.54 -18.54
C TYR F 37 42.84 30.12 -17.92
N ALA F 38 42.90 30.10 -16.59
CA ALA F 38 44.11 30.54 -15.90
C ALA F 38 44.43 29.56 -14.79
N GLY F 39 43.54 29.47 -13.79
CA GLY F 39 43.84 28.66 -12.62
C GLY F 39 43.41 27.20 -12.66
N SER F 40 42.61 26.80 -13.64
CA SER F 40 41.99 25.50 -13.69
C SER F 40 42.41 24.74 -14.94
N LYS F 41 43.71 24.43 -15.05
CA LYS F 41 44.22 23.82 -16.27
C LYS F 41 43.66 22.42 -16.50
N ASP F 42 43.63 21.59 -15.46
CA ASP F 42 43.10 20.24 -15.61
C ASP F 42 41.63 20.24 -16.07
N ALA F 43 40.80 21.10 -15.44
CA ALA F 43 39.41 21.23 -15.86
C ALA F 43 39.31 21.71 -17.30
N ALA F 44 40.14 22.67 -17.68
CA ALA F 44 40.12 23.15 -19.05
C ALA F 44 40.44 22.03 -20.02
N LYS F 45 41.48 21.25 -19.71
CA LYS F 45 41.89 20.16 -20.60
C LYS F 45 40.78 19.13 -20.74
N ARG F 46 40.10 18.82 -19.64
CA ARG F 46 39.04 17.82 -19.73
C ARG F 46 37.87 18.38 -20.55
N LEU F 47 37.57 19.66 -20.40
CA LEU F 47 36.48 20.26 -21.17
C LEU F 47 36.80 20.29 -22.66
N ALA F 48 38.04 20.66 -23.00
CA ALA F 48 38.46 20.62 -24.39
C ALA F 48 38.40 19.20 -24.96
N GLN F 49 38.85 18.22 -24.18
CA GLN F 49 38.81 16.83 -24.64
C GLN F 49 37.39 16.36 -24.87
N GLU F 50 36.47 16.78 -24.00
CA GLU F 50 35.09 16.31 -24.10
C GLU F 50 34.34 16.97 -25.25
N THR F 51 34.61 18.25 -25.49
CA THR F 51 33.82 19.02 -26.44
C THR F 51 34.51 19.22 -27.78
N GLY F 52 35.85 19.11 -27.83
CA GLY F 52 36.57 19.50 -29.02
C GLY F 52 36.89 20.98 -29.10
N ALA F 53 36.43 21.78 -28.14
CA ALA F 53 36.80 23.19 -28.09
C ALA F 53 38.27 23.34 -27.77
N THR F 54 38.83 24.50 -28.10
CA THR F 54 40.25 24.75 -27.93
C THR F 54 40.48 25.55 -26.65
N ALA F 55 41.31 25.02 -25.75
CA ALA F 55 41.66 25.67 -24.51
C ALA F 55 42.94 26.47 -24.68
N VAL F 56 42.97 27.68 -24.11
CA VAL F 56 44.10 28.59 -24.22
C VAL F 56 44.32 29.25 -22.86
N PHE F 57 45.53 29.15 -22.32
CA PHE F 57 45.85 29.88 -21.10
C PHE F 57 45.92 31.37 -21.38
N THR F 58 45.21 32.15 -20.57
CA THR F 58 45.39 33.60 -20.53
C THR F 58 44.83 34.11 -19.22
N ASP F 59 45.66 34.83 -18.48
CA ASP F 59 45.27 35.44 -17.22
C ASP F 59 44.57 36.75 -17.53
N SER F 60 43.26 36.82 -17.24
CA SER F 60 42.49 38.03 -17.53
C SER F 60 42.97 39.24 -16.73
N ALA F 61 43.80 39.04 -15.70
CA ALA F 61 44.33 40.20 -14.98
C ALA F 61 45.42 40.93 -15.74
N ASP F 62 45.92 40.35 -16.84
CA ASP F 62 47.04 40.87 -17.63
C ASP F 62 46.45 41.47 -18.90
N ARG F 63 46.37 42.80 -18.95
CA ARG F 63 45.67 43.49 -20.03
C ARG F 63 46.24 43.10 -21.39
N ASP F 64 47.56 43.17 -21.53
CA ASP F 64 48.14 42.89 -22.84
C ASP F 64 47.96 41.43 -23.23
N ALA F 65 47.91 40.51 -22.27
CA ALA F 65 47.64 39.11 -22.63
C ALA F 65 46.21 38.95 -23.13
N VAL F 66 45.25 39.64 -22.52
CA VAL F 66 43.86 39.61 -22.98
C VAL F 66 43.77 40.16 -24.40
N ILE F 67 44.41 41.32 -24.61
CA ILE F 67 44.40 41.92 -25.94
C ILE F 67 45.01 40.96 -26.94
N ASP F 68 46.09 40.27 -26.55
CA ASP F 68 46.79 39.40 -27.48
C ASP F 68 45.97 38.18 -27.85
N VAL F 69 45.32 37.53 -26.88
CA VAL F 69 44.52 36.35 -27.23
C VAL F 69 43.34 36.73 -28.11
N VAL F 70 42.71 37.88 -27.82
CA VAL F 70 41.62 38.31 -28.70
C VAL F 70 42.13 38.58 -30.10
N ARG F 71 43.17 39.42 -30.22
CA ARG F 71 43.74 39.71 -31.53
C ARG F 71 44.14 38.43 -32.27
N LYS F 72 44.78 37.50 -31.58
CA LYS F 72 45.26 36.30 -32.26
C LYS F 72 44.12 35.40 -32.70
N SER F 73 42.90 35.61 -32.18
CA SER F 73 41.78 34.83 -32.68
C SER F 73 41.36 35.17 -34.10
N GLY F 74 41.87 36.25 -34.70
CA GLY F 74 41.41 36.62 -36.03
C GLY F 74 40.02 37.24 -35.97
N ALA F 75 39.29 37.13 -37.08
CA ALA F 75 37.95 37.73 -37.12
C ALA F 75 36.98 36.88 -36.30
N LEU F 76 36.54 37.39 -35.16
CA LEU F 76 35.60 36.68 -34.30
C LEU F 76 34.18 37.03 -34.72
N ASP F 77 33.30 36.04 -34.65
CA ASP F 77 31.87 36.34 -34.78
C ASP F 77 31.24 36.69 -33.43
N ILE F 78 31.67 36.01 -32.37
CA ILE F 78 31.09 36.15 -31.04
C ILE F 78 32.20 36.16 -30.02
N LEU F 79 32.21 37.17 -29.15
CA LEU F 79 33.05 37.22 -27.97
C LEU F 79 32.18 37.15 -26.73
N VAL F 80 32.49 36.24 -25.82
CA VAL F 80 31.82 36.20 -24.52
C VAL F 80 32.87 36.45 -23.46
N VAL F 81 32.69 37.49 -22.66
CA VAL F 81 33.59 37.77 -21.55
C VAL F 81 32.90 37.28 -20.27
N ASN F 82 33.33 36.13 -19.78
CA ASN F 82 32.72 35.51 -18.61
C ASN F 82 33.56 35.65 -17.37
N ALA F 83 34.89 35.58 -17.51
CA ALA F 83 35.77 35.60 -16.36
C ALA F 83 35.40 36.73 -15.40
N GLY F 84 35.35 36.40 -14.12
CA GLY F 84 35.08 37.35 -13.08
C GLY F 84 35.45 36.73 -11.75
N ILE F 85 35.85 37.55 -10.78
CA ILE F 85 36.17 37.04 -9.45
C ILE F 85 35.42 37.82 -8.40
N GLY F 86 35.29 37.19 -7.24
CA GLY F 86 34.77 37.82 -6.05
C GLY F 86 35.84 37.90 -4.98
N VAL F 87 35.93 39.07 -4.38
CA VAL F 87 36.75 39.31 -3.21
C VAL F 87 35.77 39.86 -2.18
N PHE F 88 35.44 39.06 -1.18
CA PHE F 88 34.33 39.36 -0.28
C PHE F 88 34.80 39.46 1.16
N GLY F 89 34.21 40.38 1.89
CA GLY F 89 34.53 40.56 3.28
C GLY F 89 34.38 42.02 3.68
N GLU F 90 34.54 42.24 4.98
CA GLU F 90 34.62 43.58 5.55
C GLU F 90 35.55 44.46 4.73
N ALA F 91 34.99 45.56 4.18
CA ALA F 91 35.79 46.42 3.31
C ALA F 91 37.09 46.86 3.99
N LEU F 92 37.04 47.14 5.29
CA LEU F 92 38.23 47.62 5.99
C LEU F 92 39.24 46.51 6.28
N GLU F 93 38.94 45.26 5.93
CA GLU F 93 39.87 44.15 6.11
C GLU F 93 40.37 43.57 4.80
N LEU F 94 39.87 44.04 3.66
CA LEU F 94 40.28 43.44 2.38
C LEU F 94 41.61 44.04 1.92
N ASN F 95 42.42 43.19 1.29
CA ASN F 95 43.73 43.61 0.81
C ASN F 95 43.59 44.44 -0.46
N ALA F 96 44.28 45.58 -0.50
CA ALA F 96 44.12 46.50 -1.62
C ALA F 96 44.59 45.89 -2.93
N ASP F 97 45.66 45.09 -2.90
CA ASP F 97 46.09 44.49 -4.16
C ASP F 97 45.09 43.47 -4.66
N ASP F 98 44.47 42.71 -3.74
CA ASP F 98 43.45 41.76 -4.17
C ASP F 98 42.28 42.50 -4.80
N ILE F 99 41.92 43.65 -4.21
CA ILE F 99 40.83 44.46 -4.75
C ILE F 99 41.17 44.96 -6.15
N ASP F 100 42.39 45.49 -6.32
CA ASP F 100 42.74 46.00 -7.63
C ASP F 100 42.79 44.91 -8.67
N ARG F 101 43.15 43.68 -8.28
CA ARG F 101 43.11 42.58 -9.23
C ARG F 101 41.68 42.26 -9.62
N LEU F 102 40.75 42.37 -8.68
CA LEU F 102 39.33 42.28 -9.02
C LEU F 102 38.93 43.36 -10.03
N PHE F 103 39.36 44.60 -9.82
CA PHE F 103 39.01 45.63 -10.82
C PHE F 103 39.60 45.29 -12.18
N LYS F 104 40.85 44.80 -12.21
CA LYS F 104 41.49 44.50 -13.49
C LYS F 104 40.77 43.38 -14.23
N ILE F 105 40.36 42.34 -13.53
CA ILE F 105 39.67 41.21 -14.18
C ILE F 105 38.23 41.59 -14.53
N ASN F 106 37.53 42.21 -13.59
CA ASN F 106 36.09 42.41 -13.74
C ASN F 106 35.71 43.63 -14.55
N ILE F 107 36.57 44.68 -14.59
CA ILE F 107 36.28 45.92 -15.31
C ILE F 107 37.22 46.09 -16.50
N HIS F 108 38.53 46.07 -16.26
CA HIS F 108 39.47 46.42 -17.31
C HIS F 108 39.42 45.39 -18.45
N ALA F 109 39.44 44.10 -18.10
CA ALA F 109 39.48 43.07 -19.15
C ALA F 109 38.26 43.09 -20.06
N PRO F 110 37.02 43.17 -19.57
CA PRO F 110 35.89 43.27 -20.51
C PRO F 110 36.00 44.47 -21.45
N TYR F 111 36.48 45.62 -20.92
CA TYR F 111 36.61 46.79 -21.77
C TYR F 111 37.62 46.52 -22.89
N HIS F 112 38.82 46.13 -22.53
CA HIS F 112 39.90 45.99 -23.51
C HIS F 112 39.65 44.82 -24.47
N ALA F 113 39.07 43.71 -23.97
CA ALA F 113 38.72 42.59 -24.85
C ALA F 113 37.66 42.97 -25.86
N SER F 114 36.64 43.72 -25.42
CA SER F 114 35.58 44.13 -26.32
C SER F 114 36.12 45.03 -27.41
N VAL F 115 36.90 46.05 -27.04
CA VAL F 115 37.47 46.96 -28.03
C VAL F 115 38.35 46.18 -29.01
N GLU F 116 39.20 45.29 -28.48
CA GLU F 116 40.09 44.54 -29.38
C GLU F 116 39.27 43.69 -30.36
N ALA F 117 38.23 43.01 -29.85
CA ALA F 117 37.44 42.13 -30.72
C ALA F 117 36.79 42.92 -31.85
N ALA F 118 36.33 44.14 -31.54
CA ALA F 118 35.68 44.96 -32.55
C ALA F 118 36.62 45.33 -33.70
N ARG F 119 37.93 45.23 -33.52
CA ARG F 119 38.81 45.60 -34.62
C ARG F 119 38.63 44.71 -35.84
N GLN F 120 38.41 43.41 -35.65
CA GLN F 120 38.32 42.45 -36.75
C GLN F 120 36.95 41.80 -36.89
N MET F 121 36.03 42.11 -36.00
CA MET F 121 34.71 41.47 -35.98
C MET F 121 33.83 42.03 -37.09
N PRO F 122 33.15 41.19 -37.86
CA PRO F 122 32.35 41.68 -38.99
C PRO F 122 31.00 42.22 -38.53
N GLU F 123 30.33 42.91 -39.45
CA GLU F 123 28.93 43.23 -39.22
C GLU F 123 28.17 41.94 -38.90
N GLY F 124 27.23 42.04 -37.98
CA GLY F 124 26.57 40.88 -37.40
C GLY F 124 27.26 40.30 -36.18
N GLY F 125 28.38 40.89 -35.76
CA GLY F 125 29.11 40.40 -34.62
C GLY F 125 28.36 40.62 -33.32
N ARG F 126 28.78 39.88 -32.29
CA ARG F 126 28.11 39.88 -31.00
C ARG F 126 29.15 39.88 -29.91
N ILE F 127 29.03 40.79 -28.95
CA ILE F 127 29.87 40.77 -27.75
C ILE F 127 28.93 40.66 -26.55
N LEU F 128 29.21 39.70 -25.68
CA LEU F 128 28.37 39.45 -24.51
C LEU F 128 29.26 39.41 -23.28
N ILE F 129 28.86 40.15 -22.25
CA ILE F 129 29.61 40.22 -21.00
C ILE F 129 28.74 39.65 -19.89
N ILE F 130 29.31 38.79 -19.06
CA ILE F 130 28.59 38.26 -17.91
C ILE F 130 28.82 39.21 -16.75
N GLY F 131 27.78 39.97 -16.41
CA GLY F 131 27.81 40.91 -15.30
C GLY F 131 27.20 40.22 -14.09
N SER F 132 26.30 40.90 -13.36
CA SER F 132 25.66 40.34 -12.19
C SER F 132 24.44 41.18 -11.85
N VAL F 133 23.43 40.55 -11.26
CA VAL F 133 22.32 41.36 -10.75
C VAL F 133 22.80 42.31 -9.63
N ASN F 134 23.94 42.03 -8.98
CA ASN F 134 24.47 42.94 -7.98
C ASN F 134 25.02 44.21 -8.60
N GLY F 135 25.02 44.33 -9.92
CA GLY F 135 25.25 45.60 -10.56
C GLY F 135 24.08 46.55 -10.42
N ASP F 136 22.89 46.01 -10.12
CA ASP F 136 21.65 46.78 -9.95
C ASP F 136 21.13 46.84 -8.51
N ARG F 137 21.24 45.75 -7.76
CA ARG F 137 20.55 45.59 -6.48
C ARG F 137 21.31 46.30 -5.37
N MET F 138 20.68 46.46 -4.22
CA MET F 138 21.38 46.89 -3.02
C MET F 138 22.24 45.73 -2.52
N PRO F 139 23.58 45.81 -2.62
CA PRO F 139 24.43 44.67 -2.22
C PRO F 139 24.45 44.46 -0.72
N VAL F 140 24.66 43.20 -0.34
CA VAL F 140 24.93 42.86 1.06
C VAL F 140 26.27 43.46 1.46
N ALA F 141 26.47 43.55 2.77
CA ALA F 141 27.78 43.98 3.25
C ALA F 141 28.83 43.00 2.75
N GLY F 142 30.01 43.53 2.47
CA GLY F 142 31.13 42.68 2.12
C GLY F 142 31.36 42.44 0.65
N MET F 143 30.65 43.14 -0.25
CA MET F 143 30.91 42.95 -1.68
C MET F 143 30.92 44.27 -2.45
N ALA F 144 31.38 45.37 -1.83
CA ALA F 144 31.26 46.67 -2.46
C ALA F 144 32.08 46.79 -3.74
N ALA F 145 33.35 46.35 -3.71
CA ALA F 145 34.17 46.43 -4.92
C ALA F 145 33.61 45.53 -6.02
N TYR F 146 33.13 44.36 -5.65
CA TYR F 146 32.50 43.47 -6.63
C TYR F 146 31.29 44.13 -7.27
N ALA F 147 30.42 44.69 -6.44
CA ALA F 147 29.24 45.35 -6.98
C ALA F 147 29.64 46.51 -7.88
N ALA F 148 30.64 47.31 -7.47
CA ALA F 148 31.11 48.39 -8.32
C ALA F 148 31.57 47.86 -9.66
N SER F 149 32.31 46.74 -9.65
CA SER F 149 32.82 46.22 -10.91
C SER F 149 31.67 45.78 -11.82
N LYS F 150 30.57 45.29 -11.24
CA LYS F 150 29.46 44.83 -12.06
C LYS F 150 28.57 45.98 -12.51
N SER F 151 28.46 47.07 -11.73
CA SER F 151 27.75 48.24 -12.26
C SER F 151 28.58 48.95 -13.33
N ALA F 152 29.91 48.86 -13.27
CA ALA F 152 30.74 49.49 -14.30
C ALA F 152 30.36 49.00 -15.69
N LEU F 153 29.94 47.73 -15.77
CA LEU F 153 29.63 47.11 -17.06
C LEU F 153 28.43 47.75 -17.72
N GLN F 154 27.60 48.42 -16.93
CA GLN F 154 26.37 49.02 -17.45
C GLN F 154 26.67 50.22 -18.33
N GLY F 155 27.39 51.21 -17.76
CA GLY F 155 27.84 52.33 -18.57
C GLY F 155 28.73 51.88 -19.70
N MET F 156 29.57 50.88 -19.43
CA MET F 156 30.45 50.36 -20.47
C MET F 156 29.67 49.87 -21.68
N ALA F 157 28.69 49.00 -21.45
CA ALA F 157 27.94 48.44 -22.58
C ALA F 157 27.04 49.50 -23.27
N ARG F 158 26.46 50.41 -22.50
CA ARG F 158 25.72 51.48 -23.15
C ARG F 158 26.64 52.28 -24.08
N GLY F 159 27.84 52.64 -23.60
CA GLY F 159 28.72 53.49 -24.40
C GLY F 159 29.30 52.75 -25.59
N LEU F 160 29.80 51.54 -25.35
CA LEU F 160 30.37 50.76 -26.43
C LEU F 160 29.31 50.40 -27.46
N ALA F 161 28.04 50.25 -27.05
CA ALA F 161 27.02 50.00 -28.04
C ALA F 161 26.99 51.10 -29.10
N ARG F 162 27.18 52.37 -28.67
CA ARG F 162 27.14 53.44 -29.65
C ARG F 162 28.44 53.48 -30.44
N ASP F 163 29.57 53.16 -29.79
CA ASP F 163 30.82 53.08 -30.56
C ASP F 163 30.77 51.99 -31.63
N PHE F 164 30.12 50.87 -31.33
CA PHE F 164 30.12 49.71 -32.20
C PHE F 164 28.95 49.68 -33.17
N GLY F 165 27.93 50.51 -32.97
CA GLY F 165 26.79 50.56 -33.85
C GLY F 165 27.14 50.71 -35.32
N PRO F 166 28.01 51.68 -35.67
CA PRO F 166 28.43 51.81 -37.08
C PRO F 166 29.09 50.56 -37.63
N ARG F 167 29.58 49.67 -36.78
CA ARG F 167 30.25 48.47 -37.25
C ARG F 167 29.32 47.28 -37.33
N GLY F 168 28.03 47.45 -37.03
CA GLY F 168 27.11 46.33 -37.08
C GLY F 168 27.28 45.30 -35.98
N ILE F 169 27.87 45.70 -34.86
CA ILE F 169 28.16 44.83 -33.72
C ILE F 169 27.24 45.21 -32.56
N THR F 170 26.60 44.23 -31.92
CA THR F 170 25.84 44.48 -30.70
C THR F 170 26.66 44.07 -29.49
N ILE F 171 26.40 44.73 -28.35
CA ILE F 171 27.08 44.38 -27.10
C ILE F 171 26.05 44.43 -25.99
N ASN F 172 26.00 43.39 -25.17
CA ASN F 172 24.96 43.27 -24.14
C ASN F 172 25.58 42.66 -22.90
N VAL F 173 24.97 42.93 -21.75
CA VAL F 173 25.42 42.40 -20.46
C VAL F 173 24.33 41.46 -19.95
N VAL F 174 24.71 40.23 -19.60
CA VAL F 174 23.81 39.29 -18.93
C VAL F 174 24.05 39.37 -17.43
N GLN F 175 22.98 39.54 -16.64
CA GLN F 175 23.09 39.77 -15.20
C GLN F 175 22.41 38.62 -14.45
N PRO F 176 23.15 37.58 -14.07
CA PRO F 176 22.54 36.47 -13.34
C PRO F 176 22.32 36.78 -11.87
N GLY F 177 21.29 36.14 -11.31
CA GLY F 177 21.13 36.01 -9.88
C GLY F 177 21.91 34.77 -9.46
N PRO F 178 21.51 34.13 -8.38
CA PRO F 178 22.25 32.94 -7.90
C PRO F 178 22.24 31.81 -8.93
N ILE F 179 23.44 31.39 -9.34
CA ILE F 179 23.63 30.29 -10.28
C ILE F 179 24.49 29.23 -9.59
N ASP F 180 24.09 27.97 -9.73
CA ASP F 180 24.76 26.84 -9.10
C ASP F 180 26.14 26.63 -9.76
N THR F 181 27.20 27.09 -9.09
CA THR F 181 28.59 26.95 -9.55
C THR F 181 29.50 26.72 -8.35
N ASP F 182 30.78 26.50 -8.64
CA ASP F 182 31.77 26.42 -7.57
C ASP F 182 31.74 27.66 -6.69
N ALA F 183 31.50 28.82 -7.29
CA ALA F 183 31.49 30.09 -6.56
C ALA F 183 30.20 30.30 -5.77
N ASN F 184 29.13 29.57 -6.10
CA ASN F 184 27.83 29.77 -5.46
C ASN F 184 27.10 28.44 -5.47
N PRO F 185 27.55 27.46 -4.68
CA PRO F 185 26.99 26.11 -4.78
C PRO F 185 25.55 26.08 -4.28
N ALA F 186 24.70 25.39 -5.05
CA ALA F 186 23.27 25.35 -4.71
C ALA F 186 23.04 24.70 -3.35
N ASN F 187 23.94 23.83 -2.90
CA ASN F 187 23.78 23.19 -1.60
C ASN F 187 24.69 23.80 -0.53
N GLY F 188 25.20 25.01 -0.75
CA GLY F 188 26.05 25.67 0.22
C GLY F 188 25.26 26.24 1.38
N PRO F 189 25.97 26.73 2.40
CA PRO F 189 25.28 27.21 3.62
C PRO F 189 24.39 28.42 3.37
N MET F 190 24.62 29.18 2.30
CA MET F 190 23.78 30.34 2.02
C MET F 190 22.50 29.99 1.28
N ARG F 191 22.28 28.73 0.92
CA ARG F 191 21.14 28.36 0.07
C ARG F 191 19.82 28.94 0.58
N ASP F 192 19.47 28.66 1.84
CA ASP F 192 18.14 29.02 2.32
C ASP F 192 17.96 30.53 2.37
N MET F 193 18.97 31.27 2.82
CA MET F 193 18.85 32.73 2.82
C MET F 193 18.62 33.29 1.41
N LEU F 194 19.41 32.81 0.44
CA LEU F 194 19.26 33.30 -0.92
C LEU F 194 17.87 33.01 -1.44
N HIS F 195 17.37 31.79 -1.19
CA HIS F 195 16.04 31.48 -1.69
C HIS F 195 14.96 32.28 -0.96
N SER F 196 15.20 32.68 0.30
CA SER F 196 14.22 33.52 0.97
C SER F 196 14.07 34.88 0.31
N LEU F 197 15.05 35.28 -0.50
CA LEU F 197 14.97 36.55 -1.20
C LEU F 197 14.43 36.44 -2.63
N MET F 198 13.88 35.30 -3.04
CA MET F 198 13.59 35.06 -4.47
C MET F 198 12.15 34.63 -4.73
N ALA F 199 11.65 35.00 -5.92
CA ALA F 199 10.36 34.49 -6.37
C ALA F 199 10.46 33.05 -6.85
N ILE F 200 11.54 32.73 -7.53
CA ILE F 200 11.77 31.37 -8.02
C ILE F 200 12.82 30.75 -7.09
N LYS F 201 12.39 29.81 -6.24
CA LYS F 201 13.19 29.45 -5.07
C LYS F 201 14.12 28.27 -5.39
N ARG F 202 15.10 28.59 -6.22
CA ARG F 202 16.15 27.66 -6.64
C ARG F 202 17.32 28.48 -7.18
N HIS F 203 18.50 27.87 -7.20
CA HIS F 203 19.55 28.45 -7.99
C HIS F 203 19.28 28.24 -9.46
N GLY F 204 19.69 29.20 -10.28
CA GLY F 204 19.70 28.95 -11.69
C GLY F 204 20.79 27.94 -12.04
N GLN F 205 20.61 27.32 -13.21
CA GLN F 205 21.66 26.43 -13.69
C GLN F 205 22.57 27.17 -14.67
N PRO F 206 23.87 26.83 -14.71
CA PRO F 206 24.74 27.47 -15.72
C PRO F 206 24.18 27.38 -17.13
N GLU F 207 23.51 26.26 -17.45
CA GLU F 207 22.96 26.09 -18.80
C GLU F 207 21.90 27.14 -19.10
N GLU F 208 21.22 27.65 -18.07
CA GLU F 208 20.20 28.68 -18.32
C GLU F 208 20.84 30.02 -18.70
N VAL F 209 21.95 30.36 -18.06
CA VAL F 209 22.69 31.54 -18.48
C VAL F 209 23.17 31.36 -19.91
N ALA F 210 23.72 30.17 -20.20
CA ALA F 210 24.16 29.89 -21.55
C ALA F 210 23.02 30.05 -22.56
N GLY F 211 21.79 29.70 -22.17
CA GLY F 211 20.67 29.82 -23.09
C GLY F 211 20.31 31.26 -23.40
N MET F 212 20.40 32.13 -22.39
CA MET F 212 20.16 33.55 -22.63
C MET F 212 21.25 34.13 -23.52
N VAL F 213 22.50 33.76 -23.24
CA VAL F 213 23.61 34.17 -24.10
C VAL F 213 23.37 33.70 -25.53
N ALA F 214 22.91 32.48 -25.71
CA ALA F 214 22.74 31.96 -27.07
C ALA F 214 21.66 32.73 -27.81
N TRP F 215 20.60 33.13 -27.11
CA TRP F 215 19.59 33.91 -27.83
C TRP F 215 20.16 35.26 -28.24
N LEU F 216 20.82 35.94 -27.31
CA LEU F 216 21.35 37.27 -27.62
C LEU F 216 22.42 37.21 -28.70
N ALA F 217 23.16 36.11 -28.78
CA ALA F 217 24.18 35.95 -29.80
C ALA F 217 23.63 35.61 -31.17
N GLY F 218 22.32 35.32 -31.27
CA GLY F 218 21.76 34.86 -32.52
C GLY F 218 21.15 35.95 -33.38
N PRO F 219 20.58 35.53 -34.51
CA PRO F 219 20.14 36.49 -35.51
C PRO F 219 18.85 37.20 -35.14
N GLU F 220 18.12 36.74 -34.13
CA GLU F 220 16.91 37.44 -33.71
C GLU F 220 17.19 38.63 -32.84
N ALA F 221 18.43 38.84 -32.42
CA ALA F 221 18.75 39.87 -31.46
C ALA F 221 19.58 41.00 -32.07
N SER F 222 19.44 41.26 -33.38
CA SER F 222 20.26 42.30 -33.98
C SER F 222 19.84 43.71 -33.59
N PHE F 223 18.64 43.89 -33.04
CA PHE F 223 18.19 45.19 -32.53
C PHE F 223 18.44 45.33 -31.04
N VAL F 224 19.05 44.33 -30.41
CA VAL F 224 19.22 44.32 -28.96
C VAL F 224 20.67 44.71 -28.70
N THR F 225 20.88 45.89 -28.13
CA THR F 225 22.26 46.29 -27.87
C THR F 225 22.29 47.37 -26.79
N GLY F 226 23.41 47.42 -26.06
CA GLY F 226 23.54 48.37 -24.96
C GLY F 226 22.67 48.05 -23.76
N ALA F 227 22.14 46.83 -23.67
CA ALA F 227 21.13 46.49 -22.70
C ALA F 227 21.64 45.46 -21.68
N MET F 228 21.00 45.47 -20.51
CA MET F 228 21.30 44.59 -19.39
C MET F 228 20.14 43.61 -19.27
N HIS F 229 20.43 42.33 -19.29
CA HIS F 229 19.43 41.26 -19.35
C HIS F 229 19.53 40.44 -18.09
N THR F 230 18.51 40.51 -17.24
CA THR F 230 18.57 39.96 -15.91
C THR F 230 17.92 38.60 -15.86
N ILE F 231 18.64 37.61 -15.32
CA ILE F 231 18.14 36.23 -15.23
C ILE F 231 18.41 35.80 -13.78
N ASP F 232 17.45 36.11 -12.87
CA ASP F 232 17.76 36.10 -11.44
C ASP F 232 16.65 35.52 -10.56
N GLY F 233 15.59 34.99 -11.12
CA GLY F 233 14.48 34.47 -10.34
C GLY F 233 13.79 35.52 -9.50
N ALA F 234 13.89 36.80 -9.90
CA ALA F 234 13.40 37.97 -9.15
C ALA F 234 13.99 37.99 -7.74
N PHE F 235 15.28 38.31 -7.70
CA PHE F 235 16.05 38.29 -6.47
C PHE F 235 16.01 39.65 -5.78
N GLY F 236 15.72 39.65 -4.49
CA GLY F 236 15.90 40.88 -3.74
C GLY F 236 14.78 41.32 -2.83
N ALA F 237 13.75 40.51 -2.63
CA ALA F 237 12.65 40.84 -1.75
C ALA F 237 12.55 39.77 -0.68
N LEU F 238 12.40 40.18 0.56
CA LEU F 238 12.42 39.23 1.65
C LEU F 238 11.08 38.54 1.81
N GLU F 239 11.15 37.22 1.99
CA GLU F 239 9.96 36.42 2.26
C GLU F 239 9.28 36.90 3.53
N HIS F 240 7.95 37.08 3.48
CA HIS F 240 7.19 37.47 4.66
C HIS F 240 5.86 36.72 4.66
N HIS F 241 5.04 37.02 5.68
CA HIS F 241 3.64 36.58 5.71
C HIS F 241 2.71 37.66 6.27
N HIS F 242 3.14 38.93 6.27
CA HIS F 242 2.32 39.99 6.84
C HIS F 242 1.11 40.28 5.97
N HIS F 243 1.35 40.73 4.74
CA HIS F 243 0.29 41.02 3.77
C HIS F 243 -0.40 39.73 3.32
N GLY G 2 0.47 -65.27 2.79
CA GLY G 2 0.15 -63.97 2.25
C GLY G 2 -0.81 -64.03 1.07
N ALA G 3 -2.09 -63.81 1.34
CA ALA G 3 -3.06 -63.82 0.25
C ALA G 3 -2.69 -62.84 -0.85
N PHE G 4 -1.96 -61.77 -0.50
CA PHE G 4 -1.62 -60.74 -1.50
C PHE G 4 -0.13 -60.51 -1.60
N THR G 5 0.68 -61.50 -1.22
CA THR G 5 2.13 -61.38 -1.35
C THR G 5 2.49 -61.05 -2.80
N GLY G 6 3.36 -60.06 -2.96
CA GLY G 6 3.81 -59.67 -4.28
C GLY G 6 2.88 -58.77 -5.04
N LYS G 7 1.82 -58.27 -4.39
CA LYS G 7 0.86 -57.40 -5.03
C LYS G 7 1.08 -55.95 -4.59
N THR G 8 0.89 -55.03 -5.53
CA THR G 8 1.02 -53.61 -5.30
C THR G 8 -0.37 -53.01 -5.05
N VAL G 9 -0.54 -52.35 -3.91
CA VAL G 9 -1.83 -51.81 -3.48
C VAL G 9 -1.69 -50.32 -3.23
N LEU G 10 -2.63 -49.54 -3.77
CA LEU G 10 -2.75 -48.12 -3.47
C LEU G 10 -4.12 -47.86 -2.87
N ILE G 11 -4.12 -47.22 -1.71
CA ILE G 11 -5.35 -46.90 -0.99
C ILE G 11 -5.41 -45.38 -0.90
N LEU G 12 -6.39 -44.78 -1.57
CA LEU G 12 -6.57 -43.33 -1.50
C LEU G 12 -7.37 -42.99 -0.25
N GLY G 13 -6.77 -42.21 0.65
CA GLY G 13 -7.41 -41.91 1.91
C GLY G 13 -7.29 -43.04 2.90
N GLY G 14 -6.07 -43.37 3.30
CA GLY G 14 -5.84 -44.50 4.19
C GLY G 14 -5.39 -44.18 5.59
N SER G 15 -5.39 -42.92 6.02
CA SER G 15 -4.76 -42.53 7.27
C SER G 15 -5.58 -42.90 8.51
N ARG G 16 -6.90 -43.05 8.37
CA ARG G 16 -7.76 -43.27 9.52
C ARG G 16 -8.93 -44.16 9.14
N GLY G 17 -9.59 -44.70 10.16
CA GLY G 17 -10.89 -45.36 9.99
C GLY G 17 -10.87 -46.54 9.04
N ILE G 18 -11.90 -46.63 8.22
CA ILE G 18 -12.02 -47.73 7.27
C ILE G 18 -10.75 -47.83 6.42
N GLY G 19 -10.27 -46.70 5.92
CA GLY G 19 -9.08 -46.72 5.08
C GLY G 19 -7.88 -47.30 5.81
N ALA G 20 -7.68 -46.90 7.06
CA ALA G 20 -6.55 -47.44 7.82
C ALA G 20 -6.72 -48.94 8.05
N ALA G 21 -7.95 -49.39 8.30
CA ALA G 21 -8.16 -50.83 8.46
C ALA G 21 -7.85 -51.58 7.18
N ILE G 22 -8.15 -50.99 6.02
CA ILE G 22 -7.83 -51.62 4.75
C ILE G 22 -6.32 -51.67 4.55
N VAL G 23 -5.62 -50.60 4.91
CA VAL G 23 -4.16 -50.64 4.87
C VAL G 23 -3.64 -51.79 5.71
N ARG G 24 -4.09 -51.89 6.96
CA ARG G 24 -3.60 -52.94 7.85
C ARG G 24 -3.91 -54.32 7.30
N ARG G 25 -5.12 -54.52 6.76
CA ARG G 25 -5.47 -55.83 6.24
C ARG G 25 -4.56 -56.21 5.07
N PHE G 26 -4.36 -55.30 4.12
CA PHE G 26 -3.52 -55.65 2.98
C PHE G 26 -2.06 -55.86 3.40
N VAL G 27 -1.55 -55.10 4.36
CA VAL G 27 -0.19 -55.32 4.84
C VAL G 27 -0.09 -56.70 5.50
N THR G 28 -1.05 -57.04 6.36
CA THR G 28 -1.04 -58.34 7.00
C THR G 28 -1.07 -59.47 5.99
N ASP G 29 -1.77 -59.28 4.87
CA ASP G 29 -1.89 -60.28 3.83
C ASP G 29 -0.68 -60.29 2.87
N GLY G 30 0.35 -59.49 3.15
CA GLY G 30 1.61 -59.57 2.44
C GLY G 30 1.80 -58.63 1.27
N ALA G 31 0.86 -57.72 1.04
CA ALA G 31 0.96 -56.82 -0.10
C ALA G 31 1.96 -55.69 0.19
N ASN G 32 2.41 -55.04 -0.88
CA ASN G 32 3.14 -53.80 -0.78
C ASN G 32 2.14 -52.66 -0.89
N VAL G 33 2.05 -51.84 0.15
CA VAL G 33 0.92 -50.94 0.31
C VAL G 33 1.39 -49.49 0.34
N ARG G 34 0.75 -48.66 -0.47
CA ARG G 34 0.91 -47.22 -0.49
C ARG G 34 -0.46 -46.61 -0.23
N PHE G 35 -0.53 -45.57 0.61
CA PHE G 35 -1.81 -44.95 0.89
C PHE G 35 -1.62 -43.44 1.00
N THR G 36 -2.70 -42.70 0.72
CA THR G 36 -2.64 -41.24 0.75
C THR G 36 -3.30 -40.70 2.00
N TYR G 37 -2.92 -39.47 2.35
CA TYR G 37 -3.53 -38.71 3.42
C TYR G 37 -3.57 -37.24 2.99
N ALA G 38 -4.35 -36.45 3.71
CA ALA G 38 -4.39 -35.02 3.45
C ALA G 38 -4.27 -34.24 4.75
N GLY G 39 -5.27 -34.34 5.61
CA GLY G 39 -5.31 -33.58 6.85
C GLY G 39 -4.72 -34.27 8.06
N SER G 40 -4.41 -35.56 7.98
CA SER G 40 -3.98 -36.29 9.16
C SER G 40 -2.56 -36.82 8.97
N LYS G 41 -1.61 -35.89 8.87
CA LYS G 41 -0.21 -36.25 8.65
C LYS G 41 0.30 -37.12 9.79
N ASP G 42 -0.01 -36.77 11.03
CA ASP G 42 0.52 -37.50 12.17
C ASP G 42 0.01 -38.93 12.20
N ALA G 43 -1.32 -39.09 12.07
CA ALA G 43 -1.89 -40.43 12.01
C ALA G 43 -1.29 -41.24 10.87
N ALA G 44 -1.12 -40.62 9.71
CA ALA G 44 -0.53 -41.33 8.57
C ALA G 44 0.88 -41.81 8.91
N LYS G 45 1.68 -40.94 9.52
CA LYS G 45 3.05 -41.31 9.85
C LYS G 45 3.07 -42.45 10.85
N ARG G 46 2.16 -42.43 11.83
CA ARG G 46 2.07 -43.52 12.79
C ARG G 46 1.69 -44.82 12.12
N LEU G 47 0.69 -44.79 11.24
CA LEU G 47 0.27 -46.01 10.57
C LEU G 47 1.37 -46.59 9.71
N ALA G 48 2.08 -45.73 8.96
CA ALA G 48 3.21 -46.19 8.16
C ALA G 48 4.29 -46.80 9.05
N GLN G 49 4.61 -46.15 10.16
CA GLN G 49 5.63 -46.68 11.05
C GLN G 49 5.20 -48.02 11.63
N GLU G 50 3.91 -48.19 11.91
CA GLU G 50 3.42 -49.39 12.57
C GLU G 50 3.33 -50.57 11.60
N THR G 51 2.96 -50.29 10.34
CA THR G 51 2.69 -51.34 9.37
C THR G 51 3.80 -51.52 8.35
N GLY G 52 4.62 -50.48 8.12
CA GLY G 52 5.56 -50.48 7.02
C GLY G 52 4.98 -50.05 5.69
N ALA G 53 3.67 -49.77 5.64
CA ALA G 53 3.10 -49.20 4.43
C ALA G 53 3.66 -47.79 4.21
N THR G 54 3.55 -47.31 2.97
CA THR G 54 4.09 -46.02 2.59
C THR G 54 2.99 -44.96 2.56
N ALA G 55 3.20 -43.88 3.31
CA ALA G 55 2.25 -42.77 3.34
C ALA G 55 2.67 -41.71 2.33
N VAL G 56 1.70 -41.20 1.58
CA VAL G 56 1.93 -40.17 0.58
C VAL G 56 0.91 -39.07 0.75
N PHE G 57 1.36 -37.82 0.78
CA PHE G 57 0.40 -36.72 0.77
C PHE G 57 -0.25 -36.60 -0.60
N THR G 58 -1.59 -36.57 -0.62
CA THR G 58 -2.33 -36.19 -1.82
C THR G 58 -3.73 -35.79 -1.40
N ASP G 59 -4.13 -34.58 -1.79
CA ASP G 59 -5.46 -34.07 -1.53
C ASP G 59 -6.39 -34.57 -2.63
N SER G 60 -7.36 -35.41 -2.25
CA SER G 60 -8.30 -35.97 -3.22
C SER G 60 -9.19 -34.92 -3.87
N ALA G 61 -9.25 -33.71 -3.32
CA ALA G 61 -10.02 -32.64 -3.96
C ALA G 61 -9.32 -32.05 -5.17
N ASP G 62 -8.05 -32.40 -5.39
CA ASP G 62 -7.21 -31.86 -6.46
C ASP G 62 -7.06 -32.93 -7.53
N ARG G 63 -7.77 -32.75 -8.66
CA ARG G 63 -7.82 -33.81 -9.67
C ARG G 63 -6.44 -34.17 -10.17
N ASP G 64 -5.63 -33.17 -10.54
CA ASP G 64 -4.34 -33.49 -11.13
C ASP G 64 -3.44 -34.20 -10.13
N ALA G 65 -3.58 -33.88 -8.84
CA ALA G 65 -2.80 -34.59 -7.82
C ALA G 65 -3.23 -36.05 -7.70
N VAL G 66 -4.54 -36.31 -7.76
CA VAL G 66 -5.02 -37.70 -7.71
C VAL G 66 -4.51 -38.49 -8.90
N ILE G 67 -4.67 -37.92 -10.11
CA ILE G 67 -4.20 -38.62 -11.30
C ILE G 67 -2.69 -38.86 -11.21
N ASP G 68 -1.95 -37.87 -10.72
CA ASP G 68 -0.51 -38.02 -10.67
C ASP G 68 -0.10 -39.08 -9.67
N VAL G 69 -0.75 -39.13 -8.51
CA VAL G 69 -0.34 -40.10 -7.50
C VAL G 69 -0.65 -41.52 -7.97
N VAL G 70 -1.80 -41.71 -8.63
CA VAL G 70 -2.07 -43.03 -9.20
C VAL G 70 -1.05 -43.34 -10.29
N ARG G 71 -0.72 -42.34 -11.12
CA ARG G 71 0.20 -42.57 -12.22
C ARG G 71 1.56 -43.01 -11.70
N LYS G 72 2.05 -42.33 -10.67
CA LYS G 72 3.36 -42.58 -10.11
C LYS G 72 3.47 -43.93 -9.41
N SER G 73 2.34 -44.62 -9.19
CA SER G 73 2.35 -45.94 -8.56
C SER G 73 2.79 -47.04 -9.50
N GLY G 74 2.91 -46.75 -10.81
CA GLY G 74 3.28 -47.80 -11.74
C GLY G 74 2.11 -48.74 -11.96
N ALA G 75 2.42 -49.98 -12.31
CA ALA G 75 1.38 -50.97 -12.57
C ALA G 75 0.75 -51.42 -11.24
N LEU G 76 -0.44 -50.92 -10.95
CA LEU G 76 -1.14 -51.31 -9.72
C LEU G 76 -1.87 -52.63 -9.92
N ASP G 77 -1.85 -53.46 -8.88
CA ASP G 77 -2.72 -54.64 -8.84
C ASP G 77 -4.08 -54.31 -8.24
N ILE G 78 -4.10 -53.48 -7.21
CA ILE G 78 -5.32 -53.16 -6.48
C ILE G 78 -5.32 -51.67 -6.20
N LEU G 79 -6.41 -51.01 -6.55
CA LEU G 79 -6.68 -49.63 -6.17
C LEU G 79 -7.90 -49.64 -5.27
N VAL G 80 -7.80 -49.02 -4.10
CA VAL G 80 -8.95 -48.82 -3.22
C VAL G 80 -9.15 -47.32 -3.05
N VAL G 81 -10.33 -46.84 -3.44
CA VAL G 81 -10.69 -45.43 -3.26
C VAL G 81 -11.60 -45.36 -2.04
N ASN G 82 -11.04 -44.92 -0.91
CA ASN G 82 -11.78 -44.83 0.34
C ASN G 82 -12.13 -43.41 0.73
N ALA G 83 -11.26 -42.45 0.41
CA ALA G 83 -11.45 -41.07 0.81
C ALA G 83 -12.86 -40.59 0.51
N GLY G 84 -13.47 -39.95 1.49
CA GLY G 84 -14.80 -39.41 1.34
C GLY G 84 -15.05 -38.46 2.50
N ILE G 85 -15.91 -37.47 2.26
CA ILE G 85 -16.30 -36.54 3.30
C ILE G 85 -17.81 -36.44 3.41
N GLY G 86 -18.27 -36.02 4.59
CA GLY G 86 -19.66 -35.71 4.82
C GLY G 86 -19.82 -34.24 5.11
N VAL G 87 -20.82 -33.62 4.47
CA VAL G 87 -21.22 -32.25 4.78
C VAL G 87 -22.71 -32.33 5.07
N PHE G 88 -23.08 -32.15 6.33
CA PHE G 88 -24.41 -32.45 6.80
C PHE G 88 -25.06 -31.21 7.40
N GLY G 89 -26.36 -31.10 7.19
CA GLY G 89 -27.13 -29.98 7.68
C GLY G 89 -28.26 -29.69 6.73
N GLU G 90 -29.11 -28.74 7.13
CA GLU G 90 -30.18 -28.29 6.26
C GLU G 90 -29.60 -27.78 4.94
N ALA G 91 -30.05 -28.38 3.84
CA ALA G 91 -29.53 -28.01 2.52
C ALA G 91 -29.55 -26.50 2.30
N LEU G 92 -30.54 -25.81 2.84
CA LEU G 92 -30.67 -24.39 2.58
C LEU G 92 -29.63 -23.56 3.34
N GLU G 93 -28.98 -24.15 4.35
CA GLU G 93 -27.99 -23.43 5.15
C GLU G 93 -26.55 -23.85 4.87
N LEU G 94 -26.33 -24.72 3.89
CA LEU G 94 -25.00 -25.24 3.63
C LEU G 94 -24.24 -24.36 2.64
N ASN G 95 -22.94 -24.24 2.87
CA ASN G 95 -22.11 -23.41 2.01
C ASN G 95 -21.83 -24.13 0.69
N ALA G 96 -22.06 -23.42 -0.42
CA ALA G 96 -21.96 -24.05 -1.74
C ALA G 96 -20.55 -24.55 -2.03
N ASP G 97 -19.52 -23.85 -1.57
CA ASP G 97 -18.16 -24.30 -1.84
C ASP G 97 -17.85 -25.60 -1.09
N ASP G 98 -18.38 -25.74 0.13
CA ASP G 98 -18.23 -27.00 0.86
C ASP G 98 -18.90 -28.14 0.11
N ILE G 99 -20.11 -27.90 -0.40
CA ILE G 99 -20.81 -28.93 -1.18
C ILE G 99 -19.98 -29.33 -2.39
N ASP G 100 -19.44 -28.34 -3.11
CA ASP G 100 -18.68 -28.66 -4.30
C ASP G 100 -17.40 -29.43 -3.97
N ARG G 101 -16.77 -29.13 -2.84
CA ARG G 101 -15.63 -29.93 -2.40
C ARG G 101 -16.07 -31.36 -2.11
N LEU G 102 -17.22 -31.53 -1.45
CA LEU G 102 -17.75 -32.87 -1.23
C LEU G 102 -17.91 -33.60 -2.56
N PHE G 103 -18.47 -32.93 -3.56
CA PHE G 103 -18.63 -33.57 -4.87
C PHE G 103 -17.28 -33.94 -5.46
N LYS G 104 -16.31 -33.04 -5.37
CA LYS G 104 -15.03 -33.31 -6.02
C LYS G 104 -14.31 -34.49 -5.36
N ILE G 105 -14.39 -34.59 -4.03
CA ILE G 105 -13.75 -35.70 -3.35
C ILE G 105 -14.53 -37.01 -3.56
N ASN G 106 -15.85 -36.94 -3.43
CA ASN G 106 -16.68 -38.14 -3.38
C ASN G 106 -17.07 -38.69 -4.74
N ILE G 107 -17.09 -37.84 -5.78
CA ILE G 107 -17.49 -38.25 -7.13
C ILE G 107 -16.30 -38.18 -8.10
N HIS G 108 -15.69 -37.00 -8.24
CA HIS G 108 -14.67 -36.80 -9.28
C HIS G 108 -13.45 -37.68 -9.04
N ALA G 109 -12.97 -37.70 -7.80
CA ALA G 109 -11.73 -38.43 -7.50
C ALA G 109 -11.87 -39.93 -7.77
N PRO G 110 -12.93 -40.62 -7.32
CA PRO G 110 -13.01 -42.05 -7.67
C PRO G 110 -12.97 -42.29 -9.16
N TYR G 111 -13.62 -41.43 -9.94
CA TYR G 111 -13.67 -41.61 -11.38
C TYR G 111 -12.29 -41.47 -12.00
N HIS G 112 -11.65 -40.32 -11.76
CA HIS G 112 -10.38 -40.07 -12.42
C HIS G 112 -9.31 -41.02 -11.91
N ALA G 113 -9.36 -41.36 -10.62
CA ALA G 113 -8.41 -42.32 -10.08
C ALA G 113 -8.58 -43.69 -10.72
N SER G 114 -9.83 -44.14 -10.88
CA SER G 114 -10.07 -45.44 -11.50
C SER G 114 -9.58 -45.46 -12.94
N VAL G 115 -9.97 -44.45 -13.72
CA VAL G 115 -9.55 -44.40 -15.12
C VAL G 115 -8.03 -44.37 -15.21
N GLU G 116 -7.38 -43.55 -14.37
CA GLU G 116 -5.92 -43.50 -14.42
C GLU G 116 -5.29 -44.84 -14.05
N ALA G 117 -5.84 -45.50 -13.02
CA ALA G 117 -5.30 -46.79 -12.60
C ALA G 117 -5.38 -47.81 -13.71
N ALA G 118 -6.50 -47.82 -14.47
CA ALA G 118 -6.64 -48.80 -15.53
C ALA G 118 -5.59 -48.64 -16.63
N ARG G 119 -4.95 -47.48 -16.73
CA ARG G 119 -3.98 -47.27 -17.81
C ARG G 119 -2.82 -48.27 -17.72
N GLN G 120 -2.37 -48.59 -16.51
CA GLN G 120 -1.24 -49.50 -16.32
C GLN G 120 -1.61 -50.78 -15.59
N MET G 121 -2.86 -50.92 -15.15
CA MET G 121 -3.21 -52.08 -14.32
C MET G 121 -3.28 -53.33 -15.19
N PRO G 122 -2.70 -54.44 -14.75
CA PRO G 122 -2.70 -55.66 -15.59
C PRO G 122 -4.04 -56.36 -15.54
N GLU G 123 -4.17 -57.37 -16.41
CA GLU G 123 -5.27 -58.30 -16.29
C GLU G 123 -5.22 -58.97 -14.92
N GLY G 124 -6.40 -59.14 -14.31
CA GLY G 124 -6.47 -59.57 -12.93
C GLY G 124 -6.52 -58.44 -11.93
N GLY G 125 -6.49 -57.19 -12.40
CA GLY G 125 -6.53 -56.06 -11.50
C GLY G 125 -7.86 -55.91 -10.79
N ARG G 126 -7.85 -55.10 -9.74
CA ARG G 126 -9.01 -54.88 -8.90
C ARG G 126 -9.10 -53.40 -8.54
N ILE G 127 -10.28 -52.82 -8.72
CA ILE G 127 -10.57 -51.46 -8.26
C ILE G 127 -11.78 -51.54 -7.34
N LEU G 128 -11.66 -51.00 -6.14
CA LEU G 128 -12.73 -51.02 -5.15
C LEU G 128 -12.96 -49.60 -4.66
N ILE G 129 -14.21 -49.15 -4.73
CA ILE G 129 -14.61 -47.83 -4.26
C ILE G 129 -15.48 -48.02 -3.02
N ILE G 130 -15.20 -47.23 -1.97
CA ILE G 130 -15.99 -47.27 -0.75
C ILE G 130 -17.13 -46.27 -0.92
N GLY G 131 -18.33 -46.80 -1.15
CA GLY G 131 -19.53 -46.00 -1.31
C GLY G 131 -20.27 -45.88 0.00
N SER G 132 -21.58 -46.08 -0.02
CA SER G 132 -22.37 -46.00 1.19
C SER G 132 -23.72 -46.62 0.92
N VAL G 133 -24.30 -47.24 1.95
CA VAL G 133 -25.68 -47.70 1.80
C VAL G 133 -26.60 -46.50 1.56
N ASN G 134 -26.16 -45.28 1.90
CA ASN G 134 -26.95 -44.09 1.60
C ASN G 134 -26.99 -43.79 0.11
N GLY G 135 -26.24 -44.52 -0.71
CA GLY G 135 -26.47 -44.45 -2.15
C GLY G 135 -27.77 -45.11 -2.59
N ASP G 136 -28.32 -46.00 -1.77
CA ASP G 136 -29.57 -46.70 -2.06
C ASP G 136 -30.75 -46.26 -1.21
N ARG G 137 -30.55 -45.99 0.08
CA ARG G 137 -31.67 -45.82 1.00
C ARG G 137 -32.23 -44.40 0.95
N MET G 138 -33.42 -44.24 1.53
CA MET G 138 -34.02 -42.92 1.72
C MET G 138 -33.25 -42.15 2.79
N PRO G 139 -32.44 -41.16 2.43
CA PRO G 139 -31.55 -40.55 3.42
C PRO G 139 -32.28 -39.56 4.32
N VAL G 140 -31.81 -39.49 5.57
CA VAL G 140 -32.36 -38.51 6.51
C VAL G 140 -32.14 -37.11 5.96
N ALA G 141 -32.92 -36.15 6.46
CA ALA G 141 -32.68 -34.77 6.10
C ALA G 141 -31.23 -34.42 6.41
N GLY G 142 -30.69 -33.41 5.74
CA GLY G 142 -29.36 -32.92 6.06
C GLY G 142 -28.20 -33.65 5.42
N MET G 143 -28.45 -34.52 4.42
CA MET G 143 -27.33 -35.19 3.75
C MET G 143 -27.63 -35.45 2.28
N ALA G 144 -28.40 -34.57 1.64
CA ALA G 144 -28.79 -34.80 0.25
C ALA G 144 -27.58 -34.88 -0.67
N ALA G 145 -26.65 -33.94 -0.54
CA ALA G 145 -25.50 -33.91 -1.41
C ALA G 145 -24.62 -35.15 -1.21
N TYR G 146 -24.42 -35.56 0.05
CA TYR G 146 -23.66 -36.77 0.33
C TYR G 146 -24.30 -38.00 -0.32
N ALA G 147 -25.61 -38.16 -0.10
CA ALA G 147 -26.31 -39.31 -0.70
C ALA G 147 -26.19 -39.30 -2.22
N ALA G 148 -26.35 -38.13 -2.84
CA ALA G 148 -26.13 -38.03 -4.27
C ALA G 148 -24.72 -38.49 -4.65
N SER G 149 -23.72 -38.07 -3.87
CA SER G 149 -22.36 -38.45 -4.24
C SER G 149 -22.18 -39.96 -4.15
N LYS G 150 -22.89 -40.63 -3.24
CA LYS G 150 -22.74 -42.08 -3.14
C LYS G 150 -23.58 -42.83 -4.17
N SER G 151 -24.75 -42.30 -4.54
CA SER G 151 -25.51 -42.92 -5.62
C SER G 151 -24.77 -42.77 -6.97
N ALA G 152 -24.02 -41.68 -7.16
CA ALA G 152 -23.28 -41.50 -8.41
C ALA G 152 -22.33 -42.67 -8.69
N LEU G 153 -21.79 -43.26 -7.63
CA LEU G 153 -20.82 -44.35 -7.74
C LEU G 153 -21.42 -45.61 -8.34
N GLN G 154 -22.75 -45.74 -8.28
CA GLN G 154 -23.42 -46.93 -8.78
C GLN G 154 -23.37 -46.96 -10.31
N GLY G 155 -23.89 -45.91 -10.94
CA GLY G 155 -23.74 -45.82 -12.38
C GLY G 155 -22.28 -45.82 -12.76
N MET G 156 -21.43 -45.19 -11.93
CA MET G 156 -20.00 -45.16 -12.22
C MET G 156 -19.42 -46.57 -12.31
N ALA G 157 -19.70 -47.40 -11.30
CA ALA G 157 -19.12 -48.74 -11.27
C ALA G 157 -19.72 -49.62 -12.35
N ARG G 158 -21.02 -49.50 -12.60
CA ARG G 158 -21.63 -50.29 -13.66
C ARG G 158 -21.01 -49.97 -15.01
N GLY G 159 -20.83 -48.68 -15.31
CA GLY G 159 -20.28 -48.31 -16.61
C GLY G 159 -18.81 -48.61 -16.75
N LEU G 160 -18.02 -48.25 -15.73
CA LEU G 160 -16.59 -48.53 -15.79
C LEU G 160 -16.31 -50.03 -15.80
N ALA G 161 -17.20 -50.83 -15.21
CA ALA G 161 -17.02 -52.28 -15.28
C ALA G 161 -16.94 -52.75 -16.73
N ARG G 162 -17.76 -52.16 -17.60
CA ARG G 162 -17.75 -52.54 -19.00
C ARG G 162 -16.57 -51.91 -19.74
N ASP G 163 -16.22 -50.67 -19.39
CA ASP G 163 -15.01 -50.11 -20.01
C ASP G 163 -13.77 -50.94 -19.69
N PHE G 164 -13.71 -51.50 -18.49
CA PHE G 164 -12.53 -52.18 -17.97
C PHE G 164 -12.53 -53.68 -18.23
N GLY G 165 -13.68 -54.25 -18.58
CA GLY G 165 -13.78 -55.68 -18.83
C GLY G 165 -12.75 -56.23 -19.81
N PRO G 166 -12.64 -55.61 -20.99
CA PRO G 166 -11.64 -56.09 -21.96
C PRO G 166 -10.23 -56.07 -21.42
N ARG G 167 -9.97 -55.33 -20.33
CA ARG G 167 -8.65 -55.29 -19.75
C ARG G 167 -8.48 -56.28 -18.60
N GLY G 168 -9.51 -57.06 -18.29
CA GLY G 168 -9.37 -58.03 -17.22
C GLY G 168 -9.39 -57.44 -15.84
N ILE G 169 -9.97 -56.26 -15.66
CA ILE G 169 -10.05 -55.57 -14.38
C ILE G 169 -11.49 -55.60 -13.92
N THR G 170 -11.72 -55.92 -12.64
CA THR G 170 -13.05 -55.78 -12.06
C THR G 170 -13.10 -54.49 -11.23
N ILE G 171 -14.30 -53.93 -11.11
CA ILE G 171 -14.51 -52.73 -10.30
C ILE G 171 -15.83 -52.89 -9.56
N ASN G 172 -15.80 -52.65 -8.25
CA ASN G 172 -16.94 -52.90 -7.38
C ASN G 172 -17.03 -51.80 -6.34
N VAL G 173 -18.24 -51.58 -5.84
CA VAL G 173 -18.49 -50.57 -4.82
C VAL G 173 -18.91 -51.29 -3.55
N VAL G 174 -18.24 -51.00 -2.44
CA VAL G 174 -18.62 -51.49 -1.13
C VAL G 174 -19.47 -50.42 -0.44
N GLN G 175 -20.64 -50.80 0.07
CA GLN G 175 -21.61 -49.84 0.62
C GLN G 175 -21.86 -50.14 2.09
N PRO G 176 -21.10 -49.54 3.01
CA PRO G 176 -21.30 -49.82 4.43
C PRO G 176 -22.50 -49.09 5.01
N GLY G 177 -23.09 -49.71 6.03
CA GLY G 177 -23.96 -48.99 6.93
C GLY G 177 -23.09 -48.33 7.98
N PRO G 178 -23.64 -48.07 9.16
CA PRO G 178 -22.87 -47.39 10.22
C PRO G 178 -21.66 -48.20 10.62
N ILE G 179 -20.48 -47.57 10.51
CA ILE G 179 -19.19 -48.15 10.88
C ILE G 179 -18.57 -47.26 11.95
N ASP G 180 -17.98 -47.90 12.97
CA ASP G 180 -17.38 -47.19 14.10
C ASP G 180 -16.07 -46.53 13.65
N THR G 181 -16.13 -45.22 13.41
CA THR G 181 -14.98 -44.43 12.98
C THR G 181 -15.06 -43.07 13.64
N ASP G 182 -14.05 -42.24 13.36
CA ASP G 182 -14.09 -40.85 13.82
C ASP G 182 -15.33 -40.13 13.31
N ALA G 183 -15.75 -40.41 12.08
CA ALA G 183 -16.89 -39.75 11.48
C ALA G 183 -18.22 -40.27 11.99
N ASN G 184 -18.22 -41.45 12.62
CA ASN G 184 -19.45 -42.10 13.07
C ASN G 184 -19.15 -42.93 14.30
N PRO G 185 -18.82 -42.30 15.42
CA PRO G 185 -18.37 -43.06 16.61
C PRO G 185 -19.53 -43.87 17.19
N ALA G 186 -19.23 -45.13 17.50
CA ALA G 186 -20.26 -46.05 17.98
C ALA G 186 -20.91 -45.57 19.26
N ASN G 187 -20.24 -44.72 20.03
CA ASN G 187 -20.81 -44.17 21.25
C ASN G 187 -21.21 -42.71 21.10
N GLY G 188 -21.37 -42.24 19.86
CA GLY G 188 -21.80 -40.89 19.61
C GLY G 188 -23.27 -40.69 19.95
N PRO G 189 -23.74 -39.45 19.86
CA PRO G 189 -25.13 -39.17 20.26
C PRO G 189 -26.16 -39.84 19.38
N MET G 190 -25.80 -40.24 18.16
CA MET G 190 -26.73 -40.90 17.23
C MET G 190 -26.79 -42.41 17.41
N ARG G 191 -26.09 -42.97 18.40
CA ARG G 191 -25.98 -44.43 18.51
C ARG G 191 -27.35 -45.11 18.56
N ASP G 192 -28.18 -44.71 19.51
CA ASP G 192 -29.42 -45.44 19.78
C ASP G 192 -30.38 -45.34 18.61
N MET G 193 -30.49 -44.17 18.00
CA MET G 193 -31.34 -44.00 16.82
C MET G 193 -30.90 -44.95 15.70
N LEU G 194 -29.62 -44.85 15.35
CA LEU G 194 -29.06 -45.71 14.31
C LEU G 194 -29.37 -47.17 14.58
N HIS G 195 -29.14 -47.62 15.82
CA HIS G 195 -29.40 -49.03 16.10
C HIS G 195 -30.90 -49.35 16.06
N SER G 196 -31.76 -48.38 16.39
CA SER G 196 -33.18 -48.63 16.26
C SER G 196 -33.58 -48.84 14.82
N LEU G 197 -32.74 -48.42 13.86
CA LEU G 197 -33.03 -48.63 12.45
C LEU G 197 -32.43 -49.91 11.84
N MET G 198 -31.89 -50.82 12.65
CA MET G 198 -31.08 -51.90 12.12
C MET G 198 -31.51 -53.26 12.65
N ALA G 199 -31.27 -54.29 11.84
CA ALA G 199 -31.47 -55.66 12.28
C ALA G 199 -30.33 -56.13 13.18
N ILE G 200 -29.10 -55.74 12.86
CA ILE G 200 -27.93 -56.05 13.68
C ILE G 200 -27.58 -54.77 14.44
N LYS G 201 -27.87 -54.76 15.73
CA LYS G 201 -27.90 -53.52 16.51
C LYS G 201 -26.51 -53.23 17.09
N ARG G 202 -25.62 -52.87 16.17
CA ARG G 202 -24.26 -52.46 16.51
C ARG G 202 -23.69 -51.72 15.31
N HIS G 203 -22.68 -50.90 15.57
CA HIS G 203 -21.87 -50.39 14.48
C HIS G 203 -21.00 -51.52 13.95
N GLY G 204 -20.78 -51.49 12.63
CA GLY G 204 -19.77 -52.36 12.05
C GLY G 204 -18.38 -51.90 12.42
N GLN G 205 -17.42 -52.83 12.33
CA GLN G 205 -16.06 -52.38 12.55
C GLN G 205 -15.36 -52.14 11.22
N PRO G 206 -14.45 -51.15 11.16
CA PRO G 206 -13.67 -50.94 9.93
C PRO G 206 -13.02 -52.21 9.42
N GLU G 207 -12.58 -53.09 10.32
CA GLU G 207 -12.00 -54.36 9.91
C GLU G 207 -12.98 -55.20 9.08
N GLU G 208 -14.28 -55.09 9.36
CA GLU G 208 -15.27 -55.88 8.61
C GLU G 208 -15.41 -55.36 7.18
N VAL G 209 -15.39 -54.04 7.02
CA VAL G 209 -15.33 -53.49 5.67
C VAL G 209 -14.07 -53.98 4.98
N ALA G 210 -12.96 -53.96 5.70
CA ALA G 210 -11.71 -54.43 5.11
C ALA G 210 -11.83 -55.89 4.67
N GLY G 211 -12.58 -56.70 5.41
CA GLY G 211 -12.72 -58.10 5.05
C GLY G 211 -13.51 -58.28 3.77
N MET G 212 -14.58 -57.50 3.61
CA MET G 212 -15.30 -57.57 2.35
C MET G 212 -14.42 -57.10 1.19
N VAL G 213 -13.71 -56.00 1.38
CA VAL G 213 -12.79 -55.52 0.35
C VAL G 213 -11.77 -56.60 -0.01
N ALA G 214 -11.20 -57.25 1.01
CA ALA G 214 -10.18 -58.26 0.75
C ALA G 214 -10.76 -59.45 -0.02
N TRP G 215 -12.02 -59.83 0.27
CA TRP G 215 -12.59 -60.91 -0.53
C TRP G 215 -12.76 -60.47 -1.98
N LEU G 216 -13.32 -59.28 -2.19
CA LEU G 216 -13.54 -58.82 -3.55
C LEU G 216 -12.25 -58.64 -4.30
N ALA G 217 -11.16 -58.34 -3.60
CA ALA G 217 -9.87 -58.14 -4.25
C ALA G 217 -9.17 -59.45 -4.60
N GLY G 218 -9.70 -60.59 -4.15
CA GLY G 218 -9.02 -61.85 -4.31
C GLY G 218 -9.45 -62.64 -5.53
N PRO G 219 -8.88 -63.84 -5.69
CA PRO G 219 -9.09 -64.61 -6.93
C PRO G 219 -10.44 -65.25 -7.03
N GLU G 220 -11.21 -65.34 -5.94
CA GLU G 220 -12.54 -65.93 -6.01
C GLU G 220 -13.58 -64.99 -6.57
N ALA G 221 -13.24 -63.72 -6.81
CA ALA G 221 -14.19 -62.71 -7.23
C ALA G 221 -13.93 -62.21 -8.65
N SER G 222 -13.31 -63.03 -9.50
CA SER G 222 -13.00 -62.54 -10.84
C SER G 222 -14.24 -62.40 -11.71
N PHE G 223 -15.36 -63.01 -11.32
CA PHE G 223 -16.62 -62.86 -12.03
C PHE G 223 -17.50 -61.78 -11.43
N VAL G 224 -17.02 -61.11 -10.39
CA VAL G 224 -17.78 -60.13 -9.64
C VAL G 224 -17.31 -58.75 -10.10
N THR G 225 -18.18 -58.02 -10.81
CA THR G 225 -17.80 -56.69 -11.28
C THR G 225 -19.06 -55.88 -11.58
N GLY G 226 -18.91 -54.56 -11.48
CA GLY G 226 -19.98 -53.63 -11.71
C GLY G 226 -21.08 -53.67 -10.66
N ALA G 227 -20.81 -54.25 -9.50
CA ALA G 227 -21.83 -54.54 -8.49
C ALA G 227 -21.59 -53.76 -7.21
N MET G 228 -22.69 -53.53 -6.48
CA MET G 228 -22.69 -52.83 -5.21
C MET G 228 -22.89 -53.85 -4.11
N HIS G 229 -22.01 -53.85 -3.12
CA HIS G 229 -22.00 -54.87 -2.08
C HIS G 229 -22.28 -54.20 -0.74
N THR G 230 -23.43 -54.52 -0.14
CA THR G 230 -23.88 -53.77 1.04
C THR G 230 -23.52 -54.53 2.31
N ILE G 231 -22.90 -53.82 3.25
CA ILE G 231 -22.49 -54.39 4.52
C ILE G 231 -22.98 -53.41 5.60
N ASP G 232 -24.24 -53.58 6.03
CA ASP G 232 -24.92 -52.51 6.76
C ASP G 232 -25.80 -52.99 7.92
N GLY G 233 -25.80 -54.28 8.25
CA GLY G 233 -26.65 -54.76 9.34
C GLY G 233 -28.12 -54.63 9.07
N ALA G 234 -28.52 -54.59 7.80
CA ALA G 234 -29.91 -54.37 7.39
C ALA G 234 -30.44 -53.07 8.01
N PHE G 235 -29.93 -51.97 7.47
CA PHE G 235 -30.22 -50.64 7.97
C PHE G 235 -31.39 -50.04 7.21
N GLY G 236 -32.39 -49.52 7.95
CA GLY G 236 -33.41 -48.73 7.29
C GLY G 236 -34.85 -49.02 7.65
N ALA G 237 -35.09 -49.86 8.66
CA ALA G 237 -36.44 -50.19 9.10
C ALA G 237 -36.56 -49.86 10.57
N LEU G 238 -37.67 -49.22 10.94
CA LEU G 238 -37.81 -48.71 12.30
C LEU G 238 -38.26 -49.80 13.25
N GLU G 239 -37.60 -49.87 14.40
CA GLU G 239 -37.97 -50.80 15.47
C GLU G 239 -39.40 -50.54 15.92
N HIS G 240 -40.17 -51.62 16.08
CA HIS G 240 -41.52 -51.49 16.59
C HIS G 240 -41.72 -52.18 17.94
N GLY H 2 6.72 22.73 -33.75
CA GLY H 2 5.99 23.69 -32.96
C GLY H 2 6.54 23.91 -31.57
N ALA H 3 7.32 25.00 -31.39
CA ALA H 3 7.82 25.33 -30.07
C ALA H 3 6.69 25.54 -29.07
N PHE H 4 5.48 25.89 -29.54
CA PHE H 4 4.36 26.12 -28.63
C PHE H 4 3.16 25.23 -28.96
N THR H 5 3.39 24.09 -29.61
CA THR H 5 2.32 23.13 -29.84
C THR H 5 1.67 22.73 -28.53
N GLY H 6 0.35 22.74 -28.50
CA GLY H 6 -0.37 22.35 -27.31
C GLY H 6 -0.50 23.44 -26.25
N LYS H 7 -0.02 24.65 -26.52
CA LYS H 7 -0.17 25.76 -25.59
C LYS H 7 -1.30 26.69 -26.01
N THR H 8 -2.05 27.21 -25.04
CA THR H 8 -3.08 28.20 -25.29
C THR H 8 -2.54 29.59 -24.99
N VAL H 9 -2.74 30.51 -25.93
CA VAL H 9 -2.19 31.86 -25.87
C VAL H 9 -3.32 32.86 -26.04
N LEU H 10 -3.36 33.89 -25.19
CA LEU H 10 -4.27 35.02 -25.36
C LEU H 10 -3.44 36.29 -25.49
N ILE H 11 -3.67 37.04 -26.57
CA ILE H 11 -2.93 38.29 -26.84
C ILE H 11 -3.94 39.43 -26.76
N LEU H 12 -3.78 40.32 -25.80
CA LEU H 12 -4.68 41.49 -25.73
C LEU H 12 -4.17 42.58 -26.66
N GLY H 13 -4.98 42.95 -27.66
CA GLY H 13 -4.54 43.91 -28.67
C GLY H 13 -3.70 43.28 -29.76
N GLY H 14 -4.26 42.35 -30.51
CA GLY H 14 -3.49 41.63 -31.50
C GLY H 14 -3.79 41.96 -32.95
N SER H 15 -4.59 42.99 -33.22
CA SER H 15 -5.08 43.14 -34.57
C SER H 15 -4.09 43.79 -35.51
N ARG H 16 -3.13 44.57 -35.01
CA ARG H 16 -2.21 45.35 -35.84
C ARG H 16 -0.83 45.39 -35.20
N GLY H 17 0.18 45.78 -35.99
CA GLY H 17 1.50 46.14 -35.45
C GLY H 17 2.21 45.01 -34.68
N ILE H 18 2.81 45.40 -33.54
CA ILE H 18 3.53 44.43 -32.71
C ILE H 18 2.61 43.28 -32.32
N GLY H 19 1.38 43.61 -31.89
CA GLY H 19 0.45 42.57 -31.47
C GLY H 19 0.18 41.56 -32.56
N ALA H 20 -0.02 42.03 -33.78
CA ALA H 20 -0.29 41.11 -34.89
C ALA H 20 0.93 40.22 -35.17
N ALA H 21 2.12 40.79 -35.08
CA ALA H 21 3.31 39.97 -35.28
C ALA H 21 3.43 38.90 -34.20
N ILE H 22 3.00 39.22 -32.98
CA ILE H 22 3.01 38.23 -31.90
C ILE H 22 1.99 37.13 -32.19
N VAL H 23 0.81 37.52 -32.68
CA VAL H 23 -0.16 36.50 -33.12
C VAL H 23 0.48 35.57 -34.15
N ARG H 24 1.08 36.15 -35.19
CA ARG H 24 1.61 35.33 -36.27
C ARG H 24 2.70 34.40 -35.76
N ARG H 25 3.55 34.89 -34.86
CA ARG H 25 4.65 34.06 -34.38
C ARG H 25 4.12 32.88 -33.56
N PHE H 26 3.18 33.13 -32.65
CA PHE H 26 2.66 32.00 -31.88
C PHE H 26 1.87 31.03 -32.75
N VAL H 27 1.13 31.51 -33.76
CA VAL H 27 0.45 30.56 -34.67
C VAL H 27 1.47 29.70 -35.40
N THR H 28 2.50 30.33 -35.95
CA THR H 28 3.53 29.58 -36.67
C THR H 28 4.18 28.54 -35.77
N ASP H 29 4.36 28.86 -34.49
CA ASP H 29 4.97 27.96 -33.53
C ASP H 29 3.98 26.94 -32.98
N GLY H 30 2.75 26.93 -33.52
CA GLY H 30 1.84 25.82 -33.23
C GLY H 30 0.89 26.04 -32.09
N ALA H 31 0.84 27.24 -31.52
CA ALA H 31 -0.02 27.52 -30.39
C ALA H 31 -1.49 27.63 -30.80
N ASN H 32 -2.37 27.45 -29.82
CA ASN H 32 -3.79 27.76 -29.92
C ASN H 32 -3.98 29.22 -29.53
N VAL H 33 -4.28 30.10 -30.50
CA VAL H 33 -4.11 31.54 -30.29
C VAL H 33 -5.47 32.23 -30.39
N ARG H 34 -5.76 33.07 -29.40
CA ARG H 34 -6.88 33.99 -29.44
C ARG H 34 -6.32 35.38 -29.21
N PHE H 35 -6.93 36.39 -29.83
CA PHE H 35 -6.44 37.75 -29.62
C PHE H 35 -7.61 38.74 -29.63
N THR H 36 -7.42 39.89 -28.96
CA THR H 36 -8.50 40.87 -28.93
C THR H 36 -8.23 42.03 -29.88
N TYR H 37 -9.31 42.75 -30.23
CA TYR H 37 -9.28 43.98 -30.98
C TYR H 37 -10.37 44.89 -30.44
N ALA H 38 -10.28 46.17 -30.79
CA ALA H 38 -11.35 47.10 -30.42
C ALA H 38 -11.74 47.92 -31.64
N GLY H 39 -10.85 48.76 -32.11
CA GLY H 39 -11.16 49.65 -33.22
C GLY H 39 -10.91 49.13 -34.62
N SER H 40 -10.22 47.99 -34.78
CA SER H 40 -9.84 47.51 -36.11
C SER H 40 -10.44 46.15 -36.42
N LYS H 41 -11.77 46.07 -36.52
CA LYS H 41 -12.40 44.77 -36.74
C LYS H 41 -12.00 44.16 -38.07
N ASP H 42 -11.93 44.96 -39.14
CA ASP H 42 -11.61 44.38 -40.45
C ASP H 42 -10.20 43.79 -40.47
N ALA H 43 -9.23 44.54 -39.92
CA ALA H 43 -7.86 44.02 -39.80
C ALA H 43 -7.83 42.77 -38.95
N ALA H 44 -8.60 42.77 -37.85
CA ALA H 44 -8.61 41.61 -36.96
C ALA H 44 -9.11 40.37 -37.69
N LYS H 45 -10.22 40.52 -38.42
CA LYS H 45 -10.81 39.38 -39.12
C LYS H 45 -9.90 38.91 -40.24
N ARG H 46 -9.22 39.82 -40.95
CA ARG H 46 -8.29 39.39 -41.99
C ARG H 46 -7.15 38.60 -41.37
N LEU H 47 -6.59 39.09 -40.26
CA LEU H 47 -5.52 38.37 -39.57
C LEU H 47 -5.97 36.98 -39.13
N ALA H 48 -7.17 36.89 -38.54
CA ALA H 48 -7.70 35.58 -38.16
C ALA H 48 -7.85 34.66 -39.37
N GLN H 49 -8.39 35.18 -40.48
CA GLN H 49 -8.61 34.32 -41.64
C GLN H 49 -7.29 33.87 -42.25
N GLU H 50 -6.25 34.68 -42.16
CA GLU H 50 -4.96 34.29 -42.70
C GLU H 50 -4.30 33.23 -41.85
N THR H 51 -4.51 33.28 -40.53
CA THR H 51 -3.74 32.46 -39.59
C THR H 51 -4.49 31.30 -38.98
N GLY H 52 -5.81 31.36 -38.92
CA GLY H 52 -6.56 30.39 -38.14
C GLY H 52 -6.67 30.74 -36.67
N ALA H 53 -6.08 31.86 -36.24
CA ALA H 53 -6.30 32.39 -34.90
C ALA H 53 -7.73 32.93 -34.80
N THR H 54 -8.19 33.12 -33.56
CA THR H 54 -9.54 33.62 -33.30
C THR H 54 -9.48 35.05 -32.77
N ALA H 55 -10.20 35.97 -33.42
CA ALA H 55 -10.32 37.37 -32.99
C ALA H 55 -11.57 37.57 -32.11
N VAL H 56 -11.41 38.36 -31.05
CA VAL H 56 -12.47 38.61 -30.08
C VAL H 56 -12.47 40.10 -29.76
N PHE H 57 -13.64 40.73 -29.90
CA PHE H 57 -13.73 42.12 -29.49
C PHE H 57 -13.59 42.24 -27.98
N THR H 58 -12.73 43.16 -27.52
CA THR H 58 -12.72 43.58 -26.13
C THR H 58 -11.98 44.91 -26.06
N ASP H 59 -12.62 45.92 -25.47
CA ASP H 59 -12.01 47.24 -25.30
C ASP H 59 -11.19 47.22 -24.02
N SER H 60 -9.85 47.32 -24.15
CA SER H 60 -8.98 47.28 -22.98
C SER H 60 -9.19 48.45 -22.03
N ALA H 61 -9.89 49.51 -22.45
CA ALA H 61 -10.17 50.60 -21.52
C ALA H 61 -11.26 50.23 -20.52
N ASP H 62 -11.91 49.09 -20.72
CA ASP H 62 -13.04 48.65 -19.90
C ASP H 62 -12.56 47.53 -19.00
N ARG H 63 -12.34 47.83 -17.72
CA ARG H 63 -11.73 46.84 -16.80
C ARG H 63 -12.53 45.55 -16.76
N ASP H 64 -13.83 45.64 -16.54
CA ASP H 64 -14.58 44.41 -16.38
C ASP H 64 -14.59 43.59 -17.68
N ALA H 65 -14.50 44.25 -18.85
CA ALA H 65 -14.43 43.51 -20.11
C ALA H 65 -13.11 42.76 -20.24
N VAL H 66 -12.02 43.40 -19.83
CA VAL H 66 -10.71 42.75 -19.83
C VAL H 66 -10.70 41.53 -18.93
N ILE H 67 -11.18 41.72 -17.68
CA ILE H 67 -11.25 40.60 -16.77
C ILE H 67 -12.09 39.48 -17.36
N ASP H 68 -13.22 39.84 -17.99
CA ASP H 68 -14.12 38.80 -18.49
C ASP H 68 -13.46 38.01 -19.62
N VAL H 69 -12.78 38.69 -20.56
CA VAL H 69 -12.23 37.94 -21.69
C VAL H 69 -11.10 37.01 -21.22
N VAL H 70 -10.28 37.49 -20.27
CA VAL H 70 -9.25 36.61 -19.72
C VAL H 70 -9.88 35.42 -19.00
N ARG H 71 -10.88 35.69 -18.16
CA ARG H 71 -11.55 34.60 -17.43
C ARG H 71 -12.13 33.59 -18.39
N LYS H 72 -12.73 34.04 -19.49
CA LYS H 72 -13.42 33.15 -20.40
C LYS H 72 -12.46 32.30 -21.20
N SER H 73 -11.18 32.67 -21.22
CA SER H 73 -10.21 31.76 -21.81
C SER H 73 -9.92 30.54 -20.94
N GLY H 74 -10.34 30.51 -19.68
CA GLY H 74 -10.03 29.31 -18.91
C GLY H 74 -8.55 29.27 -18.53
N ALA H 75 -8.02 28.06 -18.40
CA ALA H 75 -6.61 27.91 -18.04
C ALA H 75 -5.77 28.31 -19.24
N LEU H 76 -5.06 29.43 -19.13
CA LEU H 76 -4.17 29.92 -20.18
C LEU H 76 -2.74 29.52 -19.89
N ASP H 77 -1.99 29.15 -20.94
CA ASP H 77 -0.56 28.93 -20.76
C ASP H 77 0.23 30.23 -20.87
N ILE H 78 -0.17 31.11 -21.76
CA ILE H 78 0.57 32.34 -22.05
C ILE H 78 -0.42 33.49 -22.21
N LEU H 79 -0.20 34.59 -21.49
CA LEU H 79 -0.92 35.83 -21.70
C LEU H 79 0.07 36.88 -22.17
N VAL H 80 -0.23 37.54 -23.30
CA VAL H 80 0.56 38.68 -23.75
C VAL H 80 -0.33 39.91 -23.70
N VAL H 81 0.05 40.93 -22.93
CA VAL H 81 -0.69 42.19 -22.91
C VAL H 81 0.05 43.17 -23.81
N ASN H 82 -0.47 43.40 -25.01
CA ASN H 82 0.21 44.27 -25.97
C ASN H 82 -0.44 45.63 -26.09
N ALA H 83 -1.77 45.67 -25.99
CA ALA H 83 -2.53 46.90 -26.22
C ALA H 83 -1.93 48.06 -25.44
N GLY H 84 -1.77 49.18 -26.13
CA GLY H 84 -1.26 50.41 -25.55
C GLY H 84 -1.55 51.55 -26.49
N ILE H 85 -1.74 52.74 -25.93
CA ILE H 85 -1.96 53.91 -26.76
C ILE H 85 -0.99 55.00 -26.35
N GLY H 86 -0.76 55.90 -27.29
CA GLY H 86 0.00 57.12 -27.05
C GLY H 86 -0.92 58.33 -27.19
N VAL H 87 -0.80 59.24 -26.23
CA VAL H 87 -1.42 60.56 -26.31
C VAL H 87 -0.26 61.55 -26.11
N PHE H 88 0.09 62.28 -27.17
CA PHE H 88 1.31 63.07 -27.15
C PHE H 88 1.03 64.55 -27.41
N GLY H 89 1.82 65.40 -26.78
CA GLY H 89 1.68 66.83 -26.94
C GLY H 89 2.11 67.52 -25.67
N GLU H 90 1.97 68.85 -25.68
CA GLU H 90 2.29 69.60 -24.47
C GLU H 90 1.29 69.28 -23.38
N ALA H 91 1.79 68.96 -22.19
CA ALA H 91 0.90 68.47 -21.13
C ALA H 91 -0.24 69.44 -20.85
N LEU H 92 0.04 70.75 -20.91
CA LEU H 92 -1.00 71.73 -20.58
C LEU H 92 -2.07 71.85 -21.65
N GLU H 93 -1.94 71.16 -22.77
CA GLU H 93 -2.93 71.21 -23.83
C GLU H 93 -3.69 69.92 -24.01
N LEU H 94 -3.32 68.84 -23.32
CA LEU H 94 -3.93 67.54 -23.53
C LEU H 94 -5.21 67.41 -22.71
N ASN H 95 -6.19 66.71 -23.27
CA ASN H 95 -7.49 66.54 -22.63
C ASN H 95 -7.39 65.51 -21.50
N ALA H 96 -7.91 65.87 -20.31
CA ALA H 96 -7.74 65.01 -19.15
C ALA H 96 -8.40 63.64 -19.34
N ASP H 97 -9.54 63.58 -20.03
CA ASP H 97 -10.14 62.26 -20.26
C ASP H 97 -9.32 61.41 -21.23
N ASP H 98 -8.68 62.02 -22.22
CA ASP H 98 -7.80 61.24 -23.11
C ASP H 98 -6.64 60.67 -22.32
N ILE H 99 -6.08 61.48 -21.41
CA ILE H 99 -5.01 61.01 -20.54
C ILE H 99 -5.49 59.85 -19.67
N ASP H 100 -6.68 60.00 -19.07
CA ASP H 100 -7.15 58.94 -18.21
C ASP H 100 -7.44 57.66 -18.97
N ARG H 101 -7.87 57.78 -20.23
CA ARG H 101 -8.03 56.56 -21.03
C ARG H 101 -6.70 55.90 -21.27
N LEU H 102 -5.65 56.72 -21.50
CA LEU H 102 -4.31 56.15 -21.59
C LEU H 102 -3.92 55.41 -20.32
N PHE H 103 -4.16 55.99 -19.14
CA PHE H 103 -3.80 55.28 -17.92
C PHE H 103 -4.59 53.97 -17.80
N LYS H 104 -5.89 54.00 -18.14
CA LYS H 104 -6.70 52.78 -18.05
C LYS H 104 -6.16 51.67 -18.97
N ILE H 105 -5.80 52.01 -20.21
CA ILE H 105 -5.34 50.99 -21.16
C ILE H 105 -3.94 50.53 -20.82
N ASN H 106 -3.04 51.48 -20.53
CA ASN H 106 -1.61 51.17 -20.44
C ASN H 106 -1.20 50.67 -19.07
N ILE H 107 -1.93 51.03 -18.00
CA ILE H 107 -1.61 50.66 -16.62
C ILE H 107 -2.63 49.70 -16.06
N HIS H 108 -3.91 50.11 -16.03
CA HIS H 108 -4.90 49.31 -15.32
C HIS H 108 -5.12 47.98 -16.00
N ALA H 109 -5.20 47.97 -17.33
CA ALA H 109 -5.52 46.72 -18.03
C ALA H 109 -4.42 45.68 -17.85
N PRO H 110 -3.14 45.99 -18.03
CA PRO H 110 -2.13 44.95 -17.79
C PRO H 110 -2.20 44.38 -16.37
N TYR H 111 -2.45 45.23 -15.37
CA TYR H 111 -2.55 44.74 -14.00
C TYR H 111 -3.71 43.75 -13.87
N HIS H 112 -4.90 44.18 -14.25
CA HIS H 112 -6.06 43.31 -13.99
C HIS H 112 -6.06 42.06 -14.87
N ALA H 113 -5.59 42.18 -16.11
CA ALA H 113 -5.49 41.00 -16.98
C ALA H 113 -4.50 39.99 -16.39
N SER H 114 -3.36 40.48 -15.88
CA SER H 114 -2.35 39.57 -15.31
C SER H 114 -2.89 38.84 -14.07
N VAL H 115 -3.49 39.60 -13.13
CA VAL H 115 -4.06 38.97 -11.94
C VAL H 115 -5.14 37.94 -12.34
N GLU H 116 -6.02 38.32 -13.26
CA GLU H 116 -7.08 37.38 -13.62
C GLU H 116 -6.48 36.12 -14.25
N ALA H 117 -5.50 36.28 -15.15
CA ALA H 117 -4.94 35.10 -15.80
C ALA H 117 -4.33 34.18 -14.77
N ALA H 118 -3.69 34.75 -13.74
CA ALA H 118 -3.02 33.92 -12.72
C ALA H 118 -4.00 33.09 -11.91
N ARG H 119 -5.28 33.45 -11.92
CA ARG H 119 -6.23 32.61 -11.18
C ARG H 119 -6.28 31.18 -11.70
N GLN H 120 -6.14 30.96 -13.01
CA GLN H 120 -6.28 29.63 -13.59
C GLN H 120 -5.03 29.13 -14.32
N MET H 121 -4.01 29.96 -14.41
CA MET H 121 -2.83 29.61 -15.19
C MET H 121 -1.99 28.56 -14.46
N PRO H 122 -1.55 27.51 -15.14
CA PRO H 122 -0.80 26.45 -14.46
C PRO H 122 0.65 26.81 -14.24
N GLU H 123 1.28 26.02 -13.38
CA GLU H 123 2.72 26.07 -13.23
C GLU H 123 3.40 25.91 -14.60
N GLY H 124 4.37 26.78 -14.88
CA GLY H 124 4.93 26.88 -16.20
C GLY H 124 4.30 27.97 -17.04
N GLY H 125 3.29 28.67 -16.52
CA GLY H 125 2.67 29.76 -17.26
C GLY H 125 3.60 30.95 -17.44
N ARG H 126 3.23 31.80 -18.40
CA ARG H 126 4.01 32.97 -18.80
C ARG H 126 3.08 34.15 -18.99
N ILE H 127 3.43 35.30 -18.39
CA ILE H 127 2.73 36.57 -18.64
C ILE H 127 3.75 37.55 -19.17
N LEU H 128 3.45 38.16 -20.31
CA LEU H 128 4.37 39.10 -20.95
C LEU H 128 3.61 40.38 -21.24
N ILE H 129 4.20 41.52 -20.89
CA ILE H 129 3.55 42.81 -21.08
C ILE H 129 4.46 43.64 -21.99
N ILE H 130 3.89 44.29 -22.98
CA ILE H 130 4.66 45.13 -23.87
C ILE H 130 4.70 46.53 -23.26
N GLY H 131 5.86 46.88 -22.72
CA GLY H 131 6.13 48.18 -22.13
C GLY H 131 6.77 49.10 -23.15
N SER H 132 7.80 49.83 -22.76
CA SER H 132 8.45 50.75 -23.69
C SER H 132 9.78 51.14 -23.07
N VAL H 133 10.76 51.43 -23.93
CA VAL H 133 12.00 51.99 -23.42
C VAL H 133 11.73 53.33 -22.78
N ASN H 134 10.61 53.98 -23.12
CA ASN H 134 10.29 55.23 -22.45
C ASN H 134 9.91 55.04 -20.99
N GLY H 135 9.79 53.81 -20.51
CA GLY H 135 9.69 53.60 -19.09
C GLY H 135 10.99 53.87 -18.35
N ASP H 136 12.13 53.86 -19.06
CA ASP H 136 13.43 54.10 -18.46
C ASP H 136 14.05 55.43 -18.83
N ARG H 137 13.88 55.89 -20.07
N ARG H 137 13.78 55.90 -20.03
CA ARG H 137 14.71 56.96 -20.62
CA ARG H 137 14.33 57.16 -20.50
C ARG H 137 14.13 58.34 -20.28
C ARG H 137 13.39 57.68 -21.57
N MET H 138 14.93 59.38 -20.52
N MET H 138 13.23 59.00 -21.61
CA MET H 138 14.42 60.75 -20.41
CA MET H 138 12.32 59.66 -22.54
C MET H 138 13.47 61.07 -21.57
C MET H 138 13.15 60.55 -23.46
N PRO H 139 12.17 61.24 -21.33
N PRO H 139 13.73 59.99 -24.53
CA PRO H 139 11.23 61.41 -22.45
CA PRO H 139 14.61 60.77 -25.39
C PRO H 139 11.27 62.79 -23.07
C PRO H 139 13.90 61.73 -26.33
N VAL H 140 11.05 62.82 -24.40
N VAL H 140 12.56 61.70 -26.35
CA VAL H 140 10.91 64.10 -25.07
CA VAL H 140 11.75 62.62 -27.14
C VAL H 140 9.69 64.83 -24.53
C VAL H 140 10.69 63.25 -26.22
N ALA H 141 9.66 66.14 -24.75
N ALA H 141 10.68 64.58 -26.13
CA ALA H 141 8.47 66.93 -24.46
CA ALA H 141 9.73 65.27 -25.26
C ALA H 141 7.26 66.27 -25.11
C ALA H 141 8.29 65.11 -25.77
N GLY H 142 6.17 66.20 -24.35
N GLY H 142 7.33 65.44 -24.91
CA GLY H 142 4.94 65.71 -24.88
CA GLY H 142 5.92 65.48 -25.30
C GLY H 142 4.65 64.25 -24.66
C GLY H 142 5.10 64.24 -24.96
N MET H 143 5.48 63.50 -23.94
CA MET H 143 4.99 62.14 -23.69
C MET H 143 4.99 61.80 -22.21
N ALA H 144 4.69 62.77 -21.32
CA ALA H 144 4.88 62.54 -19.90
C ALA H 144 3.92 61.46 -19.37
N ALA H 145 2.63 61.57 -19.69
CA ALA H 145 1.69 60.55 -19.20
C ALA H 145 2.00 59.17 -19.77
N TYR H 146 2.37 59.13 -21.05
CA TYR H 146 2.76 57.86 -21.68
C TYR H 146 3.94 57.25 -20.95
N ALA H 147 4.99 58.05 -20.71
CA ALA H 147 6.17 57.57 -20.01
C ALA H 147 5.83 57.08 -18.62
N ALA H 148 4.98 57.82 -17.90
CA ALA H 148 4.53 57.35 -16.60
C ALA H 148 3.87 55.98 -16.71
N SER H 149 3.03 55.78 -17.73
CA SER H 149 2.29 54.52 -17.82
C SER H 149 3.25 53.36 -18.07
N LYS H 150 4.33 53.63 -18.79
CA LYS H 150 5.26 52.56 -19.09
C LYS H 150 6.24 52.30 -17.94
N SER H 151 6.61 53.34 -17.16
CA SER H 151 7.37 53.08 -15.95
C SER H 151 6.54 52.34 -14.92
N ALA H 152 5.20 52.59 -14.88
CA ALA H 152 4.33 51.87 -13.95
C ALA H 152 4.52 50.35 -14.07
N LEU H 153 4.78 49.87 -15.30
CA LEU H 153 4.87 48.43 -15.56
C LEU H 153 6.08 47.80 -14.88
N GLN H 154 7.11 48.61 -14.56
CA GLN H 154 8.31 48.07 -13.95
C GLN H 154 8.03 47.61 -12.52
N GLY H 155 7.52 48.51 -11.67
CA GLY H 155 7.16 48.10 -10.32
C GLY H 155 6.09 47.01 -10.37
N MET H 156 5.17 47.12 -11.35
CA MET H 156 4.11 46.12 -11.47
C MET H 156 4.69 44.73 -11.69
N ALA H 157 5.62 44.60 -12.64
CA ALA H 157 6.20 43.28 -12.94
C ALA H 157 7.08 42.78 -11.81
N ARG H 158 7.89 43.67 -11.19
CA ARG H 158 8.69 43.22 -10.06
C ARG H 158 7.80 42.64 -8.96
N GLY H 159 6.68 43.32 -8.67
CA GLY H 159 5.84 42.92 -7.57
C GLY H 159 5.01 41.69 -7.88
N LEU H 160 4.43 41.68 -9.08
CA LEU H 160 3.65 40.50 -9.47
C LEU H 160 4.54 39.28 -9.64
N ALA H 161 5.80 39.46 -10.00
CA ALA H 161 6.69 38.29 -10.07
C ALA H 161 6.74 37.56 -8.74
N ARG H 162 6.76 38.30 -7.62
CA ARG H 162 6.82 37.63 -6.34
C ARG H 162 5.44 37.08 -5.94
N ASP H 163 4.37 37.80 -6.28
CA ASP H 163 3.05 37.21 -6.03
C ASP H 163 2.84 35.90 -6.80
N PHE H 164 3.34 35.83 -8.04
CA PHE H 164 3.09 34.71 -8.95
C PHE H 164 4.15 33.62 -8.86
N GLY H 165 5.30 33.88 -8.25
CA GLY H 165 6.35 32.90 -8.11
C GLY H 165 5.89 31.56 -7.53
N PRO H 166 5.17 31.58 -6.39
CA PRO H 166 4.66 30.31 -5.83
C PRO H 166 3.76 29.54 -6.77
N ARG H 167 3.14 30.21 -7.74
CA ARG H 167 2.29 29.52 -8.70
C ARG H 167 3.08 29.02 -9.90
N GLY H 168 4.40 29.23 -9.93
CA GLY H 168 5.18 28.73 -11.05
C GLY H 168 5.01 29.53 -12.31
N ILE H 169 4.61 30.80 -12.20
CA ILE H 169 4.33 31.65 -13.35
C ILE H 169 5.41 32.72 -13.40
N THR H 170 5.96 32.99 -14.58
CA THR H 170 6.85 34.14 -14.69
C THR H 170 6.09 35.33 -15.33
N ILE H 171 6.55 36.54 -15.03
CA ILE H 171 5.98 37.73 -15.65
C ILE H 171 7.14 38.65 -16.01
N ASN H 172 7.13 39.15 -17.23
CA ASN H 172 8.24 39.97 -17.73
C ASN H 172 7.68 41.09 -18.58
N VAL H 173 8.44 42.19 -18.67
CA VAL H 173 8.07 43.33 -19.52
C VAL H 173 9.10 43.46 -20.64
N VAL H 174 8.62 43.51 -21.88
CA VAL H 174 9.45 43.80 -23.04
C VAL H 174 9.36 45.29 -23.33
N GLN H 175 10.52 45.96 -23.48
CA GLN H 175 10.61 47.41 -23.63
C GLN H 175 11.17 47.77 -24.99
N PRO H 176 10.34 47.96 -26.02
CA PRO H 176 10.90 48.30 -27.33
C PRO H 176 11.31 49.76 -27.45
N GLY H 177 12.32 49.98 -28.31
CA GLY H 177 12.56 51.29 -28.88
C GLY H 177 11.66 51.49 -30.08
N PRO H 178 12.03 52.38 -30.99
CA PRO H 178 11.17 52.64 -32.17
C PRO H 178 11.01 51.38 -33.00
N ILE H 179 9.75 51.00 -33.21
CA ILE H 179 9.35 49.84 -34.02
C ILE H 179 8.43 50.35 -35.13
N ASP H 180 8.65 49.87 -36.35
CA ASP H 180 7.90 50.36 -37.51
C ASP H 180 6.46 49.86 -37.45
N THR H 181 5.52 50.73 -37.02
CA THR H 181 4.09 50.39 -36.92
C THR H 181 3.26 51.60 -37.32
N ASP H 182 1.94 51.40 -37.35
CA ASP H 182 1.03 52.51 -37.59
C ASP H 182 1.26 53.62 -36.59
N ALA H 183 1.57 53.26 -35.34
CA ALA H 183 1.73 54.27 -34.31
C ALA H 183 3.06 54.98 -34.40
N ASN H 184 4.05 54.37 -35.05
CA ASN H 184 5.40 54.94 -35.12
C ASN H 184 6.02 54.54 -36.47
N PRO H 185 5.53 55.12 -37.57
CA PRO H 185 5.95 54.65 -38.91
C PRO H 185 7.40 55.01 -39.24
N ALA H 186 8.15 54.02 -39.74
CA ALA H 186 9.53 54.29 -40.11
C ALA H 186 9.63 55.29 -41.25
N ASN H 187 8.57 55.48 -42.03
CA ASN H 187 8.57 56.50 -43.08
C ASN H 187 7.97 57.83 -42.61
N GLY H 188 7.77 58.00 -41.29
CA GLY H 188 7.10 59.17 -40.76
C GLY H 188 8.04 60.35 -40.59
N PRO H 189 7.46 61.51 -40.23
CA PRO H 189 8.28 62.73 -40.13
C PRO H 189 9.32 62.67 -39.01
N MET H 190 9.14 61.83 -38.01
CA MET H 190 10.11 61.75 -36.91
C MET H 190 11.28 60.84 -37.24
N ARG H 191 11.32 60.27 -38.44
CA ARG H 191 12.29 59.21 -38.74
C ARG H 191 13.73 59.66 -38.50
N ASP H 192 14.13 60.79 -39.09
CA ASP H 192 15.53 61.18 -38.98
C ASP H 192 15.91 61.51 -37.53
N MET H 193 15.03 62.19 -36.80
CA MET H 193 15.35 62.52 -35.41
C MET H 193 15.50 61.27 -34.55
N LEU H 194 14.60 60.30 -34.74
CA LEU H 194 14.71 59.07 -33.96
C LEU H 194 16.00 58.36 -34.27
N HIS H 195 16.34 58.25 -35.56
CA HIS H 195 17.55 57.54 -35.91
C HIS H 195 18.80 58.27 -35.40
N SER H 196 18.73 59.60 -35.30
CA SER H 196 19.86 60.35 -34.76
C SER H 196 20.12 60.00 -33.31
N LEU H 197 19.13 59.40 -32.64
CA LEU H 197 19.34 59.05 -31.24
C LEU H 197 19.72 57.59 -31.00
N MET H 198 20.10 56.83 -32.05
CA MET H 198 20.21 55.38 -31.93
C MET H 198 21.56 54.88 -32.42
N ALA H 199 22.00 53.79 -31.80
CA ALA H 199 23.18 53.10 -32.33
C ALA H 199 22.85 52.28 -33.56
N ILE H 200 21.72 51.59 -33.57
CA ILE H 200 21.27 50.84 -34.73
C ILE H 200 20.25 51.72 -35.44
N LYS H 201 20.59 52.25 -36.62
CA LYS H 201 19.84 53.39 -37.14
C LYS H 201 18.71 52.91 -38.07
N ARG H 202 17.73 52.28 -37.43
CA ARG H 202 16.52 51.84 -38.11
C ARG H 202 15.45 51.64 -37.04
N HIS H 203 14.19 51.72 -37.48
CA HIS H 203 13.10 51.21 -36.64
C HIS H 203 13.20 49.69 -36.59
N GLY H 204 12.98 49.12 -35.42
CA GLY H 204 12.86 47.68 -35.29
C GLY H 204 11.59 47.20 -35.98
N GLN H 205 11.55 45.91 -36.20
CA GLN H 205 10.38 45.29 -36.79
C GLN H 205 9.49 44.65 -35.73
N PRO H 206 8.19 44.67 -35.97
CA PRO H 206 7.28 43.94 -35.06
C PRO H 206 7.72 42.50 -34.85
N GLU H 207 8.23 41.84 -35.90
CA GLU H 207 8.64 40.44 -35.74
C GLU H 207 9.81 40.29 -34.77
N GLU H 208 10.65 41.32 -34.64
CA GLU H 208 11.76 41.24 -33.67
C GLU H 208 11.25 41.32 -32.23
N VAL H 209 10.26 42.18 -31.97
CA VAL H 209 9.64 42.16 -30.66
C VAL H 209 9.02 40.79 -30.41
N ALA H 210 8.31 40.24 -31.40
CA ALA H 210 7.71 38.92 -31.23
C ALA H 210 8.77 37.86 -30.93
N GLY H 211 9.97 38.00 -31.50
CA GLY H 211 11.03 37.02 -31.26
C GLY H 211 11.50 37.03 -29.82
N MET H 212 11.61 38.23 -29.25
CA MET H 212 11.97 38.33 -27.83
C MET H 212 10.86 37.75 -26.94
N VAL H 213 9.60 38.10 -27.25
CA VAL H 213 8.46 37.55 -26.53
C VAL H 213 8.48 36.03 -26.56
N ALA H 214 8.72 35.46 -27.74
CA ALA H 214 8.69 34.02 -27.90
C ALA H 214 9.79 33.34 -27.09
N TRP H 215 10.98 33.97 -26.98
CA TRP H 215 12.02 33.35 -26.15
C TRP H 215 11.62 33.39 -24.68
N LEU H 216 11.12 34.55 -24.21
CA LEU H 216 10.73 34.66 -22.81
C LEU H 216 9.57 33.75 -22.48
N ALA H 217 8.73 33.46 -23.47
CA ALA H 217 7.58 32.59 -23.25
C ALA H 217 7.94 31.11 -23.24
N GLY H 218 9.18 30.76 -23.60
CA GLY H 218 9.56 29.38 -23.77
C GLY H 218 10.19 28.78 -22.54
N PRO H 219 10.62 27.53 -22.66
CA PRO H 219 11.11 26.79 -21.49
C PRO H 219 12.50 27.19 -21.03
N GLU H 220 13.26 27.92 -21.85
CA GLU H 220 14.59 28.35 -21.43
C GLU H 220 14.55 29.55 -20.51
N ALA H 221 13.39 30.17 -20.31
CA ALA H 221 13.30 31.41 -19.56
C ALA H 221 12.57 31.21 -18.23
N SER H 222 12.60 29.98 -17.67
CA SER H 222 11.83 29.75 -16.44
C SER H 222 12.46 30.41 -15.21
N PHE H 223 13.72 30.83 -15.29
CA PHE H 223 14.38 31.58 -14.22
C PHE H 223 14.29 33.07 -14.45
N VAL H 224 13.63 33.52 -15.52
CA VAL H 224 13.60 34.92 -15.92
C VAL H 224 12.25 35.47 -15.52
N THR H 225 12.23 36.35 -14.51
CA THR H 225 10.96 36.91 -14.08
C THR H 225 11.18 38.21 -13.32
N GLY H 226 10.14 39.06 -13.34
CA GLY H 226 10.24 40.36 -12.72
C GLY H 226 11.16 41.32 -13.45
N ALA H 227 11.52 41.03 -14.69
CA ALA H 227 12.58 41.77 -15.38
C ALA H 227 12.05 42.54 -16.59
N MET H 228 12.81 43.56 -16.96
CA MET H 228 12.53 44.45 -18.09
C MET H 228 13.58 44.18 -19.16
N HIS H 229 13.13 43.85 -20.36
CA HIS H 229 13.99 43.37 -21.44
C HIS H 229 13.90 44.39 -22.56
N THR H 230 15.00 45.11 -22.78
CA THR H 230 14.96 46.26 -23.67
C THR H 230 15.44 45.85 -25.05
N ILE H 231 14.67 46.20 -26.07
CA ILE H 231 15.01 45.88 -27.46
C ILE H 231 14.84 47.17 -28.26
N ASP H 232 15.91 48.01 -28.30
CA ASP H 232 15.71 49.40 -28.67
C ASP H 232 16.81 49.97 -29.56
N GLY H 233 17.76 49.17 -30.04
CA GLY H 233 18.82 49.71 -30.86
C GLY H 233 19.69 50.72 -30.16
N ALA H 234 19.75 50.66 -28.82
CA ALA H 234 20.45 51.61 -27.94
C ALA H 234 19.99 53.05 -28.21
N PHE H 235 18.77 53.31 -27.79
CA PHE H 235 18.06 54.55 -28.09
C PHE H 235 18.32 55.56 -26.97
N GLY H 236 18.74 56.77 -27.35
CA GLY H 236 18.76 57.81 -26.33
C GLY H 236 20.00 58.66 -26.29
N ALA H 237 20.89 58.54 -27.27
CA ALA H 237 22.11 59.35 -27.30
C ALA H 237 22.20 60.09 -28.62
N LEU H 238 22.53 61.37 -28.58
CA LEU H 238 22.50 62.18 -29.79
C LEU H 238 23.76 61.98 -30.63
N GLU H 239 23.55 61.80 -31.93
CA GLU H 239 24.64 61.70 -32.90
C GLU H 239 25.50 62.97 -32.85
N HIS H 240 26.82 62.80 -32.87
CA HIS H 240 27.70 63.96 -32.90
C HIS H 240 29.03 63.51 -33.50
N HIS H 241 29.87 64.49 -33.84
CA HIS H 241 31.18 64.21 -34.42
C HIS H 241 32.32 64.82 -33.60
N HIS H 242 32.02 65.30 -32.38
CA HIS H 242 33.02 65.97 -31.57
C HIS H 242 34.09 65.02 -31.06
N HIS H 243 33.84 63.72 -31.08
CA HIS H 243 34.81 62.76 -30.60
C HIS H 243 35.63 62.13 -31.73
N HIS H 244 35.39 62.55 -32.98
CA HIS H 244 36.21 62.12 -34.11
C HIS H 244 37.56 62.81 -34.15
N HIS H 245 38.22 62.68 -35.29
CA HIS H 245 39.25 63.61 -35.72
C HIS H 245 38.68 64.42 -36.88
N GLY I 2 28.01 78.94 11.14
CA GLY I 2 28.82 77.94 10.49
C GLY I 2 28.23 76.54 10.54
N ALA I 3 27.58 76.13 9.45
CA ALA I 3 27.00 74.79 9.38
C ALA I 3 28.04 73.70 9.62
N PHE I 4 29.30 73.96 9.32
CA PHE I 4 30.33 72.93 9.48
C PHE I 4 31.46 73.39 10.38
N THR I 5 31.19 74.36 11.24
CA THR I 5 32.17 74.77 12.24
C THR I 5 32.56 73.57 13.08
N GLY I 6 33.86 73.40 13.30
CA GLY I 6 34.37 72.30 14.09
C GLY I 6 34.51 70.99 13.36
N LYS I 7 34.22 70.95 12.07
CA LYS I 7 34.32 69.74 11.26
C LYS I 7 35.58 69.82 10.41
N THR I 8 36.19 68.65 10.17
CA THR I 8 37.34 68.54 9.29
C THR I 8 36.93 67.92 7.95
N VAL I 9 37.36 68.56 6.86
CA VAL I 9 36.96 68.18 5.52
C VAL I 9 38.20 67.98 4.65
N LEU I 10 38.22 66.88 3.90
CA LEU I 10 39.25 66.62 2.90
C LEU I 10 38.57 66.47 1.54
N ILE I 11 39.02 67.25 0.56
CA ILE I 11 38.45 67.23 -0.78
C ILE I 11 39.55 66.78 -1.73
N LEU I 12 39.36 65.60 -2.35
CA LEU I 12 40.36 65.12 -3.30
C LEU I 12 40.08 65.77 -4.65
N GLY I 13 41.05 66.52 -5.16
CA GLY I 13 40.85 67.23 -6.39
C GLY I 13 40.07 68.52 -6.19
N GLY I 14 40.63 69.47 -5.43
CA GLY I 14 39.91 70.69 -5.13
C GLY I 14 40.43 71.96 -5.78
N SER I 15 41.39 71.88 -6.71
CA SER I 15 42.07 73.07 -7.19
C SER I 15 41.27 73.88 -8.20
N ARG I 16 40.31 73.26 -8.90
CA ARG I 16 39.59 73.92 -9.98
C ARG I 16 38.15 73.43 -10.03
N GLY I 17 37.31 74.18 -10.75
CA GLY I 17 36.01 73.67 -11.11
C GLY I 17 35.11 73.34 -9.93
N ILE I 18 34.41 72.20 -10.07
CA ILE I 18 33.50 71.74 -9.03
C ILE I 18 34.21 71.60 -7.70
N GLY I 19 35.38 70.96 -7.71
CA GLY I 19 36.10 70.76 -6.46
C GLY I 19 36.43 72.08 -5.76
N ALA I 20 36.86 73.08 -6.53
CA ALA I 20 37.18 74.38 -5.95
C ALA I 20 35.94 75.02 -5.36
N ALA I 21 34.80 74.86 -6.03
CA ALA I 21 33.57 75.40 -5.45
C ALA I 21 33.20 74.69 -4.14
N ILE I 22 33.49 73.38 -4.05
CA ILE I 22 33.21 72.64 -2.81
C ILE I 22 34.14 73.12 -1.70
N VAL I 23 35.42 73.35 -2.02
CA VAL I 23 36.33 73.94 -1.04
C VAL I 23 35.77 75.25 -0.50
N ARG I 24 35.33 76.12 -1.42
CA ARG I 24 34.88 77.45 -1.01
C ARG I 24 33.64 77.36 -0.13
N ARG I 25 32.71 76.45 -0.48
CA ARG I 25 31.49 76.32 0.30
C ARG I 25 31.80 75.83 1.70
N PHE I 26 32.61 74.79 1.83
CA PHE I 26 32.90 74.29 3.16
C PHE I 26 33.70 75.29 4.00
N VAL I 27 34.60 76.07 3.37
CA VAL I 27 35.28 77.11 4.14
C VAL I 27 34.27 78.14 4.64
N THR I 28 33.39 78.61 3.76
CA THR I 28 32.40 79.61 4.16
C THR I 28 31.55 79.12 5.32
N ASP I 29 31.26 77.82 5.34
CA ASP I 29 30.46 77.19 6.39
C ASP I 29 31.27 76.87 7.64
N GLY I 30 32.55 77.26 7.71
CA GLY I 30 33.31 77.19 8.95
C GLY I 30 34.16 75.95 9.14
N ALA I 31 34.25 75.08 8.15
CA ALA I 31 35.02 73.84 8.30
C ALA I 31 36.51 74.11 8.20
N ASN I 32 37.29 73.17 8.76
CA ASN I 32 38.73 73.07 8.54
C ASN I 32 38.93 72.26 7.27
N VAL I 33 39.43 72.89 6.21
CA VAL I 33 39.37 72.30 4.88
C VAL I 33 40.79 72.05 4.40
N ARG I 34 41.03 70.84 3.90
CA ARG I 34 42.25 70.51 3.17
C ARG I 34 41.81 69.94 1.82
N PHE I 35 42.57 70.23 0.77
CA PHE I 35 42.20 69.71 -0.55
C PHE I 35 43.46 69.36 -1.34
N THR I 36 43.32 68.42 -2.27
CA THR I 36 44.47 67.99 -3.06
C THR I 36 44.45 68.61 -4.45
N TYR I 37 45.63 68.65 -5.05
CA TYR I 37 45.82 69.04 -6.43
C TYR I 37 46.94 68.18 -7.00
N ALA I 38 47.06 68.20 -8.32
CA ALA I 38 48.13 67.46 -9.00
C ALA I 38 48.77 68.37 -10.04
N GLY I 39 48.00 68.72 -11.08
CA GLY I 39 48.55 69.52 -12.17
C GLY I 39 48.41 71.01 -12.08
N SER I 40 47.59 71.55 -11.17
CA SER I 40 47.27 72.98 -11.14
C SER I 40 47.78 73.58 -9.83
N LYS I 41 49.11 73.62 -9.66
CA LYS I 41 49.66 74.13 -8.42
C LYS I 41 49.36 75.61 -8.23
N ASP I 42 49.50 76.42 -9.28
CA ASP I 42 49.26 77.85 -9.11
C ASP I 42 47.80 78.12 -8.73
N ALA I 43 46.86 77.42 -9.37
CA ALA I 43 45.45 77.58 -9.00
C ALA I 43 45.22 77.14 -7.56
N ALA I 44 45.84 76.03 -7.15
CA ALA I 44 45.68 75.55 -5.78
C ALA I 44 46.18 76.58 -4.77
N LYS I 45 47.35 77.18 -5.04
CA LYS I 45 47.88 78.18 -4.13
C LYS I 45 46.98 79.41 -4.09
N ARG I 46 46.44 79.82 -5.24
CA ARG I 46 45.54 80.98 -5.23
C ARG I 46 44.29 80.67 -4.42
N LEU I 47 43.73 79.46 -4.56
CA LEU I 47 42.54 79.09 -3.80
C LEU I 47 42.86 79.06 -2.30
N ALA I 48 44.03 78.52 -1.94
CA ALA I 48 44.46 78.50 -0.54
C ALA I 48 44.55 79.91 0.03
N GLN I 49 45.17 80.84 -0.72
CA GLN I 49 45.24 82.21 -0.21
C GLN I 49 43.85 82.82 -0.08
N GLU I 50 42.97 82.57 -1.07
CA GLU I 50 41.66 83.21 -1.03
C GLU I 50 40.82 82.69 0.14
N THR I 51 40.93 81.41 0.48
CA THR I 51 40.01 80.78 1.41
C THR I 51 40.60 80.45 2.78
N GLY I 52 41.91 80.24 2.87
CA GLY I 52 42.49 79.70 4.07
C GLY I 52 42.51 78.19 4.14
N ALA I 53 41.95 77.50 3.15
CA ALA I 53 42.07 76.05 3.07
C ALA I 53 43.51 75.64 2.79
N THR I 54 43.85 74.40 3.15
CA THR I 54 45.22 73.90 3.02
C THR I 54 45.32 73.07 1.75
N ALA I 55 46.23 73.45 0.85
CA ALA I 55 46.43 72.75 -0.41
C ALA I 55 47.54 71.72 -0.24
N VAL I 56 47.34 70.52 -0.79
CA VAL I 56 48.37 69.48 -0.71
C VAL I 56 48.46 68.75 -2.05
N PHE I 57 49.69 68.52 -2.51
CA PHE I 57 49.87 67.72 -3.72
C PHE I 57 49.55 66.26 -3.44
N THR I 58 48.73 65.65 -4.29
CA THR I 58 48.57 64.19 -4.34
C THR I 58 47.98 63.79 -5.69
N ASP I 59 48.66 62.90 -6.39
CA ASP I 59 48.17 62.41 -7.68
C ASP I 59 47.18 61.28 -7.43
N SER I 60 45.90 61.52 -7.77
CA SER I 60 44.87 60.50 -7.55
C SER I 60 45.09 59.23 -8.34
N ALA I 61 46.02 59.22 -9.32
CA ALA I 61 46.33 58.01 -10.08
C ALA I 61 47.23 57.05 -9.31
N ASP I 62 47.78 57.48 -8.17
CA ASP I 62 48.72 56.72 -7.35
C ASP I 62 47.96 56.26 -6.09
N ARG I 63 47.58 54.97 -6.07
CA ARG I 63 46.73 54.48 -4.98
C ARG I 63 47.36 54.71 -3.62
N ASP I 64 48.62 54.33 -3.46
CA ASP I 64 49.19 54.45 -2.12
C ASP I 64 49.33 55.92 -1.71
N ALA I 65 49.49 56.83 -2.66
CA ALA I 65 49.50 58.26 -2.31
C ALA I 65 48.12 58.73 -1.85
N VAL I 66 47.05 58.25 -2.51
CA VAL I 66 45.68 58.60 -2.11
C VAL I 66 45.41 58.08 -0.70
N ILE I 67 45.75 56.82 -0.47
CA ILE I 67 45.57 56.22 0.84
C ILE I 67 46.34 57.01 1.89
N ASP I 68 47.56 57.42 1.56
CA ASP I 68 48.38 58.11 2.54
C ASP I 68 47.82 59.49 2.88
N VAL I 69 47.34 60.26 1.90
CA VAL I 69 46.83 61.59 2.22
C VAL I 69 45.58 61.50 3.06
N VAL I 70 44.72 60.52 2.74
CA VAL I 70 43.54 60.33 3.58
C VAL I 70 43.94 59.91 4.99
N ARG I 71 44.85 58.94 5.11
CA ARG I 71 45.26 58.48 6.42
C ARG I 71 45.86 59.61 7.24
N LYS I 72 46.68 60.46 6.61
CA LYS I 72 47.37 61.52 7.33
C LYS I 72 46.44 62.65 7.72
N SER I 73 45.26 62.74 7.11
CA SER I 73 44.29 63.71 7.62
C SER I 73 43.78 63.39 9.02
N GLY I 74 44.06 62.21 9.59
CA GLY I 74 43.53 61.92 10.90
C GLY I 74 42.03 61.63 10.83
N ALA I 75 41.34 61.88 11.93
CA ALA I 75 39.89 61.61 11.95
C ALA I 75 39.19 62.67 11.12
N LEU I 76 38.64 62.26 9.98
CA LEU I 76 37.93 63.16 9.07
C LEU I 76 36.45 63.12 9.39
N ASP I 77 35.80 64.28 9.37
CA ASP I 77 34.35 64.30 9.43
C ASP I 77 33.73 64.11 8.06
N ILE I 78 34.32 64.70 7.02
CA ILE I 78 33.75 64.67 5.67
C ILE I 78 34.87 64.42 4.67
N LEU I 79 34.68 63.44 3.80
CA LEU I 79 35.52 63.24 2.63
C LEU I 79 34.70 63.49 1.37
N VAL I 80 35.21 64.33 0.48
CA VAL I 80 34.62 64.51 -0.84
C VAL I 80 35.63 64.05 -1.88
N VAL I 81 35.25 63.08 -2.71
CA VAL I 81 36.13 62.63 -3.78
C VAL I 81 35.63 63.29 -5.05
N ASN I 82 36.33 64.32 -5.51
CA ASN I 82 35.91 65.05 -6.70
C ASN I 82 36.74 64.73 -7.92
N ALA I 83 38.04 64.51 -7.76
CA ALA I 83 38.94 64.27 -8.88
C ALA I 83 38.36 63.26 -9.85
N GLY I 84 38.43 63.59 -11.14
CA GLY I 84 37.97 62.69 -12.17
C GLY I 84 38.49 63.21 -13.48
N ILE I 85 38.70 62.34 -14.48
CA ILE I 85 39.16 62.79 -15.78
C ILE I 85 38.26 62.21 -16.85
N GLY I 86 38.27 62.88 -18.00
CA GLY I 86 37.63 62.40 -19.20
C GLY I 86 38.68 62.08 -20.24
N VAL I 87 38.53 60.93 -20.87
CA VAL I 87 39.32 60.55 -22.04
C VAL I 87 38.28 60.22 -23.10
N PHE I 88 38.19 61.02 -24.14
CA PHE I 88 37.10 60.93 -25.10
C PHE I 88 37.63 60.69 -26.51
N GLY I 89 36.92 59.88 -27.26
CA GLY I 89 37.31 59.56 -28.62
C GLY I 89 36.82 58.18 -29.01
N GLU I 90 36.96 57.88 -30.30
CA GLU I 90 36.59 56.56 -30.80
C GLU I 90 37.29 55.49 -29.98
N ALA I 91 36.51 54.55 -29.45
CA ALA I 91 37.12 53.51 -28.60
C ALA I 91 38.28 52.81 -29.29
N LEU I 92 38.17 52.55 -30.60
CA LEU I 92 39.24 51.83 -31.30
C LEU I 92 40.45 52.70 -31.58
N GLU I 93 40.41 53.97 -31.20
CA GLU I 93 41.55 54.86 -31.39
C GLU I 93 42.18 55.33 -30.09
N LEU I 94 41.52 55.13 -28.95
CA LEU I 94 42.06 55.58 -27.69
C LEU I 94 43.21 54.69 -27.21
N ASN I 95 44.19 55.33 -26.57
CA ASN I 95 45.35 54.62 -26.05
C ASN I 95 44.99 53.87 -24.77
N ALA I 96 45.35 52.59 -24.68
CA ALA I 96 44.94 51.76 -23.55
C ALA I 96 45.51 52.27 -22.22
N ASP I 97 46.74 52.83 -22.23
CA ASP I 97 47.29 53.35 -20.98
C ASP I 97 46.50 54.56 -20.48
N ASP I 98 46.02 55.40 -21.40
CA ASP I 98 45.16 56.54 -21.02
C ASP I 98 43.87 56.05 -20.40
N ILE I 99 43.29 55.03 -21.00
CA ILE I 99 42.06 54.43 -20.47
C ILE I 99 42.29 53.90 -19.07
N ASP I 100 43.40 53.17 -18.87
CA ASP I 100 43.63 52.58 -17.56
C ASP I 100 43.88 53.66 -16.51
N ARG I 101 44.51 54.77 -16.90
CA ARG I 101 44.67 55.87 -15.97
C ARG I 101 43.31 56.46 -15.58
N LEU I 102 42.40 56.57 -16.56
CA LEU I 102 41.04 56.99 -16.22
C LEU I 102 40.39 56.02 -15.23
N PHE I 103 40.55 54.71 -15.43
CA PHE I 103 39.96 53.77 -14.46
C PHE I 103 40.59 53.96 -13.07
N LYS I 104 41.90 54.17 -13.01
CA LYS I 104 42.57 54.34 -11.72
C LYS I 104 42.10 55.59 -11.00
N ILE I 105 41.92 56.70 -11.72
CA ILE I 105 41.49 57.93 -11.05
C ILE I 105 40.00 57.87 -10.74
N ASN I 106 39.19 57.42 -11.69
CA ASN I 106 37.73 57.57 -11.58
C ASN I 106 37.07 56.45 -10.78
N ILE I 107 37.71 55.27 -10.71
CA ILE I 107 37.14 54.10 -10.03
C ILE I 107 37.97 53.72 -8.81
N HIS I 108 39.26 53.44 -9.02
CA HIS I 108 40.05 52.89 -7.94
C HIS I 108 40.20 53.90 -6.81
N ALA I 109 40.53 55.15 -7.15
CA ALA I 109 40.80 56.13 -6.10
C ALA I 109 39.58 56.39 -5.23
N PRO I 110 38.36 56.61 -5.77
CA PRO I 110 37.21 56.77 -4.87
C PRO I 110 37.03 55.58 -3.94
N TYR I 111 37.24 54.37 -4.44
CA TYR I 111 37.11 53.18 -3.60
C TYR I 111 38.09 53.22 -2.43
N HIS I 112 39.41 53.32 -2.75
CA HIS I 112 40.40 53.22 -1.70
C HIS I 112 40.39 54.42 -0.75
N ALA I 113 40.07 55.60 -1.27
CA ALA I 113 39.95 56.79 -0.44
C ALA I 113 38.81 56.64 0.55
N SER I 114 37.66 56.13 0.07
CA SER I 114 36.50 55.97 0.93
C SER I 114 36.76 54.96 2.05
N VAL I 115 37.29 53.78 1.68
CA VAL I 115 37.64 52.78 2.69
C VAL I 115 38.67 53.34 3.67
N GLU I 116 39.67 54.06 3.17
CA GLU I 116 40.65 54.59 4.09
C GLU I 116 40.04 55.60 5.04
N ALA I 117 39.17 56.48 4.52
CA ALA I 117 38.55 57.49 5.39
C ALA I 117 37.75 56.83 6.48
N ALA I 118 37.07 55.72 6.16
CA ALA I 118 36.21 55.08 7.15
C ALA I 118 36.97 54.52 8.34
N ARG I 119 38.29 54.31 8.22
CA ARG I 119 39.03 53.75 9.35
C ARG I 119 39.00 54.64 10.59
N GLN I 120 39.09 55.96 10.42
CA GLN I 120 39.15 56.89 11.54
C GLN I 120 37.95 57.82 11.63
N MET I 121 37.01 57.73 10.69
CA MET I 121 35.89 58.66 10.64
C MET I 121 34.87 58.33 11.73
N PRO I 122 34.38 59.31 12.49
CA PRO I 122 33.46 59.02 13.59
C PRO I 122 32.04 58.80 13.09
N GLU I 123 31.20 58.27 13.98
CA GLU I 123 29.76 58.32 13.76
C GLU I 123 29.34 59.74 13.37
N GLY I 124 28.47 59.83 12.36
CA GLY I 124 28.08 61.09 11.77
C GLY I 124 28.93 61.51 10.59
N GLY I 125 29.94 60.72 10.22
CA GLY I 125 30.75 61.06 9.09
C GLY I 125 30.00 60.98 7.78
N ARG I 126 30.57 61.62 6.78
CA ARG I 126 29.98 61.75 5.46
C ARG I 126 31.05 61.51 4.42
N ILE I 127 30.73 60.68 3.44
CA ILE I 127 31.59 60.48 2.28
C ILE I 127 30.75 60.80 1.05
N LEU I 128 31.26 61.66 0.18
CA LEU I 128 30.56 62.09 -1.02
C LEU I 128 31.47 61.95 -2.21
N ILE I 129 31.00 61.27 -3.26
CA ILE I 129 31.75 61.06 -4.49
C ILE I 129 31.07 61.81 -5.62
N ILE I 130 31.83 62.54 -6.43
CA ILE I 130 31.27 63.20 -7.60
C ILE I 130 31.32 62.23 -8.77
N GLY I 131 30.14 61.74 -9.15
CA GLY I 131 29.95 60.82 -10.27
C GLY I 131 29.60 61.59 -11.52
N SER I 132 28.59 61.14 -12.26
CA SER I 132 28.15 61.83 -13.47
C SER I 132 26.78 61.29 -13.84
N VAL I 133 25.94 62.15 -14.44
CA VAL I 133 24.69 61.61 -14.99
C VAL I 133 24.96 60.61 -16.10
N ASN I 134 26.15 60.64 -16.71
CA ASN I 134 26.50 59.62 -17.69
C ASN I 134 26.75 58.24 -17.09
N GLY I 135 26.72 58.11 -15.77
CA GLY I 135 26.61 56.80 -15.17
C GLY I 135 25.27 56.16 -15.35
N ASP I 136 24.22 56.95 -15.66
CA ASP I 136 22.87 56.45 -15.87
C ASP I 136 22.39 56.52 -17.32
N ARG I 137 22.75 57.60 -18.02
CA ARG I 137 22.16 57.91 -19.31
C ARG I 137 22.75 57.01 -20.40
N MET I 138 22.10 56.98 -21.55
CA MET I 138 22.70 56.34 -22.72
C MET I 138 23.80 57.26 -23.24
N PRO I 139 25.08 56.90 -23.12
CA PRO I 139 26.15 57.87 -23.46
C PRO I 139 26.29 58.08 -24.96
N VAL I 140 26.74 59.28 -25.32
CA VAL I 140 27.07 59.56 -26.72
C VAL I 140 28.27 58.72 -27.12
N ALA I 141 28.53 58.62 -28.42
CA ALA I 141 29.74 57.95 -28.86
C ALA I 141 30.96 58.63 -28.26
N GLY I 142 32.00 57.84 -28.00
CA GLY I 142 33.29 58.40 -27.63
C GLY I 142 33.55 58.51 -26.14
N MET I 143 32.67 57.97 -25.28
CA MET I 143 32.92 58.11 -23.84
C MET I 143 32.64 56.82 -23.07
N ALA I 144 32.90 55.66 -23.68
CA ALA I 144 32.47 54.40 -23.09
C ALA I 144 33.20 54.10 -21.78
N ALA I 145 34.53 54.23 -21.77
CA ALA I 145 35.26 53.99 -20.53
C ALA I 145 34.87 55.01 -19.45
N TYR I 146 34.68 56.27 -19.84
CA TYR I 146 34.26 57.28 -18.88
C TYR I 146 32.92 56.91 -18.25
N ALA I 147 31.96 56.55 -19.11
CA ALA I 147 30.64 56.17 -18.62
C ALA I 147 30.73 54.95 -17.70
N ALA I 148 31.53 53.96 -18.09
CA ALA I 148 31.73 52.79 -17.23
C ALA I 148 32.27 53.21 -15.87
N SER I 149 33.22 54.16 -15.84
CA SER I 149 33.82 54.53 -14.57
C SER I 149 32.81 55.22 -13.67
N LYS I 150 31.87 55.94 -14.26
CA LYS I 150 30.86 56.64 -13.47
C LYS I 150 29.71 55.72 -13.05
N SER I 151 29.37 54.72 -13.87
CA SER I 151 28.43 53.70 -13.39
C SER I 151 29.04 52.82 -12.29
N ALA I 152 30.35 52.56 -12.32
CA ALA I 152 30.98 51.81 -11.24
C ALA I 152 30.67 52.38 -9.85
N LEU I 153 30.52 53.70 -9.77
CA LEU I 153 30.33 54.37 -8.48
C LEU I 153 29.00 54.02 -7.86
N GLN I 154 28.04 53.56 -8.67
CA GLN I 154 26.69 53.27 -8.17
C GLN I 154 26.71 52.01 -7.30
N GLY I 155 27.19 50.89 -7.86
CA GLY I 155 27.34 49.70 -7.05
C GLY I 155 28.30 49.96 -5.91
N MET I 156 29.32 50.79 -6.15
CA MET I 156 30.29 51.09 -5.11
C MET I 156 29.61 51.72 -3.89
N ALA I 157 28.81 52.76 -4.14
CA ALA I 157 28.17 53.51 -3.06
C ALA I 157 27.07 52.68 -2.38
N ARG I 158 26.30 51.91 -3.15
CA ARG I 158 25.34 51.01 -2.51
C ARG I 158 26.02 50.02 -1.56
N GLY I 159 27.13 49.42 -2.00
CA GLY I 159 27.76 48.39 -1.19
C GLY I 159 28.48 48.97 0.01
N LEU I 160 29.24 50.06 -0.22
CA LEU I 160 29.94 50.70 0.89
C LEU I 160 28.96 51.30 1.88
N ALA I 161 27.77 51.70 1.43
CA ALA I 161 26.81 52.18 2.41
C ALA I 161 26.50 51.12 3.45
N ARG I 162 26.37 49.86 3.03
CA ARG I 162 26.07 48.81 3.99
C ARG I 162 27.31 48.46 4.81
N ASP I 163 28.51 48.52 4.22
CA ASP I 163 29.71 48.29 5.02
C ASP I 163 29.88 49.35 6.11
N PHE I 164 29.52 50.60 5.82
CA PHE I 164 29.76 51.75 6.68
C PHE I 164 28.58 52.07 7.59
N GLY I 165 27.40 51.50 7.33
CA GLY I 165 26.25 51.74 8.16
C GLY I 165 26.50 51.53 9.66
N PRO I 166 27.08 50.39 10.04
CA PRO I 166 27.38 50.16 11.48
C PRO I 166 28.32 51.18 12.08
N ARG I 167 29.10 51.88 11.27
CA ARG I 167 29.99 52.92 11.75
C ARG I 167 29.33 54.30 11.79
N GLY I 168 28.06 54.42 11.41
CA GLY I 168 27.41 55.71 11.48
C GLY I 168 27.81 56.65 10.38
N ILE I 169 28.31 56.12 9.25
CA ILE I 169 28.80 56.93 8.15
C ILE I 169 27.84 56.77 6.96
N THR I 170 27.47 57.88 6.31
CA THR I 170 26.72 57.79 5.07
C THR I 170 27.66 57.99 3.88
N ILE I 171 27.29 57.40 2.73
CA ILE I 171 28.06 57.61 1.51
C ILE I 171 27.07 57.77 0.36
N ASN I 172 27.30 58.80 -0.46
CA ASN I 172 26.38 59.15 -1.54
C ASN I 172 27.17 59.61 -2.76
N VAL I 173 26.55 59.46 -3.92
CA VAL I 173 27.13 59.90 -5.19
C VAL I 173 26.30 61.05 -5.73
N VAL I 174 26.97 62.17 -6.07
CA VAL I 174 26.32 63.28 -6.74
C VAL I 174 26.61 63.13 -8.23
N GLN I 175 25.57 63.21 -9.08
CA GLN I 175 25.69 62.95 -10.51
C GLN I 175 25.31 64.21 -11.30
N PRO I 176 26.29 65.05 -11.65
CA PRO I 176 25.96 66.26 -12.39
C PRO I 176 25.73 66.00 -13.87
N GLY I 177 24.87 66.82 -14.47
CA GLY I 177 24.87 67.01 -15.89
C GLY I 177 25.88 68.10 -16.23
N PRO I 178 25.69 68.81 -17.34
CA PRO I 178 26.70 69.81 -17.77
C PRO I 178 26.87 70.93 -16.75
N ILE I 179 28.12 71.07 -16.28
CA ILE I 179 28.51 72.10 -15.32
C ILE I 179 29.61 72.93 -15.97
N ASP I 180 29.52 74.25 -15.84
CA ASP I 180 30.46 75.18 -16.46
C ASP I 180 31.81 75.10 -15.75
N THR I 181 32.78 74.41 -16.38
CA THR I 181 34.13 74.26 -15.84
C THR I 181 35.11 74.27 -17.00
N ASP I 182 36.41 74.18 -16.66
CA ASP I 182 37.43 74.05 -17.69
C ASP I 182 37.16 72.85 -18.60
N ALA I 183 36.67 71.75 -18.02
CA ALA I 183 36.43 70.51 -18.75
C ALA I 183 35.15 70.56 -19.58
N ASN I 184 34.24 71.48 -19.29
CA ASN I 184 32.96 71.58 -19.99
C ASN I 184 32.53 73.04 -20.01
N PRO I 185 33.25 73.87 -20.74
CA PRO I 185 32.97 75.32 -20.68
C PRO I 185 31.62 75.68 -21.30
N ALA I 186 30.90 76.57 -20.61
CA ALA I 186 29.57 76.95 -21.08
C ALA I 186 29.57 77.61 -22.45
N ASN I 187 30.72 78.16 -22.89
CA ASN I 187 30.84 78.75 -24.21
C ASN I 187 31.59 77.84 -25.18
N GLY I 188 31.75 76.56 -24.85
CA GLY I 188 32.46 75.67 -25.72
C GLY I 188 31.66 75.29 -26.95
N PRO I 189 32.32 74.60 -27.88
CA PRO I 189 31.66 74.27 -29.15
C PRO I 189 30.49 73.32 -29.00
N MET I 190 30.40 72.57 -27.91
CA MET I 190 29.28 71.66 -27.70
C MET I 190 28.07 72.31 -27.02
N ARG I 191 28.16 73.62 -26.72
CA ARG I 191 27.17 74.31 -25.90
C ARG I 191 25.75 74.10 -26.41
N ASP I 192 25.51 74.41 -27.68
CA ASP I 192 24.15 74.41 -28.20
C ASP I 192 23.61 72.99 -28.30
N MET I 193 24.47 72.03 -28.66
CA MET I 193 24.05 70.64 -28.69
C MET I 193 23.62 70.17 -27.31
N LEU I 194 24.40 70.48 -26.28
CA LEU I 194 24.07 70.03 -24.93
C LEU I 194 22.76 70.64 -24.47
N HIS I 195 22.60 71.94 -24.70
CA HIS I 195 21.37 72.58 -24.24
C HIS I 195 20.13 72.07 -24.99
N SER I 196 20.31 71.60 -26.24
CA SER I 196 19.18 71.07 -26.99
C SER I 196 18.61 69.81 -26.33
N LEU I 197 19.38 69.19 -25.45
CA LEU I 197 18.99 67.95 -24.78
C LEU I 197 18.46 68.17 -23.37
N MET I 198 18.23 69.42 -22.94
CA MET I 198 17.96 69.69 -21.53
C MET I 198 16.64 70.44 -21.35
N ALA I 199 16.00 70.20 -20.19
CA ALA I 199 14.84 71.00 -19.81
C ALA I 199 15.25 72.38 -19.28
N ILE I 200 16.37 72.48 -18.57
CA ILE I 200 16.92 73.74 -18.06
C ILE I 200 18.10 74.09 -18.96
N LYS I 201 17.92 75.08 -19.84
CA LYS I 201 18.85 75.23 -20.98
C LYS I 201 19.99 76.17 -20.60
N ARG I 202 20.85 75.62 -19.74
CA ARG I 202 22.05 76.30 -19.29
C ARG I 202 22.98 75.25 -18.70
N HIS I 203 24.27 75.57 -18.64
CA HIS I 203 25.14 74.77 -17.80
C HIS I 203 24.84 75.07 -16.34
N GLY I 204 24.96 74.07 -15.49
CA GLY I 204 24.94 74.33 -14.07
C GLY I 204 26.20 75.07 -13.64
N GLN I 205 26.11 75.68 -12.47
CA GLN I 205 27.32 76.30 -11.91
C GLN I 205 27.98 75.37 -10.90
N PRO I 206 29.30 75.38 -10.81
CA PRO I 206 29.96 74.57 -9.78
C PRO I 206 29.41 74.78 -8.39
N GLU I 207 29.02 76.02 -8.05
CA GLU I 207 28.44 76.32 -6.76
C GLU I 207 27.17 75.53 -6.52
N GLU I 208 26.43 75.20 -7.59
CA GLU I 208 25.21 74.41 -7.41
C GLU I 208 25.50 72.96 -7.01
N VAL I 209 26.52 72.36 -7.63
CA VAL I 209 26.96 71.05 -7.16
C VAL I 209 27.41 71.15 -5.71
N ALA I 210 28.17 72.20 -5.37
CA ALA I 210 28.61 72.36 -3.99
C ALA I 210 27.44 72.48 -3.02
N GLY I 211 26.32 73.10 -3.45
CA GLY I 211 25.18 73.21 -2.56
C GLY I 211 24.53 71.87 -2.29
N MET I 212 24.48 71.00 -3.31
CA MET I 212 23.93 69.67 -3.10
C MET I 212 24.82 68.86 -2.17
N VAL I 213 26.12 68.94 -2.42
CA VAL I 213 27.08 68.29 -1.54
C VAL I 213 26.91 68.77 -0.11
N ALA I 214 26.76 70.09 0.09
CA ALA I 214 26.65 70.63 1.45
C ALA I 214 25.38 70.13 2.15
N TRP I 215 24.27 70.00 1.40
CA TRP I 215 23.07 69.46 2.06
C TRP I 215 23.28 68.00 2.45
N LEU I 216 23.83 67.19 1.54
CA LEU I 216 24.06 65.78 1.85
C LEU I 216 25.06 65.62 2.99
N ALA I 217 26.00 66.56 3.15
CA ALA I 217 27.00 66.43 4.21
C ALA I 217 26.49 66.85 5.58
N GLY I 218 25.30 67.43 5.65
CA GLY I 218 24.79 68.01 6.85
C GLY I 218 23.90 67.08 7.65
N PRO I 219 23.38 67.60 8.76
CA PRO I 219 22.65 66.77 9.71
C PRO I 219 21.26 66.38 9.26
N GLU I 220 20.71 67.02 8.23
CA GLU I 220 19.40 66.64 7.74
C GLU I 220 19.42 65.42 6.84
N ALA I 221 20.62 64.93 6.48
CA ALA I 221 20.76 63.85 5.52
C ALA I 221 21.30 62.58 6.17
N SER I 222 21.07 62.38 7.47
CA SER I 222 21.62 61.21 8.14
C SER I 222 20.91 59.92 7.74
N PHE I 223 19.72 60.03 7.13
CA PHE I 223 19.04 58.84 6.62
C PHE I 223 19.32 58.62 5.15
N VAL I 224 20.14 59.47 4.52
CA VAL I 224 20.36 59.44 3.09
C VAL I 224 21.69 58.74 2.87
N THR I 225 21.65 57.53 2.32
CA THR I 225 22.92 56.83 2.08
C THR I 225 22.73 55.79 0.99
N GLY I 226 23.83 55.47 0.29
CA GLY I 226 23.80 54.51 -0.80
C GLY I 226 23.07 55.01 -2.04
N ALA I 227 22.87 56.32 -2.14
CA ALA I 227 21.97 56.88 -3.14
C ALA I 227 22.73 57.74 -4.14
N MET I 228 22.15 57.87 -5.34
CA MET I 228 22.69 58.67 -6.43
C MET I 228 21.79 59.89 -6.57
N HIS I 229 22.38 61.09 -6.51
CA HIS I 229 21.59 62.33 -6.51
C HIS I 229 21.94 63.09 -7.77
N THR I 230 20.97 63.23 -8.67
CA THR I 230 21.23 63.76 -10.00
C THR I 230 20.90 65.25 -10.05
N ILE I 231 21.85 66.04 -10.54
CA ILE I 231 21.68 67.50 -10.66
C ILE I 231 22.10 67.85 -12.09
N ASP I 232 21.14 67.77 -13.03
CA ASP I 232 21.49 67.70 -14.44
C ASP I 232 20.59 68.52 -15.34
N GLY I 233 19.66 69.32 -14.80
CA GLY I 233 18.78 70.05 -15.68
C GLY I 233 17.86 69.19 -16.52
N ALA I 234 17.61 67.94 -16.11
CA ALA I 234 16.89 66.92 -16.89
C ALA I 234 17.52 66.77 -18.29
N PHE I 235 18.68 66.14 -18.28
CA PHE I 235 19.50 65.98 -19.47
C PHE I 235 19.14 64.68 -20.17
N GLY I 236 18.88 64.76 -21.49
CA GLY I 236 18.75 63.56 -22.29
C GLY I 236 17.59 63.43 -23.26
N ALA I 237 16.82 64.48 -23.47
CA ALA I 237 15.70 64.43 -24.41
C ALA I 237 15.76 65.56 -25.42
N LEU I 238 15.48 65.24 -26.68
CA LEU I 238 15.32 66.22 -27.78
C LEU I 238 13.90 66.79 -27.85
N GLU I 239 13.78 68.10 -28.06
CA GLU I 239 12.44 68.68 -28.26
C GLU I 239 11.80 68.23 -29.57
N HIS I 240 10.53 67.80 -29.51
CA HIS I 240 9.74 67.51 -30.69
C HIS I 240 8.45 68.34 -30.70
N HIS I 241 8.00 68.67 -31.91
CA HIS I 241 6.70 69.31 -32.13
C HIS I 241 5.69 68.26 -32.58
N HIS I 242 4.94 67.71 -31.64
CA HIS I 242 3.92 66.70 -31.98
C HIS I 242 2.77 67.31 -32.77
N GLY J 2 -65.12 -36.87 -20.75
CA GLY J 2 -64.90 -38.23 -20.27
C GLY J 2 -63.59 -38.80 -20.77
N ALA J 3 -62.55 -38.74 -19.94
CA ALA J 3 -61.25 -39.27 -20.32
C ALA J 3 -61.30 -40.74 -20.70
N PHE J 4 -62.23 -41.51 -20.13
CA PHE J 4 -62.28 -42.94 -20.43
C PHE J 4 -63.64 -43.38 -20.93
N THR J 5 -64.40 -42.45 -21.51
CA THR J 5 -65.67 -42.81 -22.12
C THR J 5 -65.49 -43.89 -23.18
N GLY J 6 -66.34 -44.91 -23.13
CA GLY J 6 -66.28 -45.98 -24.10
C GLY J 6 -65.26 -47.06 -23.82
N LYS J 7 -64.43 -46.90 -22.80
CA LYS J 7 -63.48 -47.94 -22.44
C LYS J 7 -64.11 -48.89 -21.43
N THR J 8 -63.74 -50.16 -21.53
CA THR J 8 -64.12 -51.18 -20.56
C THR J 8 -62.98 -51.36 -19.57
N VAL J 9 -63.33 -51.41 -18.29
CA VAL J 9 -62.37 -51.47 -17.20
C VAL J 9 -62.76 -52.62 -16.27
N LEU J 10 -61.78 -53.42 -15.87
CA LEU J 10 -61.99 -54.43 -14.84
C LEU J 10 -61.03 -54.17 -13.69
N ILE J 11 -61.56 -54.08 -12.47
CA ILE J 11 -60.75 -53.82 -11.28
C ILE J 11 -60.88 -55.03 -10.37
N LEU J 12 -59.77 -55.76 -10.17
CA LEU J 12 -59.80 -56.90 -9.25
C LEU J 12 -59.61 -56.39 -7.83
N GLY J 13 -60.60 -56.62 -6.96
CA GLY J 13 -60.57 -56.10 -5.61
C GLY J 13 -60.95 -54.63 -5.52
N GLY J 14 -62.19 -54.31 -5.89
CA GLY J 14 -62.65 -52.93 -5.92
C GLY J 14 -63.65 -52.51 -4.89
N SER J 15 -63.94 -53.33 -3.87
CA SER J 15 -65.04 -53.08 -2.94
C SER J 15 -64.75 -52.01 -1.89
N ARG J 16 -63.48 -51.79 -1.55
CA ARG J 16 -63.12 -50.88 -0.47
C ARG J 16 -61.81 -50.20 -0.79
N GLY J 17 -61.51 -49.13 -0.05
CA GLY J 17 -60.18 -48.53 -0.04
C GLY J 17 -59.71 -48.03 -1.38
N ILE J 18 -58.43 -48.31 -1.67
CA ILE J 18 -57.84 -47.87 -2.92
C ILE J 18 -58.66 -48.40 -4.09
N GLY J 19 -59.02 -49.68 -4.05
CA GLY J 19 -59.75 -50.27 -5.16
C GLY J 19 -61.05 -49.54 -5.41
N ALA J 20 -61.77 -49.24 -4.33
CA ALA J 20 -63.04 -48.52 -4.47
C ALA J 20 -62.81 -47.12 -5.04
N ALA J 21 -61.75 -46.45 -4.61
CA ALA J 21 -61.47 -45.15 -5.21
C ALA J 21 -61.15 -45.28 -6.69
N ILE J 22 -60.50 -46.37 -7.10
CA ILE J 22 -60.22 -46.55 -8.52
C ILE J 22 -61.52 -46.80 -9.29
N VAL J 23 -62.43 -47.60 -8.73
CA VAL J 23 -63.75 -47.75 -9.32
C VAL J 23 -64.41 -46.38 -9.53
N ARG J 24 -64.46 -45.55 -8.46
CA ARG J 24 -65.17 -44.27 -8.57
C ARG J 24 -64.51 -43.36 -9.60
N ARG J 25 -63.17 -43.36 -9.64
CA ARG J 25 -62.48 -42.51 -10.60
C ARG J 25 -62.81 -42.92 -12.03
N PHE J 26 -62.76 -44.22 -12.33
CA PHE J 26 -63.03 -44.63 -13.70
C PHE J 26 -64.49 -44.41 -14.09
N VAL J 27 -65.42 -44.62 -13.16
CA VAL J 27 -66.83 -44.31 -13.46
C VAL J 27 -67.00 -42.82 -13.74
N THR J 28 -66.43 -41.97 -12.89
CA THR J 28 -66.52 -40.53 -13.10
C THR J 28 -65.98 -40.14 -14.47
N ASP J 29 -64.93 -40.81 -14.92
CA ASP J 29 -64.30 -40.52 -16.21
C ASP J 29 -65.03 -41.19 -17.38
N GLY J 30 -66.18 -41.83 -17.14
CA GLY J 30 -67.03 -42.29 -18.21
C GLY J 30 -66.85 -43.72 -18.65
N ALA J 31 -66.01 -44.51 -17.97
CA ALA J 31 -65.76 -45.88 -18.38
C ALA J 31 -66.91 -46.79 -17.97
N ASN J 32 -67.02 -47.92 -18.66
CA ASN J 32 -67.86 -49.03 -18.22
C ASN J 32 -67.02 -49.90 -17.31
N VAL J 33 -67.41 -50.00 -16.04
CA VAL J 33 -66.55 -50.56 -15.00
C VAL J 33 -67.19 -51.81 -14.42
N ARG J 34 -66.39 -52.88 -14.32
CA ARG J 34 -66.69 -54.06 -13.52
C ARG J 34 -65.59 -54.19 -12.48
N PHE J 35 -65.95 -54.67 -11.28
CA PHE J 35 -64.94 -54.88 -10.25
C PHE J 35 -65.33 -56.11 -9.44
N THR J 36 -64.33 -56.76 -8.85
CA THR J 36 -64.56 -57.96 -8.06
C THR J 36 -64.46 -57.68 -6.57
N TYR J 37 -65.07 -58.58 -5.79
CA TYR J 37 -64.98 -58.54 -4.35
C TYR J 37 -65.02 -59.98 -3.85
N ALA J 38 -64.71 -60.17 -2.57
CA ALA J 38 -64.82 -61.50 -1.99
C ALA J 38 -65.48 -61.46 -0.62
N GLY J 39 -64.83 -60.82 0.35
CA GLY J 39 -65.32 -60.79 1.72
C GLY J 39 -66.23 -59.63 2.09
N SER J 40 -66.35 -58.62 1.23
CA SER J 40 -67.11 -57.42 1.61
C SER J 40 -68.33 -57.22 0.73
N LYS J 41 -69.29 -58.16 0.82
CA LYS J 41 -70.47 -58.12 -0.03
C LYS J 41 -71.26 -56.83 0.17
N ASP J 42 -71.49 -56.43 1.43
CA ASP J 42 -72.30 -55.24 1.68
C ASP J 42 -71.66 -54.00 1.07
N ALA J 43 -70.34 -53.82 1.29
CA ALA J 43 -69.65 -52.67 0.72
C ALA J 43 -69.67 -52.72 -0.80
N ALA J 44 -69.41 -53.89 -1.39
CA ALA J 44 -69.41 -54.01 -2.85
C ALA J 44 -70.77 -53.67 -3.45
N LYS J 45 -71.84 -54.22 -2.89
CA LYS J 45 -73.15 -53.93 -3.43
C LYS J 45 -73.54 -52.47 -3.25
N ARG J 46 -73.14 -51.85 -2.12
CA ARG J 46 -73.39 -50.42 -1.95
C ARG J 46 -72.61 -49.58 -2.98
N LEU J 47 -71.34 -49.93 -3.22
CA LEU J 47 -70.54 -49.22 -4.22
C LEU J 47 -71.15 -49.35 -5.60
N ALA J 48 -71.61 -50.55 -5.97
CA ALA J 48 -72.31 -50.74 -7.23
C ALA J 48 -73.56 -49.89 -7.30
N GLN J 49 -74.34 -49.87 -6.22
CA GLN J 49 -75.59 -49.11 -6.24
C GLN J 49 -75.33 -47.61 -6.40
N GLU J 50 -74.25 -47.13 -5.79
CA GLU J 50 -73.93 -45.70 -5.81
C GLU J 50 -73.30 -45.25 -7.12
N THR J 51 -72.49 -46.09 -7.76
CA THR J 51 -71.73 -45.70 -8.93
C THR J 51 -72.31 -46.20 -10.25
N GLY J 52 -73.09 -47.29 -10.24
CA GLY J 52 -73.48 -47.92 -11.48
C GLY J 52 -72.47 -48.91 -12.02
N ALA J 53 -71.32 -49.04 -11.38
CA ALA J 53 -70.38 -50.08 -11.74
C ALA J 53 -70.96 -51.44 -11.38
N THR J 54 -70.44 -52.48 -12.02
CA THR J 54 -70.95 -53.82 -11.82
C THR J 54 -70.04 -54.55 -10.84
N ALA J 55 -70.62 -55.07 -9.75
CA ALA J 55 -69.87 -55.86 -8.77
C ALA J 55 -69.99 -57.35 -9.10
N VAL J 56 -68.86 -58.06 -9.04
CA VAL J 56 -68.80 -59.48 -9.37
C VAL J 56 -68.07 -60.20 -8.24
N PHE J 57 -68.69 -61.24 -7.69
CA PHE J 57 -67.94 -62.02 -6.72
C PHE J 57 -66.85 -62.81 -7.45
N THR J 58 -65.62 -62.68 -6.96
CA THR J 58 -64.52 -63.54 -7.40
C THR J 58 -63.43 -63.50 -6.34
N ASP J 59 -63.05 -64.67 -5.83
CA ASP J 59 -62.00 -64.79 -4.84
C ASP J 59 -60.65 -64.82 -5.55
N SER J 60 -59.84 -63.79 -5.35
CA SER J 60 -58.55 -63.74 -6.03
C SER J 60 -57.61 -64.88 -5.62
N ALA J 61 -57.91 -65.59 -4.53
CA ALA J 61 -57.09 -66.76 -4.19
C ALA J 61 -57.37 -67.96 -5.09
N ASP J 62 -58.41 -67.89 -5.92
CA ASP J 62 -58.85 -68.99 -6.78
C ASP J 62 -58.42 -68.70 -8.21
N ARG J 63 -57.36 -69.37 -8.67
CA ARG J 63 -56.81 -69.06 -10.00
C ARG J 63 -57.88 -69.23 -11.10
N ASP J 64 -58.64 -70.33 -11.06
CA ASP J 64 -59.62 -70.56 -12.13
C ASP J 64 -60.62 -69.40 -12.17
N ALA J 65 -61.03 -68.90 -11.00
CA ALA J 65 -62.01 -67.82 -10.94
C ALA J 65 -61.42 -66.50 -11.45
N VAL J 66 -60.16 -66.22 -11.11
CA VAL J 66 -59.50 -65.00 -11.59
C VAL J 66 -59.41 -65.02 -13.11
N ILE J 67 -58.93 -66.14 -13.66
CA ILE J 67 -58.82 -66.25 -15.11
C ILE J 67 -60.19 -66.09 -15.76
N ASP J 68 -61.22 -66.71 -15.16
CA ASP J 68 -62.54 -66.65 -15.79
C ASP J 68 -63.13 -65.24 -15.76
N VAL J 69 -62.96 -64.52 -14.65
CA VAL J 69 -63.59 -63.19 -14.62
C VAL J 69 -62.88 -62.29 -15.63
N VAL J 70 -61.57 -62.44 -15.77
CA VAL J 70 -60.88 -61.65 -16.80
C VAL J 70 -61.37 -62.05 -18.19
N ARG J 71 -61.46 -63.35 -18.46
CA ARG J 71 -61.87 -63.82 -19.77
C ARG J 71 -63.26 -63.29 -20.13
N LYS J 72 -64.17 -63.31 -19.16
CA LYS J 72 -65.53 -62.86 -19.42
C LYS J 72 -65.65 -61.37 -19.70
N SER J 73 -64.59 -60.60 -19.50
CA SER J 73 -64.60 -59.19 -19.87
C SER J 73 -64.42 -58.95 -21.36
N GLY J 74 -64.07 -59.98 -22.14
CA GLY J 74 -63.94 -59.73 -23.56
C GLY J 74 -62.70 -58.92 -23.86
N ALA J 75 -62.77 -58.13 -24.93
CA ALA J 75 -61.61 -57.29 -25.25
C ALA J 75 -61.57 -56.15 -24.24
N LEU J 76 -60.87 -56.40 -23.13
CA LEU J 76 -60.72 -55.40 -22.07
C LEU J 76 -59.80 -54.26 -22.54
N ASP J 77 -60.15 -53.03 -22.16
CA ASP J 77 -59.23 -51.92 -22.42
C ASP J 77 -58.26 -51.70 -21.27
N ILE J 78 -58.72 -51.85 -20.02
CA ILE J 78 -57.92 -51.56 -18.84
C ILE J 78 -58.17 -52.63 -17.80
N LEU J 79 -57.11 -53.23 -17.29
CA LEU J 79 -57.16 -54.13 -16.14
C LEU J 79 -56.39 -53.49 -15.00
N VAL J 80 -57.01 -53.39 -13.83
CA VAL J 80 -56.33 -52.92 -12.63
C VAL J 80 -56.37 -54.07 -11.63
N VAL J 81 -55.22 -54.54 -11.20
CA VAL J 81 -55.17 -55.60 -10.19
C VAL J 81 -54.87 -54.91 -8.87
N ASN J 82 -55.89 -54.71 -8.04
CA ASN J 82 -55.69 -54.03 -6.77
C ASN J 82 -55.63 -54.98 -5.59
N ALA J 83 -56.40 -56.06 -5.63
CA ALA J 83 -56.54 -56.96 -4.50
C ALA J 83 -55.18 -57.35 -3.93
N GLY J 84 -55.09 -57.26 -2.60
CA GLY J 84 -53.90 -57.66 -1.89
C GLY J 84 -54.25 -57.78 -0.42
N ILE J 85 -53.51 -58.64 0.28
CA ILE J 85 -53.73 -58.81 1.71
C ILE J 85 -52.40 -58.68 2.45
N GLY J 86 -52.53 -58.33 3.73
CA GLY J 86 -51.40 -58.33 4.63
C GLY J 86 -51.61 -59.36 5.72
N VAL J 87 -50.57 -60.15 5.95
CA VAL J 87 -50.48 -61.07 7.07
C VAL J 87 -49.23 -60.64 7.82
N PHE J 88 -49.40 -60.04 8.99
CA PHE J 88 -48.30 -59.39 9.70
C PHE J 88 -48.10 -60.00 11.08
N GLY J 89 -46.84 -60.06 11.48
CA GLY J 89 -46.46 -60.61 12.76
C GLY J 89 -45.10 -61.26 12.62
N GLU J 90 -44.54 -61.64 13.77
CA GLU J 90 -43.27 -62.34 13.75
C GLU J 90 -43.38 -63.58 12.88
N ALA J 91 -42.35 -63.82 12.04
CA ALA J 91 -42.47 -64.85 11.02
C ALA J 91 -42.67 -66.23 11.64
N LEU J 92 -42.04 -66.49 12.79
CA LEU J 92 -42.13 -67.80 13.43
C LEU J 92 -43.48 -68.05 14.09
N GLU J 93 -44.38 -67.08 14.09
CA GLU J 93 -45.70 -67.25 14.69
C GLU J 93 -46.83 -67.24 13.68
N LEU J 94 -46.55 -66.95 12.40
CA LEU J 94 -47.60 -66.86 11.40
C LEU J 94 -47.95 -68.24 10.84
N ASN J 95 -49.23 -68.42 10.51
CA ASN J 95 -49.72 -69.68 9.99
C ASN J 95 -49.33 -69.84 8.52
N ALA J 96 -48.79 -71.02 8.17
CA ALA J 96 -48.28 -71.24 6.82
C ALA J 96 -49.38 -71.16 5.77
N ASP J 97 -50.59 -71.60 6.11
CA ASP J 97 -51.68 -71.52 5.15
C ASP J 97 -52.07 -70.06 4.90
N ASP J 98 -52.02 -69.21 5.94
CA ASP J 98 -52.28 -67.79 5.75
C ASP J 98 -51.25 -67.16 4.83
N ILE J 99 -49.98 -67.53 5.02
CA ILE J 99 -48.90 -67.01 4.18
C ILE J 99 -49.11 -67.42 2.73
N ASP J 100 -49.43 -68.70 2.51
CA ASP J 100 -49.62 -69.17 1.13
C ASP J 100 -50.83 -68.50 0.49
N ARG J 101 -51.89 -68.25 1.26
CA ARG J 101 -53.00 -67.47 0.72
C ARG J 101 -52.53 -66.08 0.30
N LEU J 102 -51.66 -65.47 1.10
CA LEU J 102 -51.11 -64.16 0.73
C LEU J 102 -50.33 -64.25 -0.58
N PHE J 103 -49.49 -65.28 -0.74
CA PHE J 103 -48.76 -65.46 -1.99
C PHE J 103 -49.71 -65.65 -3.18
N LYS J 104 -50.75 -66.47 -2.99
CA LYS J 104 -51.72 -66.71 -4.06
C LYS J 104 -52.42 -65.41 -4.49
N ILE J 105 -52.81 -64.57 -3.53
CA ILE J 105 -53.55 -63.36 -3.88
C ILE J 105 -52.62 -62.29 -4.42
N ASN J 106 -51.46 -62.12 -3.77
CA ASN J 106 -50.62 -60.97 -4.04
C ASN J 106 -49.65 -61.20 -5.19
N ILE J 107 -49.29 -62.47 -5.46
CA ILE J 107 -48.33 -62.83 -6.53
C ILE J 107 -49.01 -63.57 -7.67
N HIS J 108 -49.67 -64.69 -7.38
CA HIS J 108 -50.18 -65.53 -8.46
C HIS J 108 -51.29 -64.81 -9.23
N ALA J 109 -52.24 -64.22 -8.51
CA ALA J 109 -53.39 -63.61 -9.20
C ALA J 109 -52.98 -62.52 -10.16
N PRO J 110 -52.10 -61.56 -9.81
CA PRO J 110 -51.74 -60.55 -10.82
C PRO J 110 -51.10 -61.16 -12.05
N TYR J 111 -50.28 -62.19 -11.88
CA TYR J 111 -49.66 -62.83 -13.04
C TYR J 111 -50.72 -63.45 -13.93
N HIS J 112 -51.57 -64.32 -13.39
CA HIS J 112 -52.51 -65.02 -14.26
C HIS J 112 -53.56 -64.07 -14.81
N ALA J 113 -53.95 -63.07 -14.03
CA ALA J 113 -54.92 -62.08 -14.52
C ALA J 113 -54.34 -61.30 -15.69
N SER J 114 -53.08 -60.86 -15.58
CA SER J 114 -52.43 -60.09 -16.66
C SER J 114 -52.30 -60.92 -17.92
N VAL J 115 -51.79 -62.15 -17.79
CA VAL J 115 -51.64 -63.02 -18.95
C VAL J 115 -53.00 -63.27 -19.60
N GLU J 116 -54.03 -63.57 -18.80
CA GLU J 116 -55.33 -63.79 -19.42
C GLU J 116 -55.82 -62.53 -20.13
N ALA J 117 -55.66 -61.37 -19.50
CA ALA J 117 -56.13 -60.14 -20.11
C ALA J 117 -55.49 -59.92 -21.47
N ALA J 118 -54.20 -60.24 -21.59
CA ALA J 118 -53.49 -60.00 -22.83
C ALA J 118 -54.02 -60.83 -24.00
N ARG J 119 -54.78 -61.90 -23.73
CA ARG J 119 -55.27 -62.74 -24.83
C ARG J 119 -56.24 -61.97 -25.74
N GLN J 120 -57.07 -61.11 -25.16
CA GLN J 120 -58.05 -60.36 -25.95
C GLN J 120 -57.87 -58.85 -25.89
N MET J 121 -56.93 -58.35 -25.08
CA MET J 121 -56.80 -56.91 -24.92
C MET J 121 -56.20 -56.31 -26.19
N PRO J 122 -56.75 -55.20 -26.68
CA PRO J 122 -56.27 -54.62 -27.94
C PRO J 122 -55.01 -53.79 -27.75
N GLU J 123 -54.39 -53.46 -28.88
CA GLU J 123 -53.37 -52.41 -28.91
C GLU J 123 -53.90 -51.15 -28.22
N GLY J 124 -53.06 -50.54 -27.39
CA GLY J 124 -53.48 -49.44 -26.56
C GLY J 124 -53.95 -49.86 -25.18
N GLY J 125 -53.93 -51.16 -24.90
CA GLY J 125 -54.39 -51.68 -23.64
C GLY J 125 -53.50 -51.29 -22.48
N ARG J 126 -54.05 -51.42 -21.27
CA ARG J 126 -53.34 -51.00 -20.07
C ARG J 126 -53.57 -52.01 -18.97
N ILE J 127 -52.48 -52.44 -18.33
CA ILE J 127 -52.55 -53.27 -17.14
C ILE J 127 -51.81 -52.54 -16.04
N LEU J 128 -52.48 -52.32 -14.92
CA LEU J 128 -51.88 -51.67 -13.76
C LEU J 128 -52.01 -52.62 -12.58
N ILE J 129 -50.93 -52.80 -11.83
CA ILE J 129 -50.95 -53.61 -10.63
C ILE J 129 -50.64 -52.70 -9.44
N ILE J 130 -51.40 -52.86 -8.35
CA ILE J 130 -51.15 -52.06 -7.15
C ILE J 130 -50.16 -52.84 -6.29
N GLY J 131 -48.91 -52.37 -6.28
CA GLY J 131 -47.85 -52.99 -5.50
C GLY J 131 -47.73 -52.30 -4.16
N SER J 132 -46.51 -51.97 -3.74
CA SER J 132 -46.26 -51.31 -2.46
C SER J 132 -44.85 -50.77 -2.45
N VAL J 133 -44.66 -49.65 -1.74
CA VAL J 133 -43.29 -49.17 -1.57
C VAL J 133 -42.47 -50.21 -0.80
N ASN J 134 -43.14 -51.11 -0.06
CA ASN J 134 -42.41 -52.17 0.62
C ASN J 134 -41.84 -53.21 -0.33
N GLY J 135 -42.12 -53.12 -1.63
CA GLY J 135 -41.36 -53.90 -2.58
C GLY J 135 -39.93 -53.41 -2.75
N ASP J 136 -39.68 -52.15 -2.36
CA ASP J 136 -38.36 -51.54 -2.47
C ASP J 136 -37.66 -51.30 -1.14
N ARG J 137 -38.37 -50.87 -0.11
CA ARG J 137 -37.71 -50.37 1.10
C ARG J 137 -37.29 -51.52 2.01
N MET J 138 -36.44 -51.20 2.98
CA MET J 138 -36.14 -52.16 4.05
C MET J 138 -37.40 -52.35 4.92
N PRO J 139 -38.05 -53.51 4.89
CA PRO J 139 -39.31 -53.68 5.63
C PRO J 139 -39.09 -53.75 7.13
N VAL J 140 -40.07 -53.24 7.87
CA VAL J 140 -40.09 -53.44 9.31
C VAL J 140 -40.28 -54.92 9.62
N ALA J 141 -39.95 -55.29 10.85
CA ALA J 141 -40.24 -56.64 11.31
C ALA J 141 -41.72 -56.94 11.11
N GLY J 142 -42.00 -58.18 10.76
CA GLY J 142 -43.35 -58.68 10.73
C GLY J 142 -44.07 -58.57 9.40
N MET J 143 -43.37 -58.26 8.31
CA MET J 143 -44.05 -58.21 7.02
C MET J 143 -43.21 -58.82 5.90
N ALA J 144 -42.40 -59.85 6.22
CA ALA J 144 -41.46 -60.39 5.24
C ALA J 144 -42.17 -60.98 4.02
N ALA J 145 -43.18 -61.83 4.25
CA ALA J 145 -43.88 -62.43 3.12
C ALA J 145 -44.63 -61.37 2.31
N TYR J 146 -45.24 -60.42 2.98
CA TYR J 146 -45.89 -59.32 2.27
C TYR J 146 -44.89 -58.58 1.38
N ALA J 147 -43.74 -58.22 1.96
CA ALA J 147 -42.73 -57.50 1.20
C ALA J 147 -42.25 -58.34 0.01
N ALA J 148 -42.00 -59.64 0.24
CA ALA J 148 -41.62 -60.52 -0.86
C ALA J 148 -42.68 -60.51 -1.95
N SER J 149 -43.96 -60.50 -1.56
CA SER J 149 -44.98 -60.54 -2.58
C SER J 149 -45.00 -59.25 -3.39
N LYS J 150 -44.65 -58.13 -2.75
CA LYS J 150 -44.67 -56.88 -3.49
C LYS J 150 -43.39 -56.67 -4.29
N SER J 151 -42.25 -57.22 -3.85
CA SER J 151 -41.09 -57.16 -4.75
C SER J 151 -41.27 -58.10 -5.94
N ALA J 152 -42.08 -59.16 -5.79
CA ALA J 152 -42.30 -60.05 -6.93
C ALA J 152 -42.89 -59.31 -8.12
N LEU J 153 -43.72 -58.30 -7.87
CA LEU J 153 -44.40 -57.62 -8.95
C LEU J 153 -43.42 -56.87 -9.83
N GLN J 154 -42.21 -56.58 -9.33
CA GLN J 154 -41.24 -55.80 -10.08
C GLN J 154 -40.66 -56.60 -11.24
N GLY J 155 -40.05 -57.77 -10.93
CA GLY J 155 -39.62 -58.63 -12.01
C GLY J 155 -40.80 -59.05 -12.87
N MET J 156 -41.98 -59.24 -12.26
CA MET J 156 -43.16 -59.63 -13.03
C MET J 156 -43.48 -58.57 -14.09
N ALA J 157 -43.56 -57.31 -13.69
CA ALA J 157 -43.92 -56.24 -14.61
C ALA J 157 -42.82 -56.01 -15.64
N ARG J 158 -41.55 -56.08 -15.22
CA ARG J 158 -40.48 -55.89 -16.20
C ARG J 158 -40.54 -56.97 -17.27
N GLY J 159 -40.86 -58.20 -16.89
CA GLY J 159 -40.84 -59.28 -17.86
C GLY J 159 -42.07 -59.27 -18.74
N LEU J 160 -43.23 -59.09 -18.11
CA LEU J 160 -44.46 -59.05 -18.89
C LEU J 160 -44.49 -57.86 -19.81
N ALA J 161 -43.82 -56.76 -19.44
CA ALA J 161 -43.73 -55.63 -20.33
C ALA J 161 -43.15 -56.05 -21.67
N ARG J 162 -42.12 -56.89 -21.64
CA ARG J 162 -41.52 -57.34 -22.89
C ARG J 162 -42.41 -58.35 -23.59
N ASP J 163 -43.07 -59.23 -22.82
CA ASP J 163 -43.98 -60.18 -23.46
C ASP J 163 -45.13 -59.47 -24.17
N PHE J 164 -45.60 -58.36 -23.60
CA PHE J 164 -46.78 -57.67 -24.07
C PHE J 164 -46.47 -56.54 -25.03
N GLY J 165 -45.21 -56.13 -25.13
CA GLY J 165 -44.81 -55.07 -26.03
C GLY J 165 -45.31 -55.25 -27.45
N PRO J 166 -45.08 -56.43 -28.03
CA PRO J 166 -45.57 -56.67 -29.41
C PRO J 166 -47.08 -56.54 -29.55
N ARG J 167 -47.82 -56.66 -28.45
CA ARG J 167 -49.28 -56.54 -28.49
C ARG J 167 -49.77 -55.12 -28.23
N GLY J 168 -48.86 -54.16 -28.06
CA GLY J 168 -49.27 -52.79 -27.84
C GLY J 168 -49.87 -52.51 -26.48
N ILE J 169 -49.54 -53.33 -25.48
CA ILE J 169 -50.10 -53.24 -24.13
C ILE J 169 -48.99 -52.79 -23.19
N THR J 170 -49.29 -51.82 -22.32
CA THR J 170 -48.33 -51.47 -21.28
C THR J 170 -48.73 -52.13 -19.96
N ILE J 171 -47.75 -52.36 -19.11
CA ILE J 171 -48.02 -52.90 -17.78
C ILE J 171 -47.12 -52.17 -16.79
N ASN J 172 -47.71 -51.68 -15.69
CA ASN J 172 -46.96 -50.87 -14.74
C ASN J 172 -47.41 -51.22 -13.34
N VAL J 173 -46.53 -51.00 -12.37
CA VAL J 173 -46.83 -51.23 -10.96
C VAL J 173 -46.88 -49.89 -10.25
N VAL J 174 -47.97 -49.62 -9.52
CA VAL J 174 -48.06 -48.43 -8.67
C VAL J 174 -47.69 -48.84 -7.25
N GLN J 175 -46.75 -48.11 -6.63
CA GLN J 175 -46.23 -48.48 -5.31
C GLN J 175 -46.57 -47.41 -4.29
N PRO J 176 -47.68 -47.52 -3.59
CA PRO J 176 -48.02 -46.50 -2.58
C PRO J 176 -47.25 -46.67 -1.28
N GLY J 177 -47.04 -45.54 -0.60
CA GLY J 177 -46.72 -45.53 0.80
C GLY J 177 -48.01 -45.58 1.61
N PRO J 178 -47.98 -45.06 2.84
CA PRO J 178 -49.17 -45.13 3.70
C PRO J 178 -50.37 -44.41 3.09
N ILE J 179 -51.46 -45.16 2.91
CA ILE J 179 -52.71 -44.66 2.37
C ILE J 179 -53.81 -44.91 3.38
N ASP J 180 -54.66 -43.90 3.57
CA ASP J 180 -55.75 -43.96 4.56
C ASP J 180 -56.82 -44.94 4.08
N THR J 181 -56.80 -46.16 4.63
CA THR J 181 -57.77 -47.20 4.29
C THR J 181 -58.11 -47.99 5.55
N ASP J 182 -59.04 -48.95 5.40
CA ASP J 182 -59.31 -49.87 6.51
C ASP J 182 -58.04 -50.56 6.96
N ALA J 183 -57.16 -50.93 6.03
CA ALA J 183 -55.96 -51.66 6.36
C ALA J 183 -54.88 -50.77 6.95
N ASN J 184 -55.00 -49.45 6.80
CA ASN J 184 -53.97 -48.51 7.25
C ASN J 184 -54.64 -47.19 7.60
N PRO J 185 -55.43 -47.16 8.67
CA PRO J 185 -56.22 -45.95 8.97
C PRO J 185 -55.32 -44.79 9.38
N ALA J 186 -55.62 -43.61 8.82
CA ALA J 186 -54.82 -42.42 9.07
C ALA J 186 -54.79 -42.04 10.54
N ASN J 187 -55.82 -42.43 11.31
CA ASN J 187 -55.88 -42.13 12.73
C ASN J 187 -55.63 -43.36 13.60
N GLY J 188 -55.07 -44.41 13.02
CA GLY J 188 -54.68 -45.59 13.75
C GLY J 188 -53.52 -45.31 14.69
N PRO J 189 -53.16 -46.31 15.51
CA PRO J 189 -52.12 -46.09 16.53
C PRO J 189 -50.73 -45.86 15.95
N MET J 190 -50.47 -46.31 14.73
CA MET J 190 -49.16 -46.18 14.09
C MET J 190 -48.97 -44.84 13.39
N ARG J 191 -49.96 -43.95 13.45
CA ARG J 191 -49.94 -42.75 12.62
C ARG J 191 -48.67 -41.94 12.84
N ASP J 192 -48.35 -41.63 14.09
CA ASP J 192 -47.20 -40.77 14.36
C ASP J 192 -45.91 -41.43 13.92
N MET J 193 -45.77 -42.73 14.21
CA MET J 193 -44.57 -43.45 13.80
C MET J 193 -44.40 -43.39 12.29
N LEU J 194 -45.45 -43.69 11.54
CA LEU J 194 -45.37 -43.64 10.08
C LEU J 194 -45.00 -42.24 9.60
N HIS J 195 -45.62 -41.21 10.16
CA HIS J 195 -45.33 -39.86 9.69
C HIS J 195 -43.89 -39.44 10.02
N SER J 196 -43.32 -39.96 11.12
CA SER J 196 -41.95 -39.63 11.45
C SER J 196 -40.95 -40.13 10.41
N LEU J 197 -41.39 -40.98 9.48
CA LEU J 197 -40.52 -41.57 8.48
C LEU J 197 -40.70 -40.94 7.10
N MET J 198 -41.44 -39.84 7.01
CA MET J 198 -41.91 -39.32 5.74
C MET J 198 -41.55 -37.84 5.61
N ALA J 199 -41.37 -37.42 4.36
CA ALA J 199 -41.23 -36.00 4.05
C ALA J 199 -42.57 -35.30 4.04
N ILE J 200 -43.60 -35.93 3.49
CA ILE J 200 -44.96 -35.41 3.48
C ILE J 200 -45.71 -36.11 4.61
N LYS J 201 -45.96 -35.40 5.70
CA LYS J 201 -46.36 -36.03 6.96
C LYS J 201 -47.89 -36.16 7.04
N ARG J 202 -48.40 -37.07 6.22
CA ARG J 202 -49.81 -37.41 6.17
C ARG J 202 -49.94 -38.75 5.46
N HIS J 203 -51.08 -39.42 5.68
CA HIS J 203 -51.45 -40.52 4.82
C HIS J 203 -51.88 -39.99 3.46
N GLY J 204 -51.56 -40.72 2.41
CA GLY J 204 -52.15 -40.43 1.12
C GLY J 204 -53.63 -40.77 1.10
N GLN J 205 -54.33 -40.16 0.16
CA GLN J 205 -55.73 -40.56 0.05
C GLN J 205 -55.90 -41.58 -1.07
N PRO J 206 -56.82 -42.54 -0.92
CA PRO J 206 -57.05 -43.49 -2.01
C PRO J 206 -57.24 -42.82 -3.36
N GLU J 207 -57.89 -41.65 -3.36
CA GLU J 207 -58.14 -40.94 -4.60
C GLU J 207 -56.83 -40.52 -5.29
N GLU J 208 -55.75 -40.33 -4.52
CA GLU J 208 -54.48 -39.97 -5.14
C GLU J 208 -53.86 -41.16 -5.86
N VAL J 209 -53.95 -42.34 -5.25
CA VAL J 209 -53.53 -43.54 -5.95
C VAL J 209 -54.36 -43.68 -7.23
N ALA J 210 -55.67 -43.48 -7.12
CA ALA J 210 -56.51 -43.54 -8.31
C ALA J 210 -56.10 -42.52 -9.36
N GLY J 211 -55.58 -41.36 -8.95
CA GLY J 211 -55.13 -40.37 -9.92
C GLY J 211 -53.87 -40.80 -10.65
N MET J 212 -52.93 -41.41 -9.94
CA MET J 212 -51.77 -41.93 -10.65
C MET J 212 -52.17 -43.04 -11.61
N VAL J 213 -53.03 -43.96 -11.15
CA VAL J 213 -53.51 -45.03 -12.02
C VAL J 213 -54.16 -44.45 -13.26
N ALA J 214 -55.00 -43.42 -13.08
CA ALA J 214 -55.71 -42.84 -14.20
C ALA J 214 -54.74 -42.20 -15.19
N TRP J 215 -53.65 -41.60 -14.70
CA TRP J 215 -52.68 -41.06 -15.66
C TRP J 215 -51.98 -42.17 -16.42
N LEU J 216 -51.50 -43.19 -15.72
CA LEU J 216 -50.82 -44.30 -16.40
C LEU J 216 -51.75 -45.01 -17.36
N ALA J 217 -53.07 -45.02 -17.07
CA ALA J 217 -54.02 -45.71 -17.94
C ALA J 217 -54.41 -44.92 -19.17
N GLY J 218 -54.01 -43.66 -19.27
CA GLY J 218 -54.45 -42.79 -20.35
C GLY J 218 -53.48 -42.76 -21.52
N PRO J 219 -53.80 -41.95 -22.53
CA PRO J 219 -53.01 -41.98 -23.78
C PRO J 219 -51.64 -41.31 -23.69
N GLU J 220 -51.36 -40.52 -22.65
CA GLU J 220 -50.04 -39.90 -22.53
C GLU J 220 -48.97 -40.85 -22.02
N ALA J 221 -49.33 -42.08 -21.64
CA ALA J 221 -48.40 -43.01 -21.01
C ALA J 221 -48.12 -44.24 -21.88
N SER J 222 -48.24 -44.11 -23.20
CA SER J 222 -48.02 -45.27 -24.05
C SER J 222 -46.56 -45.66 -24.15
N PHE J 223 -45.63 -44.78 -23.75
CA PHE J 223 -44.21 -45.11 -23.70
C PHE J 223 -43.77 -45.59 -22.31
N VAL J 224 -44.69 -45.64 -21.35
CA VAL J 224 -44.40 -45.98 -19.97
C VAL J 224 -44.81 -47.43 -19.74
N THR J 225 -43.84 -48.32 -19.54
CA THR J 225 -44.18 -49.72 -19.33
C THR J 225 -43.03 -50.41 -18.61
N GLY J 226 -43.37 -51.47 -17.87
CA GLY J 226 -42.41 -52.21 -17.11
C GLY J 226 -41.83 -51.47 -15.93
N ALA J 227 -42.50 -50.40 -15.49
CA ALA J 227 -41.92 -49.47 -14.53
C ALA J 227 -42.70 -49.50 -13.21
N MET J 228 -42.00 -49.12 -12.14
CA MET J 228 -42.54 -49.02 -10.80
C MET J 228 -42.68 -47.55 -10.44
N HIS J 229 -43.88 -47.13 -10.08
CA HIS J 229 -44.21 -45.72 -9.89
C HIS J 229 -44.61 -45.52 -8.43
N THR J 230 -43.76 -44.80 -7.69
CA THR J 230 -43.91 -44.73 -6.24
C THR J 230 -44.65 -43.45 -5.84
N ILE J 231 -45.66 -43.60 -5.00
CA ILE J 231 -46.47 -42.48 -4.52
C ILE J 231 -46.55 -42.66 -3.00
N ASP J 232 -45.54 -42.15 -2.27
CA ASP J 232 -45.31 -42.57 -0.90
C ASP J 232 -44.92 -41.44 0.06
N GLY J 233 -44.94 -40.18 -0.38
CA GLY J 233 -44.55 -39.09 0.49
C GLY J 233 -43.09 -39.14 0.90
N ALA J 234 -42.25 -39.83 0.12
CA ALA J 234 -40.85 -40.06 0.48
C ALA J 234 -40.75 -40.72 1.85
N PHE J 235 -41.16 -41.99 1.87
CA PHE J 235 -41.24 -42.78 3.08
C PHE J 235 -39.93 -43.52 3.32
N GLY J 236 -39.39 -43.41 4.53
CA GLY J 236 -38.30 -44.30 4.88
C GLY J 236 -37.10 -43.66 5.52
N ALA J 237 -37.18 -42.38 5.89
CA ALA J 237 -36.07 -41.70 6.54
C ALA J 237 -36.53 -41.18 7.89
N LEU J 238 -35.73 -41.43 8.92
CA LEU J 238 -36.15 -41.10 10.28
C LEU J 238 -35.93 -39.61 10.56
N GLU J 239 -36.97 -38.98 11.11
CA GLU J 239 -36.90 -37.59 11.49
C GLU J 239 -35.81 -37.39 12.55
N HIS J 240 -34.96 -36.40 12.36
CA HIS J 240 -33.98 -36.07 13.39
C HIS J 240 -34.28 -34.66 13.89
N GLY K 2 -56.34 -23.85 -18.78
CA GLY K 2 -54.96 -23.71 -18.34
C GLY K 2 -54.69 -24.39 -17.02
N ALA K 3 -54.15 -25.61 -17.08
CA ALA K 3 -53.80 -26.33 -15.86
C ALA K 3 -52.80 -25.57 -15.02
N PHE K 4 -52.00 -24.70 -15.63
CA PHE K 4 -50.98 -23.95 -14.89
C PHE K 4 -51.12 -22.45 -15.09
N THR K 5 -52.31 -21.98 -15.42
CA THR K 5 -52.54 -20.55 -15.57
C THR K 5 -52.10 -19.81 -14.31
N GLY K 6 -51.35 -18.73 -14.51
CA GLY K 6 -50.89 -17.92 -13.40
C GLY K 6 -49.66 -18.43 -12.67
N LYS K 7 -49.20 -19.64 -12.96
CA LYS K 7 -48.05 -20.18 -12.27
C LYS K 7 -46.76 -19.68 -12.91
N THR K 8 -45.69 -19.63 -12.10
CA THR K 8 -44.37 -19.18 -12.52
C THR K 8 -43.46 -20.39 -12.68
N VAL K 9 -42.93 -20.60 -13.89
CA VAL K 9 -42.13 -21.77 -14.22
C VAL K 9 -40.80 -21.31 -14.80
N LEU K 10 -39.72 -21.91 -14.31
CA LEU K 10 -38.38 -21.73 -14.87
C LEU K 10 -37.85 -23.09 -15.31
N ILE K 11 -37.38 -23.15 -16.55
CA ILE K 11 -36.82 -24.38 -17.13
C ILE K 11 -35.36 -24.10 -17.46
N LEU K 12 -34.46 -24.79 -16.76
CA LEU K 12 -33.03 -24.66 -17.05
C LEU K 12 -32.69 -25.59 -18.22
N GLY K 13 -32.22 -25.00 -19.31
CA GLY K 13 -31.94 -25.74 -20.52
C GLY K 13 -33.19 -26.00 -21.33
N GLY K 14 -33.83 -24.93 -21.81
CA GLY K 14 -35.09 -25.08 -22.52
C GLY K 14 -35.09 -24.81 -24.01
N SER K 15 -33.91 -24.62 -24.62
CA SER K 15 -33.89 -24.13 -26.00
C SER K 15 -34.16 -25.23 -27.02
N ARG K 16 -33.93 -26.50 -26.70
CA ARG K 16 -34.05 -27.56 -27.68
C ARG K 16 -34.59 -28.83 -27.02
N GLY K 17 -35.06 -29.75 -27.87
CA GLY K 17 -35.34 -31.12 -27.43
C GLY K 17 -36.38 -31.20 -26.33
N ILE K 18 -36.11 -32.07 -25.36
CA ILE K 18 -37.04 -32.28 -24.24
C ILE K 18 -37.34 -30.96 -23.55
N GLY K 19 -36.30 -30.16 -23.27
CA GLY K 19 -36.52 -28.89 -22.61
C GLY K 19 -37.47 -27.99 -23.39
N ALA K 20 -37.30 -27.94 -24.72
CA ALA K 20 -38.18 -27.11 -25.52
C ALA K 20 -39.61 -27.63 -25.48
N ALA K 21 -39.80 -28.95 -25.51
CA ALA K 21 -41.14 -29.50 -25.41
C ALA K 21 -41.78 -29.15 -24.08
N ILE K 22 -40.98 -29.12 -23.01
CA ILE K 22 -41.51 -28.75 -21.71
C ILE K 22 -41.91 -27.27 -21.68
N VAL K 23 -41.09 -26.40 -22.28
CA VAL K 23 -41.50 -25.01 -22.43
C VAL K 23 -42.84 -24.92 -23.13
N ARG K 24 -42.95 -25.57 -24.29
CA ARG K 24 -44.19 -25.50 -25.08
C ARG K 24 -45.39 -25.99 -24.27
N ARG K 25 -45.23 -27.10 -23.57
CA ARG K 25 -46.33 -27.65 -22.78
C ARG K 25 -46.75 -26.68 -21.70
N PHE K 26 -45.79 -26.12 -20.96
CA PHE K 26 -46.17 -25.22 -19.87
C PHE K 26 -46.80 -23.94 -20.41
N VAL K 27 -46.32 -23.43 -21.55
CA VAL K 27 -46.97 -22.26 -22.14
C VAL K 27 -48.40 -22.59 -22.55
N THR K 28 -48.58 -23.73 -23.24
CA THR K 28 -49.91 -24.13 -23.68
C THR K 28 -50.87 -24.27 -22.51
N ASP K 29 -50.38 -24.74 -21.37
CA ASP K 29 -51.20 -24.89 -20.18
C ASP K 29 -51.37 -23.59 -19.42
N GLY K 30 -50.87 -22.48 -19.96
CA GLY K 30 -51.13 -21.15 -19.44
C GLY K 30 -50.09 -20.57 -18.50
N ALA K 31 -48.95 -21.24 -18.33
CA ALA K 31 -47.96 -20.75 -17.37
C ALA K 31 -47.18 -19.57 -17.95
N ASN K 32 -46.63 -18.77 -17.04
CA ASN K 32 -45.63 -17.76 -17.39
C ASN K 32 -44.26 -18.44 -17.33
N VAL K 33 -43.62 -18.60 -18.48
CA VAL K 33 -42.47 -19.48 -18.62
C VAL K 33 -41.22 -18.67 -18.93
N ARG K 34 -40.16 -18.91 -18.16
CA ARG K 34 -38.81 -18.49 -18.50
C ARG K 34 -37.95 -19.75 -18.65
N PHE K 35 -37.02 -19.73 -19.60
CA PHE K 35 -36.11 -20.84 -19.78
C PHE K 35 -34.71 -20.33 -20.09
N THR K 36 -33.71 -21.13 -19.77
CA THR K 36 -32.32 -20.76 -20.00
C THR K 36 -31.76 -21.50 -21.22
N TYR K 37 -30.72 -20.92 -21.78
CA TYR K 37 -29.97 -21.52 -22.88
C TYR K 37 -28.50 -21.15 -22.73
N ALA K 38 -27.65 -21.86 -23.48
CA ALA K 38 -26.23 -21.55 -23.49
C ALA K 38 -25.70 -21.51 -24.91
N GLY K 39 -25.68 -22.66 -25.58
CA GLY K 39 -25.08 -22.73 -26.89
C GLY K 39 -26.00 -22.48 -28.07
N SER K 40 -27.30 -22.43 -27.83
CA SER K 40 -28.30 -22.34 -28.90
C SER K 40 -29.07 -21.04 -28.76
N LYS K 41 -28.41 -19.92 -29.06
CA LYS K 41 -29.07 -18.62 -28.88
C LYS K 41 -30.18 -18.41 -29.89
N ASP K 42 -29.97 -18.82 -31.15
CA ASP K 42 -30.97 -18.57 -32.18
C ASP K 42 -32.20 -19.46 -31.99
N ALA K 43 -31.98 -20.74 -31.63
CA ALA K 43 -33.10 -21.60 -31.30
C ALA K 43 -33.88 -21.07 -30.10
N ALA K 44 -33.16 -20.60 -29.08
CA ALA K 44 -33.81 -20.05 -27.89
C ALA K 44 -34.66 -18.83 -28.24
N LYS K 45 -34.11 -17.89 -29.01
CA LYS K 45 -34.85 -16.69 -29.37
C LYS K 45 -36.05 -17.04 -30.24
N ARG K 46 -35.88 -17.98 -31.17
CA ARG K 46 -37.00 -18.40 -32.02
C ARG K 46 -38.12 -19.01 -31.19
N LEU K 47 -37.77 -19.93 -30.29
CA LEU K 47 -38.77 -20.57 -29.45
C LEU K 47 -39.48 -19.53 -28.57
N ALA K 48 -38.71 -18.59 -28.00
CA ALA K 48 -39.32 -17.53 -27.20
C ALA K 48 -40.29 -16.70 -28.05
N GLN K 49 -39.92 -16.41 -29.30
CA GLN K 49 -40.81 -15.64 -30.17
C GLN K 49 -42.09 -16.42 -30.47
N GLU K 50 -41.97 -17.74 -30.67
CA GLU K 50 -43.13 -18.55 -31.00
C GLU K 50 -44.07 -18.73 -29.81
N THR K 51 -43.51 -18.82 -28.59
CA THR K 51 -44.32 -19.18 -27.43
C THR K 51 -44.63 -18.00 -26.52
N GLY K 52 -43.84 -16.95 -26.56
CA GLY K 52 -43.95 -15.87 -25.60
C GLY K 52 -43.21 -16.10 -24.30
N ALA K 53 -42.59 -17.27 -24.12
CA ALA K 53 -41.73 -17.48 -22.98
C ALA K 53 -40.49 -16.60 -23.08
N THR K 54 -39.82 -16.40 -21.94
CA THR K 54 -38.66 -15.52 -21.87
C THR K 54 -37.40 -16.37 -21.90
N ALA K 55 -36.52 -16.09 -22.86
CA ALA K 55 -35.24 -16.78 -22.97
C ALA K 55 -34.17 -16.01 -22.21
N VAL K 56 -33.43 -16.70 -21.35
CA VAL K 56 -32.41 -16.09 -20.51
C VAL K 56 -31.13 -16.88 -20.66
N PHE K 57 -30.03 -16.19 -20.97
CA PHE K 57 -28.75 -16.87 -21.09
C PHE K 57 -28.25 -17.28 -19.72
N THR K 58 -27.88 -18.55 -19.57
CA THR K 58 -27.17 -18.97 -18.37
C THR K 58 -26.45 -20.28 -18.67
N ASP K 59 -25.14 -20.30 -18.44
CA ASP K 59 -24.33 -21.49 -18.63
C ASP K 59 -24.44 -22.34 -17.37
N SER K 60 -25.09 -23.51 -17.49
CA SER K 60 -25.30 -24.36 -16.32
C SER K 60 -24.00 -24.87 -15.72
N ALA K 61 -22.88 -24.76 -16.44
CA ALA K 61 -21.60 -25.15 -15.87
C ALA K 61 -21.08 -24.13 -14.87
N ASP K 62 -21.73 -22.97 -14.77
CA ASP K 62 -21.33 -21.86 -13.90
C ASP K 62 -22.26 -21.85 -12.69
N ARG K 63 -21.76 -22.35 -11.56
CA ARG K 63 -22.61 -22.52 -10.38
C ARG K 63 -23.26 -21.20 -9.98
N ASP K 64 -22.47 -20.14 -9.86
CA ASP K 64 -23.00 -18.86 -9.40
C ASP K 64 -23.98 -18.26 -10.40
N ALA K 65 -23.78 -18.50 -11.71
CA ALA K 65 -24.76 -18.01 -12.68
C ALA K 65 -26.08 -18.75 -12.58
N VAL K 66 -26.03 -20.08 -12.37
CA VAL K 66 -27.25 -20.84 -12.18
C VAL K 66 -27.98 -20.36 -10.93
N ILE K 67 -27.26 -20.26 -9.81
CA ILE K 67 -27.87 -19.77 -8.58
C ILE K 67 -28.47 -18.40 -8.80
N ASP K 68 -27.78 -17.54 -9.55
CA ASP K 68 -28.26 -16.18 -9.76
C ASP K 68 -29.53 -16.18 -10.60
N VAL K 69 -29.58 -16.98 -11.66
CA VAL K 69 -30.76 -16.98 -12.51
C VAL K 69 -31.96 -17.53 -11.74
N VAL K 70 -31.75 -18.54 -10.90
CA VAL K 70 -32.86 -19.03 -10.07
C VAL K 70 -33.30 -17.96 -9.08
N ARG K 71 -32.33 -17.32 -8.42
CA ARG K 71 -32.64 -16.30 -7.43
C ARG K 71 -33.46 -15.17 -8.05
N LYS K 72 -32.99 -14.62 -9.17
CA LYS K 72 -33.64 -13.46 -9.78
C LYS K 72 -35.07 -13.73 -10.20
N SER K 73 -35.43 -14.98 -10.44
CA SER K 73 -36.78 -15.31 -10.87
C SER K 73 -37.82 -15.06 -9.78
N GLY K 74 -37.40 -14.76 -8.56
CA GLY K 74 -38.36 -14.55 -7.49
C GLY K 74 -38.97 -15.87 -7.02
N ALA K 75 -40.17 -15.77 -6.48
CA ALA K 75 -40.86 -16.95 -5.97
C ALA K 75 -41.33 -17.81 -7.15
N LEU K 76 -40.70 -18.96 -7.34
CA LEU K 76 -41.07 -19.86 -8.42
C LEU K 76 -42.09 -20.88 -7.93
N ASP K 77 -43.06 -21.18 -8.80
CA ASP K 77 -43.99 -22.28 -8.52
C ASP K 77 -43.42 -23.63 -8.98
N ILE K 78 -42.72 -23.64 -10.10
CA ILE K 78 -42.21 -24.86 -10.71
C ILE K 78 -40.81 -24.60 -11.23
N LEU K 79 -39.86 -25.47 -10.86
CA LEU K 79 -38.53 -25.48 -11.45
C LEU K 79 -38.33 -26.81 -12.18
N VAL K 80 -37.94 -26.74 -13.44
CA VAL K 80 -37.54 -27.92 -14.21
C VAL K 80 -36.08 -27.76 -14.59
N VAL K 81 -35.25 -28.69 -14.13
CA VAL K 81 -33.84 -28.74 -14.49
C VAL K 81 -33.71 -29.79 -15.60
N ASN K 82 -33.61 -29.32 -16.83
CA ASN K 82 -33.52 -30.22 -17.99
C ASN K 82 -32.10 -30.34 -18.52
N ALA K 83 -31.33 -29.25 -18.48
CA ALA K 83 -30.00 -29.22 -19.07
C ALA K 83 -29.18 -30.43 -18.68
N GLY K 84 -28.56 -31.05 -19.67
CA GLY K 84 -27.67 -32.17 -19.45
C GLY K 84 -26.86 -32.40 -20.70
N ILE K 85 -25.64 -32.91 -20.53
CA ILE K 85 -24.80 -33.21 -21.67
C ILE K 85 -24.31 -34.65 -21.56
N GLY K 86 -23.98 -35.23 -22.71
CA GLY K 86 -23.35 -36.52 -22.78
C GLY K 86 -21.96 -36.46 -23.37
N VAL K 87 -21.00 -37.12 -22.73
CA VAL K 87 -19.65 -37.29 -23.26
C VAL K 87 -19.43 -38.79 -23.34
N PHE K 88 -19.37 -39.32 -24.55
CA PHE K 88 -19.39 -40.76 -24.75
C PHE K 88 -18.15 -41.22 -25.50
N GLY K 89 -17.66 -42.40 -25.14
CA GLY K 89 -16.49 -42.95 -25.78
C GLY K 89 -15.71 -43.79 -24.80
N GLU K 90 -14.57 -44.29 -25.27
CA GLU K 90 -13.69 -45.07 -24.41
C GLU K 90 -13.27 -44.23 -23.21
N ALA K 91 -13.43 -44.79 -22.00
CA ALA K 91 -13.10 -44.03 -20.80
C ALA K 91 -11.65 -43.58 -20.80
N LEU K 92 -10.75 -44.44 -21.28
CA LEU K 92 -9.34 -44.07 -21.29
C LEU K 92 -8.99 -43.09 -22.40
N GLU K 93 -9.98 -42.67 -23.20
CA GLU K 93 -9.75 -41.67 -24.24
C GLU K 93 -10.51 -40.37 -24.05
N LEU K 94 -11.44 -40.31 -23.10
CA LEU K 94 -12.20 -39.09 -22.88
C LEU K 94 -11.36 -38.08 -22.11
N ASN K 95 -11.49 -36.81 -22.47
CA ASN K 95 -10.70 -35.75 -21.86
C ASN K 95 -11.24 -35.40 -20.48
N ALA K 96 -10.33 -35.27 -19.51
CA ALA K 96 -10.74 -35.06 -18.13
C ALA K 96 -11.51 -33.76 -17.96
N ASP K 97 -11.14 -32.72 -18.70
CA ASP K 97 -11.88 -31.46 -18.57
C ASP K 97 -13.31 -31.61 -19.10
N ASP K 98 -13.50 -32.38 -20.17
CA ASP K 98 -14.84 -32.63 -20.67
C ASP K 98 -15.66 -33.37 -19.63
N ILE K 99 -15.04 -34.37 -18.99
CA ILE K 99 -15.75 -35.14 -17.96
C ILE K 99 -16.16 -34.23 -16.82
N ASP K 100 -15.24 -33.38 -16.34
CA ASP K 100 -15.59 -32.52 -15.22
C ASP K 100 -16.64 -31.48 -15.60
N ARG K 101 -16.69 -31.09 -16.88
CA ARG K 101 -17.79 -30.23 -17.32
C ARG K 101 -19.10 -30.99 -17.24
N LEU K 102 -19.11 -32.24 -17.70
CA LEU K 102 -20.30 -33.08 -17.58
C LEU K 102 -20.75 -33.17 -16.12
N PHE K 103 -19.80 -33.40 -15.21
CA PHE K 103 -20.18 -33.46 -13.79
C PHE K 103 -20.77 -32.15 -13.30
N LYS K 104 -20.18 -31.02 -13.69
CA LYS K 104 -20.70 -29.74 -13.23
C LYS K 104 -22.13 -29.50 -13.72
N ILE K 105 -22.40 -29.84 -14.99
CA ILE K 105 -23.72 -29.55 -15.57
C ILE K 105 -24.76 -30.56 -15.08
N ASN K 106 -24.40 -31.83 -15.04
CA ASN K 106 -25.38 -32.89 -14.78
C ASN K 106 -25.61 -33.15 -13.30
N ILE K 107 -24.65 -32.81 -12.44
CA ILE K 107 -24.78 -33.08 -11.00
C ILE K 107 -24.84 -31.78 -10.22
N HIS K 108 -23.82 -30.93 -10.36
CA HIS K 108 -23.72 -29.75 -9.51
C HIS K 108 -24.89 -28.80 -9.76
N ALA K 109 -25.21 -28.56 -11.03
CA ALA K 109 -26.24 -27.59 -11.37
C ALA K 109 -27.61 -27.99 -10.86
N PRO K 110 -28.09 -29.23 -11.04
CA PRO K 110 -29.41 -29.58 -10.48
C PRO K 110 -29.46 -29.38 -8.97
N TYR K 111 -28.37 -29.70 -8.28
CA TYR K 111 -28.35 -29.53 -6.82
C TYR K 111 -28.50 -28.07 -6.45
N HIS K 112 -27.59 -27.22 -6.95
CA HIS K 112 -27.59 -25.83 -6.50
C HIS K 112 -28.84 -25.09 -6.97
N ALA K 113 -29.32 -25.39 -8.18
CA ALA K 113 -30.54 -24.76 -8.66
C ALA K 113 -31.76 -25.19 -7.83
N SER K 114 -31.85 -26.47 -7.49
CA SER K 114 -32.98 -26.91 -6.68
C SER K 114 -32.96 -26.26 -5.30
N VAL K 115 -31.80 -26.29 -4.63
CA VAL K 115 -31.68 -25.68 -3.32
C VAL K 115 -32.01 -24.19 -3.39
N GLU K 116 -31.49 -23.49 -4.39
CA GLU K 116 -31.78 -22.05 -4.50
C GLU K 116 -33.26 -21.82 -4.71
N ALA K 117 -33.90 -22.64 -5.54
CA ALA K 117 -35.32 -22.48 -5.79
C ALA K 117 -36.13 -22.64 -4.50
N ALA K 118 -35.71 -23.56 -3.64
CA ALA K 118 -36.48 -23.80 -2.41
C ALA K 118 -36.48 -22.59 -1.48
N ARG K 119 -35.57 -21.64 -1.65
CA ARG K 119 -35.53 -20.49 -0.75
C ARG K 119 -36.80 -19.65 -0.82
N GLN K 120 -37.34 -19.45 -2.02
CA GLN K 120 -38.51 -18.58 -2.20
C GLN K 120 -39.74 -19.34 -2.69
N MET K 121 -39.64 -20.64 -2.92
CA MET K 121 -40.75 -21.38 -3.52
C MET K 121 -41.86 -21.59 -2.49
N PRO K 122 -43.13 -21.36 -2.85
CA PRO K 122 -44.21 -21.50 -1.87
C PRO K 122 -44.60 -22.96 -1.65
N GLU K 123 -45.36 -23.17 -0.57
CA GLU K 123 -46.03 -24.45 -0.40
C GLU K 123 -46.83 -24.78 -1.65
N GLY K 124 -46.81 -26.05 -2.04
CA GLY K 124 -47.32 -26.46 -3.33
C GLY K 124 -46.31 -26.40 -4.46
N GLY K 125 -45.08 -25.99 -4.19
CA GLY K 125 -44.08 -25.88 -5.23
C GLY K 125 -43.66 -27.24 -5.77
N ARG K 126 -43.03 -27.19 -6.96
CA ARG K 126 -42.64 -28.40 -7.68
C ARG K 126 -41.24 -28.21 -8.25
N ILE K 127 -40.37 -29.20 -8.03
CA ILE K 127 -39.05 -29.25 -8.64
C ILE K 127 -38.94 -30.58 -9.38
N LEU K 128 -38.53 -30.51 -10.65
CA LEU K 128 -38.45 -31.68 -11.51
C LEU K 128 -37.13 -31.67 -12.26
N ILE K 129 -36.43 -32.81 -12.21
CA ILE K 129 -35.10 -32.97 -12.80
C ILE K 129 -35.19 -34.05 -13.86
N ILE K 130 -34.62 -33.77 -15.04
CA ILE K 130 -34.60 -34.76 -16.11
C ILE K 130 -33.33 -35.58 -15.92
N GLY K 131 -33.49 -36.79 -15.41
CA GLY K 131 -32.39 -37.71 -15.21
C GLY K 131 -32.27 -38.62 -16.41
N SER K 132 -32.15 -39.92 -16.19
CA SER K 132 -32.04 -40.83 -17.31
C SER K 132 -32.24 -42.25 -16.81
N VAL K 133 -32.78 -43.12 -17.68
CA VAL K 133 -32.84 -44.53 -17.32
C VAL K 133 -31.43 -45.08 -17.15
N ASN K 134 -30.42 -44.44 -17.74
CA ASN K 134 -29.07 -44.92 -17.52
C ASN K 134 -28.59 -44.68 -16.09
N GLY K 135 -29.38 -43.99 -15.27
CA GLY K 135 -29.11 -43.95 -13.84
C GLY K 135 -29.38 -45.27 -13.14
N ASP K 136 -30.22 -46.12 -13.74
CA ASP K 136 -30.55 -47.42 -13.19
C ASP K 136 -29.93 -48.58 -13.93
N ARG K 137 -29.91 -48.55 -15.26
CA ARG K 137 -29.62 -49.76 -16.02
C ARG K 137 -28.12 -49.98 -16.13
N MET K 138 -27.77 -51.15 -16.62
CA MET K 138 -26.38 -51.47 -16.93
C MET K 138 -25.93 -50.69 -18.14
N PRO K 139 -25.10 -49.66 -18.00
CA PRO K 139 -24.76 -48.82 -19.15
C PRO K 139 -23.84 -49.53 -20.13
N VAL K 140 -24.05 -49.24 -21.42
CA VAL K 140 -23.13 -49.68 -22.47
C VAL K 140 -21.75 -49.10 -22.22
N ALA K 141 -20.74 -49.76 -22.79
CA ALA K 141 -19.42 -49.14 -22.83
C ALA K 141 -19.54 -47.73 -23.37
N GLY K 142 -18.80 -46.80 -22.77
CA GLY K 142 -18.70 -45.46 -23.29
C GLY K 142 -19.58 -44.41 -22.65
N MET K 143 -20.33 -44.74 -21.58
CA MET K 143 -21.12 -43.69 -20.91
C MET K 143 -20.97 -43.78 -19.41
N ALA K 144 -19.76 -44.08 -18.91
CA ALA K 144 -19.62 -44.33 -17.48
C ALA K 144 -19.83 -43.06 -16.66
N ALA K 145 -19.18 -41.96 -17.05
CA ALA K 145 -19.36 -40.71 -16.33
C ALA K 145 -20.78 -40.20 -16.45
N TYR K 146 -21.36 -40.30 -17.64
CA TYR K 146 -22.75 -39.92 -17.84
C TYR K 146 -23.67 -40.72 -16.93
N ALA K 147 -23.49 -42.05 -16.91
CA ALA K 147 -24.33 -42.89 -16.05
C ALA K 147 -24.17 -42.49 -14.58
N ALA K 148 -22.93 -42.24 -14.14
CA ALA K 148 -22.70 -41.77 -12.78
C ALA K 148 -23.48 -40.50 -12.51
N SER K 149 -23.46 -39.55 -13.47
CA SER K 149 -24.12 -38.27 -13.25
C SER K 149 -25.63 -38.44 -13.14
N LYS K 150 -26.19 -39.44 -13.84
CA LYS K 150 -27.63 -39.64 -13.74
C LYS K 150 -28.01 -40.45 -12.50
N SER K 151 -27.15 -41.36 -12.04
CA SER K 151 -27.41 -42.03 -10.77
C SER K 151 -27.29 -41.07 -9.59
N ALA K 152 -26.41 -40.06 -9.68
CA ALA K 152 -26.28 -39.09 -8.59
C ALA K 152 -27.61 -38.45 -8.28
N LEU K 153 -28.44 -38.26 -9.30
CA LEU K 153 -29.70 -37.56 -9.14
C LEU K 153 -30.67 -38.34 -8.26
N GLN K 154 -30.48 -39.65 -8.14
CA GLN K 154 -31.41 -40.47 -7.35
C GLN K 154 -31.25 -40.20 -5.87
N GLY K 155 -30.03 -40.36 -5.34
CA GLY K 155 -29.80 -39.98 -3.96
C GLY K 155 -30.09 -38.51 -3.74
N MET K 156 -29.80 -37.68 -4.73
CA MET K 156 -30.08 -36.26 -4.60
C MET K 156 -31.57 -36.02 -4.37
N ALA K 157 -32.42 -36.61 -5.20
CA ALA K 157 -33.86 -36.38 -5.08
C ALA K 157 -34.41 -36.99 -3.79
N ARG K 158 -33.89 -38.15 -3.40
CA ARG K 158 -34.32 -38.75 -2.14
C ARG K 158 -34.00 -37.85 -0.95
N GLY K 159 -32.80 -37.24 -0.93
CA GLY K 159 -32.44 -36.41 0.20
C GLY K 159 -33.12 -35.04 0.18
N LEU K 160 -33.15 -34.40 -0.98
CA LEU K 160 -33.79 -33.09 -1.09
C LEU K 160 -35.28 -33.18 -0.87
N ALA K 161 -35.90 -34.33 -1.20
CA ALA K 161 -37.31 -34.48 -0.89
C ALA K 161 -37.56 -34.28 0.60
N ARG K 162 -36.67 -34.81 1.44
CA ARG K 162 -36.84 -34.66 2.88
C ARG K 162 -36.48 -33.26 3.33
N ASP K 163 -35.47 -32.65 2.70
CA ASP K 163 -35.16 -31.25 3.03
C ASP K 163 -36.34 -30.33 2.75
N PHE K 164 -37.07 -30.59 1.66
CA PHE K 164 -38.09 -29.68 1.15
C PHE K 164 -39.49 -30.03 1.64
N GLY K 165 -39.69 -31.23 2.20
CA GLY K 165 -40.99 -31.63 2.68
C GLY K 165 -41.66 -30.63 3.59
N PRO K 166 -40.95 -30.16 4.63
CA PRO K 166 -41.54 -29.16 5.53
C PRO K 166 -41.97 -27.89 4.83
N ARG K 167 -41.32 -27.52 3.73
CA ARG K 167 -41.73 -26.36 2.96
C ARG K 167 -42.85 -26.68 1.99
N GLY K 168 -43.39 -27.91 2.00
CA GLY K 168 -44.49 -28.22 1.11
C GLY K 168 -44.11 -28.32 -0.34
N ILE K 169 -42.85 -28.62 -0.64
CA ILE K 169 -42.34 -28.71 -2.00
C ILE K 169 -42.03 -30.17 -2.29
N THR K 170 -42.45 -30.67 -3.47
CA THR K 170 -42.03 -31.99 -3.90
C THR K 170 -40.92 -31.85 -4.94
N ILE K 171 -40.08 -32.88 -5.01
CA ILE K 171 -39.00 -32.95 -5.99
C ILE K 171 -38.96 -34.37 -6.53
N ASN K 172 -38.90 -34.50 -7.86
CA ASN K 172 -38.95 -35.79 -8.51
C ASN K 172 -38.00 -35.79 -9.69
N VAL K 173 -37.52 -36.99 -10.04
CA VAL K 173 -36.62 -37.17 -11.19
C VAL K 173 -37.37 -37.97 -12.25
N VAL K 174 -37.39 -37.46 -13.47
CA VAL K 174 -37.94 -38.17 -14.61
C VAL K 174 -36.79 -38.85 -15.33
N GLN K 175 -36.92 -40.15 -15.60
CA GLN K 175 -35.84 -40.95 -16.17
C GLN K 175 -36.24 -41.48 -17.54
N PRO K 176 -35.94 -40.76 -18.60
CA PRO K 176 -36.32 -41.22 -19.93
C PRO K 176 -35.42 -42.30 -20.47
N GLY K 177 -36.00 -43.15 -21.32
CA GLY K 177 -35.24 -43.99 -22.22
C GLY K 177 -34.94 -43.18 -23.47
N PRO K 178 -34.73 -43.85 -24.60
CA PRO K 178 -34.40 -43.12 -25.83
C PRO K 178 -35.53 -42.18 -26.24
N ILE K 179 -35.18 -40.90 -26.36
CA ILE K 179 -36.10 -39.86 -26.78
C ILE K 179 -35.54 -39.20 -28.04
N ASP K 180 -36.43 -38.95 -29.00
CA ASP K 180 -36.04 -38.39 -30.30
C ASP K 180 -35.63 -36.93 -30.14
N THR K 181 -34.32 -36.67 -30.12
CA THR K 181 -33.79 -35.31 -30.00
C THR K 181 -32.53 -35.20 -30.85
N ASP K 182 -31.96 -33.99 -30.88
CA ASP K 182 -30.68 -33.79 -31.56
C ASP K 182 -29.62 -34.74 -31.02
N ALA K 183 -29.63 -34.99 -29.71
CA ALA K 183 -28.63 -35.85 -29.10
C ALA K 183 -28.89 -37.33 -29.34
N ASN K 184 -30.12 -37.70 -29.73
CA ASN K 184 -30.49 -39.10 -29.92
C ASN K 184 -31.53 -39.18 -31.03
N PRO K 185 -31.14 -38.92 -32.27
CA PRO K 185 -32.13 -38.86 -33.36
C PRO K 185 -32.73 -40.24 -33.63
N ALA K 186 -34.06 -40.26 -33.79
CA ALA K 186 -34.76 -41.52 -34.01
C ALA K 186 -34.29 -42.22 -35.27
N ASN K 187 -33.74 -41.49 -36.23
CA ASN K 187 -33.24 -42.05 -37.48
C ASN K 187 -31.72 -42.08 -37.53
N GLY K 188 -31.06 -41.98 -36.38
CA GLY K 188 -29.63 -42.09 -36.31
C GLY K 188 -29.19 -43.53 -36.46
N PRO K 189 -27.87 -43.72 -36.54
CA PRO K 189 -27.34 -45.07 -36.79
C PRO K 189 -27.60 -46.05 -35.64
N MET K 190 -27.85 -45.57 -34.43
CA MET K 190 -28.08 -46.46 -33.30
C MET K 190 -29.53 -46.94 -33.18
N ARG K 191 -30.39 -46.55 -34.12
CA ARG K 191 -31.81 -46.86 -34.01
C ARG K 191 -32.04 -48.35 -33.77
N ASP K 192 -31.60 -49.19 -34.71
CA ASP K 192 -31.97 -50.59 -34.69
C ASP K 192 -31.50 -51.28 -33.40
N MET K 193 -30.28 -50.98 -32.95
CA MET K 193 -29.81 -51.53 -31.67
C MET K 193 -30.74 -51.11 -30.54
N LEU K 194 -30.99 -49.80 -30.42
CA LEU K 194 -31.83 -49.31 -29.34
C LEU K 194 -33.17 -50.03 -29.31
N HIS K 195 -33.82 -50.12 -30.48
CA HIS K 195 -35.13 -50.77 -30.51
C HIS K 195 -35.01 -52.27 -30.23
N SER K 196 -33.87 -52.87 -30.57
CA SER K 196 -33.69 -54.27 -30.25
C SER K 196 -33.66 -54.49 -28.75
N LEU K 197 -33.36 -53.45 -27.98
CA LEU K 197 -33.36 -53.57 -26.52
C LEU K 197 -34.67 -53.17 -25.84
N MET K 198 -35.74 -52.90 -26.59
CA MET K 198 -36.93 -52.28 -26.01
C MET K 198 -38.19 -53.12 -26.23
N ALA K 199 -39.15 -52.97 -25.30
CA ALA K 199 -40.48 -53.54 -25.50
C ALA K 199 -41.31 -52.72 -26.46
N ILE K 200 -41.23 -51.39 -26.35
CA ILE K 200 -41.94 -50.47 -27.23
C ILE K 200 -40.91 -49.96 -28.22
N LYS K 201 -41.00 -50.43 -29.46
CA LYS K 201 -39.89 -50.31 -30.42
C LYS K 201 -40.00 -48.99 -31.19
N ARG K 202 -39.75 -47.90 -30.45
CA ARG K 202 -39.70 -46.56 -31.02
C ARG K 202 -38.98 -45.64 -30.03
N HIS K 203 -38.45 -44.54 -30.54
CA HIS K 203 -38.01 -43.48 -29.65
C HIS K 203 -39.24 -42.78 -29.06
N GLY K 204 -39.12 -42.38 -27.80
CA GLY K 204 -40.13 -41.50 -27.24
C GLY K 204 -40.09 -40.12 -27.87
N GLN K 205 -41.18 -39.40 -27.72
CA GLN K 205 -41.17 -38.01 -28.18
C GLN K 205 -40.92 -37.07 -27.01
N PRO K 206 -40.24 -35.94 -27.24
CA PRO K 206 -40.08 -34.97 -26.15
C PRO K 206 -41.40 -34.62 -25.50
N GLU K 207 -42.46 -34.56 -26.30
CA GLU K 207 -43.79 -34.23 -25.81
C GLU K 207 -44.25 -35.19 -24.72
N GLU K 208 -43.82 -36.45 -24.78
CA GLU K 208 -44.26 -37.45 -23.79
C GLU K 208 -43.54 -37.25 -22.46
N VAL K 209 -42.24 -36.93 -22.51
CA VAL K 209 -41.55 -36.55 -21.29
C VAL K 209 -42.23 -35.32 -20.69
N ALA K 210 -42.57 -34.35 -21.55
CA ALA K 210 -43.27 -33.17 -21.08
C ALA K 210 -44.63 -33.50 -20.46
N GLY K 211 -45.31 -34.53 -20.96
CA GLY K 211 -46.58 -34.92 -20.38
C GLY K 211 -46.41 -35.51 -18.98
N MET K 212 -45.36 -36.32 -18.80
CA MET K 212 -45.09 -36.84 -17.45
C MET K 212 -44.70 -35.70 -16.51
N VAL K 213 -43.85 -34.79 -16.98
CA VAL K 213 -43.49 -33.63 -16.17
C VAL K 213 -44.74 -32.86 -15.77
N ALA K 214 -45.65 -32.66 -16.74
CA ALA K 214 -46.85 -31.89 -16.48
C ALA K 214 -47.74 -32.57 -15.42
N TRP K 215 -47.81 -33.91 -15.45
CA TRP K 215 -48.59 -34.59 -14.42
C TRP K 215 -47.94 -34.44 -13.05
N LEU K 216 -46.62 -34.67 -12.98
CA LEU K 216 -45.93 -34.55 -11.70
C LEU K 216 -45.97 -33.12 -11.17
N ALA K 217 -46.03 -32.15 -12.06
CA ALA K 217 -46.04 -30.76 -11.66
C ALA K 217 -47.40 -30.29 -11.17
N GLY K 218 -48.44 -31.12 -11.33
CA GLY K 218 -49.81 -30.72 -11.04
C GLY K 218 -50.29 -31.09 -9.65
N PRO K 219 -51.55 -30.79 -9.35
CA PRO K 219 -52.06 -30.96 -7.99
C PRO K 219 -52.35 -32.39 -7.60
N GLU K 220 -52.39 -33.33 -8.55
CA GLU K 220 -52.64 -34.73 -8.21
C GLU K 220 -51.40 -35.44 -7.68
N ALA K 221 -50.26 -34.76 -7.70
CA ALA K 221 -48.98 -35.35 -7.35
C ALA K 221 -48.39 -34.78 -6.07
N SER K 222 -49.23 -34.24 -5.17
CA SER K 222 -48.67 -33.63 -3.97
C SER K 222 -48.13 -34.67 -2.99
N PHE K 223 -48.49 -35.94 -3.15
CA PHE K 223 -47.93 -37.01 -2.34
C PHE K 223 -46.75 -37.70 -3.01
N VAL K 224 -46.37 -37.26 -4.21
CA VAL K 224 -45.32 -37.89 -5.01
C VAL K 224 -44.05 -37.05 -4.84
N THR K 225 -43.04 -37.60 -4.17
CA THR K 225 -41.80 -36.86 -3.96
C THR K 225 -40.68 -37.85 -3.65
N GLY K 226 -39.46 -37.43 -3.99
CA GLY K 226 -38.30 -38.26 -3.76
C GLY K 226 -38.20 -39.48 -4.64
N ALA K 227 -38.94 -39.50 -5.75
CA ALA K 227 -39.12 -40.70 -6.55
C ALA K 227 -38.57 -40.52 -7.95
N MET K 228 -38.20 -41.65 -8.55
CA MET K 228 -37.69 -41.73 -9.92
C MET K 228 -38.78 -42.32 -10.80
N HIS K 229 -39.11 -41.60 -11.87
CA HIS K 229 -40.23 -41.97 -12.74
C HIS K 229 -39.69 -42.29 -14.13
N THR K 230 -39.78 -43.56 -14.53
CA THR K 230 -39.11 -44.03 -15.73
C THR K 230 -40.08 -44.07 -16.89
N ILE K 231 -39.66 -43.50 -18.01
CA ILE K 231 -40.47 -43.44 -19.24
C ILE K 231 -39.54 -43.88 -20.37
N ASP K 232 -39.45 -45.20 -20.59
CA ASP K 232 -38.35 -45.73 -21.38
C ASP K 232 -38.76 -46.84 -22.34
N GLY K 233 -40.04 -47.17 -22.46
CA GLY K 233 -40.42 -48.26 -23.33
C GLY K 233 -39.88 -49.61 -22.90
N ALA K 234 -39.55 -49.78 -21.62
CA ALA K 234 -38.92 -50.98 -21.07
C ALA K 234 -37.62 -51.31 -21.81
N PHE K 235 -36.61 -50.46 -21.54
CA PHE K 235 -35.32 -50.56 -22.22
C PHE K 235 -34.34 -51.41 -21.43
N GLY K 236 -33.71 -52.38 -22.09
CA GLY K 236 -32.59 -53.04 -21.46
C GLY K 236 -32.54 -54.55 -21.57
N ALA K 237 -33.44 -55.12 -22.37
CA ALA K 237 -33.48 -56.56 -22.57
C ALA K 237 -33.32 -56.83 -24.06
N LEU K 238 -32.46 -57.78 -24.39
CA LEU K 238 -32.09 -58.03 -25.77
C LEU K 238 -33.13 -58.88 -26.47
N GLU K 239 -33.48 -58.46 -27.68
CA GLU K 239 -34.41 -59.23 -28.50
C GLU K 239 -33.84 -60.60 -28.83
N HIS K 240 -34.64 -61.65 -28.60
CA HIS K 240 -34.24 -62.99 -29.01
C HIS K 240 -35.26 -63.56 -29.99
N GLY L 2 12.89 83.46 7.45
CA GLY L 2 12.00 82.67 6.65
C GLY L 2 12.53 82.25 5.29
N ALA L 3 12.99 81.01 5.17
CA ALA L 3 13.46 80.50 3.89
C ALA L 3 12.36 80.57 2.83
N PHE L 4 11.09 80.51 3.25
CA PHE L 4 9.98 80.52 2.31
C PHE L 4 9.00 81.65 2.62
N THR L 5 9.49 82.71 3.26
CA THR L 5 8.63 83.85 3.54
C THR L 5 8.02 84.38 2.25
N GLY L 6 6.72 84.60 2.26
CA GLY L 6 6.06 85.17 1.10
C GLY L 6 5.72 84.22 -0.01
N LYS L 7 5.98 82.92 0.18
CA LYS L 7 5.67 81.91 -0.83
C LYS L 7 4.33 81.27 -0.50
N THR L 8 3.60 80.90 -1.55
CA THR L 8 2.32 80.22 -1.41
C THR L 8 2.53 78.74 -1.69
N VAL L 9 2.13 77.90 -0.74
CA VAL L 9 2.40 76.47 -0.79
C VAL L 9 1.06 75.74 -0.66
N LEU L 10 0.83 74.77 -1.53
CA LEU L 10 -0.29 73.83 -1.41
C LEU L 10 0.25 72.42 -1.26
N ILE L 11 -0.19 71.73 -0.22
CA ILE L 11 0.21 70.34 0.05
C ILE L 11 -1.04 69.47 -0.05
N LEU L 12 -1.07 68.59 -1.03
CA LEU L 12 -2.18 67.66 -1.16
C LEU L 12 -1.95 66.48 -0.21
N GLY L 13 -2.87 66.27 0.73
CA GLY L 13 -2.71 65.23 1.71
C GLY L 13 -1.81 65.67 2.84
N GLY L 14 -2.20 66.69 3.57
CA GLY L 14 -1.33 67.23 4.61
C GLY L 14 -1.77 66.98 6.03
N SER L 15 -2.82 66.16 6.26
CA SER L 15 -3.37 66.12 7.61
C SER L 15 -2.57 65.26 8.60
N ARG L 16 -1.79 64.29 8.12
CA ARG L 16 -1.12 63.34 9.00
C ARG L 16 0.24 62.96 8.41
N GLY L 17 1.07 62.36 9.25
CA GLY L 17 2.28 61.69 8.78
C GLY L 17 3.25 62.61 8.06
N ILE L 18 3.84 62.08 6.97
CA ILE L 18 4.80 62.87 6.18
C ILE L 18 4.18 64.18 5.74
N GLY L 19 2.94 64.14 5.23
CA GLY L 19 2.30 65.36 4.79
C GLY L 19 2.22 66.41 5.87
N ALA L 20 1.86 66.00 7.09
CA ALA L 20 1.78 66.95 8.20
C ALA L 20 3.13 67.53 8.53
N ALA L 21 4.20 66.71 8.49
CA ALA L 21 5.54 67.23 8.73
C ALA L 21 5.94 68.26 7.68
N ILE L 22 5.51 68.05 6.43
CA ILE L 22 5.77 69.02 5.36
C ILE L 22 4.99 70.33 5.60
N VAL L 23 3.73 70.22 6.02
CA VAL L 23 2.97 71.41 6.42
C VAL L 23 3.74 72.18 7.50
N ARG L 24 4.15 71.48 8.56
CA ARG L 24 4.80 72.16 9.67
C ARG L 24 6.09 72.82 9.21
N ARG L 25 6.88 72.13 8.40
CA ARG L 25 8.17 72.69 7.96
C ARG L 25 7.96 73.96 7.14
N PHE L 26 7.02 73.95 6.18
CA PHE L 26 6.81 75.15 5.39
C PHE L 26 6.24 76.28 6.24
N VAL L 27 5.36 75.98 7.21
CA VAL L 27 4.87 77.04 8.10
C VAL L 27 6.02 77.64 8.91
N THR L 28 6.85 76.79 9.49
CA THR L 28 7.98 77.27 10.28
C THR L 28 8.89 78.15 9.44
N ASP L 29 9.03 77.82 8.17
CA ASP L 29 9.90 78.56 7.24
C ASP L 29 9.22 79.79 6.65
N GLY L 30 8.02 80.13 7.11
CA GLY L 30 7.41 81.41 6.81
C GLY L 30 6.45 81.43 5.64
N ALA L 31 6.13 80.27 5.05
CA ALA L 31 5.26 80.21 3.89
C ALA L 31 3.80 80.37 4.28
N ASN L 32 2.98 80.75 3.29
CA ASN L 32 1.53 80.75 3.42
C ASN L 32 1.07 79.39 2.92
N VAL L 33 0.62 78.53 3.85
CA VAL L 33 0.45 77.11 3.57
C VAL L 33 -1.03 76.75 3.60
N ARG L 34 -1.47 76.03 2.57
CA ARG L 34 -2.76 75.36 2.55
C ARG L 34 -2.55 73.87 2.32
N PHE L 35 -3.43 73.05 2.88
CA PHE L 35 -3.26 71.62 2.64
C PHE L 35 -4.61 70.93 2.60
N THR L 36 -4.65 69.78 1.94
CA THR L 36 -5.92 69.07 1.82
C THR L 36 -5.97 67.87 2.76
N TYR L 37 -7.21 67.46 3.03
CA TYR L 37 -7.49 66.26 3.77
C TYR L 37 -8.72 65.60 3.17
N ALA L 38 -8.95 64.35 3.56
CA ALA L 38 -10.15 63.67 3.12
C ALA L 38 -10.81 62.97 4.30
N GLY L 39 -10.14 61.96 4.84
CA GLY L 39 -10.75 61.17 5.90
C GLY L 39 -10.47 61.62 7.32
N SER L 40 -9.54 62.56 7.50
CA SER L 40 -9.13 62.94 8.85
C SER L 40 -9.45 64.39 9.17
N LYS L 41 -10.73 64.72 9.18
CA LYS L 41 -11.14 66.11 9.37
C LYS L 41 -10.68 66.65 10.72
N ASP L 42 -10.86 65.88 11.80
CA ASP L 42 -10.48 66.42 13.12
C ASP L 42 -8.98 66.63 13.23
N ALA L 43 -8.17 65.68 12.75
CA ALA L 43 -6.73 65.88 12.77
C ALA L 43 -6.33 67.08 11.91
N ALA L 44 -6.98 67.24 10.76
CA ALA L 44 -6.68 68.37 9.89
C ALA L 44 -6.96 69.69 10.61
N LYS L 45 -8.13 69.80 11.27
CA LYS L 45 -8.46 71.02 11.98
C LYS L 45 -7.47 71.27 13.12
N ARG L 46 -7.10 70.22 13.85
CA ARG L 46 -6.14 70.44 14.92
C ARG L 46 -4.83 70.98 14.36
N LEU L 47 -4.37 70.43 13.22
CA LEU L 47 -3.10 70.83 12.62
C LEU L 47 -3.16 72.27 12.12
N ALA L 48 -4.26 72.62 11.44
CA ALA L 48 -4.48 74.00 10.98
C ALA L 48 -4.52 74.99 12.13
N GLN L 49 -5.28 74.67 13.18
CA GLN L 49 -5.39 75.58 14.30
C GLN L 49 -4.04 75.74 15.03
N GLU L 50 -3.27 74.66 15.13
CA GLU L 50 -1.97 74.73 15.79
C GLU L 50 -0.97 75.57 14.99
N THR L 51 -0.95 75.40 13.67
CA THR L 51 0.13 75.97 12.86
C THR L 51 -0.27 77.26 12.17
N GLY L 52 -1.57 77.52 11.99
CA GLY L 52 -2.02 78.61 11.18
C GLY L 52 -2.14 78.30 9.70
N ALA L 53 -1.74 77.10 9.26
CA ALA L 53 -1.99 76.67 7.90
C ALA L 53 -3.50 76.48 7.69
N THR L 54 -3.93 76.54 6.43
CA THR L 54 -5.34 76.42 6.08
C THR L 54 -5.64 75.00 5.62
N ALA L 55 -6.61 74.35 6.26
CA ALA L 55 -7.07 73.03 5.87
C ALA L 55 -8.24 73.13 4.91
N VAL L 56 -8.25 72.25 3.89
CA VAL L 56 -9.33 72.22 2.89
C VAL L 56 -9.63 70.78 2.54
N PHE L 57 -10.92 70.42 2.59
CA PHE L 57 -11.30 69.07 2.16
C PHE L 57 -11.14 68.93 0.66
N THR L 58 -10.45 67.86 0.24
CA THR L 58 -10.48 67.43 -1.17
C THR L 58 -10.05 65.98 -1.23
N ASP L 59 -10.88 65.14 -1.85
CA ASP L 59 -10.58 63.73 -2.03
C ASP L 59 -9.72 63.56 -3.28
N SER L 60 -8.46 63.16 -3.09
CA SER L 60 -7.56 63.00 -4.22
C SER L 60 -8.01 61.92 -5.18
N ALA L 61 -8.97 61.07 -4.79
CA ALA L 61 -9.46 60.08 -5.74
C ALA L 61 -10.41 60.69 -6.78
N ASP L 62 -10.80 61.94 -6.59
CA ASP L 62 -11.76 62.66 -7.45
C ASP L 62 -10.96 63.64 -8.32
N ARG L 63 -10.74 63.27 -9.58
CA ARG L 63 -9.85 64.07 -10.43
C ARG L 63 -10.31 65.51 -10.52
N ASP L 64 -11.60 65.71 -10.81
CA ASP L 64 -12.05 67.07 -11.01
C ASP L 64 -11.94 67.87 -9.73
N ALA L 65 -12.08 67.21 -8.57
CA ALA L 65 -11.90 67.93 -7.30
C ALA L 65 -10.45 68.34 -7.10
N VAL L 66 -9.51 67.49 -7.48
CA VAL L 66 -8.08 67.83 -7.38
C VAL L 66 -7.75 69.01 -8.28
N ILE L 67 -8.18 68.93 -9.56
CA ILE L 67 -7.93 70.02 -10.48
C ILE L 67 -8.53 71.32 -9.93
N ASP L 68 -9.74 71.24 -9.37
CA ASP L 68 -10.39 72.46 -8.90
C ASP L 68 -9.67 73.06 -7.70
N VAL L 69 -9.23 72.24 -6.75
CA VAL L 69 -8.58 72.85 -5.59
C VAL L 69 -7.27 73.52 -6.00
N VAL L 70 -6.53 72.90 -6.92
CA VAL L 70 -5.30 73.51 -7.42
C VAL L 70 -5.61 74.80 -8.19
N ARG L 71 -6.57 74.74 -9.12
CA ARG L 71 -6.93 75.92 -9.90
C ARG L 71 -7.35 77.09 -9.00
N LYS L 72 -8.18 76.81 -7.99
CA LYS L 72 -8.70 77.85 -7.13
C LYS L 72 -7.65 78.38 -6.16
N SER L 73 -6.49 77.72 -6.07
CA SER L 73 -5.42 78.28 -5.26
C SER L 73 -4.76 79.51 -5.87
N GLY L 74 -5.00 79.82 -7.14
CA GLY L 74 -4.30 80.94 -7.76
C GLY L 74 -2.86 80.56 -8.09
N ALA L 75 -1.98 81.57 -8.16
CA ALA L 75 -0.58 81.31 -8.52
C ALA L 75 0.14 80.66 -7.32
N LEU L 76 0.53 79.40 -7.46
CA LEU L 76 1.28 78.70 -6.43
C LEU L 76 2.78 78.83 -6.68
N ASP L 77 3.53 79.00 -5.59
CA ASP L 77 4.98 78.90 -5.72
C ASP L 77 5.45 77.45 -5.63
N ILE L 78 4.81 76.66 -4.77
CA ILE L 78 5.22 75.30 -4.48
C ILE L 78 3.97 74.43 -4.36
N LEU L 79 3.95 73.32 -5.09
CA LEU L 79 2.97 72.26 -4.92
C LEU L 79 3.67 71.02 -4.38
N VAL L 80 3.17 70.43 -3.29
CA VAL L 80 3.69 69.14 -2.84
C VAL L 80 2.53 68.15 -2.93
N VAL L 81 2.70 67.08 -3.71
CA VAL L 81 1.70 66.01 -3.77
C VAL L 81 2.16 64.89 -2.84
N ASN L 82 1.54 64.79 -1.67
CA ASN L 82 1.92 63.79 -0.69
C ASN L 82 0.93 62.63 -0.62
N ALA L 83 -0.37 62.91 -0.78
CA ALA L 83 -1.40 61.89 -0.63
C ALA L 83 -1.04 60.63 -1.37
N GLY L 84 -1.20 59.49 -0.68
CA GLY L 84 -0.94 58.19 -1.26
C GLY L 84 -1.57 57.17 -0.36
N ILE L 85 -2.02 56.05 -0.93
CA ILE L 85 -2.55 54.98 -0.12
C ILE L 85 -1.83 53.69 -0.47
N GLY L 86 -1.86 52.76 0.48
CA GLY L 86 -1.40 51.39 0.26
C GLY L 86 -2.58 50.43 0.35
N VAL L 87 -2.62 49.52 -0.59
CA VAL L 87 -3.55 48.39 -0.59
C VAL L 87 -2.66 47.17 -0.69
N PHE L 88 -2.57 46.39 0.39
CA PHE L 88 -1.58 45.33 0.49
C PHE L 88 -2.26 43.99 0.72
N GLY L 89 -1.67 42.95 0.16
CA GLY L 89 -2.19 41.60 0.27
C GLY L 89 -1.84 40.80 -0.96
N GLU L 90 -2.22 39.53 -0.93
CA GLU L 90 -1.99 38.69 -2.09
C GLU L 90 -2.80 39.24 -3.26
N ALA L 91 -2.14 39.40 -4.42
CA ALA L 91 -2.79 40.05 -5.55
C ALA L 91 -4.10 39.37 -5.93
N LEU L 92 -4.18 38.04 -5.80
CA LEU L 92 -5.42 37.36 -6.19
C LEU L 92 -6.56 37.52 -5.18
N GLU L 93 -6.33 38.22 -4.07
CA GLU L 93 -7.34 38.34 -2.99
C GLU L 93 -7.58 39.81 -2.68
N LEU L 94 -7.37 40.69 -3.65
CA LEU L 94 -7.62 42.11 -3.49
C LEU L 94 -8.72 42.55 -4.43
N ASN L 95 -9.58 43.45 -3.95
CA ASN L 95 -10.69 43.91 -4.76
C ASN L 95 -10.21 44.88 -5.83
N ALA L 96 -10.70 44.67 -7.05
CA ALA L 96 -10.28 45.49 -8.18
C ALA L 96 -10.61 46.95 -7.96
N ASP L 97 -11.74 47.25 -7.29
CA ASP L 97 -12.06 48.66 -7.05
C ASP L 97 -11.05 49.30 -6.10
N ASP L 98 -10.56 48.56 -5.09
CA ASP L 98 -9.56 49.13 -4.19
C ASP L 98 -8.28 49.44 -4.93
N ILE L 99 -7.88 48.52 -5.81
CA ILE L 99 -6.70 48.73 -6.64
C ILE L 99 -6.89 49.96 -7.52
N ASP L 100 -8.05 50.09 -8.15
CA ASP L 100 -8.25 51.24 -9.03
C ASP L 100 -8.25 52.54 -8.24
N ARG L 101 -8.77 52.53 -7.01
CA ARG L 101 -8.69 53.73 -6.18
C ARG L 101 -7.24 54.08 -5.88
N LEU L 102 -6.42 53.06 -5.60
CA LEU L 102 -4.99 53.30 -5.42
C LEU L 102 -4.38 53.93 -6.66
N PHE L 103 -4.70 53.42 -7.86
CA PHE L 103 -4.15 54.04 -9.08
C PHE L 103 -4.64 55.48 -9.23
N LYS L 104 -5.91 55.74 -8.94
CA LYS L 104 -6.41 57.12 -9.06
C LYS L 104 -5.69 58.07 -8.10
N ILE L 105 -5.46 57.65 -6.84
CA ILE L 105 -4.83 58.54 -5.86
C ILE L 105 -3.34 58.66 -6.13
N ASN L 106 -2.69 57.53 -6.37
CA ASN L 106 -1.22 57.50 -6.38
C ASN L 106 -0.63 57.88 -7.71
N ILE L 107 -1.36 57.69 -8.82
CA ILE L 107 -0.87 57.98 -10.18
C ILE L 107 -1.62 59.15 -10.82
N HIS L 108 -2.94 59.03 -10.93
CA HIS L 108 -3.68 60.03 -11.68
C HIS L 108 -3.61 61.39 -10.99
N ALA L 109 -3.79 61.43 -9.66
CA ALA L 109 -3.85 62.72 -8.97
C ALA L 109 -2.54 63.48 -9.07
N PRO L 110 -1.37 62.89 -8.84
CA PRO L 110 -0.15 63.67 -9.02
C PRO L 110 -0.01 64.24 -10.43
N TYR L 111 -0.39 63.45 -11.44
CA TYR L 111 -0.26 63.93 -12.81
C TYR L 111 -1.15 65.17 -13.02
N HIS L 112 -2.43 65.02 -12.70
CA HIS L 112 -3.36 66.11 -13.02
C HIS L 112 -3.13 67.34 -12.14
N ALA L 113 -2.79 67.12 -10.87
CA ALA L 113 -2.47 68.24 -9.99
C ALA L 113 -1.25 68.99 -10.49
N SER L 114 -0.21 68.26 -10.93
CA SER L 114 1.01 68.92 -11.37
C SER L 114 0.76 69.77 -12.60
N VAL L 115 0.09 69.18 -13.59
CA VAL L 115 -0.25 69.91 -14.82
C VAL L 115 -1.09 71.15 -14.48
N GLU L 116 -2.11 70.98 -13.64
CA GLU L 116 -2.94 72.13 -13.31
C GLU L 116 -2.11 73.23 -12.61
N ALA L 117 -1.25 72.84 -11.67
CA ALA L 117 -0.50 73.84 -10.94
C ALA L 117 0.39 74.63 -11.89
N ALA L 118 0.97 73.96 -12.89
CA ALA L 118 1.87 74.65 -13.81
C ALA L 118 1.18 75.74 -14.61
N ARG L 119 -0.16 75.72 -14.69
CA ARG L 119 -0.85 76.74 -15.47
C ARG L 119 -0.61 78.14 -14.93
N GLN L 120 -0.59 78.32 -13.60
CA GLN L 120 -0.45 79.64 -13.00
C GLN L 120 0.84 79.83 -12.21
N MET L 121 1.68 78.79 -12.12
CA MET L 121 2.89 78.83 -11.30
C MET L 121 3.94 79.67 -12.02
N PRO L 122 4.61 80.58 -11.33
CA PRO L 122 5.60 81.44 -12.00
C PRO L 122 6.92 80.74 -12.22
N GLU L 123 7.75 81.38 -13.02
CA GLU L 123 9.16 81.00 -13.07
C GLU L 123 9.74 80.93 -11.67
N GLY L 124 10.49 79.87 -11.39
CA GLY L 124 10.97 79.62 -10.04
C GLY L 124 10.09 78.67 -9.25
N GLY L 125 9.01 78.20 -9.86
CA GLY L 125 8.10 77.30 -9.17
C GLY L 125 8.71 75.94 -8.92
N ARG L 126 8.07 75.21 -8.00
CA ARG L 126 8.56 73.91 -7.57
C ARG L 126 7.37 72.97 -7.44
N ILE L 127 7.49 71.79 -8.02
CA ILE L 127 6.50 70.72 -7.83
C ILE L 127 7.24 69.52 -7.27
N LEU L 128 6.75 68.99 -6.15
CA LEU L 128 7.40 67.85 -5.50
C LEU L 128 6.36 66.77 -5.29
N ILE L 129 6.68 65.55 -5.66
CA ILE L 129 5.77 64.42 -5.44
C ILE L 129 6.42 63.46 -4.48
N ILE L 130 5.66 62.93 -3.51
CA ILE L 130 6.18 61.92 -2.59
C ILE L 130 5.92 60.54 -3.19
N GLY L 131 6.99 59.91 -3.67
CA GLY L 131 6.96 58.57 -4.25
C GLY L 131 7.33 57.54 -3.20
N SER L 132 8.20 56.58 -3.53
CA SER L 132 8.59 55.56 -2.57
C SER L 132 9.82 54.89 -3.14
N VAL L 133 10.70 54.40 -2.26
CA VAL L 133 11.79 53.60 -2.75
C VAL L 133 11.27 52.31 -3.40
N ASN L 134 10.04 51.89 -3.08
CA ASN L 134 9.49 50.70 -3.73
C ASN L 134 9.16 50.93 -5.20
N GLY L 135 9.32 52.16 -5.70
CA GLY L 135 9.31 52.42 -7.12
C GLY L 135 10.53 51.91 -7.84
N ASP L 136 11.62 51.68 -7.11
CA ASP L 136 12.88 51.15 -7.63
C ASP L 136 13.17 49.72 -7.23
N ARG L 137 12.85 49.33 -5.99
CA ARG L 137 13.38 48.10 -5.40
C ARG L 137 12.56 46.89 -5.86
N MET L 138 13.08 45.70 -5.59
CA MET L 138 12.29 44.47 -5.79
C MET L 138 11.22 44.39 -4.69
N PRO L 139 9.94 44.59 -4.99
CA PRO L 139 8.95 44.66 -3.91
C PRO L 139 8.66 43.29 -3.31
N VAL L 140 8.40 43.29 -1.99
CA VAL L 140 7.90 42.10 -1.30
C VAL L 140 6.57 41.69 -1.92
N ALA L 141 6.19 40.43 -1.67
CA ALA L 141 4.86 39.99 -2.09
C ALA L 141 3.81 40.90 -1.47
N GLY L 142 2.70 41.07 -2.18
CA GLY L 142 1.56 41.77 -1.62
C GLY L 142 1.56 43.27 -1.78
N MET L 143 2.43 43.84 -2.64
CA MET L 143 2.35 45.28 -2.87
C MET L 143 2.57 45.65 -4.33
N ALA L 144 2.15 44.78 -5.25
CA ALA L 144 2.48 44.98 -6.66
C ALA L 144 1.83 46.25 -7.22
N ALA L 145 0.55 46.46 -6.93
CA ALA L 145 -0.11 47.65 -7.45
C ALA L 145 0.52 48.91 -6.85
N TYR L 146 0.84 48.86 -5.55
CA TYR L 146 1.48 50.00 -4.90
C TYR L 146 2.81 50.33 -5.55
N ALA L 147 3.65 49.29 -5.75
CA ALA L 147 4.94 49.51 -6.39
C ALA L 147 4.76 50.07 -7.79
N ALA L 148 3.82 49.52 -8.56
CA ALA L 148 3.54 50.08 -9.87
C ALA L 148 3.21 51.56 -9.79
N SER L 149 2.39 51.96 -8.81
CA SER L 149 1.99 53.36 -8.74
C SER L 149 3.18 54.25 -8.44
N LYS L 150 4.14 53.75 -7.67
CA LYS L 150 5.29 54.58 -7.33
C LYS L 150 6.34 54.56 -8.44
N SER L 151 6.49 53.46 -9.21
CA SER L 151 7.36 53.53 -10.38
C SER L 151 6.76 54.44 -11.45
N ALA L 152 5.43 54.54 -11.53
CA ALA L 152 4.79 55.43 -12.50
C ALA L 152 5.31 56.87 -12.38
N LEU L 153 5.61 57.27 -11.14
CA LEU L 153 5.99 58.64 -10.88
C LEU L 153 7.33 58.98 -11.50
N GLN L 154 8.17 57.96 -11.78
CA GLN L 154 9.48 58.21 -12.34
C GLN L 154 9.36 58.71 -13.78
N GLY L 155 8.66 57.96 -14.63
CA GLY L 155 8.43 58.44 -15.98
C GLY L 155 7.67 59.75 -15.99
N MET L 156 6.73 59.89 -15.06
CA MET L 156 5.94 61.13 -14.97
C MET L 156 6.83 62.33 -14.74
N ALA L 157 7.74 62.24 -13.76
CA ALA L 157 8.60 63.36 -13.42
C ALA L 157 9.61 63.63 -14.53
N ARG L 158 10.18 62.58 -15.13
CA ARG L 158 11.13 62.85 -16.23
C ARG L 158 10.43 63.60 -17.35
N GLY L 159 9.22 63.17 -17.71
CA GLY L 159 8.53 63.80 -18.83
C GLY L 159 8.01 65.19 -18.51
N LEU L 160 7.38 65.35 -17.34
CA LEU L 160 6.85 66.66 -16.96
C LEU L 160 7.98 67.65 -16.74
N ALA L 161 9.16 67.17 -16.35
CA ALA L 161 10.28 68.10 -16.26
C ALA L 161 10.52 68.82 -17.58
N ARG L 162 10.40 68.11 -18.71
CA ARG L 162 10.65 68.76 -19.98
C ARG L 162 9.47 69.62 -20.39
N ASP L 163 8.24 69.21 -20.03
CA ASP L 163 7.10 70.11 -20.30
C ASP L 163 7.19 71.41 -19.50
N PHE L 164 7.70 71.35 -18.26
CA PHE L 164 7.71 72.50 -17.35
C PHE L 164 9.00 73.33 -17.42
N GLY L 165 10.06 72.78 -17.99
CA GLY L 165 11.34 73.49 -18.08
C GLY L 165 11.22 74.88 -18.67
N PRO L 166 10.57 74.99 -19.82
CA PRO L 166 10.40 76.32 -20.44
C PRO L 166 9.65 77.30 -19.56
N ARG L 167 8.86 76.82 -18.60
CA ARG L 167 8.15 77.67 -17.67
C ARG L 167 8.96 77.97 -16.42
N GLY L 168 10.22 77.52 -16.36
CA GLY L 168 11.01 77.82 -15.18
C GLY L 168 10.58 77.07 -13.95
N ILE L 169 9.93 75.93 -14.12
CA ILE L 169 9.43 75.12 -13.01
C ILE L 169 10.21 73.82 -12.94
N THR L 170 10.62 73.41 -11.74
CA THR L 170 11.25 72.09 -11.59
C THR L 170 10.24 71.12 -10.98
N ILE L 171 10.40 69.84 -11.28
CA ILE L 171 9.54 68.81 -10.69
C ILE L 171 10.44 67.64 -10.28
N ASN L 172 10.26 67.15 -9.06
CA ASN L 172 11.14 66.11 -8.51
C ASN L 172 10.29 65.15 -7.69
N VAL L 173 10.78 63.91 -7.55
CA VAL L 173 10.10 62.87 -6.77
C VAL L 173 11.01 62.52 -5.61
N VAL L 174 10.47 62.55 -4.40
CA VAL L 174 11.17 62.12 -3.19
C VAL L 174 10.74 60.69 -2.90
N GLN L 175 11.71 59.80 -2.70
CA GLN L 175 11.44 58.36 -2.56
C GLN L 175 11.88 57.89 -1.19
N PRO L 176 11.01 57.89 -0.20
CA PRO L 176 11.43 57.43 1.15
C PRO L 176 11.47 55.91 1.27
N GLY L 177 12.37 55.45 2.16
CA GLY L 177 12.27 54.12 2.71
C GLY L 177 11.32 54.16 3.89
N PRO L 178 11.48 53.23 4.86
CA PRO L 178 10.54 53.18 6.00
C PRO L 178 10.60 54.45 6.81
N ILE L 179 9.43 55.10 6.95
CA ILE L 179 9.25 56.33 7.72
C ILE L 179 8.21 56.07 8.81
N ASP L 180 8.49 56.55 10.02
CA ASP L 180 7.62 56.32 11.17
C ASP L 180 6.34 57.15 11.04
N THR L 181 5.22 56.49 10.65
CA THR L 181 3.93 57.15 10.47
C THR L 181 2.80 56.20 10.89
N ASP L 182 1.55 56.68 10.84
CA ASP L 182 0.41 55.81 11.10
C ASP L 182 0.43 54.58 10.21
N ALA L 183 0.82 54.74 8.96
CA ALA L 183 0.81 53.65 7.99
C ALA L 183 2.01 52.71 8.15
N ASN L 184 3.05 53.14 8.86
CA ASN L 184 4.28 52.36 9.00
C ASN L 184 4.90 52.69 10.36
N PRO L 185 4.27 52.24 11.45
CA PRO L 185 4.74 52.64 12.79
C PRO L 185 6.09 52.01 13.12
N ALA L 186 6.97 52.83 13.72
CA ALA L 186 8.33 52.35 13.97
C ALA L 186 8.36 51.14 14.89
N ASN L 187 7.37 50.99 15.77
CA ASN L 187 7.31 49.83 16.66
C ASN L 187 6.20 48.85 16.26
N GLY L 188 5.78 48.88 15.00
CA GLY L 188 4.86 47.90 14.47
C GLY L 188 5.52 46.55 14.35
N PRO L 189 4.75 45.52 14.01
CA PRO L 189 5.31 44.15 13.99
C PRO L 189 6.38 43.93 12.93
N MET L 190 6.44 44.77 11.90
CA MET L 190 7.44 44.62 10.85
C MET L 190 8.77 45.29 11.18
N ARG L 191 8.92 45.89 12.36
CA ARG L 191 10.11 46.67 12.67
C ARG L 191 11.40 45.88 12.43
N ASP L 192 11.54 44.72 13.07
CA ASP L 192 12.81 44.01 13.01
C ASP L 192 13.15 43.55 11.59
N MET L 193 12.14 43.11 10.84
CA MET L 193 12.39 42.69 9.45
C MET L 193 12.88 43.87 8.60
N LEU L 194 12.18 45.00 8.71
CA LEU L 194 12.59 46.18 7.96
C LEU L 194 14.02 46.58 8.28
N HIS L 195 14.36 46.64 9.58
CA HIS L 195 15.71 47.05 9.93
C HIS L 195 16.74 46.02 9.47
N SER L 196 16.34 44.74 9.39
CA SER L 196 17.27 43.73 8.90
C SER L 196 17.65 43.96 7.45
N LEU L 197 16.86 44.74 6.71
CA LEU L 197 17.19 45.06 5.33
C LEU L 197 17.90 46.40 5.13
N MET L 198 18.34 47.08 6.20
CA MET L 198 18.79 48.45 6.08
C MET L 198 20.20 48.66 6.61
N ALA L 199 20.91 49.65 6.01
CA ALA L 199 22.21 50.05 6.56
C ALA L 199 22.05 50.93 7.80
N ILE L 200 21.06 51.83 7.78
CA ILE L 200 20.76 52.71 8.91
C ILE L 200 19.58 52.07 9.64
N LYS L 201 19.79 51.51 10.83
CA LYS L 201 18.79 50.60 11.39
C LYS L 201 17.80 51.36 12.28
N ARG L 202 16.95 52.13 11.60
CA ARG L 202 15.87 52.90 12.24
C ARG L 202 14.91 53.28 11.14
N HIS L 203 13.67 53.60 11.52
CA HIS L 203 12.78 54.27 10.59
C HIS L 203 13.22 55.72 10.43
N GLY L 204 13.02 56.27 9.23
CA GLY L 204 13.14 57.70 9.08
C GLY L 204 12.02 58.44 9.80
N GLN L 205 12.29 59.71 10.09
CA GLN L 205 11.23 60.50 10.70
C GLN L 205 10.55 61.34 9.64
N PRO L 206 9.25 61.62 9.79
CA PRO L 206 8.59 62.49 8.81
C PRO L 206 9.34 63.80 8.57
N GLU L 207 9.91 64.41 9.62
CA GLU L 207 10.61 65.68 9.42
C GLU L 207 11.84 65.52 8.51
N GLU L 208 12.41 64.33 8.41
CA GLU L 208 13.55 64.15 7.50
C GLU L 208 13.10 64.20 6.04
N VAL L 209 11.96 63.58 5.73
CA VAL L 209 11.39 63.73 4.40
C VAL L 209 11.10 65.19 4.13
N ALA L 210 10.49 65.87 5.12
CA ALA L 210 10.20 67.30 4.95
C ALA L 210 11.48 68.10 4.71
N GLY L 211 12.60 67.67 5.31
CA GLY L 211 13.87 68.39 5.13
C GLY L 211 14.39 68.28 3.71
N MET L 212 14.25 67.09 3.11
CA MET L 212 14.66 66.91 1.73
C MET L 212 13.76 67.72 0.80
N VAL L 213 12.44 67.67 1.07
CA VAL L 213 11.48 68.47 0.30
C VAL L 213 11.85 69.95 0.34
N ALA L 214 12.15 70.45 1.53
CA ALA L 214 12.49 71.85 1.69
C ALA L 214 13.74 72.23 0.92
N TRP L 215 14.76 71.34 0.88
CA TRP L 215 15.93 71.70 0.09
C TRP L 215 15.58 71.76 -1.40
N LEU L 216 14.88 70.75 -1.89
CA LEU L 216 14.52 70.71 -3.31
C LEU L 216 13.60 71.87 -3.66
N ALA L 217 12.83 72.35 -2.69
CA ALA L 217 11.91 73.45 -2.95
C ALA L 217 12.60 74.81 -2.96
N GLY L 218 13.88 74.88 -2.57
CA GLY L 218 14.56 76.14 -2.38
C GLY L 218 15.37 76.60 -3.57
N PRO L 219 16.04 77.74 -3.42
CA PRO L 219 16.73 78.35 -4.56
C PRO L 219 18.01 77.65 -4.96
N GLU L 220 18.54 76.76 -4.12
CA GLU L 220 19.76 76.05 -4.50
C GLU L 220 19.51 74.87 -5.45
N ALA L 221 18.24 74.53 -5.72
CA ALA L 221 17.89 73.35 -6.50
C ALA L 221 17.27 73.69 -7.85
N SER L 222 17.60 74.86 -8.41
CA SER L 222 16.97 75.25 -9.67
C SER L 222 17.50 74.44 -10.85
N PHE L 223 18.63 73.76 -10.69
CA PHE L 223 19.13 72.88 -11.74
C PHE L 223 18.68 71.44 -11.52
N VAL L 224 17.91 71.18 -10.48
CA VAL L 224 17.54 69.82 -10.09
C VAL L 224 16.12 69.62 -10.56
N THR L 225 15.93 68.77 -11.57
CA THR L 225 14.59 68.51 -12.06
C THR L 225 14.54 67.18 -12.79
N GLY L 226 13.35 66.57 -12.79
CA GLY L 226 13.14 65.29 -13.41
C GLY L 226 13.83 64.14 -12.70
N ALA L 227 14.20 64.32 -11.45
CA ALA L 227 15.06 63.40 -10.72
C ALA L 227 14.32 62.79 -9.54
N MET L 228 14.81 61.60 -9.16
CA MET L 228 14.29 60.80 -8.06
C MET L 228 15.32 60.83 -6.94
N HIS L 229 14.88 61.24 -5.76
CA HIS L 229 15.76 61.51 -4.62
C HIS L 229 15.41 60.55 -3.52
N THR L 230 16.31 59.61 -3.24
CA THR L 230 15.98 58.50 -2.37
C THR L 230 16.49 58.77 -0.95
N ILE L 231 15.61 58.63 0.03
CA ILE L 231 15.95 58.86 1.44
C ILE L 231 15.43 57.63 2.20
N ASP L 232 16.28 56.57 2.28
CA ASP L 232 15.76 55.25 2.63
C ASP L 232 16.69 54.46 3.56
N GLY L 233 17.75 55.04 4.08
CA GLY L 233 18.67 54.29 4.94
C GLY L 233 19.36 53.11 4.26
N ALA L 234 19.44 53.15 2.93
CA ALA L 234 19.93 52.08 2.05
C ALA L 234 19.20 50.75 2.33
N PHE L 235 17.96 50.74 1.89
CA PHE L 235 17.03 49.65 2.14
C PHE L 235 17.14 48.62 1.01
N GLY L 236 17.30 47.36 1.38
CA GLY L 236 17.14 46.31 0.40
C GLY L 236 18.17 45.21 0.37
N ALA L 237 19.07 45.17 1.34
CA ALA L 237 20.06 44.13 1.42
C ALA L 237 19.94 43.40 2.75
N LEU L 238 19.97 42.08 2.71
CA LEU L 238 19.70 41.32 3.90
C LEU L 238 20.92 41.22 4.81
N GLU L 239 20.68 41.44 6.10
CA GLU L 239 21.73 41.30 7.10
C GLU L 239 22.29 39.88 7.10
N HIS L 240 23.62 39.76 7.14
CA HIS L 240 24.25 38.47 7.27
C HIS L 240 23.82 37.80 8.57
#